data_8F61
#
_entry.id   8F61
#
_cell.length_a   81.784
_cell.length_b   157.667
_cell.length_c   162.564
_cell.angle_alpha   90.00
_cell.angle_beta   95.93
_cell.angle_gamma   90.00
#
_symmetry.space_group_name_H-M   'P 1 21 1'
#
loop_
_entity.id
_entity.type
_entity.pdbx_description
1 polymer 'Dihydropyrimidine dehydrogenase [NADP(+)]'
2 non-polymer 'IRON/SULFUR CLUSTER'
3 non-polymer 'FLAVIN-ADENINE DINUCLEOTIDE'
4 non-polymer THYMINE
5 non-polymer 1-DEOXY-1-(7,8-DIMETHYL-2,4-DIOXO-3,4-DIHYDRO-2H-BENZO[G]PTERIDIN-1-ID-10(5H)-YL)-5-O-PHOSPHONATO-D-RIBITOL
6 non-polymer 'FLAVIN MONONUCLEOTIDE'
7 non-polymer (5S)-5-methyl-1,3-diazinane-2,4-dione
8 water water
#
_entity_poly.entity_id   1
_entity_poly.type   'polypeptide(L)'
_entity_poly.pdbx_seq_one_letter_code
;MAPVLSKDVADIESILALNPRTQSHAALHSTLAKKLDKKHWKRNPDKNCFHCEKLENNFDDIKHTTLGERGALREAMRCL
KCADAPCQKSCPTHLDIKSFITSISNKNYYGAAKMIFSDNPLGLTCGMVCPTSDLCVGGCNLYATEEGSINIGGLQQFAS
EVFKAMNIPQIRNPCLPSQEKMPEAYSAKIALLGAGPASISCASFLARLGYSDITIFEKQEYVGGLSTSEIPQFRLPYDV
VNFEIELMKDLGVKIICGKSLSENEITLNTLKEEGYKAAFIGIGLPEPKTDDIFQGLTQDQGFYTSKDFLPLVAKSSKAG
MCACHSPLPSIRGAVIVLGAGDTAFDCATSALRCGARRVFLVFRKGFVNIRAVPEEVELAKEEKCEFLPFLSPRKVIVKG
GRIVAVQFVRTEQDETGKWNEDEDQIVHLKADVVISAFGSVLRDPKVKEALSPIKFNRWDLPEVDPETMQTSEPWVFAGG
DIVGMANTTVESVNDGKQASWYIHKYIQAQYGASVSAKPELPLFYTPVDLVDISVEMAGLKFINPFGLASAAPTTSSSMI
RRAFEAGWGFALTKTFSLDKDIVTNVSPRIVRGTTSGPMYGPGQSSFLNIELISEKTAAYWCQSVTELKADFPDNIVIAS
IMCSYNKNDWMELSRKAEASGADALELNLSSPHGMGERGMGLACGQDPELVRNICRWVRQAVQIPFFAKLTPNVTDIVSI
ARAAKEGGADGVTATNTVSGLMGLKADGTPWPAVGAGKRTTYGGVSGTAIRPIALRAVTTIARALPGFPILATGGIDSAE
SGLQFLHSGASVLQVCSAVQNQDFTVIQDYCTGLKALLYLKSIEELQGWDGQSPGTESHQKGKPVPRIAELMGKKLPNFG
PYLEQRKKIIAEEKMRLKEQNAAFPPLERKPFIPKKPIPAIKDVIGKALQYLGTFGELSNIEQVVAVIDEEMCINCGKCY
MTCNDSGYQAIQFDPETHLPTVTDTCTGCTLCLSVCPIIDCIRMVSRTTPYEPKRGLPLAVNPVC
;
_entity_poly.pdbx_strand_id   A,B,C,D
#
loop_
_chem_comp.id
_chem_comp.type
_chem_comp.name
_chem_comp.formula
FAD non-polymer 'FLAVIN-ADENINE DINUCLEOTIDE' 'C27 H33 N9 O15 P2'
FMN non-polymer 'FLAVIN MONONUCLEOTIDE' 'C17 H21 N4 O9 P'
FNR non-polymer 1-DEOXY-1-(7,8-DIMETHYL-2,4-DIOXO-3,4-DIHYDRO-2H-BENZO[G]PTERIDIN-1-ID-10(5H)-YL)-5-O-PHOSPHONATO-D-RIBITOL 'C17 H23 N4 O9 P'
SF4 non-polymer 'IRON/SULFUR CLUSTER' 'Fe4 S4'
TDR non-polymer THYMINE 'C5 H6 N2 O2'
XH5 non-polymer (5S)-5-methyl-1,3-diazinane-2,4-dione 'C5 H8 N2 O2'
#
# COMPACT_ATOMS: atom_id res chain seq x y z
N ALA A 2 -27.51 32.03 38.06
CA ALA A 2 -26.14 31.55 37.92
C ALA A 2 -25.32 31.83 39.18
N PRO A 3 -24.26 31.03 39.40
CA PRO A 3 -23.28 31.38 40.43
C PRO A 3 -22.04 32.03 39.81
N VAL A 4 -20.90 31.93 40.48
CA VAL A 4 -19.66 32.51 40.00
C VAL A 4 -18.93 31.46 39.17
N LEU A 5 -18.85 31.69 37.86
CA LEU A 5 -18.27 30.68 36.97
C LEU A 5 -16.75 30.66 37.07
N SER A 6 -16.12 31.79 37.38
CA SER A 6 -14.68 31.90 37.37
C SER A 6 -14.04 31.54 38.71
N LYS A 7 -14.82 31.03 39.66
CA LYS A 7 -14.30 30.60 40.96
C LYS A 7 -14.52 29.11 41.10
N ASP A 8 -13.47 28.39 41.52
CA ASP A 8 -13.58 26.96 41.74
C ASP A 8 -14.57 26.66 42.86
N VAL A 9 -15.40 25.65 42.66
CA VAL A 9 -16.29 25.18 43.72
C VAL A 9 -15.45 24.59 44.84
N ALA A 10 -16.07 24.37 46.00
CA ALA A 10 -15.31 24.02 47.19
C ALA A 10 -14.51 22.73 47.01
N ASP A 11 -15.11 21.70 46.40
CA ASP A 11 -14.42 20.42 46.26
C ASP A 11 -13.31 20.46 45.22
N ILE A 12 -13.34 21.42 44.29
CA ILE A 12 -12.18 21.62 43.41
C ILE A 12 -11.12 22.44 44.13
N GLU A 13 -11.54 23.35 45.01
CA GLU A 13 -10.59 24.06 45.86
C GLU A 13 -9.78 23.08 46.70
N SER A 14 -10.44 22.02 47.19
CA SER A 14 -9.73 21.02 47.99
C SER A 14 -8.86 20.13 47.12
N ILE A 15 -9.29 19.85 45.89
CA ILE A 15 -8.46 19.12 44.93
C ILE A 15 -7.11 19.80 44.78
N LEU A 16 -7.13 21.12 44.64
CA LEU A 16 -5.95 21.93 44.38
C LEU A 16 -5.07 22.15 45.59
N ALA A 17 -5.37 21.49 46.72
CA ALA A 17 -4.75 21.83 48.00
C ALA A 17 -3.23 21.90 47.90
N LEU A 18 -2.62 20.93 47.21
CA LEU A 18 -1.18 20.87 47.10
C LEU A 18 -0.65 21.52 45.83
N ASN A 19 -1.49 22.23 45.07
CA ASN A 19 -1.03 22.84 43.82
C ASN A 19 -0.09 24.00 44.13
N PRO A 20 0.95 24.19 43.33
CA PRO A 20 1.89 25.30 43.58
C PRO A 20 1.21 26.65 43.43
N ARG A 21 1.37 27.49 44.44
CA ARG A 21 1.03 28.90 44.35
C ARG A 21 2.28 29.72 44.62
N THR A 22 2.27 30.96 44.16
CA THR A 22 3.38 31.86 44.43
C THR A 22 3.37 32.25 45.91
N GLN A 23 4.51 32.79 46.36
CA GLN A 23 4.69 33.06 47.78
C GLN A 23 5.03 34.52 48.01
N SER A 24 4.40 35.10 49.04
CA SER A 24 4.63 36.49 49.43
C SER A 24 5.55 36.63 50.63
N HIS A 25 5.84 35.53 51.33
CA HIS A 25 6.52 35.59 52.61
C HIS A 25 7.51 34.44 52.71
N ALA A 26 8.44 34.58 53.66
CA ALA A 26 9.20 33.42 54.11
C ALA A 26 8.32 32.54 55.00
N ALA A 27 8.69 31.27 55.10
CA ALA A 27 7.87 30.27 55.78
C ALA A 27 8.49 29.90 57.11
N LEU A 28 7.74 30.08 58.20
CA LEU A 28 8.23 29.73 59.53
C LEU A 28 8.06 28.23 59.78
N HIS A 29 9.15 27.56 60.13
CA HIS A 29 9.11 26.15 60.51
C HIS A 29 10.20 25.90 61.54
N SER A 30 9.81 25.46 62.73
CA SER A 30 10.78 25.28 63.80
C SER A 30 11.79 24.20 63.45
N THR A 31 13.04 24.40 63.86
CA THR A 31 14.09 23.42 63.60
C THR A 31 13.74 22.07 64.21
N LEU A 32 12.98 22.07 65.31
CA LEU A 32 12.51 20.82 65.90
C LEU A 32 11.53 20.13 64.95
N ALA A 33 10.44 20.83 64.59
CA ALA A 33 9.42 20.24 63.72
C ALA A 33 10.03 19.70 62.44
N LYS A 34 10.94 20.45 61.83
CA LYS A 34 11.59 20.00 60.61
C LYS A 34 12.34 18.70 60.82
N LYS A 35 12.86 18.46 62.03
CA LYS A 35 13.56 17.20 62.31
C LYS A 35 12.61 16.01 62.23
N LEU A 36 11.38 16.15 62.72
CA LEU A 36 10.45 15.03 62.67
C LEU A 36 9.76 14.91 61.32
N ASP A 37 9.58 16.01 60.60
CA ASP A 37 8.99 15.94 59.28
C ASP A 37 9.96 15.35 58.27
N LYS A 38 11.26 15.45 58.53
CA LYS A 38 12.26 14.92 57.62
C LYS A 38 12.11 13.41 57.45
N LYS A 39 11.72 12.71 58.52
CA LYS A 39 11.65 11.26 58.48
C LYS A 39 10.49 10.74 57.65
N HIS A 40 9.52 11.59 57.31
CA HIS A 40 8.36 11.15 56.54
C HIS A 40 8.67 10.98 55.07
N TRP A 41 9.73 11.60 54.56
CA TRP A 41 9.99 11.66 53.13
C TRP A 41 11.29 11.00 52.71
N LYS A 42 12.09 10.49 53.65
CA LYS A 42 13.42 10.02 53.33
C LYS A 42 13.39 8.88 52.31
N ARG A 43 14.20 9.02 51.26
CA ARG A 43 14.35 8.00 50.23
C ARG A 43 15.60 7.16 50.41
N ASN A 44 16.70 7.78 50.84
CA ASN A 44 18.03 7.18 50.84
C ASN A 44 18.37 6.62 52.22
N PRO A 45 19.51 5.94 52.41
CA PRO A 45 19.84 5.44 53.75
C PRO A 45 19.94 6.55 54.78
N ASP A 46 19.66 6.19 56.03
CA ASP A 46 19.73 7.12 57.15
C ASP A 46 21.09 6.96 57.83
N LYS A 47 21.80 8.07 58.01
CA LYS A 47 23.11 8.04 58.64
C LYS A 47 23.04 7.65 60.12
N ASN A 48 21.85 7.63 60.72
CA ASN A 48 21.66 7.21 62.10
C ASN A 48 21.18 5.75 62.21
N CYS A 49 21.20 5.00 61.10
CA CYS A 49 20.73 3.62 61.09
C CYS A 49 21.94 2.70 61.26
N PHE A 50 22.21 2.31 62.50
CA PHE A 50 23.20 1.29 62.84
C PHE A 50 22.70 -0.11 62.54
N HIS A 51 21.67 -0.23 61.71
CA HIS A 51 20.85 -1.43 61.61
C HIS A 51 20.72 -1.82 60.15
N CYS A 52 21.10 -3.05 59.82
CA CYS A 52 20.85 -3.59 58.49
C CYS A 52 19.49 -4.27 58.47
N GLU A 53 18.66 -3.89 57.51
CA GLU A 53 17.39 -4.58 57.33
C GLU A 53 17.63 -6.06 57.04
N LYS A 54 16.62 -6.88 57.31
CA LYS A 54 16.78 -8.32 57.28
C LYS A 54 16.85 -8.82 55.84
N LEU A 55 17.85 -9.65 55.54
CA LEU A 55 18.14 -10.06 54.17
C LEU A 55 18.21 -11.56 53.99
N GLU A 56 17.81 -12.36 54.97
CA GLU A 56 17.94 -13.81 54.85
C GLU A 56 17.08 -14.31 53.70
N ASN A 57 17.68 -15.13 52.83
CA ASN A 57 17.05 -15.72 51.66
C ASN A 57 16.64 -14.68 50.61
N ASN A 58 17.19 -13.47 50.68
CA ASN A 58 16.86 -12.41 49.72
C ASN A 58 17.99 -12.32 48.71
N PHE A 59 17.84 -13.02 47.59
CA PHE A 59 18.81 -13.01 46.51
C PHE A 59 18.36 -12.14 45.35
N ASP A 60 17.69 -11.03 45.65
CA ASP A 60 17.26 -10.10 44.63
C ASP A 60 18.42 -9.23 44.17
N ASP A 61 18.31 -8.72 42.95
CA ASP A 61 19.36 -7.90 42.35
C ASP A 61 19.61 -6.65 43.18
N ILE A 62 20.82 -6.52 43.71
CA ILE A 62 21.23 -5.37 44.51
C ILE A 62 22.15 -4.44 43.74
N LYS A 63 22.47 -4.76 42.49
CA LYS A 63 23.42 -3.96 41.72
C LYS A 63 22.87 -2.56 41.47
N HIS A 64 23.68 -1.55 41.77
CA HIS A 64 23.28 -0.17 41.51
C HIS A 64 23.30 0.16 40.02
N THR A 65 23.98 -0.65 39.21
CA THR A 65 24.14 -0.35 37.78
C THR A 65 22.97 -0.80 36.93
N THR A 66 22.01 -1.53 37.50
CA THR A 66 20.90 -2.06 36.71
C THR A 66 20.07 -0.92 36.14
N LEU A 67 19.69 -1.06 34.86
CA LEU A 67 18.98 -0.02 34.13
C LEU A 67 17.72 -0.59 33.49
N GLY A 68 16.64 0.20 33.54
CA GLY A 68 15.49 -0.03 32.70
C GLY A 68 15.58 0.78 31.42
N GLU A 69 14.52 0.73 30.62
CA GLU A 69 14.54 1.42 29.33
C GLU A 69 14.64 2.93 29.51
N ARG A 70 13.75 3.50 30.33
CA ARG A 70 13.80 4.93 30.61
C ARG A 70 15.20 5.36 31.02
N GLY A 71 15.77 4.68 32.01
CA GLY A 71 17.11 5.05 32.45
C GLY A 71 18.16 4.84 31.39
N ALA A 72 18.05 3.77 30.60
CA ALA A 72 19.08 3.45 29.62
C ALA A 72 19.04 4.43 28.45
N LEU A 73 17.84 4.87 28.05
CA LEU A 73 17.76 5.84 26.98
C LEU A 73 18.35 7.19 27.40
N ARG A 74 18.03 7.63 28.62
CA ARG A 74 18.60 8.87 29.14
C ARG A 74 20.12 8.82 29.16
N GLU A 75 20.68 7.71 29.66
CA GLU A 75 22.12 7.61 29.78
C GLU A 75 22.80 7.48 28.43
N ALA A 76 22.20 6.72 27.51
CA ALA A 76 22.78 6.58 26.17
C ALA A 76 22.82 7.91 25.46
N MET A 77 21.78 8.73 25.61
CA MET A 77 21.77 10.05 24.99
C MET A 77 22.78 10.99 25.63
N ARG A 78 23.18 10.73 26.87
CA ARG A 78 24.16 11.57 27.55
C ARG A 78 25.58 11.26 27.09
N CYS A 79 25.84 10.04 26.67
CA CYS A 79 27.18 9.67 26.23
C CYS A 79 27.56 10.46 24.99
N LEU A 80 28.78 11.00 25.00
CA LEU A 80 29.26 11.84 23.90
C LEU A 80 29.58 11.03 22.65
N LYS A 81 29.63 9.70 22.76
CA LYS A 81 29.89 8.82 21.61
C LYS A 81 31.21 9.23 20.95
N CYS A 82 32.29 9.10 21.72
CA CYS A 82 33.55 9.76 21.43
C CYS A 82 34.34 9.08 20.32
N ALA A 83 35.05 9.89 19.53
CA ALA A 83 36.00 9.36 18.57
C ALA A 83 37.19 8.77 19.29
N ASP A 84 37.65 7.60 18.83
CA ASP A 84 38.78 6.91 19.45
C ASP A 84 38.55 6.75 20.95
N ALA A 85 37.28 6.47 21.30
CA ALA A 85 36.80 6.61 22.67
C ALA A 85 37.74 5.92 23.65
N PRO A 86 38.16 6.60 24.71
CA PRO A 86 39.07 5.97 25.68
C PRO A 86 38.41 4.87 26.49
N CYS A 87 37.08 4.87 26.61
CA CYS A 87 36.41 3.79 27.31
C CYS A 87 36.69 2.44 26.65
N GLN A 88 36.63 2.40 25.32
CA GLN A 88 36.99 1.17 24.61
C GLN A 88 38.45 0.80 24.84
N LYS A 89 39.34 1.79 24.82
CA LYS A 89 40.76 1.53 25.03
C LYS A 89 41.00 0.76 26.32
N SER A 90 40.22 1.07 27.36
CA SER A 90 40.36 0.41 28.65
C SER A 90 39.44 -0.80 28.82
N CYS A 91 38.76 -1.23 27.76
CA CYS A 91 37.98 -2.46 27.83
C CYS A 91 38.87 -3.63 27.42
N PRO A 92 39.09 -4.62 28.28
CA PRO A 92 39.96 -5.74 27.91
C PRO A 92 39.52 -6.47 26.65
N THR A 93 38.23 -6.51 26.35
CA THR A 93 37.74 -7.16 25.13
C THR A 93 37.51 -6.17 24.00
N HIS A 94 37.83 -4.90 24.19
CA HIS A 94 37.85 -3.89 23.13
C HIS A 94 36.46 -3.68 22.52
N LEU A 95 35.43 -3.69 23.36
CA LEU A 95 34.08 -3.42 22.88
C LEU A 95 33.97 -2.02 22.31
N ASP A 96 33.37 -1.92 21.12
CA ASP A 96 33.06 -0.62 20.52
C ASP A 96 31.92 0.00 21.32
N ILE A 97 32.28 0.63 22.43
CA ILE A 97 31.29 1.18 23.34
C ILE A 97 30.58 2.37 22.70
N LYS A 98 31.30 3.15 21.90
CA LYS A 98 30.65 4.24 21.18
C LYS A 98 29.51 3.72 20.33
N SER A 99 29.72 2.60 19.65
CA SER A 99 28.73 2.10 18.71
C SER A 99 27.51 1.54 19.43
N PHE A 100 27.73 0.68 20.42
CA PHE A 100 26.58 0.05 21.07
C PHE A 100 25.80 1.05 21.91
N ILE A 101 26.47 2.04 22.50
CA ILE A 101 25.73 3.08 23.22
C ILE A 101 24.98 3.97 22.23
N THR A 102 25.55 4.18 21.04
CA THR A 102 24.82 4.89 19.99
C THR A 102 23.57 4.13 19.60
N SER A 103 23.69 2.80 19.43
CA SER A 103 22.53 1.98 19.08
C SER A 103 21.45 2.03 20.16
N ILE A 104 21.83 2.24 21.42
CA ILE A 104 20.84 2.27 22.49
C ILE A 104 20.07 3.58 22.48
N SER A 105 20.75 4.70 22.28
CA SER A 105 20.05 5.99 22.16
C SER A 105 19.05 5.95 21.01
N ASN A 106 19.39 5.24 19.93
CA ASN A 106 18.53 5.09 18.77
C ASN A 106 17.50 3.98 18.93
N LYS A 107 17.35 3.43 20.13
CA LYS A 107 16.37 2.38 20.45
C LYS A 107 16.63 1.08 19.72
N ASN A 108 17.88 0.84 19.29
CA ASN A 108 18.24 -0.37 18.54
C ASN A 108 19.05 -1.27 19.48
N TYR A 109 18.35 -2.06 20.29
CA TYR A 109 19.03 -2.86 21.30
C TYR A 109 19.64 -4.13 20.72
N TYR A 110 19.06 -4.67 19.65
CA TYR A 110 19.72 -5.78 18.96
C TYR A 110 21.06 -5.36 18.39
N GLY A 111 21.09 -4.21 17.70
CA GLY A 111 22.34 -3.71 17.16
C GLY A 111 23.37 -3.44 18.23
N ALA A 112 22.93 -2.96 19.39
CA ALA A 112 23.86 -2.77 20.51
C ALA A 112 24.37 -4.12 21.02
N ALA A 113 23.45 -5.07 21.25
CA ALA A 113 23.84 -6.37 21.76
C ALA A 113 24.68 -7.14 20.75
N LYS A 114 24.43 -6.95 19.46
CA LYS A 114 25.30 -7.53 18.44
C LYS A 114 26.70 -6.95 18.54
N MET A 115 26.80 -5.62 18.69
CA MET A 115 28.09 -4.99 18.91
C MET A 115 28.79 -5.55 20.14
N ILE A 116 28.02 -5.89 21.16
CA ILE A 116 28.59 -6.32 22.44
C ILE A 116 29.13 -7.74 22.35
N PHE A 117 28.30 -8.67 21.84
CA PHE A 117 28.72 -10.07 21.80
C PHE A 117 29.71 -10.35 20.68
N SER A 118 29.85 -9.44 19.72
CA SER A 118 30.91 -9.60 18.72
C SER A 118 32.28 -9.61 19.37
N ASP A 119 32.51 -8.72 20.32
CA ASP A 119 33.80 -8.60 20.98
C ASP A 119 33.85 -9.27 22.35
N ASN A 120 32.70 -9.69 22.89
CA ASN A 120 32.66 -10.32 24.20
C ASN A 120 31.49 -11.30 24.23
N PRO A 121 31.75 -12.60 24.04
CA PRO A 121 30.65 -13.58 24.06
C PRO A 121 29.93 -13.69 25.39
N LEU A 122 30.43 -13.05 26.44
CA LEU A 122 29.77 -13.02 27.74
C LEU A 122 29.40 -11.58 28.11
N GLY A 123 28.90 -10.83 27.12
CA GLY A 123 28.65 -9.42 27.33
C GLY A 123 27.63 -9.13 28.41
N LEU A 124 26.60 -9.98 28.52
CA LEU A 124 25.58 -9.76 29.55
C LEU A 124 26.15 -9.99 30.94
N THR A 125 26.96 -11.03 31.11
CA THR A 125 27.66 -11.24 32.38
C THR A 125 28.54 -10.03 32.69
N CYS A 126 29.52 -9.76 31.84
CA CYS A 126 30.48 -8.70 32.11
C CYS A 126 29.77 -7.36 32.33
N GLY A 127 28.68 -7.11 31.60
CA GLY A 127 27.92 -5.90 31.84
C GLY A 127 27.42 -5.77 33.27
N MET A 128 27.16 -6.90 33.91
CA MET A 128 26.66 -6.91 35.29
C MET A 128 27.78 -6.86 36.33
N VAL A 129 28.95 -7.42 36.03
CA VAL A 129 29.95 -7.67 37.07
C VAL A 129 31.30 -7.05 36.79
N CYS A 130 31.47 -6.37 35.65
CA CYS A 130 32.75 -5.76 35.36
C CYS A 130 33.06 -4.67 36.38
N PRO A 131 34.22 -4.70 37.01
CA PRO A 131 34.64 -3.55 37.83
C PRO A 131 34.88 -2.34 36.96
N THR A 132 33.77 -1.73 36.49
CA THR A 132 33.87 -0.70 35.45
C THR A 132 34.73 0.49 35.89
N SER A 133 34.79 0.77 37.20
CA SER A 133 35.61 1.88 37.66
C SER A 133 37.10 1.63 37.42
N ASP A 134 37.52 0.37 37.49
CA ASP A 134 38.91 0.00 37.23
C ASP A 134 39.18 -0.26 35.76
N LEU A 135 38.15 -0.28 34.91
CA LEU A 135 38.33 -0.60 33.50
C LEU A 135 37.83 0.51 32.59
N CYS A 136 36.69 0.29 31.94
CA CYS A 136 36.25 1.19 30.86
C CYS A 136 35.75 2.52 31.42
N VAL A 137 34.93 2.49 32.47
CA VAL A 137 34.41 3.72 33.04
C VAL A 137 35.55 4.57 33.61
N GLY A 138 36.65 3.93 34.02
CA GLY A 138 37.79 4.66 34.53
C GLY A 138 38.43 5.60 33.53
N GLY A 139 38.17 5.40 32.24
CA GLY A 139 38.70 6.27 31.20
C GLY A 139 37.68 7.13 30.49
N CYS A 140 36.45 7.22 31.00
CA CYS A 140 35.38 7.92 30.30
C CYS A 140 35.63 9.42 30.30
N ASN A 141 35.51 10.04 29.11
CA ASN A 141 35.76 11.48 28.99
C ASN A 141 34.79 12.30 29.83
N LEU A 142 33.58 11.81 30.05
CA LEU A 142 32.59 12.53 30.84
C LEU A 142 32.93 12.55 32.32
N TYR A 143 33.93 11.78 32.76
CA TYR A 143 34.43 11.92 34.11
C TYR A 143 34.86 13.35 34.39
N ALA A 144 35.29 14.08 33.37
CA ALA A 144 35.69 15.47 33.49
C ALA A 144 34.51 16.43 33.55
N THR A 145 33.29 15.94 33.79
CA THR A 145 32.14 16.79 34.02
C THR A 145 31.54 16.49 35.39
N GLU A 146 30.77 17.44 35.90
CA GLU A 146 30.18 17.28 37.22
C GLU A 146 29.24 16.07 37.27
N GLU A 147 28.48 15.86 36.20
CA GLU A 147 27.54 14.73 36.17
C GLU A 147 28.26 13.39 36.15
N GLY A 148 29.48 13.33 35.61
CA GLY A 148 30.32 12.17 35.76
C GLY A 148 30.25 11.17 34.63
N SER A 149 30.98 10.07 34.83
CA SER A 149 31.16 9.07 33.79
C SER A 149 29.85 8.38 33.45
N ILE A 150 29.89 7.56 32.40
CA ILE A 150 28.72 6.85 31.91
C ILE A 150 28.66 5.49 32.56
N ASN A 151 27.44 5.04 32.89
CA ASN A 151 27.20 3.68 33.37
C ASN A 151 27.27 2.75 32.16
N ILE A 152 28.50 2.45 31.76
CA ILE A 152 28.70 1.63 30.56
C ILE A 152 28.17 0.22 30.77
N GLY A 153 28.48 -0.37 31.93
CA GLY A 153 28.12 -1.76 32.15
C GLY A 153 26.61 -1.96 32.23
N GLY A 154 25.91 -1.06 32.91
CA GLY A 154 24.47 -1.17 32.99
C GLY A 154 23.79 -1.02 31.64
N LEU A 155 24.28 -0.10 30.81
CA LEU A 155 23.80 -0.01 29.44
C LEU A 155 24.04 -1.31 28.69
N GLN A 156 25.27 -1.84 28.79
CA GLN A 156 25.59 -3.11 28.15
C GLN A 156 24.74 -4.24 28.71
N GLN A 157 24.44 -4.19 30.02
CA GLN A 157 23.56 -5.19 30.60
C GLN A 157 22.14 -5.06 30.07
N PHE A 158 21.65 -3.83 29.90
CA PHE A 158 20.30 -3.64 29.40
C PHE A 158 20.17 -4.10 27.95
N ALA A 159 21.06 -3.63 27.08
CA ALA A 159 21.01 -4.03 25.67
C ALA A 159 21.14 -5.54 25.54
N SER A 160 21.98 -6.16 26.37
CA SER A 160 22.09 -7.62 26.34
C SER A 160 20.85 -8.28 26.93
N GLU A 161 20.23 -7.66 27.94
CA GLU A 161 19.02 -8.22 28.53
C GLU A 161 17.88 -8.26 27.52
N VAL A 162 17.68 -7.16 26.79
CA VAL A 162 16.62 -7.11 25.78
C VAL A 162 16.86 -8.16 24.71
N PHE A 163 18.11 -8.30 24.26
CA PHE A 163 18.43 -9.30 23.24
C PHE A 163 18.14 -10.71 23.76
N LYS A 164 18.42 -10.96 25.03
CA LYS A 164 18.05 -12.23 25.64
C LYS A 164 16.55 -12.46 25.51
N ALA A 165 15.75 -11.45 25.87
CA ALA A 165 14.29 -11.59 25.80
C ALA A 165 13.82 -11.80 24.37
N MET A 166 14.57 -11.30 23.39
CA MET A 166 14.21 -11.51 21.99
C MET A 166 14.23 -12.99 21.63
N ASN A 167 15.05 -13.79 22.32
CA ASN A 167 15.17 -15.22 22.06
C ASN A 167 15.56 -15.49 20.62
N ILE A 168 16.58 -14.78 20.16
CA ILE A 168 17.13 -14.96 18.83
C ILE A 168 18.38 -15.83 18.96
N PRO A 169 18.52 -16.90 18.18
CA PRO A 169 19.71 -17.72 18.27
C PRO A 169 20.91 -17.07 17.60
N GLN A 170 22.09 -17.55 17.95
CA GLN A 170 23.29 -17.22 17.22
C GLN A 170 23.45 -18.20 16.06
N ILE A 171 23.83 -17.68 14.91
CA ILE A 171 24.04 -18.54 13.74
C ILE A 171 25.54 -18.69 13.49
N ARG A 172 25.87 -19.80 12.84
CA ARG A 172 27.17 -19.95 12.21
C ARG A 172 27.42 -18.79 11.27
N ASN A 173 28.61 -18.20 11.38
CA ASN A 173 29.13 -17.14 10.52
C ASN A 173 28.67 -17.35 9.09
N PRO A 174 27.82 -16.47 8.56
CA PRO A 174 27.29 -16.69 7.20
C PRO A 174 28.28 -16.34 6.09
N CYS A 175 29.43 -15.75 6.43
CA CYS A 175 30.47 -15.52 5.45
C CYS A 175 31.24 -16.80 5.12
N LEU A 176 31.24 -17.78 6.02
CA LEU A 176 31.92 -19.04 5.78
C LEU A 176 31.30 -19.77 4.61
N PRO A 177 32.05 -20.68 3.98
CA PRO A 177 31.42 -21.64 3.08
C PRO A 177 30.49 -22.55 3.86
N SER A 178 29.81 -23.47 3.17
CA SER A 178 29.05 -24.48 3.89
C SER A 178 29.99 -25.52 4.47
N GLN A 179 29.48 -26.29 5.44
CA GLN A 179 30.33 -27.21 6.17
C GLN A 179 30.98 -28.24 5.24
N GLU A 180 30.25 -28.69 4.21
CA GLU A 180 30.77 -29.75 3.36
C GLU A 180 32.05 -29.31 2.64
N LYS A 181 32.07 -28.08 2.12
CA LYS A 181 33.22 -27.56 1.39
C LYS A 181 34.20 -26.83 2.29
N MET A 182 34.26 -27.21 3.57
CA MET A 182 35.24 -26.66 4.50
C MET A 182 36.53 -27.47 4.42
N PRO A 183 37.70 -26.81 4.44
CA PRO A 183 38.97 -27.55 4.41
C PRO A 183 39.09 -28.47 5.61
N GLU A 184 39.90 -29.52 5.44
CA GLU A 184 40.04 -30.55 6.46
C GLU A 184 40.51 -29.98 7.80
N ALA A 185 41.27 -28.88 7.77
CA ALA A 185 41.85 -28.34 8.99
C ALA A 185 40.76 -27.95 10.00
N TYR A 186 39.63 -27.46 9.52
CA TYR A 186 38.55 -27.07 10.42
C TYR A 186 37.83 -28.27 11.03
N SER A 187 38.18 -29.50 10.64
CA SER A 187 37.67 -30.68 11.29
C SER A 187 38.55 -31.14 12.45
N ALA A 188 39.63 -30.41 12.73
CA ALA A 188 40.57 -30.82 13.77
C ALA A 188 39.87 -30.94 15.11
N LYS A 189 40.20 -32.00 15.84
CA LYS A 189 39.63 -32.21 17.16
C LYS A 189 40.31 -31.29 18.17
N ILE A 190 39.52 -30.50 18.89
CA ILE A 190 40.00 -29.49 19.80
C ILE A 190 39.42 -29.76 21.18
N ALA A 191 40.23 -29.59 22.21
CA ALA A 191 39.82 -29.83 23.58
C ALA A 191 40.04 -28.58 24.41
N LEU A 192 39.03 -28.20 25.18
CA LEU A 192 39.15 -27.15 26.18
C LEU A 192 38.86 -27.76 27.54
N LEU A 193 39.65 -27.35 28.54
CA LEU A 193 39.55 -27.92 29.88
C LEU A 193 39.01 -26.86 30.81
N GLY A 194 37.87 -27.15 31.45
CA GLY A 194 37.19 -26.18 32.27
C GLY A 194 36.19 -25.38 31.47
N ALA A 195 34.99 -25.16 32.02
CA ALA A 195 33.94 -24.49 31.27
C ALA A 195 33.61 -23.12 31.86
N GLY A 196 34.64 -22.34 32.16
CA GLY A 196 34.45 -21.01 32.68
C GLY A 196 34.48 -19.97 31.58
N PRO A 197 34.56 -18.69 31.96
CA PRO A 197 34.62 -17.62 30.95
C PRO A 197 35.73 -17.80 29.92
N ALA A 198 36.93 -18.18 30.37
CA ALA A 198 38.06 -18.28 29.45
C ALA A 198 37.78 -19.26 28.32
N SER A 199 37.29 -20.46 28.65
CA SER A 199 37.10 -21.48 27.63
C SER A 199 35.86 -21.22 26.79
N ILE A 200 34.78 -20.74 27.41
CA ILE A 200 33.57 -20.40 26.66
C ILE A 200 33.89 -19.38 25.57
N SER A 201 34.72 -18.40 25.89
CA SER A 201 35.12 -17.40 24.89
C SER A 201 35.94 -18.04 23.79
N CYS A 202 36.94 -18.85 24.14
CA CYS A 202 37.78 -19.50 23.14
C CYS A 202 36.96 -20.39 22.21
N ALA A 203 36.10 -21.25 22.80
CA ALA A 203 35.31 -22.16 21.98
C ALA A 203 34.39 -21.41 21.03
N SER A 204 33.82 -20.30 21.49
CA SER A 204 32.94 -19.50 20.63
C SER A 204 33.72 -18.90 19.47
N PHE A 205 34.87 -18.29 19.75
CA PHE A 205 35.64 -17.67 18.69
C PHE A 205 36.22 -18.70 17.73
N LEU A 206 36.45 -19.93 18.22
CA LEU A 206 36.93 -20.99 17.33
C LEU A 206 35.81 -21.53 16.45
N ALA A 207 34.59 -21.59 17.00
CA ALA A 207 33.45 -21.97 16.18
C ALA A 207 33.15 -20.90 15.13
N ARG A 208 33.27 -19.62 15.53
CA ARG A 208 33.07 -18.54 14.58
C ARG A 208 34.04 -18.66 13.40
N LEU A 209 35.26 -19.12 13.66
CA LEU A 209 36.23 -19.33 12.60
C LEU A 209 35.86 -20.50 11.70
N GLY A 210 34.96 -21.38 12.15
CA GLY A 210 34.52 -22.51 11.37
C GLY A 210 34.89 -23.87 11.93
N TYR A 211 35.60 -23.96 13.04
CA TYR A 211 36.00 -25.26 13.56
C TYR A 211 34.78 -26.04 14.03
N SER A 212 34.71 -27.32 13.66
CA SER A 212 33.48 -28.08 13.74
C SER A 212 33.58 -29.29 14.65
N ASP A 213 34.56 -29.33 15.57
CA ASP A 213 34.69 -30.42 16.52
C ASP A 213 35.38 -29.86 17.76
N ILE A 214 34.68 -28.98 18.46
CA ILE A 214 35.18 -28.29 19.64
C ILE A 214 34.52 -28.90 20.86
N THR A 215 35.32 -29.17 21.90
CA THR A 215 34.80 -29.85 23.08
C THR A 215 35.44 -29.27 24.34
N ILE A 216 34.58 -28.83 25.26
CA ILE A 216 35.01 -28.35 26.58
C ILE A 216 34.74 -29.46 27.59
N PHE A 217 35.79 -29.91 28.27
CA PHE A 217 35.67 -30.93 29.31
C PHE A 217 35.61 -30.23 30.66
N GLU A 218 34.47 -30.33 31.33
CA GLU A 218 34.27 -29.71 32.64
C GLU A 218 34.38 -30.76 33.75
N LYS A 219 35.04 -30.36 34.84
CA LYS A 219 35.15 -31.23 36.00
C LYS A 219 33.79 -31.48 36.65
N GLN A 220 33.02 -30.43 36.85
CA GLN A 220 31.84 -30.47 37.69
C GLN A 220 30.58 -30.81 36.87
N GLU A 221 29.51 -31.13 37.61
CA GLU A 221 28.22 -31.40 36.98
C GLU A 221 27.64 -30.16 36.30
N TYR A 222 28.14 -28.98 36.64
CA TYR A 222 27.60 -27.71 36.16
C TYR A 222 28.64 -27.00 35.31
N VAL A 223 28.18 -25.99 34.57
CA VAL A 223 29.05 -25.23 33.68
C VAL A 223 28.95 -23.75 34.03
N GLY A 224 29.91 -22.98 33.52
CA GLY A 224 29.99 -21.56 33.75
C GLY A 224 31.17 -21.12 34.58
N GLY A 225 31.81 -22.03 35.30
CA GLY A 225 32.96 -21.65 36.10
C GLY A 225 32.54 -20.87 37.32
N LEU A 226 33.36 -19.90 37.70
CA LEU A 226 33.08 -19.10 38.89
C LEU A 226 31.74 -18.39 38.77
N SER A 227 31.38 -17.97 37.55
CA SER A 227 30.11 -17.28 37.34
C SER A 227 28.93 -18.13 37.81
N THR A 228 29.09 -19.45 37.79
CA THR A 228 28.07 -20.36 38.29
C THR A 228 28.28 -20.69 39.77
N SER A 229 29.51 -21.08 40.14
CA SER A 229 29.73 -21.71 41.43
C SER A 229 29.87 -20.72 42.59
N GLU A 230 30.36 -19.51 42.34
CA GLU A 230 30.68 -18.65 43.48
C GLU A 230 30.12 -17.23 43.40
N ILE A 231 29.92 -16.70 42.20
CA ILE A 231 29.41 -15.33 42.12
C ILE A 231 27.94 -15.32 42.55
N PRO A 232 27.56 -14.48 43.51
CA PRO A 232 26.21 -14.58 44.10
C PRO A 232 25.11 -14.33 43.08
N GLN A 233 23.98 -15.00 43.30
CA GLN A 233 22.82 -14.79 42.45
C GLN A 233 22.33 -13.34 42.49
N PHE A 234 22.49 -12.66 43.63
CA PHE A 234 22.00 -11.29 43.71
C PHE A 234 22.89 -10.29 42.98
N ARG A 235 23.97 -10.75 42.34
CA ARG A 235 24.74 -9.93 41.42
C ARG A 235 24.69 -10.46 40.00
N LEU A 236 24.65 -11.78 39.83
CA LEU A 236 24.64 -12.41 38.51
C LEU A 236 23.63 -13.56 38.50
N PRO A 237 22.44 -13.34 37.93
CA PRO A 237 21.46 -14.44 37.85
C PRO A 237 21.95 -15.58 36.98
N TYR A 238 21.71 -16.81 37.44
CA TYR A 238 22.27 -17.97 36.76
C TYR A 238 21.71 -18.13 35.34
N ASP A 239 20.49 -17.66 35.09
CA ASP A 239 19.93 -17.78 33.75
C ASP A 239 20.70 -16.94 32.73
N VAL A 240 21.38 -15.88 33.18
CA VAL A 240 22.33 -15.19 32.31
C VAL A 240 23.40 -16.16 31.83
N VAL A 241 24.02 -16.87 32.78
CA VAL A 241 25.06 -17.85 32.42
C VAL A 241 24.50 -18.89 31.47
N ASN A 242 23.32 -19.43 31.78
CA ASN A 242 22.67 -20.38 30.88
C ASN A 242 22.51 -19.76 29.49
N PHE A 243 22.09 -18.50 29.43
CA PHE A 243 21.81 -17.86 28.14
C PHE A 243 23.07 -17.78 27.27
N GLU A 244 24.19 -17.36 27.86
CA GLU A 244 25.42 -17.24 27.08
C GLU A 244 25.98 -18.61 26.70
N ILE A 245 25.73 -19.63 27.52
CA ILE A 245 26.11 -20.99 27.15
C ILE A 245 25.29 -21.45 25.94
N GLU A 246 23.97 -21.28 26.00
CA GLU A 246 23.12 -21.66 24.86
C GLU A 246 23.55 -20.95 23.60
N LEU A 247 24.04 -19.71 23.72
CA LEU A 247 24.53 -19.01 22.54
C LEU A 247 25.74 -19.72 21.95
N MET A 248 26.69 -20.12 22.81
CA MET A 248 27.85 -20.88 22.33
C MET A 248 27.44 -22.23 21.78
N LYS A 249 26.48 -22.90 22.43
CA LYS A 249 26.01 -24.19 21.92
C LYS A 249 25.27 -24.07 20.60
N ASP A 250 24.72 -22.90 20.28
CA ASP A 250 24.15 -22.67 18.96
C ASP A 250 25.18 -22.86 17.85
N LEU A 251 26.47 -22.82 18.19
CA LEU A 251 27.55 -22.93 17.23
C LEU A 251 28.13 -24.33 17.15
N GLY A 252 27.58 -25.29 17.90
CA GLY A 252 28.04 -26.66 17.83
C GLY A 252 29.12 -27.03 18.83
N VAL A 253 29.53 -26.11 19.70
CA VAL A 253 30.49 -26.47 20.73
C VAL A 253 29.85 -27.47 21.67
N LYS A 254 30.53 -28.59 21.90
CA LYS A 254 30.04 -29.64 22.79
C LYS A 254 30.67 -29.49 24.17
N ILE A 255 29.89 -29.82 25.20
CA ILE A 255 30.35 -29.75 26.58
C ILE A 255 30.14 -31.11 27.23
N ILE A 256 31.21 -31.67 27.79
CA ILE A 256 31.17 -32.95 28.50
C ILE A 256 31.61 -32.71 29.92
N CYS A 257 30.72 -32.98 30.87
CA CYS A 257 30.99 -32.83 32.29
C CYS A 257 31.46 -34.15 32.90
N GLY A 258 32.07 -34.06 34.08
CA GLY A 258 32.47 -35.22 34.83
C GLY A 258 33.88 -35.72 34.56
N LYS A 259 34.55 -35.22 33.54
CA LYS A 259 35.90 -35.63 33.21
C LYS A 259 36.86 -34.47 33.50
N SER A 260 37.96 -34.78 34.18
CA SER A 260 38.86 -33.76 34.69
C SER A 260 40.23 -33.85 34.03
N LEU A 261 40.89 -32.70 33.95
CA LEU A 261 42.32 -32.65 33.68
C LEU A 261 43.06 -33.10 34.93
N SER A 262 43.44 -34.37 34.95
CA SER A 262 44.04 -34.96 36.14
C SER A 262 44.73 -36.26 35.73
N GLU A 263 45.76 -36.64 36.49
CA GLU A 263 46.36 -37.96 36.27
C GLU A 263 45.34 -39.05 36.58
N ASN A 264 45.37 -40.10 35.76
CA ASN A 264 44.34 -41.14 35.68
C ASN A 264 43.01 -40.60 35.17
N GLU A 265 43.01 -39.41 34.56
CA GLU A 265 41.85 -38.91 33.83
C GLU A 265 42.35 -38.29 32.52
N ILE A 266 41.92 -37.08 32.21
CA ILE A 266 42.41 -36.40 31.01
C ILE A 266 43.81 -35.86 31.29
N THR A 267 44.77 -36.24 30.45
CA THR A 267 46.09 -35.64 30.44
C THR A 267 46.37 -35.09 29.05
N LEU A 268 47.35 -34.20 28.97
CA LEU A 268 47.80 -33.73 27.66
C LEU A 268 48.20 -34.89 26.77
N ASN A 269 48.69 -35.97 27.37
CA ASN A 269 49.12 -37.13 26.61
C ASN A 269 47.93 -37.92 26.07
N THR A 270 46.93 -38.21 26.91
CA THR A 270 45.74 -38.90 26.42
C THR A 270 45.07 -38.13 25.30
N LEU A 271 45.08 -36.79 25.39
CA LEU A 271 44.54 -35.97 24.30
C LEU A 271 45.33 -36.17 23.02
N LYS A 272 46.67 -36.06 23.12
CA LYS A 272 47.54 -36.33 21.97
C LYS A 272 47.32 -37.73 21.43
N GLU A 273 47.21 -38.72 22.32
CA GLU A 273 46.94 -40.09 21.90
C GLU A 273 45.58 -40.21 21.24
N GLU A 274 44.58 -39.50 21.75
CA GLU A 274 43.23 -39.62 21.22
C GLU A 274 42.99 -38.74 20.00
N GLY A 275 44.03 -38.15 19.43
CA GLY A 275 43.90 -37.42 18.19
C GLY A 275 43.56 -35.96 18.30
N TYR A 276 43.74 -35.35 19.48
CA TYR A 276 43.42 -33.93 19.62
C TYR A 276 44.58 -33.08 19.13
N LYS A 277 44.28 -32.15 18.22
CA LYS A 277 45.31 -31.36 17.57
C LYS A 277 45.70 -30.11 18.33
N ALA A 278 44.88 -29.68 19.30
CA ALA A 278 45.18 -28.50 20.09
C ALA A 278 44.32 -28.50 21.34
N ALA A 279 44.86 -27.92 22.42
CA ALA A 279 44.17 -27.89 23.70
C ALA A 279 44.39 -26.53 24.36
N PHE A 280 43.32 -26.01 24.96
CA PHE A 280 43.34 -24.76 25.70
C PHE A 280 43.03 -25.07 27.16
N ILE A 281 43.90 -24.64 28.06
CA ILE A 281 43.78 -24.91 29.48
C ILE A 281 43.10 -23.72 30.14
N GLY A 282 41.85 -23.89 30.54
CA GLY A 282 41.12 -22.82 31.23
C GLY A 282 40.45 -23.30 32.51
N ILE A 283 41.21 -24.00 33.35
CA ILE A 283 40.64 -24.66 34.52
C ILE A 283 40.56 -23.78 35.74
N GLY A 284 40.93 -22.50 35.64
CA GLY A 284 40.82 -21.60 36.77
C GLY A 284 41.79 -21.95 37.89
N LEU A 285 41.59 -21.28 39.02
CA LEU A 285 42.36 -21.56 40.22
C LEU A 285 41.49 -22.37 41.17
N PRO A 286 41.57 -23.70 41.12
CA PRO A 286 40.53 -24.53 41.77
C PRO A 286 40.68 -24.67 43.27
N GLU A 287 41.83 -24.35 43.84
CA GLU A 287 42.03 -24.60 45.26
C GLU A 287 42.04 -23.29 46.05
N PRO A 288 41.56 -23.32 47.30
CA PRO A 288 41.58 -22.10 48.11
C PRO A 288 42.93 -21.91 48.78
N LYS A 289 43.42 -20.66 48.76
CA LYS A 289 44.56 -20.31 49.59
C LYS A 289 44.17 -20.47 51.06
N THR A 290 45.00 -21.19 51.81
CA THR A 290 44.65 -21.60 53.16
C THR A 290 45.72 -21.17 54.16
N ASP A 291 45.31 -21.13 55.42
CA ASP A 291 46.19 -20.79 56.52
C ASP A 291 46.34 -22.00 57.42
N ASP A 292 47.59 -22.30 57.81
CA ASP A 292 47.85 -23.41 58.72
C ASP A 292 47.21 -23.22 60.08
N ILE A 293 46.77 -22.00 60.40
CA ILE A 293 46.10 -21.76 61.68
C ILE A 293 44.82 -22.59 61.78
N PHE A 294 44.12 -22.76 60.66
CA PHE A 294 42.80 -23.34 60.64
C PHE A 294 42.81 -24.84 60.36
N GLN A 295 43.95 -25.51 60.54
CA GLN A 295 44.03 -26.94 60.33
C GLN A 295 43.11 -27.66 61.31
N GLY A 296 42.32 -28.61 60.79
CA GLY A 296 41.49 -29.44 61.62
C GLY A 296 40.11 -28.89 61.93
N LEU A 297 39.82 -27.64 61.55
CA LEU A 297 38.48 -27.11 61.72
C LEU A 297 37.54 -27.67 60.66
N THR A 298 36.26 -27.73 61.01
CA THR A 298 35.25 -28.32 60.16
C THR A 298 34.08 -27.36 60.00
N GLN A 299 33.27 -27.60 58.97
CA GLN A 299 32.03 -26.84 58.84
C GLN A 299 31.08 -27.11 60.00
N ASP A 300 31.23 -28.26 60.67
CA ASP A 300 30.43 -28.53 61.87
C ASP A 300 30.77 -27.57 62.99
N GLN A 301 32.03 -27.13 63.06
CA GLN A 301 32.43 -26.09 64.00
C GLN A 301 32.20 -24.69 63.48
N GLY A 302 31.78 -24.53 62.22
CA GLY A 302 31.52 -23.22 61.66
C GLY A 302 32.65 -22.63 60.86
N PHE A 303 33.51 -23.46 60.27
CA PHE A 303 34.60 -22.98 59.42
C PHE A 303 34.34 -23.34 57.97
N TYR A 304 34.56 -22.36 57.09
CA TYR A 304 34.46 -22.56 55.65
C TYR A 304 35.60 -21.80 54.98
N THR A 305 36.06 -22.34 53.85
CA THR A 305 36.77 -21.51 52.89
C THR A 305 35.76 -20.93 51.92
N SER A 306 36.20 -19.94 51.14
CA SER A 306 35.33 -19.41 50.10
C SER A 306 34.86 -20.51 49.17
N LYS A 307 35.75 -21.43 48.80
CA LYS A 307 35.40 -22.56 47.94
C LYS A 307 34.53 -23.58 48.63
N ASP A 308 34.41 -23.52 49.96
CA ASP A 308 33.42 -24.32 50.67
C ASP A 308 32.08 -23.59 50.76
N PHE A 309 32.11 -22.33 51.19
CA PHE A 309 30.88 -21.63 51.54
C PHE A 309 30.10 -21.19 50.31
N LEU A 310 30.75 -20.51 49.37
CA LEU A 310 30.05 -19.84 48.28
C LEU A 310 29.33 -20.80 47.33
N PRO A 311 29.93 -21.93 46.94
CA PRO A 311 29.16 -22.90 46.14
C PRO A 311 27.97 -23.48 46.89
N LEU A 312 28.06 -23.61 48.21
CA LEU A 312 26.92 -24.05 49.00
C LEU A 312 25.74 -23.08 48.87
N VAL A 313 26.02 -21.77 48.92
CA VAL A 313 24.96 -20.79 48.74
C VAL A 313 24.47 -20.77 47.29
N ALA A 314 25.37 -21.04 46.34
CA ALA A 314 24.97 -21.02 44.94
C ALA A 314 24.10 -22.22 44.59
N LYS A 315 24.52 -23.42 45.01
CA LYS A 315 23.75 -24.62 44.72
C LYS A 315 22.34 -24.55 45.29
N SER A 316 22.10 -23.65 46.23
CA SER A 316 20.80 -23.49 46.86
C SER A 316 20.01 -22.31 46.33
N SER A 317 20.69 -21.29 45.77
CA SER A 317 20.02 -20.07 45.32
C SER A 317 20.08 -19.89 43.81
N LYS A 318 20.59 -20.88 43.07
CA LYS A 318 20.70 -20.80 41.62
C LYS A 318 20.00 -22.03 41.02
N ALA A 319 18.69 -21.92 40.84
CA ALA A 319 17.94 -23.03 40.26
C ALA A 319 18.48 -23.40 38.89
N GLY A 320 18.69 -24.69 38.67
CA GLY A 320 19.30 -25.19 37.46
C GLY A 320 20.77 -25.55 37.60
N MET A 321 21.40 -25.22 38.73
CA MET A 321 22.79 -25.60 38.94
C MET A 321 22.92 -27.10 39.14
N CYS A 322 22.12 -27.63 40.05
CA CYS A 322 22.22 -29.01 40.49
C CYS A 322 20.81 -29.57 40.65
N ALA A 323 20.68 -30.88 40.46
CA ALA A 323 19.39 -31.54 40.73
C ALA A 323 19.03 -31.50 42.21
N CYS A 324 19.98 -31.15 43.08
CA CYS A 324 19.72 -31.02 44.50
C CYS A 324 19.08 -29.67 44.79
N HIS A 325 17.91 -29.69 45.44
CA HIS A 325 17.31 -28.47 45.97
C HIS A 325 17.99 -28.15 47.31
N SER A 326 19.25 -27.74 47.18
CA SER A 326 20.16 -27.67 48.32
C SER A 326 19.61 -26.75 49.42
N PRO A 327 19.84 -27.10 50.68
CA PRO A 327 19.44 -26.22 51.78
C PRO A 327 20.44 -25.08 51.96
N LEU A 328 19.88 -23.90 52.22
CA LEU A 328 20.74 -22.76 52.57
C LEU A 328 21.52 -23.06 53.85
N PRO A 329 22.82 -22.74 53.95
CA PRO A 329 23.58 -23.10 55.16
C PRO A 329 23.14 -22.22 56.32
N SER A 330 22.87 -22.85 57.46
CA SER A 330 22.54 -22.14 58.68
C SER A 330 23.75 -21.37 59.17
N ILE A 331 23.66 -20.03 59.11
CA ILE A 331 24.75 -19.15 59.55
C ILE A 331 24.13 -18.15 60.51
N ARG A 332 23.81 -18.60 61.72
CA ARG A 332 23.09 -17.79 62.70
C ARG A 332 24.09 -17.28 63.74
N GLY A 333 24.41 -15.99 63.66
CA GLY A 333 25.27 -15.39 64.66
C GLY A 333 26.27 -14.39 64.10
N ALA A 334 27.47 -14.38 64.67
CA ALA A 334 28.54 -13.47 64.25
C ALA A 334 29.47 -14.21 63.29
N VAL A 335 29.83 -13.55 62.19
CA VAL A 335 30.63 -14.15 61.13
C VAL A 335 31.90 -13.35 60.94
N ILE A 336 33.04 -14.04 60.84
CA ILE A 336 34.31 -13.43 60.49
C ILE A 336 34.69 -13.93 59.10
N VAL A 337 34.68 -13.03 58.12
CA VAL A 337 35.23 -13.31 56.80
C VAL A 337 36.62 -12.69 56.75
N LEU A 338 37.60 -13.47 56.31
CA LEU A 338 38.98 -13.02 56.20
C LEU A 338 39.36 -12.86 54.73
N GLY A 339 40.06 -11.78 54.43
CA GLY A 339 40.42 -11.44 53.07
C GLY A 339 39.94 -10.05 52.68
N ALA A 340 40.45 -9.58 51.56
CA ALA A 340 40.10 -8.26 51.05
C ALA A 340 39.92 -8.19 49.54
N GLY A 341 40.03 -9.31 48.83
CA GLY A 341 39.64 -9.34 47.45
C GLY A 341 38.13 -9.38 47.32
N ASP A 342 37.65 -9.43 46.08
CA ASP A 342 36.21 -9.49 45.87
C ASP A 342 35.60 -10.80 46.34
N THR A 343 36.42 -11.80 46.63
CA THR A 343 35.90 -13.05 47.18
C THR A 343 35.31 -12.85 48.57
N ALA A 344 36.06 -12.17 49.44
CA ALA A 344 35.63 -11.98 50.83
C ALA A 344 34.34 -11.18 50.91
N PHE A 345 34.23 -10.12 50.10
CA PHE A 345 33.04 -9.28 50.16
C PHE A 345 31.80 -10.04 49.75
N ASP A 346 31.94 -11.08 48.93
CA ASP A 346 30.78 -11.86 48.50
C ASP A 346 30.41 -12.94 49.52
N CYS A 347 31.38 -13.42 50.29
CA CYS A 347 31.05 -14.23 51.46
C CYS A 347 30.37 -13.38 52.52
N ALA A 348 30.71 -12.10 52.59
CA ALA A 348 30.07 -11.19 53.53
C ALA A 348 28.59 -11.05 53.23
N THR A 349 28.28 -10.63 52.00
CA THR A 349 26.89 -10.43 51.61
C THR A 349 26.13 -11.75 51.49
N SER A 350 26.82 -12.86 51.25
CA SER A 350 26.15 -14.15 51.23
C SER A 350 25.85 -14.66 52.64
N ALA A 351 26.74 -14.38 53.59
CA ALA A 351 26.49 -14.76 54.98
C ALA A 351 25.23 -14.10 55.51
N LEU A 352 25.04 -12.81 55.18
CA LEU A 352 23.83 -12.11 55.60
C LEU A 352 22.58 -12.74 55.00
N ARG A 353 22.72 -13.40 53.84
CA ARG A 353 21.60 -14.10 53.24
C ARG A 353 21.32 -15.44 53.91
N CYS A 354 22.32 -16.04 54.54
CA CYS A 354 22.17 -17.27 55.28
C CYS A 354 21.73 -17.05 56.72
N GLY A 355 21.35 -15.83 57.07
CA GLY A 355 20.84 -15.52 58.39
C GLY A 355 21.82 -14.91 59.36
N ALA A 356 22.97 -14.44 58.88
CA ALA A 356 23.98 -13.88 59.77
C ALA A 356 23.44 -12.68 60.53
N ARG A 357 23.87 -12.53 61.78
CA ARG A 357 23.49 -11.40 62.60
C ARG A 357 24.46 -10.24 62.50
N ARG A 358 25.72 -10.50 62.14
CA ARG A 358 26.71 -9.46 61.87
C ARG A 358 27.90 -10.11 61.16
N VAL A 359 28.57 -9.32 60.33
CA VAL A 359 29.71 -9.79 59.54
C VAL A 359 30.87 -8.83 59.76
N PHE A 360 32.03 -9.39 60.10
CA PHE A 360 33.28 -8.65 60.22
C PHE A 360 34.16 -9.04 59.04
N LEU A 361 34.45 -8.08 58.17
CA LEU A 361 35.44 -8.26 57.12
C LEU A 361 36.78 -7.88 57.72
N VAL A 362 37.52 -8.88 58.19
CA VAL A 362 38.82 -8.66 58.79
C VAL A 362 39.88 -8.90 57.73
N PHE A 363 40.74 -7.91 57.50
CA PHE A 363 41.88 -8.06 56.63
C PHE A 363 43.15 -7.67 57.37
N ARG A 364 44.27 -8.09 56.81
CA ARG A 364 45.58 -7.97 57.44
C ARG A 364 46.30 -6.67 57.09
N LYS A 365 45.73 -5.86 56.21
CA LYS A 365 46.32 -4.55 55.90
C LYS A 365 45.29 -3.46 56.17
N GLY A 366 45.42 -2.33 55.47
CA GLY A 366 44.58 -1.18 55.75
C GLY A 366 43.46 -0.98 54.74
N PHE A 367 42.66 0.06 55.00
CA PHE A 367 41.61 0.43 54.06
C PHE A 367 42.20 0.89 52.73
N VAL A 368 43.31 1.61 52.79
CA VAL A 368 43.97 2.12 51.60
C VAL A 368 44.38 0.95 50.71
N ASN A 369 44.41 -0.24 51.30
CA ASN A 369 45.08 -1.39 50.72
C ASN A 369 44.13 -2.48 50.22
N ILE A 370 42.85 -2.16 50.01
CA ILE A 370 41.84 -3.17 49.71
C ILE A 370 41.84 -3.51 48.22
N ARG A 371 41.64 -4.79 47.91
CA ARG A 371 41.81 -5.31 46.54
C ARG A 371 40.55 -5.31 45.70
N ALA A 372 39.36 -5.26 46.31
CA ALA A 372 38.14 -5.18 45.53
C ALA A 372 37.84 -3.73 45.16
N VAL A 373 37.14 -3.54 44.06
CA VAL A 373 36.82 -2.18 43.60
C VAL A 373 35.72 -1.63 44.48
N PRO A 374 35.68 -0.31 44.72
CA PRO A 374 34.67 0.25 45.64
C PRO A 374 33.24 -0.12 45.29
N GLU A 375 32.96 -0.50 44.04
CA GLU A 375 31.64 -1.02 43.69
C GLU A 375 31.32 -2.26 44.51
N GLU A 376 32.25 -3.20 44.58
CA GLU A 376 32.06 -4.39 45.39
C GLU A 376 32.03 -4.06 46.88
N VAL A 377 32.81 -3.05 47.31
CA VAL A 377 32.86 -2.67 48.71
C VAL A 377 31.57 -1.98 49.13
N GLU A 378 30.95 -1.21 48.23
CA GLU A 378 29.74 -0.48 48.57
C GLU A 378 28.63 -1.42 49.03
N LEU A 379 28.50 -2.58 48.39
CA LEU A 379 27.42 -3.50 48.74
C LEU A 379 27.65 -4.14 50.10
N ALA A 380 28.90 -4.27 50.54
CA ALA A 380 29.13 -4.76 51.89
C ALA A 380 28.87 -3.65 52.91
N LYS A 381 29.29 -2.43 52.61
CA LYS A 381 29.18 -1.34 53.56
C LYS A 381 27.73 -0.91 53.78
N GLU A 382 26.90 -0.97 52.75
CA GLU A 382 25.51 -0.57 52.88
C GLU A 382 24.63 -1.65 53.51
N GLU A 383 25.07 -2.91 53.47
CA GLU A 383 24.43 -3.96 54.25
C GLU A 383 25.03 -4.09 55.64
N LYS A 384 25.81 -3.10 56.07
CA LYS A 384 26.19 -2.84 57.45
C LYS A 384 27.24 -3.81 57.98
N CYS A 385 27.97 -4.49 57.11
CA CYS A 385 29.10 -5.27 57.57
C CYS A 385 30.14 -4.35 58.21
N GLU A 386 30.85 -4.88 59.21
CA GLU A 386 31.93 -4.11 59.82
C GLU A 386 33.24 -4.41 59.12
N PHE A 387 34.18 -3.49 59.29
CA PHE A 387 35.48 -3.59 58.64
C PHE A 387 36.56 -3.48 59.71
N LEU A 388 37.45 -4.46 59.75
CA LEU A 388 38.49 -4.53 60.78
C LEU A 388 39.87 -4.59 60.12
N PRO A 389 40.58 -3.47 60.02
CA PRO A 389 41.87 -3.47 59.36
C PRO A 389 43.03 -3.76 60.32
N PHE A 390 44.15 -4.18 59.72
CA PHE A 390 45.42 -4.32 60.42
C PHE A 390 45.38 -5.45 61.46
N LEU A 391 44.78 -6.58 61.10
CA LEU A 391 44.64 -7.71 62.00
C LEU A 391 44.96 -9.01 61.27
N SER A 392 45.85 -9.81 61.85
CA SER A 392 46.21 -11.12 61.32
C SER A 392 45.79 -12.22 62.29
N PRO A 393 45.15 -13.27 61.82
CA PRO A 393 44.62 -14.29 62.74
C PRO A 393 45.69 -15.22 63.28
N ARG A 394 45.50 -15.64 64.53
CA ARG A 394 46.52 -16.44 65.22
C ARG A 394 45.95 -17.74 65.79
N LYS A 395 44.83 -17.67 66.50
CA LYS A 395 44.20 -18.88 67.03
C LYS A 395 42.69 -18.79 66.85
N VAL A 396 42.08 -19.95 66.69
CA VAL A 396 40.62 -20.09 66.69
C VAL A 396 40.24 -20.88 67.94
N ILE A 397 39.34 -20.31 68.74
CA ILE A 397 38.93 -20.91 69.99
C ILE A 397 37.65 -21.69 69.74
N VAL A 398 37.71 -23.00 69.94
CA VAL A 398 36.56 -23.89 69.74
C VAL A 398 36.11 -24.39 71.10
N LYS A 399 34.86 -24.12 71.44
CA LYS A 399 34.28 -24.59 72.70
C LYS A 399 32.92 -25.20 72.41
N GLY A 400 32.71 -26.43 72.88
CA GLY A 400 31.44 -27.11 72.66
C GLY A 400 31.18 -27.51 71.24
N GLY A 401 32.24 -27.87 70.50
CA GLY A 401 32.09 -28.28 69.11
C GLY A 401 31.82 -27.15 68.14
N ARG A 402 31.93 -25.90 68.57
CA ARG A 402 31.67 -24.76 67.72
C ARG A 402 32.74 -23.70 67.94
N ILE A 403 33.01 -22.92 66.90
CA ILE A 403 33.86 -21.75 67.03
C ILE A 403 33.14 -20.72 67.90
N VAL A 404 33.89 -20.06 68.79
CA VAL A 404 33.28 -19.11 69.71
C VAL A 404 34.11 -17.83 69.78
N ALA A 405 35.26 -17.81 69.11
CA ALA A 405 36.13 -16.65 69.11
C ALA A 405 37.29 -16.87 68.14
N VAL A 406 37.91 -15.76 67.73
CA VAL A 406 39.14 -15.77 66.95
C VAL A 406 40.00 -14.63 67.45
N GLN A 407 41.26 -14.93 67.78
CA GLN A 407 42.17 -13.95 68.35
C GLN A 407 43.21 -13.55 67.33
N PHE A 408 43.26 -12.26 67.00
CA PHE A 408 44.20 -11.73 66.03
C PHE A 408 45.36 -11.02 66.73
N VAL A 409 46.35 -10.61 65.93
CA VAL A 409 47.41 -9.71 66.37
C VAL A 409 47.41 -8.50 65.44
N ARG A 410 47.92 -7.38 65.96
CA ARG A 410 48.01 -6.18 65.15
C ARG A 410 49.13 -6.29 64.13
N THR A 411 48.81 -5.96 62.88
CA THR A 411 49.81 -5.81 61.84
C THR A 411 50.16 -4.34 61.69
N GLU A 412 51.35 -4.07 61.15
CA GLU A 412 51.89 -2.72 61.21
C GLU A 412 52.87 -2.51 60.06
N GLN A 413 53.09 -1.25 59.72
CA GLN A 413 54.05 -0.84 58.71
C GLN A 413 55.17 -0.01 59.33
N ASP A 414 56.33 -0.03 58.70
CA ASP A 414 57.54 0.58 59.24
C ASP A 414 57.88 1.86 58.47
N GLU A 415 59.16 2.23 58.50
CA GLU A 415 59.67 3.16 57.49
C GLU A 415 60.05 2.40 56.22
N THR A 416 60.55 1.17 56.38
CA THR A 416 61.02 0.37 55.27
C THR A 416 59.90 -0.08 54.34
N GLY A 417 58.65 -0.02 54.78
CA GLY A 417 57.60 -0.67 54.03
C GLY A 417 57.53 -2.16 54.31
N LYS A 418 57.84 -2.56 55.53
CA LYS A 418 57.74 -3.94 55.97
C LYS A 418 56.50 -4.11 56.84
N TRP A 419 55.94 -5.32 56.83
CA TRP A 419 54.72 -5.62 57.56
C TRP A 419 55.02 -6.68 58.62
N ASN A 420 54.97 -6.28 59.88
CA ASN A 420 55.24 -7.15 61.02
C ASN A 420 53.97 -7.38 61.82
N GLU A 421 54.06 -8.30 62.77
CA GLU A 421 52.95 -8.66 63.64
C GLU A 421 53.37 -8.43 65.08
N ASP A 422 52.63 -7.57 65.78
CA ASP A 422 52.96 -7.21 67.16
C ASP A 422 52.26 -8.20 68.08
N GLU A 423 53.05 -9.10 68.68
CA GLU A 423 52.49 -10.16 69.52
C GLU A 423 51.75 -9.60 70.73
N ASP A 424 52.29 -8.52 71.31
CA ASP A 424 51.71 -7.92 72.52
C ASP A 424 50.34 -7.28 72.28
N GLN A 425 49.94 -7.10 71.02
CA GLN A 425 48.71 -6.38 70.69
C GLN A 425 47.73 -7.35 70.05
N ILE A 426 46.87 -7.94 70.89
CA ILE A 426 45.96 -8.99 70.45
C ILE A 426 44.53 -8.47 70.45
N VAL A 427 43.66 -9.19 69.75
CA VAL A 427 42.23 -8.88 69.67
C VAL A 427 41.48 -10.20 69.73
N HIS A 428 40.73 -10.43 70.81
CA HIS A 428 39.94 -11.65 70.99
C HIS A 428 38.52 -11.35 70.50
N LEU A 429 38.26 -11.66 69.23
CA LEU A 429 37.01 -11.29 68.57
C LEU A 429 36.03 -12.46 68.62
N LYS A 430 34.94 -12.28 69.35
CA LYS A 430 33.94 -13.33 69.49
C LYS A 430 33.20 -13.53 68.17
N ALA A 431 33.16 -14.78 67.69
CA ALA A 431 32.44 -15.09 66.47
C ALA A 431 31.95 -16.53 66.49
N ASP A 432 30.94 -16.80 65.67
CA ASP A 432 30.36 -18.13 65.55
C ASP A 432 30.70 -18.81 64.23
N VAL A 433 30.94 -18.05 63.16
CA VAL A 433 31.32 -18.59 61.87
C VAL A 433 32.59 -17.89 61.42
N VAL A 434 33.51 -18.65 60.82
CA VAL A 434 34.75 -18.12 60.28
C VAL A 434 34.85 -18.58 58.84
N ILE A 435 35.04 -17.65 57.91
CA ILE A 435 35.15 -17.95 56.49
C ILE A 435 36.43 -17.34 55.96
N SER A 436 37.42 -18.18 55.66
CA SER A 436 38.63 -17.71 55.01
C SER A 436 38.33 -17.46 53.54
N ALA A 437 38.61 -16.25 53.06
CA ALA A 437 38.45 -15.88 51.67
C ALA A 437 39.72 -15.21 51.18
N PHE A 438 40.85 -15.87 51.42
CA PHE A 438 42.15 -15.30 51.08
C PHE A 438 42.43 -15.35 49.59
N GLY A 439 41.70 -16.18 48.84
CA GLY A 439 41.87 -16.28 47.42
C GLY A 439 42.02 -17.71 46.98
N SER A 440 42.60 -17.89 45.79
CA SER A 440 42.67 -19.18 45.14
C SER A 440 44.06 -19.41 44.58
N VAL A 441 44.37 -20.70 44.38
CA VAL A 441 45.66 -21.15 43.85
C VAL A 441 45.43 -22.45 43.07
N LEU A 442 46.45 -22.84 42.31
CA LEU A 442 46.53 -24.18 41.72
C LEU A 442 47.61 -24.94 42.50
N ARG A 443 47.19 -25.92 43.30
CA ARG A 443 48.15 -26.68 44.09
C ARG A 443 48.09 -28.18 43.86
N ASP A 444 46.98 -28.71 43.36
CA ASP A 444 46.82 -30.13 43.10
C ASP A 444 47.97 -30.65 42.24
N PRO A 445 48.73 -31.65 42.71
CA PRO A 445 49.77 -32.22 41.85
C PRO A 445 49.21 -33.04 40.71
N LYS A 446 48.16 -33.83 40.96
CA LYS A 446 47.55 -34.66 39.92
C LYS A 446 47.12 -33.82 38.72
N VAL A 447 46.74 -32.56 38.95
CA VAL A 447 46.36 -31.69 37.85
C VAL A 447 47.60 -31.11 37.17
N LYS A 448 48.54 -30.56 37.96
CA LYS A 448 49.79 -30.07 37.40
C LYS A 448 50.52 -31.18 36.66
N GLU A 449 50.43 -32.41 37.17
CA GLU A 449 51.11 -33.55 36.54
C GLU A 449 50.47 -33.89 35.20
N ALA A 450 49.14 -33.73 35.10
CA ALA A 450 48.46 -33.97 33.83
C ALA A 450 48.84 -32.97 32.76
N LEU A 451 49.52 -31.88 33.13
CA LEU A 451 49.98 -30.88 32.17
C LEU A 451 51.42 -31.13 31.73
N SER A 452 52.03 -32.24 32.15
CA SER A 452 53.37 -32.55 31.69
C SER A 452 53.37 -32.72 30.17
N PRO A 453 54.37 -32.18 29.48
CA PRO A 453 55.57 -31.51 30.00
C PRO A 453 55.60 -29.99 29.90
N ILE A 454 54.53 -29.23 30.17
CA ILE A 454 54.58 -27.79 29.99
C ILE A 454 55.29 -27.13 31.16
N LYS A 455 55.87 -25.96 30.90
CA LYS A 455 56.68 -25.26 31.89
C LYS A 455 55.79 -24.48 32.86
N PHE A 456 56.19 -24.45 34.12
CA PHE A 456 55.53 -23.67 35.17
C PHE A 456 56.49 -22.62 35.71
N ASN A 457 55.96 -21.48 36.10
CA ASN A 457 56.78 -20.33 36.46
C ASN A 457 56.97 -20.28 37.99
N ARG A 458 57.56 -19.17 38.46
CA ARG A 458 57.84 -19.01 39.89
C ARG A 458 56.59 -19.22 40.74
N TRP A 459 55.41 -18.88 40.21
CA TRP A 459 54.15 -18.97 40.93
C TRP A 459 53.46 -20.32 40.75
N ASP A 460 54.19 -21.32 40.26
CA ASP A 460 53.65 -22.66 39.96
C ASP A 460 52.39 -22.57 39.12
N LEU A 461 52.39 -21.64 38.17
CA LEU A 461 51.34 -21.48 37.18
C LEU A 461 51.92 -21.70 35.78
N PRO A 462 51.11 -22.16 34.84
CA PRO A 462 51.64 -22.43 33.50
C PRO A 462 52.10 -21.16 32.81
N GLU A 463 53.31 -21.21 32.25
CA GLU A 463 53.84 -20.07 31.51
C GLU A 463 53.21 -20.00 30.13
N VAL A 464 52.78 -18.81 29.74
CA VAL A 464 52.24 -18.59 28.39
C VAL A 464 52.90 -17.35 27.79
N ASP A 465 53.13 -17.40 26.48
CA ASP A 465 53.41 -16.20 25.72
C ASP A 465 52.21 -15.28 25.91
N PRO A 466 52.37 -14.14 26.59
CA PRO A 466 51.21 -13.30 26.93
C PRO A 466 50.56 -12.65 25.73
N GLU A 467 51.06 -12.86 24.51
CA GLU A 467 50.44 -12.35 23.31
C GLU A 467 49.69 -13.42 22.53
N THR A 468 50.16 -14.67 22.57
CA THR A 468 49.49 -15.77 21.89
C THR A 468 48.84 -16.76 22.83
N MET A 469 49.09 -16.66 24.14
CA MET A 469 48.62 -17.61 25.15
C MET A 469 49.14 -19.02 24.90
N GLN A 470 50.20 -19.16 24.12
CA GLN A 470 50.84 -20.46 23.89
C GLN A 470 51.73 -20.84 25.06
N THR A 471 51.67 -22.11 25.44
CA THR A 471 52.50 -22.61 26.52
C THR A 471 53.87 -23.02 25.96
N SER A 472 54.61 -23.86 26.68
CA SER A 472 55.88 -24.37 26.17
C SER A 472 55.68 -25.47 25.14
N GLU A 473 54.49 -26.05 25.05
CA GLU A 473 54.15 -26.89 23.92
C GLU A 473 53.34 -26.07 22.92
N PRO A 474 53.70 -26.09 21.63
CA PRO A 474 53.01 -25.21 20.67
C PRO A 474 51.53 -25.52 20.50
N TRP A 475 51.10 -26.76 20.78
CA TRP A 475 49.71 -27.15 20.57
C TRP A 475 48.86 -26.96 21.81
N VAL A 476 49.40 -26.42 22.89
CA VAL A 476 48.67 -26.29 24.14
C VAL A 476 48.70 -24.82 24.56
N PHE A 477 47.52 -24.26 24.79
CA PHE A 477 47.35 -22.86 25.16
C PHE A 477 46.66 -22.78 26.51
N ALA A 478 46.70 -21.59 27.11
CA ALA A 478 46.08 -21.39 28.41
C ALA A 478 45.67 -19.93 28.55
N GLY A 479 44.58 -19.70 29.28
CA GLY A 479 44.10 -18.36 29.50
C GLY A 479 43.24 -18.28 30.73
N GLY A 480 43.07 -17.05 31.21
CA GLY A 480 42.19 -16.82 32.35
C GLY A 480 42.89 -16.88 33.69
N ASP A 481 42.16 -17.31 34.72
CA ASP A 481 42.69 -17.27 36.08
C ASP A 481 43.88 -18.20 36.24
N ILE A 482 43.94 -19.28 35.45
CA ILE A 482 45.03 -20.24 35.59
C ILE A 482 46.36 -19.62 35.19
N VAL A 483 46.34 -18.63 34.29
CA VAL A 483 47.57 -17.98 33.85
C VAL A 483 48.10 -17.02 34.92
N GLY A 484 47.24 -16.54 35.82
CA GLY A 484 47.65 -15.57 36.81
C GLY A 484 47.67 -14.14 36.34
N MET A 485 47.36 -13.89 35.07
CA MET A 485 47.31 -12.53 34.57
C MET A 485 45.97 -11.87 34.90
N ALA A 486 44.88 -12.56 34.58
CA ALA A 486 43.55 -11.98 34.67
C ALA A 486 43.01 -12.04 36.10
N ASN A 487 42.24 -11.01 36.46
CA ASN A 487 41.54 -10.96 37.73
C ASN A 487 40.03 -10.80 37.55
N THR A 488 39.55 -10.81 36.30
CA THR A 488 38.18 -10.45 36.02
C THR A 488 37.58 -11.41 34.99
N THR A 489 36.25 -11.43 34.94
CA THR A 489 35.58 -12.21 33.91
C THR A 489 35.94 -11.70 32.51
N VAL A 490 36.04 -10.37 32.36
CA VAL A 490 36.27 -9.80 31.04
C VAL A 490 37.69 -10.06 30.56
N GLU A 491 38.66 -10.06 31.49
CA GLU A 491 40.03 -10.38 31.10
C GLU A 491 40.19 -11.86 30.83
N SER A 492 39.42 -12.70 31.54
CA SER A 492 39.44 -14.13 31.25
C SER A 492 38.84 -14.40 29.87
N VAL A 493 37.73 -13.73 29.55
CA VAL A 493 37.14 -13.85 28.22
C VAL A 493 38.15 -13.46 27.15
N ASN A 494 38.78 -12.29 27.33
CA ASN A 494 39.75 -11.80 26.36
C ASN A 494 40.93 -12.75 26.21
N ASP A 495 41.29 -13.48 27.28
CA ASP A 495 42.36 -14.46 27.19
C ASP A 495 41.97 -15.63 26.29
N GLY A 496 40.70 -16.03 26.32
CA GLY A 496 40.24 -17.05 25.38
C GLY A 496 40.11 -16.50 23.97
N LYS A 497 39.66 -15.25 23.87
CA LYS A 497 39.60 -14.58 22.56
C LYS A 497 40.98 -14.50 21.93
N GLN A 498 41.98 -14.10 22.72
CA GLN A 498 43.35 -14.01 22.23
C GLN A 498 43.85 -15.37 21.74
N ALA A 499 43.70 -16.40 22.56
CA ALA A 499 44.22 -17.72 22.21
C ALA A 499 43.57 -18.28 20.95
N SER A 500 42.31 -17.94 20.68
CA SER A 500 41.58 -18.58 19.60
C SER A 500 42.25 -18.35 18.25
N TRP A 501 42.64 -17.11 17.95
CA TRP A 501 43.26 -16.83 16.67
C TRP A 501 44.59 -17.56 16.53
N TYR A 502 45.38 -17.60 17.60
CA TYR A 502 46.69 -18.24 17.50
C TYR A 502 46.58 -19.75 17.53
N ILE A 503 45.53 -20.30 18.16
CA ILE A 503 45.18 -21.70 17.97
C ILE A 503 44.80 -21.94 16.51
N HIS A 504 43.97 -21.05 15.95
CA HIS A 504 43.63 -21.11 14.53
C HIS A 504 44.89 -21.03 13.68
N LYS A 505 45.84 -20.18 14.07
CA LYS A 505 47.13 -20.14 13.37
C LYS A 505 47.83 -21.48 13.44
N TYR A 506 47.96 -22.03 14.66
CA TYR A 506 48.71 -23.28 14.83
C TYR A 506 48.09 -24.40 14.01
N ILE A 507 46.78 -24.64 14.16
CA ILE A 507 46.15 -25.79 13.52
C ILE A 507 46.27 -25.69 12.00
N GLN A 508 45.94 -24.52 11.44
CA GLN A 508 46.03 -24.35 10.00
C GLN A 508 47.44 -24.64 9.50
N ALA A 509 48.45 -24.17 10.24
CA ALA A 509 49.83 -24.45 9.86
C ALA A 509 50.11 -25.95 9.93
N GLN A 510 49.54 -26.64 10.91
CA GLN A 510 49.74 -28.08 11.04
C GLN A 510 49.12 -28.86 9.89
N TYR A 511 48.14 -28.29 9.21
CA TYR A 511 47.49 -28.93 8.07
C TYR A 511 48.07 -28.48 6.74
N GLY A 512 49.13 -27.67 6.75
CA GLY A 512 49.72 -27.16 5.54
C GLY A 512 49.14 -25.87 5.02
N ALA A 513 48.28 -25.21 5.80
CA ALA A 513 47.63 -23.98 5.38
C ALA A 513 48.18 -22.78 6.13
N SER A 514 48.11 -21.62 5.50
CA SER A 514 48.51 -20.37 6.12
C SER A 514 47.29 -19.58 6.56
N VAL A 515 47.52 -18.58 7.41
CA VAL A 515 46.51 -17.60 7.75
C VAL A 515 47.11 -16.21 7.56
N SER A 516 46.23 -15.22 7.50
CA SER A 516 46.67 -13.85 7.24
C SER A 516 47.51 -13.32 8.40
N ALA A 517 48.39 -12.38 8.07
CA ALA A 517 49.23 -11.76 9.09
C ALA A 517 48.46 -10.76 9.95
N LYS A 518 47.23 -10.43 9.60
CA LYS A 518 46.40 -9.55 10.41
C LYS A 518 45.30 -10.36 11.07
N PRO A 519 45.35 -10.56 12.38
CA PRO A 519 44.30 -11.33 13.08
C PRO A 519 42.91 -10.78 12.83
N GLU A 520 42.02 -11.66 12.37
CA GLU A 520 40.64 -11.30 12.02
C GLU A 520 39.67 -12.30 12.66
N LEU A 521 39.18 -11.96 13.87
CA LEU A 521 38.16 -12.88 14.33
C LEU A 521 36.80 -12.43 13.85
N PRO A 522 35.89 -13.37 13.57
CA PRO A 522 34.59 -13.00 13.02
C PRO A 522 33.72 -12.30 14.04
N LEU A 523 32.73 -11.57 13.53
CA LEU A 523 31.76 -10.90 14.38
C LEU A 523 30.71 -11.90 14.87
N PHE A 524 29.77 -11.41 15.66
CA PHE A 524 28.69 -12.21 16.21
C PHE A 524 27.48 -12.04 15.31
N TYR A 525 26.83 -13.14 14.93
CA TYR A 525 25.77 -13.12 13.94
C TYR A 525 24.52 -13.86 14.43
N THR A 526 23.35 -13.38 13.98
CA THR A 526 22.05 -13.98 14.24
C THR A 526 21.26 -13.97 12.93
N PRO A 527 20.12 -14.68 12.83
CA PRO A 527 19.35 -14.64 11.57
C PRO A 527 18.86 -13.25 11.20
N VAL A 528 18.83 -12.31 12.15
CA VAL A 528 18.44 -10.95 11.84
C VAL A 528 19.35 -10.37 10.76
N ASP A 529 20.63 -10.74 10.79
CA ASP A 529 21.62 -10.19 9.87
C ASP A 529 21.35 -10.55 8.42
N LEU A 530 20.42 -11.46 8.16
CA LEU A 530 20.09 -11.87 6.81
C LEU A 530 18.85 -11.18 6.25
N VAL A 531 18.19 -10.33 7.04
CA VAL A 531 16.98 -9.67 6.56
C VAL A 531 17.33 -8.76 5.40
N ASP A 532 16.55 -8.87 4.32
CA ASP A 532 16.77 -8.09 3.11
C ASP A 532 16.14 -6.72 3.31
N ILE A 533 16.96 -5.68 3.41
CA ILE A 533 16.46 -4.33 3.61
C ILE A 533 16.72 -3.50 2.35
N SER A 534 16.68 -4.13 1.19
CA SER A 534 16.76 -3.40 -0.06
C SER A 534 15.37 -2.94 -0.50
N VAL A 535 15.37 -2.00 -1.44
CA VAL A 535 14.11 -1.40 -1.90
C VAL A 535 14.35 -0.81 -3.28
N GLU A 536 13.33 -0.91 -4.13
CA GLU A 536 13.34 -0.32 -5.47
C GLU A 536 12.40 0.90 -5.49
N MET A 537 12.81 1.94 -6.22
CA MET A 537 12.00 3.15 -6.34
C MET A 537 12.38 3.88 -7.62
N ALA A 538 11.36 4.33 -8.36
CA ALA A 538 11.55 5.08 -9.61
C ALA A 538 12.47 4.34 -10.58
N GLY A 539 12.44 3.01 -10.53
CA GLY A 539 13.30 2.22 -11.38
C GLY A 539 14.73 2.07 -10.89
N LEU A 540 15.04 2.50 -9.68
CA LEU A 540 16.37 2.38 -9.10
C LEU A 540 16.34 1.44 -7.92
N LYS A 541 17.30 0.52 -7.86
CA LYS A 541 17.43 -0.39 -6.73
C LYS A 541 18.42 0.21 -5.72
N PHE A 542 18.02 0.21 -4.45
CA PHE A 542 18.87 0.62 -3.35
C PHE A 542 19.26 -0.60 -2.53
N ILE A 543 20.52 -0.67 -2.11
CA ILE A 543 20.94 -1.81 -1.30
C ILE A 543 20.44 -1.67 0.14
N ASN A 544 20.19 -0.44 0.59
CA ASN A 544 19.47 -0.18 1.82
C ASN A 544 18.81 1.19 1.66
N PRO A 545 17.72 1.46 2.40
CA PRO A 545 16.95 2.68 2.12
C PRO A 545 17.61 3.96 2.60
N PHE A 546 18.73 3.88 3.30
CA PHE A 546 19.36 5.05 3.90
C PHE A 546 20.36 5.71 2.97
N GLY A 547 20.36 7.03 2.94
CA GLY A 547 21.26 7.78 2.09
C GLY A 547 21.58 9.14 2.68
N LEU A 548 22.61 9.76 2.13
CA LEU A 548 23.02 11.08 2.58
C LEU A 548 22.23 12.15 1.84
N ALA A 549 21.62 13.06 2.60
CA ALA A 549 20.99 14.22 2.00
C ALA A 549 22.03 15.12 1.37
N SER A 550 21.59 15.94 0.42
CA SER A 550 22.45 16.94 -0.22
C SER A 550 22.71 18.03 0.81
N ALA A 551 23.87 17.98 1.46
CA ALA A 551 24.14 18.90 2.56
C ALA A 551 25.58 18.86 3.02
N ALA A 552 25.80 19.32 4.25
CA ALA A 552 27.15 19.38 4.82
C ALA A 552 27.89 18.05 4.82
N PRO A 553 27.26 16.89 5.11
CA PRO A 553 28.00 15.64 5.01
C PRO A 553 28.36 15.23 3.59
N THR A 554 27.88 15.94 2.57
CA THR A 554 28.31 15.71 1.20
C THR A 554 28.98 16.96 0.63
N THR A 555 29.69 17.71 1.48
CA THR A 555 30.45 18.88 1.02
C THR A 555 31.44 18.49 -0.07
N SER A 556 32.18 17.40 0.13
CA SER A 556 33.10 16.89 -0.86
C SER A 556 32.73 15.45 -1.21
N SER A 557 32.96 15.08 -2.47
CA SER A 557 32.65 13.72 -2.90
C SER A 557 33.56 12.68 -2.25
N SER A 558 34.73 13.10 -1.77
CA SER A 558 35.58 12.20 -1.00
C SER A 558 34.86 11.71 0.25
N MET A 559 34.06 12.58 0.88
CA MET A 559 33.25 12.16 2.02
C MET A 559 32.17 11.18 1.60
N ILE A 560 31.64 11.31 0.38
CA ILE A 560 30.65 10.36 -0.11
C ILE A 560 31.27 8.97 -0.26
N ARG A 561 32.52 8.92 -0.76
CA ARG A 561 33.18 7.63 -0.91
C ARG A 561 33.33 6.92 0.42
N ARG A 562 33.75 7.65 1.47
CA ARG A 562 33.87 7.04 2.79
C ARG A 562 32.52 6.61 3.34
N ALA A 563 31.45 7.33 2.97
CA ALA A 563 30.12 6.95 3.42
C ALA A 563 29.66 5.66 2.72
N PHE A 564 29.85 5.59 1.40
CA PHE A 564 29.57 4.35 0.69
C PHE A 564 30.42 3.21 1.23
N GLU A 565 31.70 3.49 1.51
CA GLU A 565 32.55 2.52 2.18
C GLU A 565 32.05 2.13 3.56
N ALA A 566 31.28 3.02 4.22
CA ALA A 566 30.68 2.71 5.51
C ALA A 566 29.40 1.91 5.40
N GLY A 567 28.70 1.99 4.26
CA GLY A 567 27.50 1.18 4.06
C GLY A 567 26.26 1.94 3.62
N TRP A 568 26.40 3.25 3.40
CA TRP A 568 25.25 4.05 3.00
C TRP A 568 24.72 3.59 1.65
N GLY A 569 23.39 3.52 1.55
CA GLY A 569 22.78 3.01 0.33
C GLY A 569 22.90 3.96 -0.84
N PHE A 570 22.69 5.26 -0.60
CA PHE A 570 22.79 6.24 -1.66
C PHE A 570 23.31 7.55 -1.08
N ALA A 571 23.50 8.54 -1.95
CA ALA A 571 24.00 9.83 -1.51
C ALA A 571 23.62 10.88 -2.54
N LEU A 572 23.38 12.09 -2.05
CA LEU A 572 23.15 13.23 -2.89
C LEU A 572 24.41 14.08 -2.94
N THR A 573 24.76 14.57 -4.12
CA THR A 573 25.76 15.61 -4.18
C THR A 573 25.22 16.85 -3.48
N LYS A 574 26.12 17.62 -2.89
CA LYS A 574 25.78 19.00 -2.57
C LYS A 574 25.22 19.67 -3.82
N THR A 575 24.20 20.51 -3.64
CA THR A 575 23.58 21.17 -4.78
C THR A 575 24.62 22.02 -5.52
N PHE A 576 24.73 21.82 -6.83
CA PHE A 576 25.68 22.59 -7.62
C PHE A 576 24.98 23.19 -8.84
N SER A 577 25.63 24.20 -9.42
CA SER A 577 25.03 24.98 -10.49
C SER A 577 26.08 25.26 -11.56
N LEU A 578 25.66 25.98 -12.61
CA LEU A 578 26.59 26.39 -13.64
C LEU A 578 27.56 27.44 -13.09
N ASP A 579 28.67 27.63 -13.81
CA ASP A 579 29.72 28.52 -13.35
C ASP A 579 29.20 29.93 -13.07
N LYS A 580 28.32 30.43 -13.94
CA LYS A 580 27.79 31.78 -13.77
C LYS A 580 27.01 31.94 -12.47
N ASP A 581 26.63 30.84 -11.83
CA ASP A 581 25.90 30.88 -10.56
C ASP A 581 26.76 30.42 -9.39
N ILE A 582 28.09 30.47 -9.52
CA ILE A 582 28.97 30.11 -8.41
C ILE A 582 28.68 31.03 -7.22
N VAL A 583 28.91 30.51 -6.02
CA VAL A 583 28.55 31.24 -4.81
C VAL A 583 29.74 31.27 -3.85
N THR A 584 29.69 32.21 -2.92
CA THR A 584 30.62 32.28 -1.80
C THR A 584 29.83 32.25 -0.51
N ASN A 585 30.24 31.38 0.41
CA ASN A 585 29.57 31.25 1.70
C ASN A 585 30.15 32.25 2.69
N VAL A 586 29.30 32.71 3.61
CA VAL A 586 29.75 33.55 4.72
C VAL A 586 30.06 32.64 5.89
N SER A 587 30.58 33.21 6.97
CA SER A 587 30.84 32.44 8.17
C SER A 587 30.77 33.37 9.38
N PRO A 588 30.18 32.93 10.50
CA PRO A 588 29.58 31.62 10.79
C PRO A 588 28.31 31.36 9.99
N ARG A 589 27.92 30.10 9.80
CA ARG A 589 26.74 29.82 9.00
C ARG A 589 26.00 28.55 9.38
N ILE A 590 26.45 27.81 10.39
CA ILE A 590 25.72 26.66 10.89
C ILE A 590 25.79 26.69 12.41
N VAL A 591 24.63 26.82 13.06
CA VAL A 591 24.58 26.94 14.51
C VAL A 591 23.75 25.79 15.08
N ARG A 592 23.95 25.53 16.37
CA ARG A 592 23.19 24.51 17.06
C ARG A 592 21.78 25.00 17.33
N GLY A 593 20.87 24.05 17.57
CA GLY A 593 19.50 24.41 17.84
C GLY A 593 19.29 24.83 19.28
N THR A 594 18.37 25.77 19.46
CA THR A 594 17.85 26.12 20.78
C THR A 594 16.53 25.44 21.08
N THR A 595 16.06 24.58 20.17
CA THR A 595 14.72 24.02 20.19
C THR A 595 14.48 23.07 21.35
N SER A 596 15.52 22.60 22.04
CA SER A 596 15.34 21.72 23.19
C SER A 596 16.17 22.17 24.39
N GLY A 597 16.32 23.47 24.58
CA GLY A 597 16.93 24.00 25.78
C GLY A 597 18.45 23.93 25.77
N PRO A 598 19.06 24.38 26.88
CA PRO A 598 20.53 24.43 26.95
C PRO A 598 21.17 23.07 27.17
N MET A 599 20.90 22.13 26.26
CA MET A 599 21.57 20.85 26.21
C MET A 599 22.66 20.93 25.15
N TYR A 600 23.91 20.81 25.58
CA TYR A 600 25.05 20.89 24.68
C TYR A 600 25.68 19.52 24.48
N GLY A 601 26.32 19.35 23.33
CA GLY A 601 26.99 18.11 23.01
C GLY A 601 26.23 17.26 22.02
N PRO A 602 26.02 15.99 22.35
CA PRO A 602 25.41 15.06 21.41
C PRO A 602 23.91 15.29 21.28
N GLY A 603 23.37 14.74 20.19
CA GLY A 603 21.92 14.70 20.01
C GLY A 603 21.25 16.05 20.02
N GLN A 604 21.86 17.05 19.39
CA GLN A 604 21.18 18.33 19.19
C GLN A 604 19.87 18.10 18.45
N SER A 605 18.81 18.77 18.91
CA SER A 605 17.49 18.58 18.33
C SER A 605 17.31 19.31 17.01
N SER A 606 18.19 20.24 16.68
CA SER A 606 18.10 20.99 15.43
C SER A 606 19.41 21.72 15.18
N PHE A 607 19.57 22.14 13.93
CA PHE A 607 20.61 23.08 13.53
C PHE A 607 19.95 24.15 12.67
N LEU A 608 20.53 25.35 12.68
CA LEU A 608 20.18 26.39 11.72
C LEU A 608 21.38 26.63 10.82
N ASN A 609 21.13 26.72 9.51
CA ASN A 609 22.17 26.99 8.54
C ASN A 609 21.75 28.16 7.66
N ILE A 610 22.71 29.02 7.33
CA ILE A 610 22.56 29.99 6.26
C ILE A 610 23.51 29.68 5.11
N GLU A 611 23.92 28.42 4.99
CA GLU A 611 24.78 27.98 3.90
C GLU A 611 24.05 28.03 2.58
N LEU A 612 24.78 28.32 1.50
CA LEU A 612 24.21 28.30 0.16
C LEU A 612 24.44 26.94 -0.48
N ILE A 613 24.48 26.90 -1.82
CA ILE A 613 24.74 25.66 -2.54
C ILE A 613 26.25 25.41 -2.57
N SER A 614 26.67 24.40 -3.35
CA SER A 614 28.07 24.01 -3.36
C SER A 614 28.97 25.13 -3.86
N GLU A 615 30.02 25.43 -3.10
CA GLU A 615 31.04 26.35 -3.58
C GLU A 615 31.92 25.69 -4.64
N LYS A 616 31.86 24.37 -4.78
CA LYS A 616 32.64 23.67 -5.79
C LYS A 616 31.89 23.67 -7.13
N THR A 617 32.64 23.41 -8.19
CA THR A 617 32.13 23.57 -9.55
C THR A 617 31.34 22.35 -10.00
N ALA A 618 30.53 22.56 -11.04
CA ALA A 618 29.85 21.45 -11.68
C ALA A 618 30.83 20.52 -12.39
N ALA A 619 31.99 21.04 -12.79
CA ALA A 619 33.02 20.18 -13.35
C ALA A 619 33.57 19.23 -12.30
N TYR A 620 33.76 19.73 -11.07
CA TYR A 620 34.16 18.85 -9.97
C TYR A 620 33.11 17.79 -9.72
N TRP A 621 31.85 18.20 -9.62
CA TRP A 621 30.80 17.27 -9.20
C TRP A 621 30.53 16.21 -10.26
N CYS A 622 30.55 16.61 -11.54
CA CYS A 622 30.30 15.64 -12.60
C CYS A 622 31.43 14.63 -12.70
N GLN A 623 32.68 15.10 -12.68
CA GLN A 623 33.80 14.16 -12.66
C GLN A 623 33.77 13.31 -11.39
N SER A 624 33.37 13.91 -10.26
CA SER A 624 33.25 13.17 -9.02
C SER A 624 32.14 12.11 -9.11
N VAL A 625 31.01 12.46 -9.72
CA VAL A 625 29.92 11.51 -9.86
C VAL A 625 30.36 10.34 -10.72
N THR A 626 31.18 10.61 -11.75
CA THR A 626 31.69 9.52 -12.59
C THR A 626 32.62 8.59 -11.82
N GLU A 627 33.56 9.16 -11.07
CA GLU A 627 34.49 8.34 -10.28
C GLU A 627 33.74 7.47 -9.28
N LEU A 628 32.81 8.08 -8.53
CA LEU A 628 32.07 7.33 -7.51
C LEU A 628 31.19 6.26 -8.15
N LYS A 629 30.55 6.57 -9.28
CA LYS A 629 29.74 5.56 -9.95
C LYS A 629 30.60 4.44 -10.53
N ALA A 630 31.85 4.74 -10.87
CA ALA A 630 32.75 3.70 -11.37
C ALA A 630 33.10 2.72 -10.26
N ASP A 631 33.40 3.23 -9.06
CA ASP A 631 33.84 2.40 -7.95
C ASP A 631 32.70 1.83 -7.12
N PHE A 632 31.52 2.43 -7.18
CA PHE A 632 30.38 2.00 -6.36
C PHE A 632 29.15 1.83 -7.26
N PRO A 633 29.17 0.84 -8.16
CA PRO A 633 28.05 0.71 -9.10
C PRO A 633 26.71 0.40 -8.44
N ASP A 634 26.71 -0.22 -7.27
CA ASP A 634 25.47 -0.56 -6.58
C ASP A 634 25.07 0.48 -5.54
N ASN A 635 25.73 1.63 -5.51
CA ASN A 635 25.37 2.73 -4.62
C ASN A 635 24.81 3.86 -5.46
N ILE A 636 23.56 4.23 -5.19
CA ILE A 636 22.88 5.24 -5.98
C ILE A 636 23.50 6.61 -5.72
N VAL A 637 23.82 7.33 -6.79
CA VAL A 637 24.36 8.68 -6.71
C VAL A 637 23.38 9.62 -7.40
N ILE A 638 22.81 10.55 -6.64
CA ILE A 638 21.86 11.52 -7.17
C ILE A 638 22.52 12.89 -7.12
N ALA A 639 22.67 13.52 -8.28
CA ALA A 639 23.24 14.85 -8.36
C ALA A 639 22.14 15.87 -8.13
N SER A 640 22.30 16.68 -7.08
CA SER A 640 21.39 17.78 -6.82
C SER A 640 21.87 19.01 -7.58
N ILE A 641 20.95 19.67 -8.28
CA ILE A 641 21.29 20.77 -9.18
C ILE A 641 20.36 21.95 -8.92
N MET A 642 20.80 23.12 -9.37
CA MET A 642 20.04 24.36 -9.20
C MET A 642 20.38 25.34 -10.31
N CYS A 643 19.36 26.02 -10.82
CA CYS A 643 19.54 27.12 -11.77
C CYS A 643 18.47 28.16 -11.50
N SER A 644 18.66 29.34 -12.10
CA SER A 644 17.63 30.36 -12.09
C SER A 644 16.41 29.86 -12.86
N TYR A 645 15.36 30.69 -12.93
CA TYR A 645 14.18 30.34 -13.71
C TYR A 645 14.53 30.52 -15.19
N ASN A 646 15.29 29.55 -15.70
CA ASN A 646 15.87 29.62 -17.04
C ASN A 646 15.79 28.25 -17.68
N LYS A 647 15.05 28.13 -18.78
CA LYS A 647 14.86 26.84 -19.43
C LYS A 647 16.17 26.31 -19.98
N ASN A 648 16.98 27.17 -20.59
CA ASN A 648 18.27 26.74 -21.11
C ASN A 648 19.18 26.25 -19.98
N ASP A 649 19.16 26.96 -18.85
CA ASP A 649 20.07 26.63 -17.74
C ASP A 649 19.73 25.27 -17.14
N TRP A 650 18.46 25.08 -16.75
CA TRP A 650 18.06 23.79 -16.19
C TRP A 650 18.34 22.65 -17.17
N MET A 651 18.06 22.89 -18.45
CA MET A 651 18.29 21.85 -19.46
C MET A 651 19.77 21.54 -19.61
N GLU A 652 20.63 22.57 -19.58
CA GLU A 652 22.05 22.35 -19.79
C GLU A 652 22.68 21.64 -18.60
N LEU A 653 22.30 22.03 -17.38
CA LEU A 653 22.87 21.43 -16.19
C LEU A 653 22.35 20.02 -15.97
N SER A 654 21.04 19.80 -16.16
CA SER A 654 20.49 18.46 -16.01
C SER A 654 21.11 17.50 -17.02
N ARG A 655 21.40 17.99 -18.23
CA ARG A 655 22.04 17.15 -19.24
C ARG A 655 23.48 16.81 -18.83
N LYS A 656 24.20 17.78 -18.27
CA LYS A 656 25.58 17.52 -17.88
C LYS A 656 25.66 16.52 -16.74
N ALA A 657 24.84 16.72 -15.70
CA ALA A 657 24.80 15.78 -14.60
C ALA A 657 24.36 14.40 -15.07
N GLU A 658 23.48 14.33 -16.07
CA GLU A 658 23.10 13.04 -16.64
C GLU A 658 24.29 12.38 -17.33
N ALA A 659 25.01 13.14 -18.15
CA ALA A 659 26.15 12.59 -18.87
C ALA A 659 27.27 12.14 -17.94
N SER A 660 27.29 12.64 -16.71
CA SER A 660 28.31 12.21 -15.75
C SER A 660 28.06 10.81 -15.23
N GLY A 661 26.86 10.28 -15.42
CA GLY A 661 26.51 8.96 -14.92
C GLY A 661 25.67 8.95 -13.66
N ALA A 662 25.12 10.09 -13.24
CA ALA A 662 24.26 10.12 -12.07
C ALA A 662 23.07 9.20 -12.27
N ASP A 663 22.77 8.40 -11.25
CA ASP A 663 21.61 7.52 -11.32
C ASP A 663 20.32 8.33 -11.44
N ALA A 664 20.28 9.52 -10.87
CA ALA A 664 19.09 10.36 -10.89
C ALA A 664 19.51 11.78 -10.59
N LEU A 665 18.54 12.69 -10.69
CA LEU A 665 18.74 14.10 -10.38
C LEU A 665 17.81 14.52 -9.25
N GLU A 666 18.22 15.54 -8.51
CA GLU A 666 17.37 16.19 -7.53
C GLU A 666 17.35 17.68 -7.84
N LEU A 667 16.17 18.20 -8.14
CA LEU A 667 16.01 19.62 -8.50
C LEU A 667 15.79 20.41 -7.21
N ASN A 668 16.81 21.17 -6.81
CA ASN A 668 16.66 22.05 -5.66
C ASN A 668 15.77 23.22 -6.06
N LEU A 669 14.63 23.34 -5.41
CA LEU A 669 13.65 24.37 -5.73
C LEU A 669 13.76 25.57 -4.80
N SER A 670 14.87 25.72 -4.07
CA SER A 670 15.09 26.86 -3.21
C SER A 670 15.57 28.10 -3.96
N SER A 671 15.66 28.01 -5.28
CA SER A 671 16.10 29.17 -6.09
C SER A 671 14.95 30.19 -6.20
N PRO A 672 15.25 31.49 -6.17
CA PRO A 672 14.20 32.52 -6.22
C PRO A 672 13.68 32.78 -7.62
N HIS A 673 12.51 33.41 -7.68
CA HIS A 673 11.96 34.01 -8.89
C HIS A 673 10.84 34.96 -8.50
N GLY A 674 10.80 36.12 -9.14
CA GLY A 674 9.80 37.12 -8.85
C GLY A 674 10.09 37.86 -7.56
N MET A 675 9.12 38.68 -7.14
CA MET A 675 9.23 39.36 -5.86
C MET A 675 8.93 38.38 -4.73
N GLY A 676 7.67 37.99 -4.56
CA GLY A 676 7.38 36.84 -3.76
C GLY A 676 6.41 36.97 -2.60
N GLU A 677 5.10 37.07 -2.91
CA GLU A 677 4.02 36.75 -1.98
C GLU A 677 2.66 36.97 -2.63
N ARG A 678 2.53 36.58 -3.90
CA ARG A 678 1.23 36.47 -4.54
C ARG A 678 0.50 35.24 -4.01
N GLY A 679 0.62 34.98 -2.71
CA GLY A 679 0.35 33.67 -2.17
C GLY A 679 1.32 32.59 -2.64
N MET A 680 2.33 32.93 -3.44
CA MET A 680 3.21 31.96 -4.08
C MET A 680 4.65 32.07 -3.64
N GLY A 681 5.03 33.12 -2.92
CA GLY A 681 6.36 33.21 -2.34
C GLY A 681 7.45 33.55 -3.34
N LEU A 682 8.66 33.63 -2.81
CA LEU A 682 9.83 34.09 -3.55
C LEU A 682 10.52 32.96 -4.30
N ALA A 683 10.73 31.83 -3.64
CA ALA A 683 11.43 30.72 -4.26
C ALA A 683 10.53 30.04 -5.29
N CYS A 684 11.16 29.32 -6.21
CA CYS A 684 10.42 28.57 -7.23
C CYS A 684 9.55 27.50 -6.57
N GLY A 685 10.12 26.76 -5.62
CA GLY A 685 9.42 25.66 -4.97
C GLY A 685 8.17 26.06 -4.22
N GLN A 686 7.92 27.36 -4.06
CA GLN A 686 6.69 27.82 -3.43
C GLN A 686 5.61 28.18 -4.43
N ASP A 687 5.92 28.14 -5.73
CA ASP A 687 4.95 28.43 -6.79
C ASP A 687 4.66 27.16 -7.57
N PRO A 688 3.42 26.71 -7.65
CA PRO A 688 3.13 25.50 -8.44
C PRO A 688 3.46 25.66 -9.92
N GLU A 689 3.07 26.78 -10.54
CA GLU A 689 3.29 26.93 -11.97
C GLU A 689 4.78 26.93 -12.32
N LEU A 690 5.61 27.56 -11.47
CA LEU A 690 7.05 27.55 -11.70
C LEU A 690 7.60 26.13 -11.64
N VAL A 691 7.12 25.34 -10.68
CA VAL A 691 7.62 23.98 -10.49
C VAL A 691 7.20 23.10 -11.66
N ARG A 692 5.96 23.26 -12.13
CA ARG A 692 5.52 22.51 -13.30
C ARG A 692 6.43 22.75 -14.49
N ASN A 693 6.75 24.01 -14.76
CA ASN A 693 7.56 24.34 -15.94
C ASN A 693 8.97 23.80 -15.81
N ILE A 694 9.61 24.04 -14.66
CA ILE A 694 10.98 23.58 -14.45
C ILE A 694 11.08 22.08 -14.66
N CYS A 695 10.09 21.32 -14.15
CA CYS A 695 10.10 19.87 -14.33
C CYS A 695 9.85 19.50 -15.79
N ARG A 696 8.96 20.24 -16.46
CA ARG A 696 8.77 20.02 -17.90
C ARG A 696 10.09 20.16 -18.65
N TRP A 697 10.84 21.23 -18.37
CA TRP A 697 12.12 21.47 -19.01
C TRP A 697 13.08 20.30 -18.77
N VAL A 698 13.28 19.93 -17.50
CA VAL A 698 14.20 18.85 -17.18
C VAL A 698 13.73 17.53 -17.78
N ARG A 699 12.41 17.35 -17.91
CA ARG A 699 11.90 16.14 -18.55
C ARG A 699 12.30 16.08 -20.02
N GLN A 700 12.22 17.21 -20.73
CA GLN A 700 12.62 17.26 -22.12
C GLN A 700 14.12 17.03 -22.32
N ALA A 701 14.91 17.24 -21.27
CA ALA A 701 16.36 17.27 -21.39
C ALA A 701 17.04 15.96 -21.04
N VAL A 702 16.54 15.22 -20.05
CA VAL A 702 17.21 14.01 -19.60
C VAL A 702 16.26 12.83 -19.72
N GLN A 703 16.85 11.63 -19.71
CA GLN A 703 16.09 10.39 -19.76
C GLN A 703 16.12 9.64 -18.44
N ILE A 704 16.87 10.12 -17.46
CA ILE A 704 17.01 9.45 -16.16
C ILE A 704 15.93 9.97 -15.22
N PRO A 705 15.57 9.23 -14.18
CA PRO A 705 14.59 9.75 -13.22
C PRO A 705 15.15 10.98 -12.51
N PHE A 706 14.27 11.94 -12.24
CA PHE A 706 14.64 13.10 -11.46
C PHE A 706 13.53 13.41 -10.47
N PHE A 707 13.91 13.98 -9.33
CA PHE A 707 12.99 14.24 -8.23
C PHE A 707 13.04 15.72 -7.89
N ALA A 708 11.87 16.31 -7.68
CA ALA A 708 11.79 17.69 -7.20
C ALA A 708 11.90 17.70 -5.68
N LYS A 709 12.88 18.44 -5.17
CA LYS A 709 13.03 18.61 -3.73
C LYS A 709 12.16 19.77 -3.27
N LEU A 710 11.17 19.49 -2.43
CA LEU A 710 10.17 20.46 -2.03
C LEU A 710 10.57 21.21 -0.77
N THR A 711 10.17 22.47 -0.69
CA THR A 711 10.30 23.20 0.56
C THR A 711 9.06 23.01 1.41
N PRO A 712 9.21 22.88 2.74
CA PRO A 712 8.03 22.82 3.60
C PRO A 712 7.38 24.18 3.84
N ASN A 713 8.03 25.26 3.42
CA ASN A 713 7.56 26.62 3.68
C ASN A 713 6.52 27.04 2.64
N VAL A 714 5.47 26.22 2.54
CA VAL A 714 4.38 26.44 1.59
C VAL A 714 3.05 26.23 2.30
N THR A 715 2.03 26.91 1.80
CA THR A 715 0.67 26.73 2.34
C THR A 715 0.16 25.33 2.07
N ASP A 716 0.31 24.86 0.83
CA ASP A 716 -0.13 23.51 0.44
C ASP A 716 1.00 22.86 -0.35
N ILE A 717 1.78 22.01 0.33
CA ILE A 717 2.86 21.29 -0.34
C ILE A 717 2.32 20.25 -1.31
N VAL A 718 1.08 19.78 -1.12
CA VAL A 718 0.48 18.86 -2.07
C VAL A 718 0.39 19.51 -3.45
N SER A 719 0.00 20.78 -3.49
CA SER A 719 -0.14 21.48 -4.76
C SER A 719 1.20 21.58 -5.49
N ILE A 720 2.30 21.71 -4.74
CA ILE A 720 3.61 21.77 -5.37
C ILE A 720 4.01 20.40 -5.89
N ALA A 721 3.85 19.36 -5.07
CA ALA A 721 4.20 18.01 -5.50
C ALA A 721 3.39 17.61 -6.72
N ARG A 722 2.08 17.91 -6.70
CA ARG A 722 1.24 17.66 -7.87
C ARG A 722 1.78 18.38 -9.09
N ALA A 723 2.25 19.62 -8.91
CA ALA A 723 2.79 20.39 -10.04
C ALA A 723 4.03 19.74 -10.62
N ALA A 724 4.86 19.12 -9.77
CA ALA A 724 6.03 18.42 -10.29
C ALA A 724 5.62 17.16 -11.05
N LYS A 725 4.67 16.40 -10.49
CA LYS A 725 4.20 15.19 -11.15
C LYS A 725 3.62 15.50 -12.53
N GLU A 726 2.76 16.52 -12.61
CA GLU A 726 2.27 16.98 -13.91
C GLU A 726 3.44 17.38 -14.81
N GLY A 727 4.42 18.08 -14.26
CA GLY A 727 5.57 18.50 -15.03
C GLY A 727 6.41 17.34 -15.55
N GLY A 728 6.25 16.15 -14.98
CA GLY A 728 6.95 14.97 -15.44
C GLY A 728 8.01 14.43 -14.50
N ALA A 729 8.13 14.96 -13.29
CA ALA A 729 9.08 14.39 -12.35
C ALA A 729 8.60 13.01 -11.91
N ASP A 730 9.57 12.17 -11.55
CA ASP A 730 9.29 10.79 -11.16
C ASP A 730 9.28 10.61 -9.65
N GLY A 731 9.11 11.70 -8.90
CA GLY A 731 9.11 11.65 -7.46
C GLY A 731 9.44 13.00 -6.89
N VAL A 732 9.25 13.12 -5.58
CA VAL A 732 9.57 14.35 -4.86
C VAL A 732 10.35 14.00 -3.61
N THR A 733 11.31 14.85 -3.26
CA THR A 733 12.04 14.75 -2.00
C THR A 733 11.39 15.70 -1.01
N ALA A 734 10.95 15.17 0.13
CA ALA A 734 10.20 15.93 1.10
C ALA A 734 10.81 15.75 2.49
N THR A 735 11.29 16.83 3.09
CA THR A 735 11.32 18.21 2.57
C THR A 735 12.66 18.88 2.88
N ASN A 736 12.88 20.06 2.31
CA ASN A 736 14.03 20.87 2.65
C ASN A 736 13.83 21.43 4.06
N THR A 737 14.73 22.32 4.48
CA THR A 737 14.70 22.84 5.84
C THR A 737 13.55 23.83 6.02
N VAL A 738 13.21 24.09 7.28
CA VAL A 738 12.15 25.03 7.64
C VAL A 738 12.78 26.38 7.92
N SER A 739 12.22 27.43 7.31
CA SER A 739 12.76 28.77 7.45
C SER A 739 12.58 29.28 8.88
N GLY A 740 13.69 29.64 9.53
CA GLY A 740 13.60 30.03 10.92
C GLY A 740 14.69 30.99 11.35
N LEU A 741 14.48 31.57 12.53
CA LEU A 741 15.48 32.36 13.24
C LEU A 741 15.75 31.63 14.55
N MET A 742 16.95 31.07 14.68
CA MET A 742 17.21 30.16 15.80
C MET A 742 17.27 30.87 17.13
N GLY A 743 17.40 32.20 17.16
CA GLY A 743 17.39 32.90 18.42
C GLY A 743 18.36 34.06 18.45
N LEU A 744 18.31 34.84 19.54
CA LEU A 744 19.17 35.99 19.72
C LEU A 744 19.83 35.93 21.08
N LYS A 745 20.99 36.58 21.17
CA LYS A 745 21.60 36.81 22.47
C LYS A 745 20.74 37.75 23.30
N ALA A 746 21.13 37.94 24.56
CA ALA A 746 20.37 38.83 25.42
C ALA A 746 20.55 40.29 25.08
N ASP A 747 21.55 40.63 24.27
CA ASP A 747 21.80 42.00 23.85
C ASP A 747 21.18 42.33 22.50
N GLY A 748 20.37 41.44 21.95
CA GLY A 748 19.68 41.68 20.70
C GLY A 748 20.37 41.12 19.47
N THR A 749 21.63 40.72 19.59
CA THR A 749 22.37 40.27 18.42
C THR A 749 22.01 38.83 18.08
N PRO A 750 22.04 38.47 16.81
CA PRO A 750 21.59 37.14 16.39
C PRO A 750 22.73 36.13 16.48
N TRP A 751 22.37 34.88 16.25
CA TRP A 751 23.35 33.83 16.07
C TRP A 751 22.82 32.84 15.04
N PRO A 752 23.52 32.65 13.91
CA PRO A 752 24.85 33.14 13.55
C PRO A 752 24.94 34.65 13.32
N ALA A 753 26.07 35.26 13.67
CA ALA A 753 26.32 36.68 13.48
C ALA A 753 27.51 36.83 12.56
N VAL A 754 27.33 37.51 11.42
CA VAL A 754 28.32 37.58 10.36
C VAL A 754 28.93 38.98 10.35
N GLY A 755 30.26 39.05 10.36
CA GLY A 755 30.96 40.31 10.21
C GLY A 755 30.92 41.18 11.45
N ALA A 756 31.50 42.37 11.30
CA ALA A 756 31.49 43.34 12.41
C ALA A 756 30.08 43.82 12.71
N GLY A 757 29.26 43.96 11.67
CA GLY A 757 27.87 44.37 11.84
C GLY A 757 27.04 43.41 12.65
N LYS A 758 27.57 42.22 12.95
CA LYS A 758 26.85 41.19 13.70
C LYS A 758 25.48 40.94 13.08
N ARG A 759 25.45 40.86 11.75
CA ARG A 759 24.21 40.69 11.01
C ARG A 759 23.88 39.22 10.82
N THR A 760 22.67 38.96 10.34
CA THR A 760 22.24 37.60 10.03
C THR A 760 21.13 37.66 8.99
N THR A 761 20.70 36.48 8.55
CA THR A 761 19.54 36.32 7.70
C THR A 761 18.78 35.10 8.17
N TYR A 762 17.56 34.93 7.67
CA TYR A 762 16.79 33.74 8.00
C TYR A 762 17.49 32.51 7.45
N GLY A 763 17.62 31.49 8.30
CA GLY A 763 18.21 30.24 7.91
C GLY A 763 17.20 29.11 7.83
N GLY A 764 17.72 27.91 7.63
CA GLY A 764 16.90 26.70 7.57
C GLY A 764 17.09 25.88 8.84
N VAL A 765 15.99 25.31 9.32
CA VAL A 765 16.03 24.48 10.52
C VAL A 765 15.93 23.03 10.10
N SER A 766 16.95 22.25 10.45
CA SER A 766 16.98 20.81 10.18
C SER A 766 16.91 20.07 11.51
N GLY A 767 17.00 18.75 11.43
CA GLY A 767 17.01 17.96 12.64
C GLY A 767 15.63 17.51 13.06
N THR A 768 15.59 16.89 14.24
CA THR A 768 14.39 16.23 14.71
C THR A 768 13.28 17.21 15.08
N ALA A 769 13.62 18.48 15.37
CA ALA A 769 12.58 19.45 15.70
C ALA A 769 11.65 19.73 14.52
N ILE A 770 12.07 19.41 13.29
CA ILE A 770 11.19 19.54 12.13
C ILE A 770 10.64 18.20 11.69
N ARG A 771 10.91 17.12 12.42
CA ARG A 771 10.34 15.83 12.07
C ARG A 771 8.82 15.86 11.99
N PRO A 772 8.07 16.49 12.89
CA PRO A 772 6.61 16.57 12.68
C PRO A 772 6.24 17.31 11.39
N ILE A 773 7.05 18.28 10.97
CA ILE A 773 6.77 19.02 9.75
C ILE A 773 7.02 18.15 8.52
N ALA A 774 8.18 17.49 8.48
CA ALA A 774 8.50 16.63 7.35
C ALA A 774 7.59 15.41 7.31
N LEU A 775 7.30 14.84 8.48
CA LEU A 775 6.41 13.68 8.55
C LEU A 775 5.01 14.04 8.04
N ARG A 776 4.50 15.22 8.42
CA ARG A 776 3.22 15.67 7.90
C ARG A 776 3.27 15.82 6.39
N ALA A 777 4.31 16.48 5.88
CA ALA A 777 4.43 16.68 4.44
C ALA A 777 4.47 15.36 3.69
N VAL A 778 5.21 14.39 4.20
CA VAL A 778 5.29 13.09 3.55
C VAL A 778 3.95 12.38 3.61
N THR A 779 3.23 12.54 4.73
CA THR A 779 1.95 11.84 4.88
C THR A 779 0.89 12.40 3.94
N THR A 780 0.81 13.73 3.80
CA THR A 780 -0.20 14.31 2.93
C THR A 780 0.13 14.13 1.45
N ILE A 781 1.40 14.04 1.08
CA ILE A 781 1.74 13.77 -0.31
C ILE A 781 1.38 12.32 -0.65
N ALA A 782 1.76 11.39 0.22
CA ALA A 782 1.54 9.97 -0.04
C ALA A 782 0.06 9.61 -0.05
N ARG A 783 -0.79 10.43 0.58
CA ARG A 783 -2.22 10.21 0.56
C ARG A 783 -2.92 10.96 -0.56
N ALA A 784 -2.40 12.11 -0.96
CA ALA A 784 -2.98 12.83 -2.09
C ALA A 784 -2.49 12.28 -3.42
N LEU A 785 -1.21 11.89 -3.49
CA LEU A 785 -0.61 11.34 -4.71
C LEU A 785 -0.04 9.96 -4.41
N PRO A 786 -0.90 8.96 -4.18
CA PRO A 786 -0.39 7.64 -3.81
C PRO A 786 0.42 7.00 -4.93
N GLY A 787 1.48 6.30 -4.55
CA GLY A 787 2.37 5.68 -5.50
C GLY A 787 3.47 6.58 -6.02
N PHE A 788 3.29 7.88 -5.94
CA PHE A 788 4.30 8.84 -6.36
C PHE A 788 5.51 8.72 -5.43
N PRO A 789 6.68 8.32 -5.92
CA PRO A 789 7.81 8.05 -5.02
C PRO A 789 8.20 9.26 -4.19
N ILE A 790 8.42 9.02 -2.91
CA ILE A 790 8.81 10.06 -1.96
C ILE A 790 10.14 9.69 -1.34
N LEU A 791 11.09 10.64 -1.41
CA LEU A 791 12.37 10.52 -0.71
C LEU A 791 12.28 11.40 0.53
N ALA A 792 12.15 10.78 1.70
CA ALA A 792 11.86 11.50 2.92
C ALA A 792 13.12 12.06 3.56
N THR A 793 13.10 13.35 3.91
CA THR A 793 14.15 13.98 4.70
C THR A 793 13.49 14.85 5.75
N GLY A 794 14.01 14.82 6.97
CA GLY A 794 13.50 15.67 8.02
C GLY A 794 13.58 15.07 9.41
N GLY A 795 14.78 15.08 9.99
CA GLY A 795 14.95 14.57 11.34
C GLY A 795 14.96 13.06 11.46
N ILE A 796 15.48 12.36 10.45
CA ILE A 796 15.62 10.91 10.49
C ILE A 796 16.96 10.57 11.14
N ASP A 797 16.92 9.89 12.28
CA ASP A 797 18.15 9.62 13.02
C ASP A 797 18.24 8.21 13.57
N SER A 798 17.38 7.29 13.14
CA SER A 798 17.42 5.92 13.62
C SER A 798 16.61 5.05 12.68
N ALA A 799 16.68 3.74 12.91
CA ALA A 799 15.83 2.82 12.16
C ALA A 799 14.38 2.93 12.58
N GLU A 800 14.13 3.29 13.85
CA GLU A 800 12.76 3.47 14.32
C GLU A 800 12.12 4.70 13.69
N SER A 801 12.87 5.81 13.59
CA SER A 801 12.34 6.98 12.91
C SER A 801 12.21 6.73 11.41
N GLY A 802 13.25 6.14 10.80
CA GLY A 802 13.19 5.84 9.39
C GLY A 802 12.01 4.96 9.03
N LEU A 803 11.69 3.99 9.90
CA LEU A 803 10.55 3.12 9.67
C LEU A 803 9.24 3.89 9.74
N GLN A 804 9.15 4.90 10.60
CA GLN A 804 7.95 5.73 10.65
C GLN A 804 7.69 6.42 9.32
N PHE A 805 8.76 6.94 8.70
CA PHE A 805 8.60 7.58 7.39
C PHE A 805 8.22 6.56 6.32
N LEU A 806 8.80 5.35 6.38
CA LEU A 806 8.41 4.30 5.45
C LEU A 806 6.94 3.96 5.60
N HIS A 807 6.48 3.80 6.85
CA HIS A 807 5.07 3.55 7.11
C HIS A 807 4.19 4.69 6.58
N SER A 808 4.75 5.89 6.45
CA SER A 808 3.97 7.06 6.04
C SER A 808 4.02 7.31 4.54
N GLY A 809 4.69 6.45 3.76
CA GLY A 809 4.72 6.58 2.33
C GLY A 809 6.09 6.81 1.72
N ALA A 810 7.15 6.93 2.51
CA ALA A 810 8.48 7.13 1.97
C ALA A 810 9.08 5.80 1.51
N SER A 811 9.89 5.89 0.46
CA SER A 811 10.62 4.73 -0.05
C SER A 811 12.07 4.70 0.40
N VAL A 812 12.75 5.85 0.38
CA VAL A 812 14.12 5.95 0.87
C VAL A 812 14.19 7.12 1.84
N LEU A 813 15.32 7.20 2.56
CA LEU A 813 15.45 8.07 3.72
C LEU A 813 16.78 8.80 3.66
N GLN A 814 16.74 10.10 3.39
CA GLN A 814 17.95 10.92 3.38
C GLN A 814 18.21 11.49 4.77
N VAL A 815 19.49 11.61 5.12
CA VAL A 815 19.92 11.98 6.46
C VAL A 815 20.96 13.08 6.36
N CYS A 816 20.87 14.07 7.26
CA CYS A 816 21.92 15.08 7.34
C CYS A 816 22.25 15.42 8.79
N SER A 817 21.28 15.96 9.52
CA SER A 817 21.52 16.39 10.90
C SER A 817 22.00 15.25 11.78
N ALA A 818 21.51 14.04 11.54
CA ALA A 818 21.93 12.91 12.37
C ALA A 818 23.39 12.57 12.17
N VAL A 819 23.97 12.91 11.01
CA VAL A 819 25.40 12.68 10.81
C VAL A 819 26.22 13.84 11.37
N GLN A 820 25.73 15.08 11.22
CA GLN A 820 26.43 16.20 11.85
C GLN A 820 26.51 16.01 13.35
N ASN A 821 25.47 15.42 13.96
CA ASN A 821 25.47 15.05 15.37
C ASN A 821 26.36 13.86 15.67
N GLN A 822 27.02 13.27 14.67
CA GLN A 822 27.75 12.02 14.88
C GLN A 822 28.87 11.82 13.87
N ASP A 823 28.70 10.84 12.99
CA ASP A 823 29.66 10.48 11.95
C ASP A 823 28.97 9.50 11.01
N PHE A 824 29.70 9.05 9.98
CA PHE A 824 29.10 8.22 8.95
C PHE A 824 28.74 6.81 9.46
N THR A 825 29.34 6.36 10.54
CA THR A 825 29.12 4.98 10.96
C THR A 825 27.71 4.73 11.52
N VAL A 826 26.90 5.77 11.69
CA VAL A 826 25.53 5.57 12.13
C VAL A 826 24.78 4.68 11.16
N ILE A 827 25.26 4.61 9.92
CA ILE A 827 24.62 3.76 8.91
C ILE A 827 24.54 2.32 9.38
N GLN A 828 25.56 1.86 10.14
CA GLN A 828 25.55 0.48 10.60
C GLN A 828 24.47 0.27 11.64
N ASP A 829 24.25 1.25 12.51
CA ASP A 829 23.14 1.16 13.46
C ASP A 829 21.79 1.19 12.75
N TYR A 830 21.65 2.05 11.73
CA TYR A 830 20.38 2.14 11.02
C TYR A 830 20.04 0.83 10.34
N CYS A 831 21.05 0.15 9.78
CA CYS A 831 20.80 -1.06 9.01
C CYS A 831 20.48 -2.25 9.90
N THR A 832 21.26 -2.46 10.97
CA THR A 832 20.92 -3.52 11.91
C THR A 832 19.62 -3.23 12.63
N GLY A 833 19.33 -1.96 12.92
CA GLY A 833 18.07 -1.62 13.55
C GLY A 833 16.88 -1.88 12.66
N LEU A 834 17.06 -1.74 11.35
CA LEU A 834 15.95 -2.00 10.42
C LEU A 834 15.77 -3.50 10.20
N LYS A 835 16.87 -4.24 10.05
CA LYS A 835 16.77 -5.70 9.99
C LYS A 835 16.08 -6.25 11.24
N ALA A 836 16.41 -5.69 12.40
CA ALA A 836 15.81 -6.15 13.64
C ALA A 836 14.32 -5.85 13.70
N LEU A 837 13.93 -4.64 13.27
CA LEU A 837 12.52 -4.26 13.36
C LEU A 837 11.64 -5.14 12.48
N LEU A 838 12.11 -5.45 11.26
CA LEU A 838 11.32 -6.29 10.37
C LEU A 838 11.31 -7.75 10.85
N TYR A 839 12.43 -8.23 11.38
CA TYR A 839 12.48 -9.59 11.91
C TYR A 839 11.49 -9.78 13.05
N LEU A 840 11.38 -8.79 13.94
CA LEU A 840 10.48 -8.90 15.08
C LEU A 840 9.01 -8.95 14.67
N LYS A 841 8.69 -8.46 13.48
CA LYS A 841 7.33 -8.50 12.95
C LYS A 841 6.90 -9.92 12.59
N SER A 842 7.86 -10.83 12.42
CA SER A 842 7.58 -12.23 12.14
C SER A 842 7.45 -13.07 13.41
N ILE A 843 7.75 -12.51 14.58
CA ILE A 843 7.76 -13.26 15.82
C ILE A 843 6.43 -13.05 16.52
N GLU A 844 5.64 -14.13 16.62
CA GLU A 844 4.37 -14.07 17.34
C GLU A 844 4.59 -13.81 18.82
N GLU A 845 5.59 -14.47 19.41
CA GLU A 845 5.84 -14.40 20.85
C GLU A 845 6.14 -12.98 21.34
N LEU A 846 6.46 -12.05 20.44
CA LEU A 846 6.79 -10.68 20.81
C LEU A 846 5.77 -9.68 20.31
N GLN A 847 4.54 -10.13 20.04
CA GLN A 847 3.50 -9.23 19.56
C GLN A 847 3.22 -8.10 20.55
N GLY A 848 3.45 -8.34 21.83
CA GLY A 848 3.21 -7.33 22.84
C GLY A 848 4.33 -6.33 23.01
N TRP A 849 5.18 -6.18 22.00
CA TRP A 849 6.29 -5.23 22.02
C TRP A 849 6.03 -4.09 21.04
N ASP A 850 6.66 -2.94 21.31
CA ASP A 850 6.72 -1.82 20.39
C ASP A 850 8.12 -1.82 19.79
N GLY A 851 8.25 -2.40 18.61
CA GLY A 851 9.57 -2.54 18.00
C GLY A 851 10.50 -3.34 18.89
N GLN A 852 11.65 -2.76 19.19
CA GLN A 852 12.63 -3.43 20.02
C GLN A 852 12.42 -3.20 21.50
N SER A 853 11.32 -2.54 21.87
CA SER A 853 11.02 -2.21 23.27
C SER A 853 10.09 -3.25 23.86
N PRO A 854 10.46 -3.91 24.94
CA PRO A 854 9.53 -4.83 25.61
C PRO A 854 8.45 -4.07 26.37
N GLY A 855 7.32 -4.74 26.56
CA GLY A 855 6.23 -4.19 27.36
C GLY A 855 6.71 -3.77 28.74
N THR A 856 6.46 -2.52 29.12
CA THR A 856 7.03 -1.94 30.34
C THR A 856 6.31 -2.51 31.55
N GLU A 857 6.96 -3.45 32.23
CA GLU A 857 6.40 -4.03 33.44
C GLU A 857 6.70 -3.14 34.64
N SER A 858 5.87 -3.28 35.69
CA SER A 858 5.97 -2.41 36.86
C SER A 858 7.35 -2.50 37.49
N HIS A 859 7.99 -1.35 37.66
CA HIS A 859 9.38 -1.29 38.09
C HIS A 859 9.61 -0.08 38.98
N GLN A 860 10.76 -0.10 39.67
CA GLN A 860 11.29 1.05 40.39
C GLN A 860 12.81 0.97 40.33
N LYS A 861 13.45 2.02 39.80
CA LYS A 861 14.90 2.04 39.59
C LYS A 861 15.32 0.94 38.61
N GLY A 862 14.48 0.67 37.62
CA GLY A 862 14.79 -0.34 36.63
C GLY A 862 14.82 -1.76 37.15
N LYS A 863 14.18 -2.02 38.29
CA LYS A 863 14.03 -3.35 38.84
C LYS A 863 12.55 -3.61 39.10
N PRO A 864 12.05 -4.81 38.78
CA PRO A 864 10.61 -5.05 38.88
C PRO A 864 10.12 -5.10 40.32
N VAL A 865 8.99 -4.44 40.58
CA VAL A 865 8.40 -4.39 41.91
C VAL A 865 7.79 -5.76 42.24
N PRO A 866 7.74 -6.14 43.51
CA PRO A 866 7.27 -7.49 43.86
C PRO A 866 5.76 -7.63 43.66
N ARG A 867 5.38 -8.77 43.08
CA ARG A 867 3.97 -9.12 42.86
C ARG A 867 3.36 -9.84 44.05
N ILE A 868 3.67 -9.40 45.28
CA ILE A 868 3.06 -9.95 46.48
C ILE A 868 1.70 -9.29 46.71
N ALA A 869 0.79 -10.01 47.35
CA ALA A 869 -0.59 -9.50 47.52
C ALA A 869 -0.68 -8.38 48.54
N GLU A 870 0.06 -8.48 49.64
CA GLU A 870 0.07 -7.40 50.65
C GLU A 870 0.92 -6.22 50.20
N LEU A 871 1.81 -6.40 49.23
CA LEU A 871 2.65 -5.32 48.73
C LEU A 871 2.10 -4.69 47.46
N MET A 872 0.83 -4.95 47.13
CA MET A 872 0.13 -4.28 46.03
C MET A 872 -1.28 -3.95 46.48
N GLY A 873 -1.54 -2.66 46.68
CA GLY A 873 -2.88 -2.18 46.98
C GLY A 873 -3.04 -1.47 48.31
N LYS A 874 -2.03 -1.44 49.17
CA LYS A 874 -2.17 -0.91 50.52
C LYS A 874 -1.64 0.51 50.67
N LYS A 875 -1.44 1.24 49.56
CA LYS A 875 -0.91 2.60 49.58
C LYS A 875 0.44 2.66 50.28
N LEU A 876 1.51 2.33 49.57
CA LEU A 876 2.85 2.29 50.15
C LEU A 876 3.84 2.87 49.16
N PRO A 877 4.00 4.19 49.14
CA PRO A 877 5.05 4.79 48.32
C PRO A 877 6.42 4.40 48.84
N ASN A 878 7.43 4.53 47.98
CA ASN A 878 8.77 4.03 48.30
C ASN A 878 9.60 5.03 49.08
N PHE A 879 9.03 5.67 50.09
CA PHE A 879 9.79 6.59 50.92
C PHE A 879 9.27 6.53 52.34
N GLY A 880 10.03 7.16 53.25
CA GLY A 880 9.61 7.36 54.61
C GLY A 880 9.24 6.08 55.33
N PRO A 881 8.28 6.18 56.25
CA PRO A 881 7.82 4.97 56.95
C PRO A 881 7.12 3.98 56.03
N TYR A 882 6.59 4.42 54.89
CA TYR A 882 5.97 3.49 53.95
C TYR A 882 6.99 2.55 53.33
N LEU A 883 8.25 2.98 53.22
CA LEU A 883 9.28 2.12 52.63
C LEU A 883 9.79 1.09 53.62
N GLU A 884 9.80 1.40 54.91
CA GLU A 884 10.18 0.42 55.91
C GLU A 884 9.16 -0.71 56.01
N GLN A 885 7.88 -0.41 55.79
CA GLN A 885 6.86 -1.45 55.80
C GLN A 885 6.92 -2.31 54.54
N ARG A 886 7.29 -1.71 53.40
CA ARG A 886 7.56 -2.51 52.21
C ARG A 886 8.71 -3.48 52.45
N LYS A 887 9.78 -2.99 53.09
CA LYS A 887 10.95 -3.82 53.36
C LYS A 887 10.68 -4.90 54.40
N LYS A 888 9.66 -4.71 55.25
CA LYS A 888 9.30 -5.76 56.20
C LYS A 888 8.42 -6.82 55.55
N ILE A 889 7.54 -6.42 54.63
CA ILE A 889 6.66 -7.37 53.97
C ILE A 889 7.44 -8.26 53.02
N ILE A 890 8.40 -7.69 52.29
CA ILE A 890 9.24 -8.50 51.42
C ILE A 890 10.07 -9.48 52.23
N ALA A 891 10.65 -9.02 53.34
CA ALA A 891 11.49 -9.88 54.17
C ALA A 891 10.71 -11.05 54.75
N GLU A 892 9.49 -10.79 55.23
CA GLU A 892 8.66 -11.88 55.74
C GLU A 892 8.26 -12.84 54.63
N GLU A 893 8.04 -12.31 53.42
CA GLU A 893 7.66 -13.18 52.30
C GLU A 893 8.85 -13.92 51.72
N LYS A 894 10.06 -13.35 51.83
CA LYS A 894 11.27 -14.11 51.52
C LYS A 894 11.46 -15.25 52.51
N MET A 895 10.83 -15.18 53.68
CA MET A 895 10.99 -16.16 54.74
C MET A 895 10.05 -17.34 54.60
N ARG A 896 8.85 -17.13 54.08
CA ARG A 896 7.94 -18.24 53.83
C ARG A 896 8.25 -18.93 52.52
N LEU A 897 9.00 -18.27 51.63
CA LEU A 897 9.59 -18.89 50.45
C LEU A 897 10.85 -19.66 50.78
N LYS A 898 11.28 -19.65 52.05
CA LYS A 898 12.38 -20.46 52.55
C LYS A 898 11.88 -21.73 53.23
N GLU A 899 10.90 -21.61 54.12
CA GLU A 899 10.29 -22.73 54.82
C GLU A 899 9.36 -23.56 53.91
N GLN A 900 9.40 -23.30 52.60
CA GLN A 900 8.93 -24.24 51.58
C GLN A 900 9.92 -24.11 50.41
N ASN A 901 10.95 -24.95 50.44
CA ASN A 901 12.06 -24.84 49.49
C ASN A 901 11.79 -25.69 48.24
N ALA A 902 10.65 -25.43 47.63
CA ALA A 902 10.27 -26.07 46.38
C ALA A 902 10.52 -25.10 45.22
N ALA A 903 9.91 -25.37 44.07
CA ALA A 903 10.06 -24.54 42.88
C ALA A 903 11.50 -24.45 42.44
N PHE A 904 11.95 -25.44 41.66
CA PHE A 904 13.21 -25.37 40.92
C PHE A 904 12.97 -25.67 39.45
N PRO A 905 12.18 -24.85 38.76
CA PRO A 905 11.93 -25.09 37.35
C PRO A 905 12.44 -23.93 36.51
N PRO A 906 13.75 -23.74 36.40
CA PRO A 906 14.25 -22.72 35.47
C PRO A 906 13.98 -23.16 34.05
N LEU A 907 13.09 -22.43 33.36
CA LEU A 907 12.58 -22.85 32.06
C LEU A 907 13.73 -23.17 31.12
N GLU A 908 13.48 -24.10 30.20
CA GLU A 908 14.46 -24.47 29.18
C GLU A 908 14.37 -23.49 28.02
N ARG A 909 15.51 -22.96 27.61
CA ARG A 909 15.58 -21.95 26.56
C ARG A 909 15.42 -22.61 25.20
N LYS A 910 14.49 -22.10 24.39
CA LYS A 910 14.36 -22.53 23.01
C LYS A 910 13.94 -21.33 22.15
N PRO A 911 14.56 -21.16 20.99
CA PRO A 911 14.45 -19.89 20.27
C PRO A 911 13.08 -19.69 19.63
N PHE A 912 12.72 -18.42 19.47
CA PHE A 912 11.51 -18.06 18.74
C PHE A 912 11.75 -18.18 17.24
N ILE A 913 10.73 -18.63 16.52
CA ILE A 913 10.81 -18.92 15.10
C ILE A 913 9.91 -17.94 14.36
N PRO A 914 10.37 -17.34 13.27
CA PRO A 914 9.48 -16.50 12.46
C PRO A 914 8.26 -17.30 11.99
N LYS A 915 7.07 -16.77 12.27
CA LYS A 915 5.82 -17.43 11.93
C LYS A 915 5.19 -16.92 10.64
N LYS A 916 5.82 -15.95 9.98
CA LYS A 916 5.46 -15.54 8.64
C LYS A 916 6.71 -15.00 7.97
N PRO A 917 6.74 -14.90 6.65
CA PRO A 917 7.92 -14.35 5.98
C PRO A 917 8.28 -12.98 6.54
N ILE A 918 9.56 -12.76 6.75
CA ILE A 918 10.05 -11.48 7.26
C ILE A 918 9.69 -10.41 6.24
N PRO A 919 8.93 -9.39 6.63
CA PRO A 919 8.52 -8.37 5.66
C PRO A 919 9.72 -7.70 5.01
N ALA A 920 9.52 -7.27 3.76
CA ALA A 920 10.49 -6.43 3.08
C ALA A 920 10.12 -4.96 3.28
N ILE A 921 11.00 -4.08 2.81
CA ILE A 921 10.71 -2.66 2.89
C ILE A 921 9.43 -2.33 2.13
N LYS A 922 9.13 -3.08 1.07
CA LYS A 922 7.90 -2.85 0.32
C LYS A 922 6.66 -3.31 1.07
N ASP A 923 6.79 -4.17 2.07
CA ASP A 923 5.65 -4.66 2.84
C ASP A 923 5.19 -3.69 3.92
N VAL A 924 5.95 -2.62 4.16
CA VAL A 924 5.60 -1.66 5.19
C VAL A 924 5.39 -0.26 4.64
N ILE A 925 5.80 0.03 3.41
CA ILE A 925 5.66 1.39 2.87
C ILE A 925 4.19 1.75 2.78
N GLY A 926 3.81 2.85 3.43
CA GLY A 926 2.47 3.38 3.37
C GLY A 926 1.44 2.69 4.25
N LYS A 927 1.85 1.71 5.06
CA LYS A 927 0.90 0.90 5.81
C LYS A 927 0.30 1.61 7.01
N ALA A 928 0.85 2.76 7.40
CA ALA A 928 0.25 3.55 8.46
C ALA A 928 -0.77 4.56 7.95
N LEU A 929 -0.79 4.81 6.64
CA LEU A 929 -1.57 5.91 6.10
C LEU A 929 -3.07 5.70 6.27
N GLN A 930 -3.51 4.46 6.41
CA GLN A 930 -4.94 4.18 6.56
C GLN A 930 -5.50 4.61 7.91
N TYR A 931 -4.63 4.91 8.88
CA TYR A 931 -5.09 5.44 10.16
C TYR A 931 -5.34 6.94 10.11
N LEU A 932 -4.70 7.65 9.18
CA LEU A 932 -4.97 9.07 9.02
C LEU A 932 -6.36 9.29 8.45
N GLY A 933 -6.97 10.39 8.85
CA GLY A 933 -8.24 10.79 8.28
C GLY A 933 -8.54 12.23 8.63
N THR A 934 -9.71 12.68 8.23
CA THR A 934 -10.20 13.96 8.71
C THR A 934 -10.56 13.84 10.19
N PHE A 935 -10.77 14.99 10.84
CA PHE A 935 -11.15 14.95 12.25
C PHE A 935 -12.52 14.30 12.43
N GLY A 936 -13.41 14.45 11.45
CA GLY A 936 -14.72 13.84 11.55
C GLY A 936 -14.68 12.33 11.58
N GLU A 937 -13.67 11.73 10.95
CA GLU A 937 -13.52 10.28 10.99
C GLU A 937 -13.08 9.78 12.37
N LEU A 938 -12.77 10.68 13.30
CA LEU A 938 -12.40 10.29 14.64
C LEU A 938 -13.64 10.13 15.50
N SER A 939 -13.66 9.06 16.31
CA SER A 939 -14.82 8.75 17.13
C SER A 939 -14.76 9.54 18.44
N ASN A 940 -15.76 10.37 18.68
CA ASN A 940 -15.91 11.00 19.99
C ASN A 940 -16.74 10.17 20.96
N ILE A 941 -17.31 9.05 20.49
CA ILE A 941 -18.03 8.14 21.38
C ILE A 941 -17.06 7.29 22.17
N GLU A 942 -15.87 7.01 21.63
CA GLU A 942 -14.87 6.18 22.30
C GLU A 942 -13.87 7.10 22.99
N GLN A 943 -14.25 7.56 24.17
CA GLN A 943 -13.40 8.40 24.99
C GLN A 943 -12.60 7.55 25.96
N VAL A 944 -11.43 8.06 26.35
CA VAL A 944 -10.54 7.36 27.26
C VAL A 944 -10.33 8.21 28.52
N VAL A 945 -9.79 7.57 29.56
CA VAL A 945 -9.39 8.23 30.78
C VAL A 945 -8.00 7.73 31.18
N ALA A 946 -7.26 8.58 31.86
CA ALA A 946 -5.94 8.20 32.35
C ALA A 946 -6.06 7.31 33.58
N VAL A 947 -5.12 6.38 33.72
CA VAL A 947 -5.05 5.53 34.89
C VAL A 947 -3.57 5.39 35.27
N ILE A 948 -3.29 5.40 36.56
CA ILE A 948 -1.93 5.52 37.07
C ILE A 948 -1.54 4.24 37.79
N ASP A 949 -0.31 3.78 37.53
CA ASP A 949 0.25 2.58 38.16
C ASP A 949 1.11 3.03 39.33
N GLU A 950 0.55 3.00 40.53
CA GLU A 950 1.23 3.57 41.69
C GLU A 950 2.50 2.79 42.06
N GLU A 951 2.65 1.56 41.58
CA GLU A 951 3.89 0.83 41.81
C GLU A 951 5.04 1.42 41.00
N MET A 952 4.75 2.04 39.87
CA MET A 952 5.76 2.68 39.04
C MET A 952 5.90 4.18 39.32
N CYS A 953 4.95 4.78 40.03
CA CYS A 953 4.99 6.22 40.27
C CYS A 953 6.16 6.59 41.17
N ILE A 954 6.75 7.76 40.90
CA ILE A 954 7.84 8.28 41.72
C ILE A 954 7.43 9.55 42.47
N ASN A 955 6.13 9.84 42.53
CA ASN A 955 5.56 10.77 43.49
C ASN A 955 5.96 12.22 43.23
N CYS A 956 6.09 12.61 41.97
CA CYS A 956 6.46 13.98 41.64
C CYS A 956 5.25 14.90 41.47
N GLY A 957 4.06 14.36 41.25
CA GLY A 957 2.88 15.19 41.10
C GLY A 957 2.85 16.06 39.87
N LYS A 958 3.65 15.73 38.84
CA LYS A 958 3.61 16.51 37.60
C LYS A 958 2.26 16.36 36.90
N CYS A 959 1.77 15.12 36.80
CA CYS A 959 0.42 14.88 36.32
C CYS A 959 -0.58 15.74 37.07
N TYR A 960 -0.46 15.77 38.40
CA TYR A 960 -1.29 16.62 39.24
C TYR A 960 -1.22 18.08 38.79
N MET A 961 -0.02 18.62 38.67
CA MET A 961 0.12 20.03 38.30
C MET A 961 -0.40 20.28 36.89
N THR A 962 -0.02 19.43 35.93
CA THR A 962 -0.46 19.61 34.56
C THR A 962 -1.98 19.60 34.46
N CYS A 963 -2.64 18.69 35.18
CA CYS A 963 -4.09 18.63 35.10
C CYS A 963 -4.77 19.80 35.80
N ASN A 964 -4.08 20.45 36.75
CA ASN A 964 -4.68 21.57 37.47
C ASN A 964 -4.50 22.90 36.72
N ASP A 965 -3.30 23.17 36.23
CA ASP A 965 -3.00 24.43 35.58
C ASP A 965 -3.02 24.34 34.06
N SER A 966 -3.37 23.17 33.51
CA SER A 966 -3.53 23.02 32.07
C SER A 966 -4.64 22.04 31.73
N GLY A 967 -5.43 21.59 32.70
CA GLY A 967 -6.41 20.56 32.43
C GLY A 967 -7.73 20.73 33.14
N TYR A 968 -8.18 19.68 33.82
CA TYR A 968 -9.55 19.63 34.34
C TYR A 968 -9.59 19.35 35.84
N GLN A 969 -8.46 19.49 36.54
CA GLN A 969 -8.42 19.41 38.00
C GLN A 969 -8.94 18.06 38.49
N ALA A 970 -8.63 17.00 37.74
CA ALA A 970 -9.23 15.69 37.91
C ALA A 970 -8.35 14.69 38.65
N ILE A 971 -7.19 15.12 39.15
CA ILE A 971 -6.26 14.24 39.86
C ILE A 971 -6.21 14.65 41.32
N GLN A 972 -6.35 13.67 42.21
CA GLN A 972 -6.10 13.85 43.62
C GLN A 972 -4.67 13.44 43.93
N PHE A 973 -3.97 14.28 44.70
CA PHE A 973 -2.59 14.02 45.09
C PHE A 973 -2.57 13.92 46.61
N ASP A 974 -2.49 12.69 47.12
CA ASP A 974 -2.55 12.46 48.56
C ASP A 974 -1.40 13.19 49.25
N PRO A 975 -1.68 13.99 50.29
CA PRO A 975 -0.63 14.81 50.88
C PRO A 975 0.37 14.07 51.75
N GLU A 976 0.09 12.81 52.11
CA GLU A 976 1.01 12.04 52.94
C GLU A 976 1.75 10.95 52.20
N THR A 977 1.19 10.42 51.11
CA THR A 977 1.87 9.43 50.30
C THR A 977 2.36 9.97 48.97
N HIS A 978 1.93 11.17 48.57
CA HIS A 978 2.27 11.75 47.28
C HIS A 978 1.95 10.78 46.15
N LEU A 979 0.79 10.14 46.24
CA LEU A 979 0.33 9.19 45.23
C LEU A 979 -0.84 9.80 44.48
N PRO A 980 -0.74 10.00 43.17
CA PRO A 980 -1.86 10.56 42.41
C PRO A 980 -2.92 9.51 42.11
N THR A 981 -4.15 9.98 41.95
CA THR A 981 -5.28 9.11 41.63
C THR A 981 -6.22 9.85 40.69
N VAL A 982 -6.44 9.29 39.51
CA VAL A 982 -7.32 9.91 38.52
C VAL A 982 -8.77 9.71 38.95
N THR A 983 -9.50 10.81 39.09
CA THR A 983 -10.92 10.74 39.40
C THR A 983 -11.72 10.70 38.10
N ASP A 984 -13.05 10.76 38.21
CA ASP A 984 -13.93 10.52 37.07
C ASP A 984 -14.19 11.75 36.23
N THR A 985 -13.83 12.94 36.71
CA THR A 985 -13.94 14.12 35.86
C THR A 985 -12.90 14.13 34.75
N CYS A 986 -12.06 13.09 34.67
CA CYS A 986 -11.06 12.96 33.61
C CYS A 986 -11.72 13.02 32.24
N THR A 987 -11.21 13.90 31.37
CA THR A 987 -11.68 13.99 30.00
C THR A 987 -10.81 13.23 29.02
N GLY A 988 -9.68 12.69 29.47
CA GLY A 988 -8.81 11.94 28.59
C GLY A 988 -7.91 12.78 27.71
N CYS A 989 -7.66 14.04 28.09
CA CYS A 989 -6.82 14.91 27.27
C CYS A 989 -5.41 14.37 27.09
N THR A 990 -4.94 13.52 28.00
CA THR A 990 -3.69 12.76 27.96
C THR A 990 -2.48 13.63 28.31
N LEU A 991 -2.69 14.88 28.72
CA LEU A 991 -1.56 15.75 29.03
C LEU A 991 -0.70 15.17 30.14
N CYS A 992 -1.35 14.60 31.17
CA CYS A 992 -0.62 14.03 32.30
C CYS A 992 0.37 12.96 31.83
N LEU A 993 -0.12 12.01 31.02
CA LEU A 993 0.77 10.99 30.46
C LEU A 993 1.93 11.62 29.70
N SER A 994 1.67 12.70 28.98
CA SER A 994 2.71 13.35 28.18
C SER A 994 3.84 13.89 29.05
N VAL A 995 3.55 14.24 30.30
CA VAL A 995 4.55 14.81 31.19
C VAL A 995 5.05 13.83 32.24
N CYS A 996 4.42 12.67 32.38
CA CYS A 996 4.91 11.69 33.35
C CYS A 996 6.33 11.25 32.97
N PRO A 997 7.27 11.26 33.93
CA PRO A 997 8.64 10.84 33.61
C PRO A 997 8.85 9.35 33.59
N ILE A 998 7.93 8.57 34.15
CA ILE A 998 8.03 7.11 34.21
C ILE A 998 7.27 6.54 33.03
N ILE A 999 7.97 5.82 32.15
CA ILE A 999 7.37 5.32 30.92
C ILE A 999 6.31 4.28 31.26
N ASP A 1000 5.10 4.49 30.73
CA ASP A 1000 3.95 3.60 30.90
C ASP A 1000 3.46 3.55 32.33
N CYS A 1001 3.71 4.60 33.12
CA CYS A 1001 3.11 4.68 34.44
C CYS A 1001 1.65 5.09 34.34
N ILE A 1002 1.37 6.16 33.60
CA ILE A 1002 0.00 6.56 33.28
C ILE A 1002 -0.41 5.88 31.99
N ARG A 1003 -1.63 5.37 31.94
CA ARG A 1003 -2.12 4.65 30.77
C ARG A 1003 -3.53 5.12 30.43
N MET A 1004 -3.78 5.29 29.13
CA MET A 1004 -5.08 5.74 28.64
C MET A 1004 -5.93 4.52 28.33
N VAL A 1005 -7.06 4.38 29.03
CA VAL A 1005 -7.91 3.22 28.91
C VAL A 1005 -9.33 3.65 28.59
N SER A 1006 -10.09 2.73 28.01
CA SER A 1006 -11.47 3.01 27.64
C SER A 1006 -12.27 3.46 28.84
N ARG A 1007 -13.05 4.53 28.67
CA ARG A 1007 -13.88 5.05 29.73
C ARG A 1007 -15.12 4.19 29.92
N THR A 1008 -15.40 3.83 31.16
CA THR A 1008 -16.55 2.98 31.48
C THR A 1008 -17.74 3.76 32.04
N THR A 1009 -17.49 4.90 32.68
CA THR A 1009 -18.58 5.70 33.26
C THR A 1009 -19.02 6.79 32.30
N PRO A 1010 -20.34 7.01 32.21
CA PRO A 1010 -20.89 8.03 31.29
C PRO A 1010 -20.09 9.33 31.22
N TYR A 1011 -19.98 9.86 30.00
CA TYR A 1011 -19.17 11.04 29.71
C TYR A 1011 -20.08 12.19 29.29
N GLU A 1012 -19.95 13.32 29.97
CA GLU A 1012 -20.63 14.55 29.58
C GLU A 1012 -19.58 15.64 29.43
N PRO A 1013 -19.35 16.14 28.22
CA PRO A 1013 -18.39 17.24 28.04
C PRO A 1013 -18.73 18.41 28.94
N LYS A 1014 -17.68 19.08 29.41
CA LYS A 1014 -17.84 20.23 30.30
C LYS A 1014 -18.21 21.44 29.46
N ARG A 1015 -19.45 21.91 29.60
CA ARG A 1015 -19.95 23.01 28.78
C ARG A 1015 -20.03 24.34 29.53
N GLY A 1016 -19.90 24.33 30.85
CA GLY A 1016 -19.91 25.57 31.61
C GLY A 1016 -21.30 26.14 31.88
N LEU A 1017 -21.98 26.58 30.82
CA LEU A 1017 -23.34 27.11 30.86
C LEU A 1017 -23.67 27.95 32.10
N PRO B 3 43.28 14.46 -11.50
CA PRO B 3 43.41 13.47 -10.44
C PRO B 3 42.09 12.84 -10.08
N VAL B 4 42.06 12.06 -9.00
CA VAL B 4 40.85 11.42 -8.51
C VAL B 4 40.27 12.35 -7.45
N LEU B 5 39.19 13.07 -7.80
CA LEU B 5 38.63 14.07 -6.91
C LEU B 5 37.87 13.46 -5.75
N SER B 6 37.23 12.31 -5.95
CA SER B 6 36.47 11.63 -4.91
C SER B 6 37.35 10.76 -4.02
N LYS B 7 38.52 11.26 -3.64
CA LYS B 7 39.46 10.48 -2.85
C LYS B 7 40.42 11.43 -2.14
N ASP B 8 40.72 11.12 -0.88
CA ASP B 8 41.53 12.00 -0.07
C ASP B 8 43.00 11.91 -0.46
N VAL B 9 43.65 13.07 -0.54
CA VAL B 9 45.11 13.09 -0.61
C VAL B 9 45.68 12.58 0.71
N ALA B 10 46.95 12.15 0.66
CA ALA B 10 47.53 11.43 1.79
C ALA B 10 47.51 12.27 3.06
N ASP B 11 47.78 13.57 2.94
CA ASP B 11 47.76 14.44 4.11
C ASP B 11 46.38 14.44 4.78
N ILE B 12 45.32 14.42 3.98
CA ILE B 12 43.97 14.36 4.55
C ILE B 12 43.63 12.93 4.97
N GLU B 13 44.22 11.91 4.33
CA GLU B 13 44.10 10.56 4.85
C GLU B 13 44.72 10.45 6.25
N SER B 14 45.76 11.25 6.52
CA SER B 14 46.40 11.22 7.83
C SER B 14 45.57 11.94 8.87
N ILE B 15 44.98 13.09 8.51
CA ILE B 15 44.11 13.80 9.42
C ILE B 15 42.96 12.91 9.88
N LEU B 16 42.50 12.01 9.00
CA LEU B 16 41.36 11.13 9.27
C LEU B 16 41.78 9.82 9.94
N ALA B 17 42.95 9.77 10.58
CA ALA B 17 43.43 8.50 11.13
C ALA B 17 42.55 8.00 12.25
N LEU B 18 42.03 8.89 13.08
CA LEU B 18 41.23 8.54 14.24
C LEU B 18 39.73 8.61 13.98
N ASN B 19 39.31 8.94 12.76
CA ASN B 19 37.89 8.99 12.46
C ASN B 19 37.29 7.59 12.52
N PRO B 20 36.07 7.44 13.02
CA PRO B 20 35.50 6.10 13.18
C PRO B 20 35.16 5.46 11.84
N ARG B 21 35.35 4.14 11.79
CA ARG B 21 35.01 3.36 10.61
C ARG B 21 34.28 2.10 11.06
N THR B 22 33.30 1.68 10.26
CA THR B 22 32.55 0.47 10.56
C THR B 22 33.47 -0.75 10.50
N GLN B 23 33.36 -1.62 11.49
CA GLN B 23 34.27 -2.73 11.67
C GLN B 23 33.68 -4.03 11.12
N SER B 24 34.55 -4.83 10.49
CA SER B 24 34.16 -6.10 9.91
C SER B 24 34.63 -7.30 10.73
N HIS B 25 35.49 -7.08 11.73
CA HIS B 25 36.05 -8.17 12.52
C HIS B 25 36.08 -7.76 13.98
N ALA B 26 36.14 -8.76 14.85
CA ALA B 26 36.43 -8.53 16.27
C ALA B 26 37.93 -8.33 16.46
N ALA B 27 38.29 -7.51 17.45
CA ALA B 27 39.64 -7.03 17.61
C ALA B 27 40.49 -7.96 18.47
N LEU B 28 41.79 -8.00 18.18
CA LEU B 28 42.75 -8.79 18.95
C LEU B 28 43.60 -7.85 19.79
N HIS B 29 43.48 -7.95 21.11
CA HIS B 29 44.32 -7.20 22.03
C HIS B 29 44.55 -8.06 23.26
N SER B 30 45.81 -8.42 23.51
CA SER B 30 46.12 -9.29 24.63
C SER B 30 45.71 -8.62 25.95
N THR B 31 45.50 -9.47 26.97
CA THR B 31 45.15 -8.96 28.29
C THR B 31 46.30 -8.15 28.89
N LEU B 32 47.54 -8.56 28.66
CA LEU B 32 48.68 -7.81 29.16
C LEU B 32 48.73 -6.43 28.53
N ALA B 33 48.67 -6.35 27.20
CA ALA B 33 48.72 -5.06 26.52
C ALA B 33 47.61 -4.14 27.00
N LYS B 34 46.43 -4.69 27.28
CA LYS B 34 45.33 -3.88 27.79
C LYS B 34 45.67 -3.28 29.15
N LYS B 35 46.39 -4.02 29.99
CA LYS B 35 46.76 -3.48 31.30
C LYS B 35 47.71 -2.29 31.16
N LEU B 36 48.70 -2.39 30.27
CA LEU B 36 49.63 -1.29 30.10
C LEU B 36 48.98 -0.10 29.40
N ASP B 37 47.99 -0.35 28.54
CA ASP B 37 47.34 0.73 27.84
C ASP B 37 46.28 1.42 28.68
N LYS B 38 45.82 0.78 29.75
CA LYS B 38 44.75 1.36 30.56
C LYS B 38 45.22 2.58 31.33
N LYS B 39 46.44 2.53 31.86
CA LYS B 39 46.97 3.63 32.66
C LYS B 39 47.18 4.90 31.86
N HIS B 40 47.12 4.85 30.53
CA HIS B 40 47.32 6.04 29.72
C HIS B 40 46.05 6.89 29.62
N TRP B 41 44.88 6.27 29.71
CA TRP B 41 43.61 6.97 29.58
C TRP B 41 42.88 7.14 30.90
N LYS B 42 43.45 6.66 32.01
CA LYS B 42 42.79 6.70 33.30
C LYS B 42 42.45 8.13 33.71
N ARG B 43 41.20 8.35 34.09
CA ARG B 43 40.73 9.66 34.54
C ARG B 43 40.53 9.74 36.04
N ASN B 44 40.30 8.62 36.71
CA ASN B 44 39.91 8.54 38.11
C ASN B 44 41.01 7.95 38.97
N PRO B 45 40.87 8.00 40.30
CA PRO B 45 41.84 7.35 41.19
C PRO B 45 42.01 5.88 40.86
N ASP B 46 43.26 5.42 40.94
CA ASP B 46 43.57 3.99 40.84
C ASP B 46 43.38 3.34 42.21
N LYS B 47 42.65 2.23 42.23
CA LYS B 47 42.38 1.50 43.47
C LYS B 47 43.66 0.83 43.96
N ASN B 48 44.72 0.94 43.16
CA ASN B 48 46.01 0.35 43.48
C ASN B 48 47.00 1.35 44.04
N CYS B 49 46.84 2.65 43.76
CA CYS B 49 47.72 3.67 44.31
C CYS B 49 47.33 3.93 45.76
N PHE B 50 48.21 3.57 46.69
CA PHE B 50 47.99 3.79 48.11
C PHE B 50 48.59 5.11 48.59
N HIS B 51 49.38 5.79 47.76
CA HIS B 51 50.08 6.99 48.15
C HIS B 51 49.16 8.20 48.03
N CYS B 52 48.99 8.92 49.13
CA CYS B 52 48.30 10.21 49.08
C CYS B 52 49.06 11.18 48.17
N GLU B 53 48.31 11.95 47.40
CA GLU B 53 48.92 13.03 46.63
C GLU B 53 49.20 14.21 47.55
N LYS B 54 50.29 14.92 47.26
CA LYS B 54 50.72 16.03 48.10
C LYS B 54 49.69 17.15 48.05
N LEU B 55 49.10 17.46 49.21
CA LEU B 55 48.10 18.50 49.33
C LEU B 55 48.56 19.66 50.22
N GLU B 56 49.86 19.77 50.45
CA GLU B 56 50.37 20.79 51.36
C GLU B 56 50.08 22.19 50.81
N ASN B 57 49.47 23.02 51.66
CA ASN B 57 49.07 24.39 51.32
C ASN B 57 48.11 24.44 50.14
N ASN B 58 47.49 23.31 49.79
CA ASN B 58 46.49 23.26 48.73
C ASN B 58 45.12 23.42 49.37
N PHE B 59 44.52 24.59 49.23
CA PHE B 59 43.17 24.83 49.72
C PHE B 59 42.17 24.98 48.58
N ASP B 60 42.49 24.44 47.41
CA ASP B 60 41.57 24.47 46.29
C ASP B 60 40.31 23.67 46.62
N ASP B 61 39.19 24.07 46.00
CA ASP B 61 37.91 23.42 46.24
C ASP B 61 37.98 21.93 45.94
N ILE B 62 37.50 21.11 46.87
CA ILE B 62 37.52 19.67 46.70
C ILE B 62 36.09 19.10 46.76
N LYS B 63 35.08 19.94 46.64
CA LYS B 63 33.70 19.50 46.69
C LYS B 63 33.29 18.81 45.40
N HIS B 64 32.59 17.69 45.53
CA HIS B 64 32.05 16.99 44.38
C HIS B 64 30.75 17.58 43.88
N THR B 65 30.20 18.58 44.58
CA THR B 65 28.91 19.15 44.23
C THR B 65 29.02 20.48 43.50
N THR B 66 30.23 20.99 43.29
CA THR B 66 30.39 22.29 42.64
C THR B 66 30.03 22.19 41.17
N LEU B 67 29.19 23.12 40.69
CA LEU B 67 28.72 23.12 39.31
C LEU B 67 29.12 24.42 38.61
N GLY B 68 29.47 24.29 37.33
CA GLY B 68 29.52 25.43 36.44
C GLY B 68 28.20 25.57 35.68
N GLU B 69 28.13 26.62 34.85
CA GLU B 69 26.86 26.93 34.20
C GLU B 69 26.38 25.78 33.32
N ARG B 70 27.29 25.14 32.58
CA ARG B 70 26.90 24.04 31.71
C ARG B 70 26.42 22.84 32.52
N GLY B 71 27.14 22.52 33.60
CA GLY B 71 26.70 21.42 34.46
C GLY B 71 25.46 21.77 35.27
N ALA B 72 25.35 23.03 35.70
CA ALA B 72 24.19 23.44 36.46
C ALA B 72 22.93 23.42 35.60
N LEU B 73 23.03 23.89 34.35
CA LEU B 73 21.85 23.96 33.50
C LEU B 73 21.28 22.58 33.22
N ARG B 74 22.15 21.61 32.94
CA ARG B 74 21.68 20.24 32.75
C ARG B 74 20.94 19.73 33.98
N GLU B 75 21.52 19.95 35.17
CA GLU B 75 20.94 19.37 36.38
C GLU B 75 19.62 20.03 36.74
N ALA B 76 19.50 21.35 36.53
CA ALA B 76 18.23 22.02 36.81
C ALA B 76 17.15 21.59 35.82
N MET B 77 17.53 21.18 34.62
CA MET B 77 16.56 20.68 33.66
C MET B 77 16.13 19.27 34.00
N ARG B 78 17.03 18.47 34.57
CA ARG B 78 16.71 17.10 34.95
C ARG B 78 15.78 17.06 36.15
N CYS B 79 15.78 18.09 36.98
CA CYS B 79 14.87 18.14 38.12
C CYS B 79 13.43 18.13 37.64
N LEU B 80 12.62 17.25 38.23
CA LEU B 80 11.21 17.17 37.87
C LEU B 80 10.44 18.40 38.33
N LYS B 81 11.00 19.21 39.23
CA LYS B 81 10.33 20.38 39.78
C LYS B 81 8.95 19.99 40.33
N CYS B 82 9.00 19.26 41.46
CA CYS B 82 7.87 18.50 41.94
C CYS B 82 6.89 19.35 42.72
N ALA B 83 5.61 18.99 42.62
CA ALA B 83 4.60 19.58 43.48
C ALA B 83 4.79 19.11 44.90
N ASP B 84 4.52 20.00 45.86
CA ASP B 84 4.64 19.67 47.28
C ASP B 84 5.98 19.00 47.55
N ALA B 85 7.03 19.56 46.95
CA ALA B 85 8.31 18.85 46.79
C ALA B 85 8.81 18.31 48.13
N PRO B 86 9.18 17.04 48.19
CA PRO B 86 9.71 16.49 49.45
C PRO B 86 11.09 17.00 49.78
N CYS B 87 11.88 17.42 48.78
CA CYS B 87 13.17 18.03 49.06
C CYS B 87 13.01 19.29 49.90
N GLN B 88 11.96 20.07 49.63
CA GLN B 88 11.72 21.29 50.40
C GLN B 88 11.23 20.97 51.81
N LYS B 89 10.35 19.97 51.94
CA LYS B 89 9.92 19.54 53.27
C LYS B 89 11.07 19.07 54.12
N SER B 90 12.18 18.66 53.50
CA SER B 90 13.37 18.21 54.21
C SER B 90 14.43 19.30 54.35
N CYS B 91 14.23 20.46 53.73
CA CYS B 91 15.12 21.57 53.96
C CYS B 91 14.70 22.29 55.25
N PRO B 92 15.58 22.42 56.23
CA PRO B 92 15.18 23.08 57.49
C PRO B 92 14.67 24.50 57.31
N THR B 93 15.21 25.27 56.36
CA THR B 93 14.74 26.62 56.12
C THR B 93 13.60 26.68 55.11
N HIS B 94 13.03 25.52 54.74
CA HIS B 94 11.88 25.45 53.83
C HIS B 94 12.13 26.19 52.52
N LEU B 95 13.34 26.03 51.97
CA LEU B 95 13.65 26.64 50.70
C LEU B 95 12.76 26.09 49.61
N ASP B 96 12.20 26.98 48.79
CA ASP B 96 11.39 26.55 47.65
C ASP B 96 12.36 26.09 46.58
N ILE B 97 12.72 24.80 46.65
CA ILE B 97 13.69 24.25 45.73
C ILE B 97 13.12 24.16 44.32
N LYS B 98 11.85 23.78 44.20
CA LYS B 98 11.23 23.66 42.88
C LYS B 98 11.28 24.98 42.12
N SER B 99 11.06 26.09 42.81
CA SER B 99 11.01 27.38 42.12
C SER B 99 12.40 27.87 41.73
N PHE B 100 13.34 27.88 42.68
CA PHE B 100 14.67 28.38 42.36
C PHE B 100 15.39 27.46 41.38
N ILE B 101 15.04 26.17 41.33
CA ILE B 101 15.65 25.31 40.32
C ILE B 101 15.00 25.53 38.96
N THR B 102 13.69 25.75 38.94
CA THR B 102 13.02 26.14 37.70
C THR B 102 13.67 27.38 37.10
N SER B 103 13.93 28.39 37.95
CA SER B 103 14.55 29.61 37.47
C SER B 103 15.93 29.36 36.90
N ILE B 104 16.72 28.48 37.54
CA ILE B 104 18.02 28.12 36.99
C ILE B 104 17.86 27.48 35.62
N SER B 105 16.89 26.59 35.48
CA SER B 105 16.67 25.93 34.20
C SER B 105 16.35 26.94 33.11
N ASN B 106 15.71 28.04 33.46
CA ASN B 106 15.41 29.13 32.53
C ASN B 106 16.51 30.19 32.52
N LYS B 107 17.70 29.86 32.98
CA LYS B 107 18.86 30.76 33.02
C LYS B 107 18.62 32.02 33.84
N ASN B 108 17.56 32.05 34.64
CA ASN B 108 17.28 33.19 35.52
C ASN B 108 17.92 32.90 36.87
N TYR B 109 19.19 33.30 37.01
CA TYR B 109 19.93 33.00 38.22
C TYR B 109 19.63 33.99 39.33
N TYR B 110 19.25 35.22 38.99
CA TYR B 110 18.80 36.16 40.01
C TYR B 110 17.56 35.63 40.71
N GLY B 111 16.54 35.24 39.94
CA GLY B 111 15.33 34.72 40.53
C GLY B 111 15.57 33.53 41.44
N ALA B 112 16.51 32.66 41.04
CA ALA B 112 16.87 31.54 41.90
C ALA B 112 17.51 32.02 43.19
N ALA B 113 18.54 32.87 43.06
CA ALA B 113 19.23 33.37 44.23
C ALA B 113 18.28 34.15 45.13
N LYS B 114 17.47 35.04 44.55
CA LYS B 114 16.49 35.78 45.34
C LYS B 114 15.59 34.85 46.13
N MET B 115 15.15 33.75 45.51
CA MET B 115 14.31 32.80 46.21
C MET B 115 15.08 32.07 47.30
N ILE B 116 16.36 31.75 47.04
CA ILE B 116 17.19 31.07 48.04
C ILE B 116 17.39 31.97 49.25
N PHE B 117 17.84 33.21 49.02
CA PHE B 117 18.09 34.15 50.11
C PHE B 117 16.81 34.66 50.75
N SER B 118 15.64 34.37 50.16
CA SER B 118 14.38 34.76 50.77
C SER B 118 14.10 33.95 52.03
N ASP B 119 14.52 32.68 52.04
CA ASP B 119 14.33 31.83 53.21
C ASP B 119 15.62 31.53 53.97
N ASN B 120 16.78 31.74 53.34
CA ASN B 120 18.07 31.41 53.94
C ASN B 120 19.05 32.52 53.62
N PRO B 121 19.19 33.51 54.51
CA PRO B 121 20.17 34.58 54.28
C PRO B 121 21.60 34.08 54.11
N LEU B 122 21.89 32.82 54.43
CA LEU B 122 23.22 32.28 54.20
C LEU B 122 23.16 31.20 53.13
N GLY B 123 22.48 31.50 52.02
CA GLY B 123 22.18 30.48 51.04
C GLY B 123 23.40 30.00 50.26
N LEU B 124 24.34 30.91 49.99
CA LEU B 124 25.57 30.50 49.32
C LEU B 124 26.42 29.62 50.23
N THR B 125 26.49 29.96 51.52
CA THR B 125 27.19 29.11 52.48
C THR B 125 26.53 27.74 52.57
N CYS B 126 25.21 27.72 52.72
CA CYS B 126 24.50 26.45 52.89
C CYS B 126 24.63 25.56 51.67
N GLY B 127 24.42 26.13 50.47
CA GLY B 127 24.57 25.35 49.26
C GLY B 127 25.93 24.68 49.14
N MET B 128 26.90 25.21 49.87
CA MET B 128 28.26 24.68 49.86
C MET B 128 28.51 23.63 50.94
N VAL B 129 27.74 23.65 52.03
CA VAL B 129 28.04 22.80 53.18
C VAL B 129 26.82 22.00 53.65
N CYS B 130 25.63 22.30 53.08
CA CYS B 130 24.40 21.53 53.29
C CYS B 130 24.72 20.04 53.24
N PRO B 131 24.70 19.33 54.39
CA PRO B 131 24.85 17.87 54.34
C PRO B 131 23.62 17.24 53.72
N THR B 132 23.53 17.37 52.40
CA THR B 132 22.25 17.19 51.71
C THR B 132 21.69 15.79 51.87
N SER B 133 22.56 14.78 52.02
CA SER B 133 22.08 13.41 52.12
C SER B 133 21.20 13.22 53.35
N ASP B 134 21.48 13.94 54.43
CA ASP B 134 20.65 13.94 55.62
C ASP B 134 19.62 15.06 55.63
N LEU B 135 19.40 15.72 54.49
CA LEU B 135 18.47 16.83 54.44
C LEU B 135 17.62 16.79 53.18
N CYS B 136 17.81 17.77 52.30
CA CYS B 136 16.92 17.95 51.15
C CYS B 136 17.13 16.84 50.11
N VAL B 137 18.39 16.56 49.76
CA VAL B 137 18.66 15.52 48.78
C VAL B 137 18.28 14.14 49.31
N GLY B 138 18.17 13.99 50.63
CA GLY B 138 17.71 12.73 51.19
C GLY B 138 16.26 12.42 50.92
N GLY B 139 15.47 13.43 50.58
CA GLY B 139 14.05 13.24 50.32
C GLY B 139 13.66 13.48 48.89
N CYS B 140 14.63 13.54 47.98
CA CYS B 140 14.34 13.89 46.60
C CYS B 140 13.73 12.71 45.87
N ASN B 141 12.72 12.99 45.04
CA ASN B 141 12.02 11.92 44.32
C ASN B 141 12.94 11.24 43.31
N LEU B 142 13.80 11.99 42.66
CA LEU B 142 14.67 11.41 41.64
C LEU B 142 15.65 10.39 42.21
N TYR B 143 15.63 10.17 43.53
CA TYR B 143 16.37 9.04 44.09
C TYR B 143 15.85 7.72 43.54
N ALA B 144 14.54 7.59 43.39
CA ALA B 144 13.89 6.40 42.86
C ALA B 144 14.18 6.18 41.38
N THR B 145 15.05 6.95 40.75
CA THR B 145 15.49 6.68 39.38
C THR B 145 16.93 6.21 39.39
N GLU B 146 17.33 5.60 38.28
CA GLU B 146 18.69 5.05 38.19
C GLU B 146 19.74 6.14 38.20
N GLU B 147 19.42 7.35 37.73
CA GLU B 147 20.39 8.43 37.66
C GLU B 147 20.46 9.27 38.93
N GLY B 148 19.51 9.12 39.85
CA GLY B 148 19.71 9.52 41.23
C GLY B 148 19.13 10.89 41.56
N SER B 149 19.21 11.21 42.86
CA SER B 149 18.69 12.45 43.39
C SER B 149 19.37 13.65 42.74
N ILE B 150 18.80 14.83 42.96
CA ILE B 150 19.27 16.06 42.33
C ILE B 150 20.32 16.71 43.21
N ASN B 151 21.38 17.22 42.57
CA ASN B 151 22.43 17.96 43.27
C ASN B 151 21.89 19.32 43.68
N ILE B 152 21.15 19.34 44.79
CA ILE B 152 20.49 20.57 45.21
C ILE B 152 21.51 21.58 45.72
N GLY B 153 22.45 21.13 46.56
CA GLY B 153 23.45 22.04 47.09
C GLY B 153 24.28 22.70 45.99
N GLY B 154 24.57 21.96 44.92
CA GLY B 154 25.33 22.55 43.82
C GLY B 154 24.54 23.58 43.05
N LEU B 155 23.23 23.33 42.85
CA LEU B 155 22.40 24.30 42.15
C LEU B 155 22.19 25.55 42.99
N GLN B 156 21.99 25.38 44.30
CA GLN B 156 21.96 26.52 45.20
C GLN B 156 23.27 27.30 45.12
N GLN B 157 24.40 26.59 45.18
CA GLN B 157 25.70 27.26 45.17
C GLN B 157 25.89 28.05 43.89
N PHE B 158 25.55 27.46 42.74
CA PHE B 158 25.79 28.11 41.46
C PHE B 158 25.00 29.41 41.35
N ALA B 159 23.67 29.32 41.46
CA ALA B 159 22.83 30.51 41.37
C ALA B 159 23.27 31.56 42.38
N SER B 160 23.58 31.14 43.59
CA SER B 160 24.05 32.09 44.59
C SER B 160 25.41 32.67 44.22
N GLU B 161 26.25 31.87 43.57
CA GLU B 161 27.57 32.37 43.17
C GLU B 161 27.47 33.35 42.03
N VAL B 162 26.55 33.13 41.09
CA VAL B 162 26.34 34.08 40.02
C VAL B 162 25.82 35.40 40.57
N PHE B 163 24.85 35.33 41.49
CA PHE B 163 24.34 36.55 42.11
C PHE B 163 25.41 37.26 42.92
N LYS B 164 26.29 36.50 43.59
CA LYS B 164 27.44 37.10 44.23
C LYS B 164 28.24 37.94 43.25
N ALA B 165 28.46 37.40 42.05
CA ALA B 165 29.26 38.08 41.03
C ALA B 165 28.52 39.29 40.43
N MET B 166 27.20 39.33 40.53
CA MET B 166 26.47 40.48 40.04
C MET B 166 26.75 41.74 40.86
N ASN B 167 27.08 41.56 42.15
CA ASN B 167 27.35 42.67 43.07
C ASN B 167 26.13 43.57 43.20
N ILE B 168 25.02 42.95 43.58
CA ILE B 168 23.74 43.63 43.75
C ILE B 168 23.42 43.66 45.24
N PRO B 169 23.26 44.84 45.85
CA PRO B 169 23.00 44.89 47.29
C PRO B 169 21.60 44.42 47.62
N GLN B 170 21.43 44.02 48.89
CA GLN B 170 20.11 43.84 49.46
C GLN B 170 19.56 45.20 49.89
N ILE B 171 18.29 45.43 49.60
CA ILE B 171 17.65 46.68 49.99
C ILE B 171 16.66 46.41 51.11
N ARG B 172 16.30 47.50 51.80
CA ARG B 172 15.21 47.45 52.76
C ARG B 172 13.95 46.92 52.09
N ASN B 173 13.06 46.34 52.89
CA ASN B 173 11.76 45.90 52.40
C ASN B 173 11.05 47.08 51.74
N PRO B 174 10.85 47.05 50.42
CA PRO B 174 10.18 48.19 49.76
C PRO B 174 8.71 48.33 50.13
N CYS B 175 8.10 47.30 50.71
CA CYS B 175 6.74 47.42 51.23
C CYS B 175 6.68 48.17 52.55
N LEU B 176 7.82 48.40 53.19
CA LEU B 176 7.84 49.10 54.46
C LEU B 176 7.57 50.60 54.26
N PRO B 177 7.00 51.27 55.25
CA PRO B 177 6.98 52.73 55.24
C PRO B 177 8.39 53.29 55.33
N SER B 178 8.51 54.57 55.02
CA SER B 178 9.80 55.25 55.19
C SER B 178 10.20 55.24 56.65
N GLN B 179 11.52 55.27 56.89
CA GLN B 179 12.06 55.16 58.25
C GLN B 179 11.36 56.11 59.21
N GLU B 180 11.14 57.36 58.76
CA GLU B 180 10.52 58.37 59.62
C GLU B 180 9.12 57.94 60.05
N LYS B 181 8.33 57.37 59.14
CA LYS B 181 6.95 57.01 59.43
C LYS B 181 6.84 55.65 60.12
N MET B 182 7.96 55.04 60.52
CA MET B 182 7.88 53.75 61.18
C MET B 182 7.43 53.93 62.63
N PRO B 183 6.56 53.05 63.12
CA PRO B 183 6.19 53.08 64.55
C PRO B 183 7.42 53.03 65.44
N GLU B 184 7.34 53.71 66.59
CA GLU B 184 8.46 53.83 67.50
C GLU B 184 8.99 52.48 67.97
N ALA B 185 8.17 51.43 67.92
CA ALA B 185 8.61 50.11 68.39
C ALA B 185 9.78 49.59 67.56
N TYR B 186 9.77 49.82 66.26
CA TYR B 186 10.82 49.29 65.39
C TYR B 186 12.17 49.95 65.64
N SER B 187 12.22 51.02 66.41
CA SER B 187 13.48 51.63 66.82
C SER B 187 14.04 51.02 68.09
N ALA B 188 13.45 49.91 68.56
CA ALA B 188 13.90 49.27 69.78
C ALA B 188 15.33 48.76 69.63
N LYS B 189 16.12 48.95 70.69
CA LYS B 189 17.50 48.49 70.70
C LYS B 189 17.53 46.98 70.89
N ILE B 190 17.93 46.26 69.85
CA ILE B 190 18.00 44.80 69.87
C ILE B 190 19.47 44.38 69.94
N ALA B 191 19.76 43.40 70.80
CA ALA B 191 21.10 42.90 71.02
C ALA B 191 21.16 41.43 70.66
N LEU B 192 22.12 41.05 69.83
CA LEU B 192 22.37 39.66 69.47
C LEU B 192 23.81 39.33 69.84
N LEU B 193 23.99 38.21 70.52
CA LEU B 193 25.31 37.80 71.00
C LEU B 193 25.86 36.74 70.06
N GLY B 194 27.08 36.95 69.59
CA GLY B 194 27.71 36.04 68.66
C GLY B 194 27.40 36.42 67.22
N ALA B 195 28.43 36.45 66.39
CA ALA B 195 28.27 36.77 64.96
C ALA B 195 28.31 35.51 64.11
N GLY B 196 27.60 34.47 64.54
CA GLY B 196 27.53 33.24 63.80
C GLY B 196 26.28 33.16 62.95
N PRO B 197 26.11 32.06 62.23
CA PRO B 197 24.93 31.93 61.35
C PRO B 197 23.59 32.12 62.06
N ALA B 198 23.47 31.71 63.32
CA ALA B 198 22.21 31.87 64.03
C ALA B 198 21.83 33.34 64.15
N SER B 199 22.76 34.18 64.60
CA SER B 199 22.44 35.59 64.79
C SER B 199 22.33 36.33 63.46
N ILE B 200 23.16 35.96 62.48
CA ILE B 200 23.10 36.61 61.17
C ILE B 200 21.73 36.44 60.56
N SER B 201 21.19 35.22 60.61
CA SER B 201 19.84 34.98 60.12
C SER B 201 18.83 35.81 60.90
N CYS B 202 18.84 35.69 62.23
CA CYS B 202 17.90 36.43 63.06
C CYS B 202 18.06 37.94 62.87
N ALA B 203 19.31 38.42 62.78
CA ALA B 203 19.51 39.85 62.58
C ALA B 203 19.01 40.30 61.21
N SER B 204 19.11 39.42 60.20
CA SER B 204 18.63 39.77 58.87
C SER B 204 17.12 39.82 58.84
N PHE B 205 16.46 38.81 59.38
CA PHE B 205 15.00 38.77 59.34
C PHE B 205 14.38 39.84 60.22
N LEU B 206 15.05 40.22 61.30
CA LEU B 206 14.55 41.32 62.12
C LEU B 206 14.63 42.64 61.37
N ALA B 207 15.65 42.82 60.54
CA ALA B 207 15.78 44.04 59.76
C ALA B 207 14.78 44.09 58.61
N ARG B 208 14.43 42.94 58.03
CA ARG B 208 13.42 42.91 56.99
C ARG B 208 12.08 43.41 57.52
N LEU B 209 11.74 43.02 58.75
CA LEU B 209 10.48 43.46 59.36
C LEU B 209 10.45 44.96 59.58
N GLY B 210 11.60 45.61 59.70
CA GLY B 210 11.63 47.06 59.78
C GLY B 210 12.46 47.62 60.91
N TYR B 211 12.98 46.75 61.77
CA TYR B 211 13.74 47.22 62.92
C TYR B 211 15.03 47.89 62.47
N SER B 212 15.36 49.00 63.12
CA SER B 212 16.50 49.82 62.71
C SER B 212 17.68 49.73 63.67
N ASP B 213 17.45 49.50 64.95
CA ASP B 213 18.53 49.45 65.94
C ASP B 213 18.83 47.99 66.27
N ILE B 214 19.57 47.36 65.37
CA ILE B 214 19.99 45.97 65.53
C ILE B 214 21.51 45.96 65.68
N THR B 215 21.99 45.15 66.64
CA THR B 215 23.41 45.16 67.00
C THR B 215 23.84 43.75 67.34
N ILE B 216 24.89 43.28 66.66
CA ILE B 216 25.50 41.98 66.91
C ILE B 216 26.79 42.19 67.69
N PHE B 217 26.98 41.42 68.76
CA PHE B 217 28.14 41.53 69.62
C PHE B 217 28.98 40.26 69.49
N GLU B 218 30.14 40.38 68.84
CA GLU B 218 31.02 39.26 68.58
C GLU B 218 32.23 39.33 69.50
N LYS B 219 32.61 38.18 70.07
CA LYS B 219 33.72 38.14 71.02
C LYS B 219 35.06 38.35 70.31
N GLN B 220 35.23 37.77 69.13
CA GLN B 220 36.49 37.84 68.40
C GLN B 220 36.54 39.10 67.54
N GLU B 221 37.62 39.24 66.79
CA GLU B 221 37.77 40.33 65.84
C GLU B 221 37.40 39.94 64.42
N TYR B 222 37.00 38.68 64.20
CA TYR B 222 36.41 38.24 62.94
C TYR B 222 34.93 37.97 63.15
N VAL B 223 34.23 37.70 62.03
CA VAL B 223 32.81 37.38 62.07
C VAL B 223 32.56 36.13 61.25
N GLY B 224 31.40 35.52 61.47
CA GLY B 224 31.00 34.31 60.77
C GLY B 224 30.90 33.08 61.65
N GLY B 225 31.42 33.08 62.86
CA GLY B 225 31.31 31.89 63.69
C GLY B 225 32.21 30.77 63.20
N LEU B 226 31.66 29.56 63.20
CA LEU B 226 32.43 28.39 62.76
C LEU B 226 32.69 28.42 61.27
N SER B 227 31.82 29.10 60.50
CA SER B 227 32.02 29.17 59.05
C SER B 227 33.32 29.87 58.70
N THR B 228 33.77 30.80 59.55
CA THR B 228 35.07 31.44 59.37
C THR B 228 36.16 30.73 60.16
N SER B 229 35.90 30.39 61.42
CA SER B 229 36.95 29.93 62.32
C SER B 229 37.39 28.51 62.05
N GLU B 230 36.49 27.62 61.61
CA GLU B 230 36.86 26.21 61.61
C GLU B 230 36.54 25.47 60.32
N ILE B 231 35.42 25.78 59.67
CA ILE B 231 35.11 25.09 58.40
C ILE B 231 36.19 25.40 57.38
N PRO B 232 36.80 24.40 56.76
CA PRO B 232 38.01 24.65 55.96
C PRO B 232 37.73 25.46 54.70
N GLN B 233 38.78 26.15 54.25
CA GLN B 233 38.73 26.96 53.04
C GLN B 233 38.51 26.13 51.78
N PHE B 234 38.88 24.85 51.79
CA PHE B 234 38.63 24.03 50.62
C PHE B 234 37.22 23.47 50.58
N ARG B 235 36.35 23.85 51.51
CA ARG B 235 34.93 23.58 51.42
C ARG B 235 34.12 24.88 51.37
N LEU B 236 34.45 25.83 52.23
CA LEU B 236 33.74 27.10 52.33
C LEU B 236 34.75 28.24 52.32
N PRO B 237 34.96 28.90 51.18
CA PRO B 237 35.90 30.03 51.14
C PRO B 237 35.37 31.20 51.93
N TYR B 238 36.29 32.04 52.42
CA TYR B 238 35.89 33.15 53.26
C TYR B 238 35.12 34.20 52.47
N ASP B 239 35.50 34.44 51.20
CA ASP B 239 34.81 35.45 50.41
C ASP B 239 33.31 35.21 50.33
N VAL B 240 32.88 33.97 50.56
CA VAL B 240 31.45 33.66 50.66
C VAL B 240 30.88 34.20 51.97
N VAL B 241 31.58 33.95 53.08
CA VAL B 241 31.15 34.47 54.36
C VAL B 241 31.13 35.99 54.33
N ASN B 242 32.15 36.60 53.74
CA ASN B 242 32.18 38.05 53.58
C ASN B 242 30.98 38.52 52.76
N PHE B 243 30.61 37.77 51.73
CA PHE B 243 29.49 38.16 50.87
C PHE B 243 28.18 38.17 51.65
N GLU B 244 27.95 37.16 52.48
CA GLU B 244 26.70 37.10 53.23
C GLU B 244 26.64 38.15 54.32
N ILE B 245 27.78 38.51 54.90
CA ILE B 245 27.80 39.54 55.95
C ILE B 245 27.47 40.90 55.35
N GLU B 246 28.09 41.24 54.22
CA GLU B 246 27.83 42.52 53.58
C GLU B 246 26.35 42.66 53.21
N LEU B 247 25.69 41.55 52.89
CA LEU B 247 24.26 41.60 52.60
C LEU B 247 23.46 41.99 53.83
N MET B 248 23.77 41.38 54.97
CA MET B 248 23.10 41.75 56.21
C MET B 248 23.38 43.21 56.55
N LYS B 249 24.63 43.64 56.43
CA LYS B 249 24.98 45.03 56.70
C LYS B 249 24.19 46.00 55.85
N ASP B 250 23.83 45.60 54.62
CA ASP B 250 23.03 46.44 53.73
C ASP B 250 21.74 46.92 54.40
N LEU B 251 21.21 46.13 55.33
CA LEU B 251 19.98 46.48 56.02
C LEU B 251 20.23 47.30 57.29
N GLY B 252 21.45 47.76 57.50
CA GLY B 252 21.76 48.60 58.64
C GLY B 252 22.14 47.87 59.91
N VAL B 253 22.14 46.54 59.90
CA VAL B 253 22.55 45.80 61.09
C VAL B 253 23.96 46.19 61.47
N LYS B 254 24.18 46.40 62.77
CA LYS B 254 25.48 46.80 63.29
C LYS B 254 26.20 45.61 63.91
N ILE B 255 27.53 45.62 63.81
CA ILE B 255 28.39 44.58 64.36
C ILE B 255 29.51 45.26 65.14
N ILE B 256 29.62 44.93 66.42
CA ILE B 256 30.75 45.36 67.24
C ILE B 256 31.54 44.13 67.66
N CYS B 257 32.80 44.08 67.26
CA CYS B 257 33.69 42.99 67.62
C CYS B 257 34.44 43.32 68.91
N GLY B 258 34.89 42.27 69.57
CA GLY B 258 35.67 42.42 70.78
C GLY B 258 34.87 42.50 72.06
N LYS B 259 33.55 42.62 71.97
CA LYS B 259 32.68 42.63 73.15
C LYS B 259 32.07 41.26 73.32
N SER B 260 32.01 40.79 74.56
CA SER B 260 31.68 39.39 74.83
C SER B 260 30.59 39.27 75.88
N LEU B 261 29.75 38.26 75.71
CA LEU B 261 28.84 37.81 76.76
C LEU B 261 29.66 37.11 77.85
N SER B 262 29.90 37.82 78.94
CA SER B 262 30.69 37.32 80.07
C SER B 262 30.43 38.23 81.25
N GLU B 263 30.77 37.75 82.44
CA GLU B 263 30.43 38.50 83.64
C GLU B 263 31.27 39.77 83.78
N ASN B 264 32.44 39.84 83.17
CA ASN B 264 33.18 41.09 83.24
C ASN B 264 32.83 42.02 82.07
N GLU B 265 31.84 41.68 81.26
CA GLU B 265 31.45 42.52 80.14
C GLU B 265 29.94 42.53 79.93
N ILE B 266 29.46 41.84 78.90
CA ILE B 266 28.05 41.88 78.52
C ILE B 266 27.29 40.82 79.32
N THR B 267 26.39 41.26 80.19
CA THR B 267 25.47 40.40 80.90
C THR B 267 24.05 40.86 80.63
N LEU B 268 23.08 39.98 80.91
CA LEU B 268 21.68 40.35 80.73
C LEU B 268 21.31 41.55 81.60
N ASN B 269 21.91 41.64 82.79
CA ASN B 269 21.70 42.83 83.64
C ASN B 269 22.25 44.08 82.96
N THR B 270 23.46 43.99 82.42
CA THR B 270 24.04 45.14 81.71
C THR B 270 23.22 45.49 80.47
N LEU B 271 22.56 44.49 79.86
CA LEU B 271 21.72 44.77 78.71
C LEU B 271 20.43 45.47 79.13
N LYS B 272 19.75 44.95 80.16
CA LYS B 272 18.61 45.66 80.73
C LYS B 272 19.01 47.06 81.17
N GLU B 273 20.20 47.20 81.76
CA GLU B 273 20.65 48.51 82.24
C GLU B 273 20.83 49.48 81.08
N GLU B 274 21.46 49.03 79.99
CA GLU B 274 21.75 49.91 78.87
C GLU B 274 20.57 50.04 77.90
N GLY B 275 19.38 49.59 78.28
CA GLY B 275 18.17 49.90 77.56
C GLY B 275 17.76 48.96 76.45
N TYR B 276 18.51 47.88 76.21
CA TYR B 276 18.13 46.93 75.19
C TYR B 276 16.82 46.24 75.58
N LYS B 277 15.92 46.12 74.62
CA LYS B 277 14.57 45.62 74.88
C LYS B 277 14.40 44.15 74.51
N ALA B 278 15.36 43.54 73.83
CA ALA B 278 15.30 42.12 73.53
C ALA B 278 16.70 41.62 73.21
N ALA B 279 16.92 40.33 73.42
CA ALA B 279 18.25 39.74 73.24
C ALA B 279 18.13 38.37 72.58
N PHE B 280 19.14 38.04 71.77
CA PHE B 280 19.25 36.75 71.12
C PHE B 280 20.64 36.17 71.37
N ILE B 281 20.69 34.95 71.89
CA ILE B 281 21.94 34.29 72.26
C ILE B 281 22.32 33.33 71.14
N GLY B 282 23.38 33.67 70.40
CA GLY B 282 23.87 32.82 69.34
C GLY B 282 25.36 32.59 69.46
N ILE B 283 25.85 32.43 70.69
CA ILE B 283 27.28 32.26 70.91
C ILE B 283 27.76 30.86 70.62
N GLY B 284 26.87 29.92 70.31
CA GLY B 284 27.29 28.58 69.96
C GLY B 284 27.87 27.82 71.14
N LEU B 285 28.79 26.90 70.82
CA LEU B 285 29.50 26.06 71.80
C LEU B 285 30.98 26.39 71.71
N PRO B 286 31.46 27.40 72.45
CA PRO B 286 32.82 27.91 72.22
C PRO B 286 33.94 27.04 72.77
N GLU B 287 33.65 26.04 73.60
CA GLU B 287 34.74 25.31 74.25
C GLU B 287 34.79 23.86 73.76
N PRO B 288 35.96 23.23 73.82
CA PRO B 288 36.08 21.85 73.36
C PRO B 288 35.74 20.83 74.43
N LYS B 289 35.30 19.65 73.97
CA LYS B 289 35.17 18.48 74.83
C LYS B 289 36.53 17.82 74.98
N THR B 290 37.16 18.01 76.14
CA THR B 290 38.47 17.45 76.40
C THR B 290 38.35 16.13 77.16
N ASP B 291 39.50 15.50 77.36
CA ASP B 291 39.60 14.31 78.21
C ASP B 291 40.67 14.54 79.26
N ASP B 292 40.54 13.80 80.36
CA ASP B 292 41.58 13.81 81.38
C ASP B 292 42.88 13.23 80.84
N ILE B 293 42.80 12.36 79.84
CA ILE B 293 43.98 11.77 79.22
C ILE B 293 44.95 12.82 78.68
N PHE B 294 44.48 14.03 78.40
CA PHE B 294 45.25 15.01 77.65
C PHE B 294 45.74 16.19 78.48
N GLN B 295 45.45 16.23 79.78
CA GLN B 295 45.72 17.44 80.55
C GLN B 295 47.20 17.75 80.57
N GLY B 296 47.53 19.03 80.40
CA GLY B 296 48.92 19.45 80.39
C GLY B 296 49.68 19.11 79.12
N LEU B 297 48.97 18.97 78.00
CA LEU B 297 49.59 18.71 76.70
C LEU B 297 49.39 19.93 75.82
N THR B 298 50.48 20.61 75.50
CA THR B 298 50.43 21.83 74.71
C THR B 298 50.36 21.49 73.22
N GLN B 299 50.23 22.53 72.40
CA GLN B 299 50.50 22.38 70.97
C GLN B 299 51.96 22.03 70.72
N ASP B 300 52.85 22.54 71.58
CA ASP B 300 54.28 22.31 71.43
C ASP B 300 54.67 20.86 71.64
N GLN B 301 53.82 20.05 72.26
CA GLN B 301 54.06 18.64 72.42
C GLN B 301 53.38 17.80 71.35
N GLY B 302 52.56 18.41 70.50
CA GLY B 302 51.86 17.70 69.45
C GLY B 302 50.39 17.47 69.70
N PHE B 303 49.80 18.06 70.74
CA PHE B 303 48.39 17.87 71.04
C PHE B 303 47.60 19.12 70.68
N TYR B 304 46.49 18.92 69.98
CA TYR B 304 45.51 19.97 69.71
C TYR B 304 44.12 19.43 70.03
N THR B 305 43.21 20.35 70.33
CA THR B 305 41.81 20.09 70.15
C THR B 305 41.37 20.72 68.83
N SER B 306 40.25 20.23 68.30
CA SER B 306 39.70 20.81 67.07
C SER B 306 39.52 22.31 67.22
N LYS B 307 39.12 22.76 68.41
CA LYS B 307 38.98 24.18 68.68
C LYS B 307 40.32 24.90 68.72
N ASP B 308 41.42 24.17 68.83
CA ASP B 308 42.73 24.78 68.70
C ASP B 308 43.27 24.67 67.28
N PHE B 309 43.30 23.45 66.73
CA PHE B 309 43.96 23.21 65.46
C PHE B 309 43.27 23.96 64.31
N LEU B 310 41.99 23.71 64.09
CA LEU B 310 41.32 24.27 62.92
C LEU B 310 41.35 25.80 62.85
N PRO B 311 41.24 26.56 63.94
CA PRO B 311 41.41 28.02 63.82
C PRO B 311 42.78 28.44 63.32
N LEU B 312 43.86 27.81 63.80
CA LEU B 312 45.19 28.13 63.27
C LEU B 312 45.27 27.91 61.78
N VAL B 313 44.60 26.85 61.28
CA VAL B 313 44.65 26.56 59.85
C VAL B 313 43.76 27.54 59.07
N ALA B 314 42.62 27.90 59.64
CA ALA B 314 41.75 28.88 58.99
C ALA B 314 42.36 30.28 59.04
N LYS B 315 42.92 30.66 60.19
CA LYS B 315 43.64 31.92 60.29
C LYS B 315 44.75 32.02 59.24
N SER B 316 45.30 30.89 58.83
CA SER B 316 46.44 30.85 57.92
C SER B 316 46.03 30.71 56.46
N SER B 317 44.81 30.25 56.18
CA SER B 317 44.38 30.02 54.82
C SER B 317 43.21 30.91 54.38
N LYS B 318 42.61 31.66 55.29
CA LYS B 318 41.46 32.51 54.97
C LYS B 318 41.91 33.96 55.03
N ALA B 319 42.37 34.48 53.88
CA ALA B 319 42.80 35.87 53.79
C ALA B 319 41.68 36.80 54.21
N GLY B 320 42.04 37.86 54.95
CA GLY B 320 41.08 38.82 55.44
C GLY B 320 40.30 38.40 56.66
N MET B 321 40.46 37.14 57.11
CA MET B 321 39.84 36.73 58.36
C MET B 321 40.51 37.42 59.55
N CYS B 322 41.82 37.64 59.47
CA CYS B 322 42.58 38.29 60.53
C CYS B 322 43.55 39.28 59.92
N ALA B 323 43.89 40.31 60.71
CA ALA B 323 44.97 41.20 60.30
C ALA B 323 46.32 40.48 60.37
N CYS B 324 46.58 39.80 61.49
CA CYS B 324 47.84 39.09 61.71
C CYS B 324 48.03 37.96 60.70
N HIS B 325 49.00 38.09 59.80
CA HIS B 325 49.40 36.98 58.95
C HIS B 325 49.91 35.83 59.83
N SER B 326 49.30 34.67 59.69
CA SER B 326 49.58 33.51 60.53
C SER B 326 50.14 32.37 59.68
N PRO B 327 50.91 31.46 60.30
CA PRO B 327 51.53 30.36 59.53
C PRO B 327 50.72 29.08 59.55
N LEU B 328 50.89 28.25 58.53
CA LEU B 328 50.31 26.92 58.50
C LEU B 328 50.96 26.07 59.59
N PRO B 329 50.19 25.54 60.54
CA PRO B 329 50.80 24.75 61.63
C PRO B 329 51.72 23.66 61.11
N SER B 330 52.95 23.65 61.62
CA SER B 330 53.94 22.68 61.20
C SER B 330 53.58 21.29 61.71
N ILE B 331 52.81 20.55 60.91
CA ILE B 331 52.36 19.20 61.24
C ILE B 331 53.19 18.23 60.40
N ARG B 332 54.11 17.52 61.05
CA ARG B 332 55.11 16.71 60.34
C ARG B 332 55.15 15.31 60.95
N GLY B 333 54.48 14.35 60.31
CA GLY B 333 54.55 12.98 60.76
C GLY B 333 53.22 12.26 60.79
N ALA B 334 53.10 11.30 61.70
CA ALA B 334 51.83 10.58 61.87
C ALA B 334 50.88 11.41 62.72
N VAL B 335 49.64 11.50 62.28
CA VAL B 335 48.63 12.36 62.91
C VAL B 335 47.43 11.51 63.26
N ILE B 336 47.08 11.47 64.54
CA ILE B 336 45.88 10.79 65.01
C ILE B 336 44.79 11.81 65.22
N VAL B 337 43.64 11.60 64.58
CA VAL B 337 42.47 12.44 64.77
C VAL B 337 41.42 11.60 65.49
N LEU B 338 41.05 12.05 66.69
CA LEU B 338 40.18 11.30 67.59
C LEU B 338 38.74 11.76 67.41
N GLY B 339 37.85 10.83 67.06
CA GLY B 339 36.45 11.12 66.87
C GLY B 339 35.98 10.76 65.48
N ALA B 340 34.69 11.01 65.25
CA ALA B 340 34.09 10.72 63.95
C ALA B 340 32.84 11.55 63.70
N GLY B 341 32.86 12.83 64.09
CA GLY B 341 31.81 13.76 63.71
C GLY B 341 32.20 14.55 62.47
N ASP B 342 31.37 15.55 62.16
CA ASP B 342 31.72 16.45 61.05
C ASP B 342 33.07 17.10 61.29
N THR B 343 33.44 17.34 62.56
CA THR B 343 34.68 18.02 62.87
C THR B 343 35.89 17.13 62.61
N ALA B 344 35.83 15.87 63.05
CA ALA B 344 36.99 14.99 62.98
C ALA B 344 37.54 14.88 61.56
N PHE B 345 36.65 14.80 60.58
CA PHE B 345 37.10 14.61 59.20
C PHE B 345 37.68 15.91 58.62
N ASP B 346 37.25 17.06 59.12
CA ASP B 346 37.88 18.32 58.72
C ASP B 346 39.29 18.41 59.26
N CYS B 347 39.49 17.98 60.52
CA CYS B 347 40.84 17.96 61.09
C CYS B 347 41.76 17.05 60.30
N ALA B 348 41.25 15.91 59.83
CA ALA B 348 42.06 14.99 59.04
C ALA B 348 42.44 15.62 57.70
N THR B 349 41.47 16.24 57.01
CA THR B 349 41.77 16.81 55.70
C THR B 349 42.65 18.05 55.83
N SER B 350 42.40 18.87 56.85
CA SER B 350 43.25 20.04 57.09
C SER B 350 44.66 19.64 57.52
N ALA B 351 44.82 18.45 58.11
CA ALA B 351 46.15 18.00 58.52
C ALA B 351 47.02 17.67 57.32
N LEU B 352 46.44 17.06 56.28
CA LEU B 352 47.20 16.81 55.06
C LEU B 352 47.62 18.11 54.39
N ARG B 353 46.82 19.17 54.54
CA ARG B 353 47.23 20.48 54.04
C ARG B 353 48.43 21.02 54.79
N CYS B 354 48.61 20.61 56.05
CA CYS B 354 49.70 21.07 56.88
C CYS B 354 50.97 20.23 56.71
N GLY B 355 50.97 19.27 55.79
CA GLY B 355 52.13 18.43 55.59
C GLY B 355 52.16 17.15 56.38
N ALA B 356 50.99 16.64 56.80
CA ALA B 356 50.96 15.36 57.47
C ALA B 356 51.43 14.26 56.54
N ARG B 357 52.28 13.37 57.07
CA ARG B 357 52.75 12.22 56.32
C ARG B 357 51.77 11.05 56.36
N ARG B 358 50.99 10.94 57.44
CA ARG B 358 50.04 9.85 57.63
C ARG B 358 48.97 10.33 58.59
N VAL B 359 47.71 10.11 58.25
CA VAL B 359 46.59 10.53 59.08
C VAL B 359 45.78 9.31 59.47
N PHE B 360 45.60 9.11 60.77
CA PHE B 360 44.78 8.03 61.31
C PHE B 360 43.55 8.63 61.97
N LEU B 361 42.38 8.24 61.50
CA LEU B 361 41.13 8.55 62.18
C LEU B 361 40.78 7.37 63.09
N VAL B 362 40.74 7.63 64.40
CA VAL B 362 40.43 6.61 65.39
C VAL B 362 39.14 7.00 66.09
N PHE B 363 38.18 6.07 66.14
CA PHE B 363 36.93 6.31 66.84
C PHE B 363 36.64 5.15 67.78
N ARG B 364 35.87 5.46 68.83
CA ARG B 364 35.60 4.51 69.91
C ARG B 364 34.55 3.46 69.54
N LYS B 365 33.94 3.57 68.38
CA LYS B 365 32.94 2.59 67.94
C LYS B 365 33.34 2.12 66.54
N GLY B 366 32.37 1.57 65.80
CA GLY B 366 32.62 1.02 64.49
C GLY B 366 32.21 1.95 63.36
N PHE B 367 32.32 1.43 62.14
CA PHE B 367 31.96 2.22 60.96
C PHE B 367 30.46 2.41 60.85
N VAL B 368 29.67 1.45 61.33
CA VAL B 368 28.23 1.57 61.33
C VAL B 368 27.74 2.65 62.27
N ASN B 369 28.63 3.26 63.07
CA ASN B 369 28.25 4.24 64.08
C ASN B 369 28.84 5.62 63.79
N ILE B 370 29.30 5.87 62.58
CA ILE B 370 29.95 7.14 62.26
C ILE B 370 28.89 8.23 62.12
N ARG B 371 28.96 9.24 62.98
CA ARG B 371 27.95 10.29 63.01
C ARG B 371 28.05 11.22 61.79
N ALA B 372 29.24 11.39 61.24
CA ALA B 372 29.40 12.30 60.10
C ALA B 372 28.68 11.75 58.87
N VAL B 373 28.52 12.61 57.88
CA VAL B 373 27.73 12.30 56.69
C VAL B 373 28.61 11.61 55.66
N PRO B 374 28.04 10.82 54.74
CA PRO B 374 28.86 10.16 53.71
C PRO B 374 29.61 11.13 52.83
N GLU B 375 29.09 12.35 52.65
CA GLU B 375 29.89 13.39 51.99
C GLU B 375 31.21 13.52 52.73
N GLU B 376 31.15 13.96 53.98
CA GLU B 376 32.34 14.22 54.78
C GLU B 376 33.32 13.06 54.76
N VAL B 377 32.81 11.84 54.98
CA VAL B 377 33.69 10.67 55.08
C VAL B 377 34.47 10.48 53.77
N GLU B 378 33.82 10.73 52.63
CA GLU B 378 34.46 10.45 51.35
C GLU B 378 35.70 11.30 51.13
N LEU B 379 35.65 12.57 51.54
CA LEU B 379 36.81 13.46 51.34
C LEU B 379 38.04 12.93 52.05
N ALA B 380 37.88 12.40 53.26
CA ALA B 380 39.02 11.80 53.95
C ALA B 380 39.38 10.46 53.33
N LYS B 381 38.38 9.69 52.93
CA LYS B 381 38.65 8.38 52.32
C LYS B 381 39.40 8.54 50.99
N GLU B 382 38.99 9.52 50.18
CA GLU B 382 39.66 9.73 48.89
C GLU B 382 40.98 10.48 49.02
N GLU B 383 41.30 10.99 50.21
CA GLU B 383 42.62 11.55 50.47
C GLU B 383 43.48 10.59 51.28
N LYS B 384 43.14 9.30 51.29
CA LYS B 384 43.96 8.20 51.79
C LYS B 384 44.12 8.20 53.31
N CYS B 385 43.25 8.91 54.04
CA CYS B 385 43.28 8.83 55.49
C CYS B 385 42.92 7.41 55.94
N GLU B 386 43.56 6.95 57.01
CA GLU B 386 43.34 5.62 57.53
C GLU B 386 42.34 5.66 58.67
N PHE B 387 41.46 4.66 58.71
CA PHE B 387 40.34 4.62 59.64
C PHE B 387 40.55 3.46 60.60
N LEU B 388 40.62 3.76 61.90
CA LEU B 388 40.82 2.74 62.92
C LEU B 388 39.59 2.66 63.79
N PRO B 389 38.84 1.56 63.77
CA PRO B 389 37.62 1.47 64.58
C PRO B 389 37.81 0.73 65.89
N PHE B 390 36.85 0.90 66.80
CA PHE B 390 36.78 0.11 68.04
C PHE B 390 38.02 0.32 68.91
N LEU B 391 38.35 1.58 69.16
CA LEU B 391 39.57 1.94 69.88
C LEU B 391 39.30 3.15 70.75
N SER B 392 39.49 2.98 72.07
CA SER B 392 39.35 4.07 73.04
C SER B 392 40.70 4.47 73.57
N PRO B 393 41.05 5.76 73.54
CA PRO B 393 42.38 6.17 74.00
C PRO B 393 42.51 6.05 75.51
N ARG B 394 43.62 5.48 75.94
CA ARG B 394 43.87 5.23 77.35
C ARG B 394 45.02 6.03 77.94
N LYS B 395 46.06 6.33 77.15
CA LYS B 395 47.18 7.10 77.66
C LYS B 395 47.99 7.63 76.48
N VAL B 396 48.58 8.81 76.65
CA VAL B 396 49.42 9.45 75.65
C VAL B 396 50.87 9.36 76.12
N ILE B 397 51.76 8.90 75.24
CA ILE B 397 53.16 8.66 75.56
C ILE B 397 53.96 9.90 75.15
N VAL B 398 54.53 10.58 76.14
CA VAL B 398 55.34 11.77 75.91
C VAL B 398 56.77 11.46 76.33
N LYS B 399 57.69 11.49 75.36
CA LYS B 399 59.11 11.25 75.59
C LYS B 399 59.90 12.45 75.08
N GLY B 400 60.67 13.07 75.97
CA GLY B 400 61.50 14.19 75.57
C GLY B 400 60.69 15.35 75.01
N GLY B 401 59.59 15.67 75.68
CA GLY B 401 58.85 16.88 75.39
C GLY B 401 57.88 16.82 74.23
N ARG B 402 57.71 15.67 73.60
CA ARG B 402 56.73 15.57 72.51
C ARG B 402 56.06 14.21 72.55
N ILE B 403 54.87 14.16 71.94
CA ILE B 403 54.12 12.92 71.82
C ILE B 403 54.85 11.98 70.86
N VAL B 404 54.93 10.71 71.23
CA VAL B 404 55.51 9.70 70.36
C VAL B 404 54.54 8.56 70.04
N ALA B 405 53.51 8.36 70.85
CA ALA B 405 52.54 7.30 70.59
C ALA B 405 51.30 7.57 71.44
N VAL B 406 50.23 6.85 71.11
CA VAL B 406 49.03 6.79 71.93
C VAL B 406 48.67 5.33 72.12
N GLN B 407 48.33 4.95 73.34
CA GLN B 407 47.90 3.60 73.64
C GLN B 407 46.37 3.56 73.67
N PHE B 408 45.80 2.58 72.99
CA PHE B 408 44.35 2.42 72.91
C PHE B 408 43.95 1.08 73.53
N VAL B 409 42.65 0.94 73.76
CA VAL B 409 42.06 -0.33 74.17
C VAL B 409 40.89 -0.62 73.24
N ARG B 410 40.64 -1.90 73.00
CA ARG B 410 39.62 -2.30 72.03
C ARG B 410 38.24 -2.28 72.68
N THR B 411 37.37 -1.45 72.13
CA THR B 411 35.98 -1.39 72.57
C THR B 411 35.15 -2.44 71.83
N GLU B 412 34.02 -2.82 72.42
CA GLU B 412 33.14 -3.78 71.77
C GLU B 412 31.73 -3.64 72.33
N GLN B 413 30.76 -4.12 71.55
CA GLN B 413 29.35 -4.06 71.91
C GLN B 413 28.91 -5.42 72.45
N ASP B 414 28.22 -5.41 73.58
CA ASP B 414 27.83 -6.66 74.23
C ASP B 414 26.41 -7.09 73.87
N GLU B 415 25.72 -7.72 74.81
CA GLU B 415 24.35 -8.18 74.57
C GLU B 415 23.35 -7.05 74.67
N THR B 416 23.51 -6.17 75.66
CA THR B 416 22.65 -4.99 75.77
C THR B 416 22.81 -4.06 74.56
N GLY B 417 23.96 -4.12 73.90
CA GLY B 417 24.39 -3.04 73.04
C GLY B 417 25.27 -2.03 73.74
N LYS B 418 25.50 -2.22 75.04
CA LYS B 418 26.39 -1.35 75.80
C LYS B 418 27.83 -1.54 75.33
N TRP B 419 28.63 -0.49 75.49
CA TRP B 419 30.01 -0.49 75.03
C TRP B 419 30.95 -0.75 76.19
N ASN B 420 31.76 -1.80 76.07
CA ASN B 420 32.74 -2.19 77.06
C ASN B 420 34.14 -1.95 76.51
N GLU B 421 35.07 -1.63 77.40
CA GLU B 421 36.49 -1.65 77.05
C GLU B 421 37.10 -2.97 77.51
N ASP B 422 38.04 -3.46 76.72
CA ASP B 422 38.80 -4.65 77.06
C ASP B 422 40.21 -4.19 77.40
N GLU B 423 40.48 -4.00 78.70
CA GLU B 423 41.78 -3.55 79.15
C GLU B 423 42.92 -4.43 78.65
N ASP B 424 42.62 -5.69 78.29
CA ASP B 424 43.60 -6.69 77.93
C ASP B 424 44.03 -6.63 76.47
N GLN B 425 43.41 -5.79 75.65
CA GLN B 425 43.67 -5.76 74.22
C GLN B 425 44.04 -4.34 73.84
N ILE B 426 45.31 -4.12 73.51
CA ILE B 426 45.88 -2.79 73.38
C ILE B 426 46.43 -2.58 71.98
N VAL B 427 46.68 -1.31 71.66
CA VAL B 427 47.34 -0.90 70.42
C VAL B 427 48.26 0.25 70.76
N HIS B 428 49.56 0.05 70.57
CA HIS B 428 50.56 1.09 70.81
C HIS B 428 50.83 1.80 69.48
N LEU B 429 50.11 2.90 69.26
CA LEU B 429 50.07 3.56 67.95
C LEU B 429 51.03 4.74 67.95
N LYS B 430 52.11 4.61 67.19
CA LYS B 430 53.07 5.70 67.05
C LYS B 430 52.41 6.93 66.43
N ALA B 431 52.71 8.10 66.98
CA ALA B 431 52.14 9.33 66.47
C ALA B 431 52.99 10.51 66.87
N ASP B 432 53.11 11.50 65.98
CA ASP B 432 53.78 12.74 66.29
C ASP B 432 52.81 13.84 66.72
N VAL B 433 51.52 13.69 66.41
CA VAL B 433 50.52 14.71 66.71
C VAL B 433 49.18 14.02 66.96
N VAL B 434 48.44 14.55 67.93
CA VAL B 434 47.09 14.10 68.26
C VAL B 434 46.14 15.28 68.20
N ILE B 435 44.97 15.08 67.59
CA ILE B 435 43.94 16.11 67.50
C ILE B 435 42.65 15.53 68.04
N SER B 436 42.22 16.00 69.21
CA SER B 436 40.95 15.58 69.77
C SER B 436 39.83 16.36 69.10
N ALA B 437 38.89 15.65 68.49
CA ALA B 437 37.72 16.26 67.89
C ALA B 437 36.47 15.65 68.47
N PHE B 438 36.31 15.78 69.79
CA PHE B 438 35.22 15.15 70.51
C PHE B 438 33.97 16.00 70.59
N GLY B 439 33.91 17.10 69.84
CA GLY B 439 32.79 18.01 69.88
C GLY B 439 33.11 19.30 70.60
N SER B 440 32.05 20.00 71.01
CA SER B 440 32.18 21.27 71.70
C SER B 440 31.13 21.37 72.80
N VAL B 441 31.42 22.22 73.79
CA VAL B 441 30.53 22.48 74.93
C VAL B 441 30.56 23.96 75.28
N LEU B 442 29.62 24.33 76.16
CA LEU B 442 29.67 25.59 76.88
C LEU B 442 30.00 25.27 78.34
N ARG B 443 31.24 25.56 78.73
CA ARG B 443 31.69 25.33 80.11
C ARG B 443 32.11 26.60 80.84
N ASP B 444 32.34 27.70 80.12
CA ASP B 444 32.82 28.94 80.72
C ASP B 444 31.82 29.43 81.77
N PRO B 445 32.23 29.57 83.03
CA PRO B 445 31.30 30.06 84.06
C PRO B 445 31.06 31.55 83.97
N LYS B 446 32.08 32.32 83.58
CA LYS B 446 31.86 33.76 83.37
C LYS B 446 30.83 34.01 82.28
N VAL B 447 30.77 33.15 81.27
CA VAL B 447 29.75 33.28 80.23
C VAL B 447 28.38 32.89 80.79
N LYS B 448 28.30 31.74 81.47
CA LYS B 448 27.03 31.29 82.02
C LYS B 448 26.48 32.28 83.03
N GLU B 449 27.34 32.78 83.92
CA GLU B 449 26.90 33.75 84.93
C GLU B 449 26.37 35.02 84.28
N ALA B 450 26.81 35.32 83.06
CA ALA B 450 26.25 36.44 82.32
C ALA B 450 24.88 36.12 81.72
N LEU B 451 24.46 34.85 81.75
CA LEU B 451 23.13 34.46 81.30
C LEU B 451 22.15 34.28 82.46
N SER B 452 22.59 34.50 83.69
CA SER B 452 21.69 34.46 84.83
C SER B 452 20.54 35.44 84.61
N PRO B 453 19.30 35.06 84.92
CA PRO B 453 18.87 33.79 85.52
C PRO B 453 18.09 32.87 84.58
N ILE B 454 18.50 32.71 83.32
CA ILE B 454 17.71 31.87 82.42
C ILE B 454 17.92 30.40 82.78
N LYS B 455 16.88 29.59 82.56
CA LYS B 455 16.90 28.20 82.99
C LYS B 455 17.73 27.35 82.04
N PHE B 456 18.69 26.62 82.60
CA PHE B 456 19.52 25.68 81.86
C PHE B 456 19.04 24.26 82.09
N ASN B 457 19.28 23.39 81.12
CA ASN B 457 18.79 22.02 81.18
C ASN B 457 19.92 21.06 81.55
N ARG B 458 19.59 19.76 81.56
CA ARG B 458 20.54 18.74 81.97
C ARG B 458 21.69 18.57 81.00
N TRP B 459 21.61 19.14 79.80
CA TRP B 459 22.76 19.22 78.91
C TRP B 459 23.61 20.46 79.16
N ASP B 460 23.25 21.28 80.15
CA ASP B 460 23.88 22.57 80.41
C ASP B 460 23.87 23.42 79.14
N LEU B 461 22.66 23.81 78.78
CA LEU B 461 22.41 24.72 77.66
C LEU B 461 21.12 25.47 77.94
N PRO B 462 20.94 26.64 77.34
CA PRO B 462 19.67 27.37 77.52
C PRO B 462 18.49 26.50 77.13
N GLU B 463 17.45 26.53 77.97
CA GLU B 463 16.16 25.96 77.61
C GLU B 463 15.37 26.99 76.81
N VAL B 464 14.80 26.55 75.68
CA VAL B 464 13.96 27.41 74.88
C VAL B 464 12.71 26.64 74.48
N ASP B 465 11.60 27.37 74.38
CA ASP B 465 10.43 26.85 73.70
C ASP B 465 10.84 26.54 72.26
N PRO B 466 10.82 25.27 71.83
CA PRO B 466 11.34 24.95 70.49
C PRO B 466 10.59 25.62 69.36
N GLU B 467 9.43 26.19 69.62
CA GLU B 467 8.68 26.90 68.58
C GLU B 467 8.96 28.39 68.59
N THR B 468 9.15 28.98 69.76
CA THR B 468 9.38 30.42 69.85
C THR B 468 10.84 30.79 70.05
N MET B 469 11.69 29.82 70.37
CA MET B 469 13.10 30.03 70.71
C MET B 469 13.27 30.92 71.95
N GLN B 470 12.20 31.11 72.73
CA GLN B 470 12.25 31.99 73.89
C GLN B 470 12.80 31.25 75.11
N THR B 471 13.71 31.90 75.83
CA THR B 471 14.27 31.32 77.05
C THR B 471 13.28 31.45 78.21
N SER B 472 13.75 31.23 79.43
CA SER B 472 12.88 31.42 80.59
C SER B 472 12.65 32.89 80.88
N GLU B 473 13.60 33.75 80.55
CA GLU B 473 13.30 35.18 80.50
C GLU B 473 12.59 35.48 79.19
N PRO B 474 11.45 36.19 79.23
CA PRO B 474 10.69 36.39 77.98
C PRO B 474 11.42 37.24 76.95
N TRP B 475 12.26 38.18 77.37
CA TRP B 475 12.93 39.06 76.43
C TRP B 475 14.22 38.48 75.86
N VAL B 476 14.65 37.31 76.34
CA VAL B 476 15.88 36.67 75.89
C VAL B 476 15.51 35.45 75.06
N PHE B 477 16.01 35.40 73.83
CA PHE B 477 15.82 34.27 72.94
C PHE B 477 17.17 33.64 72.65
N ALA B 478 17.15 32.42 72.14
CA ALA B 478 18.38 31.71 71.83
C ALA B 478 18.15 30.74 70.69
N GLY B 479 19.23 30.41 69.99
CA GLY B 479 19.14 29.53 68.84
C GLY B 479 20.52 29.19 68.32
N GLY B 480 20.55 28.21 67.43
CA GLY B 480 21.81 27.75 66.89
C GLY B 480 22.37 26.60 67.70
N ASP B 481 23.69 26.43 67.68
CA ASP B 481 24.31 25.33 68.41
C ASP B 481 24.20 25.49 69.92
N ILE B 482 24.03 26.71 70.42
CA ILE B 482 23.93 26.92 71.86
C ILE B 482 22.69 26.24 72.42
N VAL B 483 21.61 26.17 71.64
CA VAL B 483 20.39 25.54 72.14
C VAL B 483 20.51 24.02 72.11
N GLY B 484 21.28 23.46 71.18
CA GLY B 484 21.55 22.05 71.16
C GLY B 484 20.75 21.23 70.16
N MET B 485 19.80 21.85 69.47
CA MET B 485 19.05 21.13 68.44
C MET B 485 19.81 21.13 67.12
N ALA B 486 20.37 22.27 66.75
CA ALA B 486 21.03 22.40 65.45
C ALA B 486 22.32 21.57 65.40
N ASN B 487 22.47 20.82 64.31
CA ASN B 487 23.74 20.21 63.95
C ASN B 487 24.40 20.90 62.77
N THR B 488 23.64 21.66 61.98
CA THR B 488 24.10 22.14 60.68
C THR B 488 23.92 23.65 60.61
N THR B 489 24.63 24.25 59.65
CA THR B 489 24.52 25.68 59.42
C THR B 489 23.09 26.08 59.09
N VAL B 490 22.39 25.24 58.29
CA VAL B 490 21.04 25.60 57.87
C VAL B 490 20.06 25.50 59.03
N GLU B 491 20.33 24.62 60.00
CA GLU B 491 19.45 24.54 61.17
C GLU B 491 19.66 25.74 62.08
N SER B 492 20.89 26.20 62.22
CA SER B 492 21.15 27.40 63.00
C SER B 492 20.58 28.63 62.30
N VAL B 493 20.65 28.67 60.97
CA VAL B 493 19.99 29.74 60.23
C VAL B 493 18.49 29.72 60.51
N ASN B 494 17.91 28.53 60.57
CA ASN B 494 16.48 28.42 60.83
C ASN B 494 16.13 28.86 62.24
N ASP B 495 16.98 28.52 63.22
CA ASP B 495 16.74 28.95 64.60
C ASP B 495 16.63 30.47 64.69
N GLY B 496 17.53 31.19 64.00
CA GLY B 496 17.43 32.64 63.99
C GLY B 496 16.19 33.14 63.25
N LYS B 497 15.94 32.56 62.07
CA LYS B 497 14.70 32.85 61.34
C LYS B 497 13.49 32.65 62.23
N GLN B 498 13.39 31.49 62.87
CA GLN B 498 12.32 31.21 63.83
C GLN B 498 12.24 32.29 64.90
N ALA B 499 13.36 32.57 65.57
CA ALA B 499 13.34 33.50 66.70
C ALA B 499 12.93 34.89 66.26
N SER B 500 13.32 35.32 65.06
CA SER B 500 13.07 36.70 64.64
C SER B 500 11.58 37.04 64.68
N TRP B 501 10.72 36.09 64.33
CA TRP B 501 9.29 36.38 64.33
C TRP B 501 8.78 36.59 65.75
N TYR B 502 9.16 35.72 66.68
CA TYR B 502 8.63 35.83 68.03
C TYR B 502 9.32 36.94 68.81
N ILE B 503 10.58 37.25 68.49
CA ILE B 503 11.18 38.48 68.98
C ILE B 503 10.38 39.68 68.52
N HIS B 504 10.03 39.70 67.23
CA HIS B 504 9.12 40.71 66.71
C HIS B 504 7.84 40.78 67.53
N LYS B 505 7.26 39.62 67.83
CA LYS B 505 6.05 39.58 68.66
C LYS B 505 6.30 40.21 70.03
N TYR B 506 7.39 39.81 70.69
CA TYR B 506 7.64 40.29 72.04
C TYR B 506 7.80 41.81 72.06
N ILE B 507 8.59 42.36 71.13
CA ILE B 507 8.84 43.79 71.12
C ILE B 507 7.55 44.55 70.85
N GLN B 508 6.87 44.22 69.74
CA GLN B 508 5.60 44.86 69.42
C GLN B 508 4.64 44.80 70.60
N ALA B 509 4.60 43.66 71.29
CA ALA B 509 3.74 43.55 72.47
C ALA B 509 4.18 44.53 73.55
N GLN B 510 5.49 44.58 73.84
CA GLN B 510 5.98 45.48 74.87
C GLN B 510 5.73 46.94 74.56
N TYR B 511 5.35 47.28 73.32
CA TYR B 511 4.97 48.64 72.95
C TYR B 511 3.47 48.81 72.81
N GLY B 512 2.69 47.86 73.29
CA GLY B 512 1.24 47.93 73.17
C GLY B 512 0.69 47.62 71.80
N ALA B 513 1.44 46.88 70.98
CA ALA B 513 1.03 46.58 69.62
C ALA B 513 0.94 45.07 69.44
N SER B 514 -0.05 44.64 68.67
CA SER B 514 -0.21 43.23 68.32
C SER B 514 0.38 42.98 66.94
N VAL B 515 0.37 41.73 66.52
CA VAL B 515 0.84 41.31 65.20
C VAL B 515 -0.12 40.27 64.64
N SER B 516 0.10 39.88 63.39
CA SER B 516 -0.71 38.83 62.77
C SER B 516 -0.45 37.49 63.44
N ALA B 517 -1.51 36.72 63.68
CA ALA B 517 -1.35 35.37 64.19
C ALA B 517 -0.69 34.45 63.18
N LYS B 518 -0.70 34.83 61.90
CA LYS B 518 0.01 34.09 60.86
C LYS B 518 1.42 34.66 60.75
N PRO B 519 2.45 33.89 61.10
CA PRO B 519 3.84 34.40 60.92
C PRO B 519 4.12 34.68 59.45
N GLU B 520 4.51 35.92 59.17
CA GLU B 520 4.75 36.39 57.81
C GLU B 520 6.12 37.09 57.79
N LEU B 521 7.17 36.33 57.48
CA LEU B 521 8.45 37.02 57.36
C LEU B 521 8.65 37.53 55.93
N PRO B 522 9.19 38.73 55.76
CA PRO B 522 9.28 39.32 54.42
C PRO B 522 10.35 38.62 53.58
N LEU B 523 10.24 38.82 52.26
CA LEU B 523 11.13 38.18 51.32
C LEU B 523 12.42 38.97 51.16
N PHE B 524 13.35 38.43 50.38
CA PHE B 524 14.64 39.03 50.12
C PHE B 524 14.53 39.95 48.91
N TYR B 525 14.99 41.19 49.05
CA TYR B 525 14.75 42.22 48.04
C TYR B 525 16.03 42.94 47.65
N THR B 526 16.21 43.16 46.36
CA THR B 526 17.30 43.91 45.76
C THR B 526 16.71 44.94 44.82
N PRO B 527 17.51 45.92 44.38
CA PRO B 527 16.98 46.94 43.45
C PRO B 527 16.38 46.35 42.18
N VAL B 528 16.69 45.11 41.85
CA VAL B 528 16.13 44.48 40.65
C VAL B 528 14.61 44.37 40.77
N ASP B 529 14.11 44.08 41.97
CA ASP B 529 12.68 43.91 42.17
C ASP B 529 11.90 45.19 41.93
N LEU B 530 12.58 46.31 41.70
CA LEU B 530 11.94 47.60 41.47
C LEU B 530 11.88 47.98 40.00
N VAL B 531 12.41 47.14 39.11
CA VAL B 531 12.41 47.47 37.68
C VAL B 531 10.99 47.35 37.15
N ASP B 532 10.53 48.40 36.46
CA ASP B 532 9.21 48.39 35.83
C ASP B 532 9.27 47.53 34.57
N ILE B 533 8.41 46.52 34.49
CA ILE B 533 8.31 45.66 33.32
C ILE B 533 6.93 45.73 32.69
N SER B 534 6.16 46.76 33.02
CA SER B 534 4.90 46.99 32.33
C SER B 534 5.17 47.45 30.90
N VAL B 535 4.15 47.35 30.06
CA VAL B 535 4.26 47.78 28.67
C VAL B 535 2.86 48.12 28.17
N GLU B 536 2.79 49.12 27.29
CA GLU B 536 1.54 49.55 26.69
C GLU B 536 1.50 49.10 25.23
N MET B 537 0.35 48.57 24.81
CA MET B 537 0.19 48.08 23.46
C MET B 537 -1.26 48.26 23.02
N ALA B 538 -1.44 48.90 21.85
CA ALA B 538 -2.76 49.09 21.25
C ALA B 538 -3.74 49.72 22.23
N GLY B 539 -3.26 50.69 23.01
CA GLY B 539 -4.10 51.38 23.96
C GLY B 539 -4.45 50.60 25.21
N LEU B 540 -3.63 49.63 25.59
CA LEU B 540 -3.87 48.80 26.76
C LEU B 540 -2.63 48.78 27.63
N LYS B 541 -2.81 48.84 28.94
CA LYS B 541 -1.71 48.80 29.89
C LYS B 541 -1.57 47.39 30.44
N PHE B 542 -0.49 46.71 30.07
CA PHE B 542 -0.16 45.41 30.63
C PHE B 542 0.75 45.62 31.83
N ILE B 543 0.40 45.00 32.97
CA ILE B 543 1.26 45.15 34.14
C ILE B 543 2.55 44.34 33.99
N ASN B 544 2.56 43.35 33.11
CA ASN B 544 3.77 42.67 32.68
C ASN B 544 3.50 42.02 31.34
N PRO B 545 4.53 41.74 30.54
CA PRO B 545 4.29 41.29 29.16
C PRO B 545 3.82 39.85 29.03
N PHE B 546 3.81 39.07 30.11
CA PHE B 546 3.53 37.64 30.03
C PHE B 546 2.05 37.37 30.24
N GLY B 547 1.48 36.54 29.37
CA GLY B 547 0.08 36.16 29.50
C GLY B 547 -0.12 34.73 29.05
N LEU B 548 -1.30 34.21 29.35
CA LEU B 548 -1.65 32.85 28.93
C LEU B 548 -2.22 32.90 27.52
N ALA B 549 -1.78 31.97 26.67
CA ALA B 549 -2.34 31.84 25.34
C ALA B 549 -3.68 31.11 25.41
N SER B 550 -4.49 31.35 24.38
CA SER B 550 -5.73 30.57 24.23
C SER B 550 -5.35 29.11 24.04
N ALA B 551 -5.49 28.29 25.07
CA ALA B 551 -5.00 26.91 25.02
C ALA B 551 -5.46 26.18 26.27
N ALA B 552 -4.89 25.01 26.51
CA ALA B 552 -5.25 24.20 27.67
C ALA B 552 -5.12 24.93 29.00
N PRO B 553 -4.06 25.72 29.27
CA PRO B 553 -4.00 26.42 30.56
C PRO B 553 -5.11 27.44 30.77
N THR B 554 -5.90 27.76 29.75
CA THR B 554 -7.06 28.63 29.87
C THR B 554 -8.34 27.87 29.54
N THR B 555 -8.37 26.58 29.91
CA THR B 555 -9.55 25.76 29.67
C THR B 555 -10.76 26.32 30.43
N SER B 556 -10.56 26.75 31.67
CA SER B 556 -11.63 27.27 32.50
C SER B 556 -11.26 28.67 33.00
N SER B 557 -12.29 29.49 33.20
CA SER B 557 -12.07 30.80 33.81
C SER B 557 -11.52 30.67 35.22
N SER B 558 -11.88 29.60 35.94
CA SER B 558 -11.34 29.38 37.27
C SER B 558 -9.83 29.15 37.23
N MET B 559 -9.28 28.79 36.06
CA MET B 559 -7.84 28.68 35.90
C MET B 559 -7.20 30.02 35.56
N ILE B 560 -7.89 30.85 34.76
CA ILE B 560 -7.39 32.20 34.50
C ILE B 560 -7.34 33.00 35.80
N ARG B 561 -8.38 32.86 36.64
CA ARG B 561 -8.39 33.55 37.92
C ARG B 561 -7.16 33.21 38.75
N ARG B 562 -6.86 31.90 38.88
CA ARG B 562 -5.68 31.49 39.64
C ARG B 562 -4.40 31.97 38.98
N ALA B 563 -4.40 32.09 37.65
CA ALA B 563 -3.23 32.62 36.96
C ALA B 563 -3.00 34.10 37.30
N PHE B 564 -4.08 34.88 37.33
CA PHE B 564 -3.96 36.28 37.72
C PHE B 564 -3.47 36.41 39.16
N GLU B 565 -4.01 35.57 40.05
CA GLU B 565 -3.58 35.57 41.44
C GLU B 565 -2.11 35.21 41.60
N ALA B 566 -1.48 34.62 40.59
CA ALA B 566 -0.07 34.27 40.61
C ALA B 566 0.83 35.34 39.99
N GLY B 567 0.26 36.26 39.21
CA GLY B 567 1.02 37.38 38.69
C GLY B 567 1.02 37.53 37.19
N TRP B 568 0.20 36.75 36.49
CA TRP B 568 0.19 36.78 35.03
C TRP B 568 -0.38 38.09 34.52
N GLY B 569 0.33 38.72 33.58
CA GLY B 569 -0.06 40.05 33.13
C GLY B 569 -1.39 40.08 32.43
N PHE B 570 -1.61 39.13 31.52
CA PHE B 570 -2.88 39.05 30.80
C PHE B 570 -3.23 37.59 30.57
N ALA B 571 -4.35 37.36 29.89
CA ALA B 571 -4.78 36.01 29.60
C ALA B 571 -5.78 36.03 28.46
N LEU B 572 -5.61 35.09 27.53
CA LEU B 572 -6.61 34.80 26.53
C LEU B 572 -7.57 33.77 27.08
N THR B 573 -8.87 33.98 26.85
CA THR B 573 -9.79 32.88 27.05
C THR B 573 -9.45 31.76 26.06
N LYS B 574 -9.91 30.56 26.37
CA LYS B 574 -9.92 29.55 25.31
C LYS B 574 -10.85 30.02 24.20
N THR B 575 -10.55 29.63 22.97
CA THR B 575 -11.38 30.04 21.85
C THR B 575 -12.79 29.50 22.02
N PHE B 576 -13.78 30.41 22.06
CA PHE B 576 -15.17 29.99 22.14
C PHE B 576 -15.94 30.50 20.94
N SER B 577 -17.11 29.90 20.70
CA SER B 577 -17.87 30.16 19.49
C SER B 577 -19.35 30.36 19.83
N LEU B 578 -20.14 30.59 18.79
CA LEU B 578 -21.58 30.62 18.95
C LEU B 578 -22.09 29.22 19.29
N ASP B 579 -23.35 29.15 19.72
CA ASP B 579 -23.94 27.88 20.10
C ASP B 579 -23.94 26.90 18.93
N LYS B 580 -24.45 27.33 17.77
CA LYS B 580 -24.61 26.46 16.61
C LYS B 580 -23.31 25.76 16.23
N ASP B 581 -22.17 26.35 16.57
CA ASP B 581 -20.87 25.80 16.24
C ASP B 581 -20.22 25.08 17.42
N ILE B 582 -21.03 24.60 18.37
CA ILE B 582 -20.53 23.80 19.48
C ILE B 582 -19.76 22.60 18.95
N VAL B 583 -18.67 22.26 19.63
CA VAL B 583 -17.81 21.16 19.20
C VAL B 583 -17.74 20.14 20.33
N THR B 584 -17.21 18.96 20.00
CA THR B 584 -17.00 17.90 20.99
C THR B 584 -15.65 17.27 20.74
N ASN B 585 -14.80 17.28 21.76
CA ASN B 585 -13.44 16.80 21.61
C ASN B 585 -13.39 15.28 21.58
N VAL B 586 -12.30 14.76 21.03
CA VAL B 586 -11.98 13.35 21.08
C VAL B 586 -10.88 13.15 22.11
N SER B 587 -10.59 11.89 22.44
CA SER B 587 -9.50 11.56 23.34
C SER B 587 -8.90 10.23 22.91
N PRO B 588 -7.56 10.07 23.04
CA PRO B 588 -6.55 11.04 23.48
C PRO B 588 -6.39 12.23 22.53
N ARG B 589 -5.95 13.41 22.99
CA ARG B 589 -5.82 14.55 22.09
C ARG B 589 -4.58 15.41 22.30
N ILE B 590 -3.87 15.32 23.43
CA ILE B 590 -2.64 16.08 23.64
C ILE B 590 -1.53 15.10 23.99
N VAL B 591 -0.52 15.01 23.13
CA VAL B 591 0.57 14.06 23.29
C VAL B 591 1.91 14.80 23.27
N ARG B 592 2.91 14.16 23.86
CA ARG B 592 4.22 14.78 23.99
C ARG B 592 4.99 14.70 22.68
N GLY B 593 5.94 15.61 22.51
CA GLY B 593 6.71 15.68 21.29
C GLY B 593 7.91 14.74 21.32
N THR B 594 8.25 14.25 20.13
CA THR B 594 9.45 13.45 19.93
C THR B 594 10.59 14.28 19.34
N THR B 595 10.46 15.60 19.35
CA THR B 595 11.41 16.50 18.70
C THR B 595 12.76 16.55 19.38
N SER B 596 12.90 15.95 20.56
CA SER B 596 14.19 15.86 21.24
C SER B 596 14.47 14.46 21.73
N GLY B 597 13.82 13.45 21.16
CA GLY B 597 14.10 12.08 21.50
C GLY B 597 13.44 11.64 22.79
N PRO B 598 13.77 10.44 23.24
CA PRO B 598 13.08 9.88 24.41
C PRO B 598 13.45 10.55 25.73
N MET B 599 13.20 11.86 25.82
CA MET B 599 13.37 12.61 27.07
C MET B 599 12.01 12.71 27.76
N TYR B 600 11.92 12.16 28.96
CA TYR B 600 10.65 12.09 29.67
C TYR B 600 10.71 12.91 30.94
N GLY B 601 9.58 13.51 31.29
CA GLY B 601 9.48 14.35 32.46
C GLY B 601 9.47 15.82 32.11
N PRO B 602 10.31 16.59 32.78
CA PRO B 602 10.29 18.05 32.59
C PRO B 602 10.91 18.45 31.26
N GLY B 603 10.41 19.57 30.73
CA GLY B 603 11.05 20.19 29.58
C GLY B 603 10.78 19.56 28.24
N GLN B 604 9.58 19.01 28.03
CA GLN B 604 9.22 18.50 26.72
C GLN B 604 9.38 19.58 25.68
N SER B 605 10.19 19.30 24.64
CA SER B 605 10.51 20.29 23.63
C SER B 605 9.31 20.67 22.78
N SER B 606 8.23 19.89 22.84
CA SER B 606 7.04 20.21 22.06
C SER B 606 5.88 19.36 22.56
N PHE B 607 4.67 19.78 22.19
CA PHE B 607 3.47 18.98 22.30
C PHE B 607 2.76 18.99 20.96
N LEU B 608 1.99 17.95 20.69
CA LEU B 608 1.07 17.93 19.56
C LEU B 608 -0.35 17.72 20.07
N ASN B 609 -1.30 18.47 19.51
CA ASN B 609 -2.68 18.41 19.96
C ASN B 609 -3.64 18.34 18.78
N ILE B 610 -4.73 17.60 18.96
CA ILE B 610 -5.85 17.63 18.04
C ILE B 610 -7.07 18.13 18.80
N GLU B 611 -6.85 19.06 19.72
CA GLU B 611 -7.95 19.67 20.45
C GLU B 611 -8.67 20.68 19.58
N LEU B 612 -9.98 20.77 19.75
CA LEU B 612 -10.77 21.76 19.03
C LEU B 612 -10.83 23.05 19.86
N ILE B 613 -11.80 23.91 19.58
CA ILE B 613 -11.99 25.10 20.40
C ILE B 613 -12.60 24.68 21.73
N SER B 614 -13.02 25.65 22.54
CA SER B 614 -13.51 25.34 23.87
C SER B 614 -14.86 24.64 23.81
N GLU B 615 -14.99 23.54 24.55
CA GLU B 615 -16.25 22.82 24.68
C GLU B 615 -17.27 23.60 25.51
N LYS B 616 -16.90 24.77 26.03
CA LYS B 616 -17.79 25.56 26.87
C LYS B 616 -18.41 26.69 26.06
N THR B 617 -19.57 27.15 26.50
CA THR B 617 -20.41 28.02 25.69
C THR B 617 -19.96 29.48 25.78
N ALA B 618 -20.39 30.25 24.77
CA ALA B 618 -20.14 31.69 24.79
C ALA B 618 -20.77 32.36 26.00
N ALA B 619 -21.90 31.83 26.48
CA ALA B 619 -22.52 32.35 27.69
C ALA B 619 -21.59 32.19 28.88
N TYR B 620 -21.01 31.00 29.05
CA TYR B 620 -20.05 30.76 30.13
C TYR B 620 -18.88 31.73 30.03
N TRP B 621 -18.27 31.83 28.85
CA TRP B 621 -17.10 32.69 28.71
C TRP B 621 -17.46 34.16 28.84
N CYS B 622 -18.67 34.56 28.41
CA CYS B 622 -19.05 35.96 28.54
C CYS B 622 -19.35 36.33 29.98
N GLN B 623 -20.08 35.46 30.70
CA GLN B 623 -20.24 35.67 32.14
C GLN B 623 -18.90 35.59 32.85
N SER B 624 -18.00 34.74 32.36
CA SER B 624 -16.70 34.59 33.01
C SER B 624 -15.82 35.81 32.80
N VAL B 625 -15.86 36.41 31.60
CA VAL B 625 -15.06 37.61 31.36
C VAL B 625 -15.50 38.75 32.26
N THR B 626 -16.81 38.92 32.41
CA THR B 626 -17.34 39.97 33.29
C THR B 626 -16.80 39.83 34.70
N GLU B 627 -16.94 38.64 35.29
CA GLU B 627 -16.44 38.43 36.65
C GLU B 627 -14.94 38.65 36.74
N LEU B 628 -14.20 38.08 35.79
CA LEU B 628 -12.74 38.21 35.80
C LEU B 628 -12.31 39.67 35.76
N LYS B 629 -12.91 40.45 34.86
CA LYS B 629 -12.55 41.86 34.76
C LYS B 629 -13.12 42.71 35.89
N ALA B 630 -14.20 42.25 36.54
CA ALA B 630 -14.69 42.95 37.72
C ALA B 630 -13.77 42.75 38.91
N ASP B 631 -13.12 41.59 38.99
CA ASP B 631 -12.21 41.29 40.09
C ASP B 631 -10.76 41.68 39.79
N PHE B 632 -10.38 41.70 38.51
CA PHE B 632 -9.01 42.00 38.11
C PHE B 632 -9.02 43.07 37.04
N PRO B 633 -9.32 44.32 37.41
CA PRO B 633 -9.36 45.39 36.40
C PRO B 633 -8.01 45.66 35.77
N ASP B 634 -6.92 45.44 36.50
CA ASP B 634 -5.58 45.71 36.00
C ASP B 634 -5.02 44.58 35.13
N ASN B 635 -5.67 43.42 35.12
CA ASN B 635 -5.24 42.30 34.29
C ASN B 635 -6.02 42.31 32.98
N ILE B 636 -5.29 42.22 31.87
CA ILE B 636 -5.91 42.24 30.55
C ILE B 636 -6.54 40.90 30.27
N VAL B 637 -7.79 40.91 29.83
CA VAL B 637 -8.51 39.71 29.43
C VAL B 637 -8.92 39.88 27.98
N ILE B 638 -8.37 39.04 27.10
CA ILE B 638 -8.68 39.06 25.68
C ILE B 638 -9.52 37.83 25.38
N ALA B 639 -10.67 38.04 24.73
CA ALA B 639 -11.58 36.93 24.41
C ALA B 639 -11.23 36.38 23.05
N SER B 640 -11.00 35.07 22.98
CA SER B 640 -10.74 34.38 21.73
C SER B 640 -12.05 33.81 21.21
N ILE B 641 -12.38 34.13 19.95
CA ILE B 641 -13.65 33.74 19.36
C ILE B 641 -13.42 33.15 17.98
N MET B 642 -14.35 32.32 17.54
CA MET B 642 -14.28 31.71 16.22
C MET B 642 -15.68 31.51 15.66
N CYS B 643 -15.84 31.84 14.38
CA CYS B 643 -17.03 31.52 13.62
C CYS B 643 -16.61 30.95 12.28
N SER B 644 -17.59 30.47 11.51
CA SER B 644 -17.32 30.10 10.14
C SER B 644 -17.22 31.36 9.27
N TYR B 645 -16.84 31.18 8.01
CA TYR B 645 -16.79 32.34 7.13
C TYR B 645 -18.20 32.84 6.88
N ASN B 646 -18.67 33.74 7.75
CA ASN B 646 -20.05 34.21 7.74
C ASN B 646 -20.09 35.57 8.42
N LYS B 647 -20.67 36.56 7.75
CA LYS B 647 -20.60 37.94 8.23
C LYS B 647 -21.38 38.12 9.52
N ASN B 648 -22.65 37.71 9.53
CA ASN B 648 -23.49 37.92 10.71
C ASN B 648 -22.95 37.19 11.93
N ASP B 649 -22.40 35.99 11.72
CA ASP B 649 -21.91 35.21 12.85
C ASP B 649 -20.70 35.88 13.51
N TRP B 650 -19.76 36.37 12.69
CA TRP B 650 -18.60 37.06 13.24
C TRP B 650 -19.02 38.32 13.99
N MET B 651 -20.04 39.01 13.50
CA MET B 651 -20.49 40.22 14.15
C MET B 651 -21.26 39.94 15.43
N GLU B 652 -22.13 38.93 15.41
CA GLU B 652 -22.86 38.56 16.63
C GLU B 652 -21.91 38.18 17.75
N LEU B 653 -20.96 37.27 17.46
CA LEU B 653 -20.11 36.73 18.51
C LEU B 653 -19.15 37.76 19.06
N SER B 654 -18.56 38.58 18.18
CA SER B 654 -17.60 39.59 18.64
C SER B 654 -18.27 40.64 19.51
N ARG B 655 -19.50 41.04 19.16
CA ARG B 655 -20.22 42.00 19.99
C ARG B 655 -20.58 41.41 21.34
N LYS B 656 -20.95 40.12 21.36
CA LYS B 656 -21.31 39.47 22.62
C LYS B 656 -20.11 39.40 23.57
N ALA B 657 -18.92 39.17 23.03
CA ALA B 657 -17.72 39.12 23.86
C ALA B 657 -17.27 40.52 24.29
N GLU B 658 -17.47 41.51 23.42
CA GLU B 658 -17.19 42.90 23.78
C GLU B 658 -18.08 43.36 24.93
N ALA B 659 -19.38 43.09 24.83
CA ALA B 659 -20.33 43.51 25.85
C ALA B 659 -19.98 42.95 27.22
N SER B 660 -19.44 41.73 27.26
CA SER B 660 -19.08 41.10 28.52
C SER B 660 -17.96 41.82 29.26
N GLY B 661 -17.31 42.79 28.64
CA GLY B 661 -16.24 43.52 29.27
C GLY B 661 -14.84 43.13 28.87
N ALA B 662 -14.68 42.48 27.71
CA ALA B 662 -13.36 42.04 27.28
C ALA B 662 -12.50 43.24 26.90
N ASP B 663 -11.24 43.21 27.33
CA ASP B 663 -10.30 44.27 26.94
C ASP B 663 -10.07 44.29 25.44
N ALA B 664 -10.06 43.12 24.81
CA ALA B 664 -9.81 43.00 23.39
C ALA B 664 -10.30 41.64 22.91
N LEU B 665 -10.29 41.46 21.60
CA LEU B 665 -10.68 40.20 20.99
C LEU B 665 -9.50 39.57 20.27
N GLU B 666 -9.47 38.24 20.22
CA GLU B 666 -8.55 37.50 19.37
C GLU B 666 -9.38 36.69 18.39
N LEU B 667 -9.15 36.91 17.10
CA LEU B 667 -9.90 36.23 16.05
C LEU B 667 -9.13 34.97 15.66
N ASN B 668 -9.64 33.81 16.08
CA ASN B 668 -9.04 32.54 15.68
C ASN B 668 -9.47 32.23 14.26
N LEU B 669 -8.52 32.20 13.33
CA LEU B 669 -8.81 31.99 11.92
C LEU B 669 -8.54 30.56 11.47
N SER B 670 -8.51 29.61 12.40
CA SER B 670 -8.29 28.21 12.06
C SER B 670 -9.57 27.57 11.57
N SER B 671 -10.49 28.38 11.05
CA SER B 671 -11.81 27.85 10.64
C SER B 671 -11.79 27.48 9.16
N PRO B 672 -12.32 26.31 8.78
CA PRO B 672 -12.45 25.97 7.36
C PRO B 672 -13.52 26.79 6.66
N HIS B 673 -13.29 27.05 5.37
CA HIS B 673 -14.27 27.74 4.54
C HIS B 673 -15.02 26.75 3.65
N GLY B 674 -15.28 27.14 2.40
CA GLY B 674 -16.13 26.35 1.53
C GLY B 674 -15.48 25.29 0.67
N MET B 675 -14.75 25.71 -0.37
CA MET B 675 -14.42 24.84 -1.49
C MET B 675 -12.97 24.35 -1.52
N GLY B 676 -12.01 25.17 -1.10
CA GLY B 676 -10.61 24.84 -1.30
C GLY B 676 -10.00 25.60 -2.46
N GLU B 677 -10.56 25.40 -3.66
CA GLU B 677 -10.29 26.22 -4.84
C GLU B 677 -8.87 26.07 -5.37
N ARG B 678 -7.94 26.87 -4.86
CA ARG B 678 -6.68 27.10 -5.57
C ARG B 678 -5.48 26.72 -4.71
N GLY B 679 -5.45 25.47 -4.25
CA GLY B 679 -4.35 24.95 -3.45
C GLY B 679 -3.79 25.92 -2.41
N MET B 680 -4.67 26.74 -1.84
CA MET B 680 -4.29 27.83 -0.94
C MET B 680 -4.98 27.62 0.42
N GLY B 681 -4.78 26.43 0.98
CA GLY B 681 -5.29 26.09 2.30
C GLY B 681 -6.80 25.98 2.42
N LEU B 682 -7.26 25.11 3.32
CA LEU B 682 -8.68 25.01 3.63
C LEU B 682 -9.11 25.94 4.75
N ALA B 683 -8.17 26.58 5.42
CA ALA B 683 -8.47 27.41 6.58
C ALA B 683 -8.57 28.89 6.21
N CYS B 684 -9.43 29.61 6.93
CA CYS B 684 -9.61 31.04 6.68
C CYS B 684 -8.30 31.79 6.79
N GLY B 685 -7.50 31.49 7.81
CA GLY B 685 -6.25 32.17 8.04
C GLY B 685 -5.18 31.98 6.99
N GLN B 686 -5.41 31.15 5.98
CA GLN B 686 -4.41 30.94 4.94
C GLN B 686 -4.68 31.75 3.68
N ASP B 687 -5.88 32.28 3.51
CA ASP B 687 -6.23 33.12 2.37
C ASP B 687 -6.32 34.57 2.83
N PRO B 688 -5.48 35.48 2.32
CA PRO B 688 -5.54 36.87 2.78
C PRO B 688 -6.85 37.57 2.47
N GLU B 689 -7.63 37.06 1.51
CA GLU B 689 -8.90 37.71 1.20
C GLU B 689 -9.92 37.46 2.30
N LEU B 690 -9.98 36.24 2.83
CA LEU B 690 -10.94 35.92 3.89
C LEU B 690 -10.54 36.57 5.21
N VAL B 691 -9.23 36.73 5.45
CA VAL B 691 -8.78 37.36 6.69
C VAL B 691 -9.12 38.85 6.68
N ARG B 692 -8.86 39.52 5.55
CA ARG B 692 -9.23 40.93 5.45
C ARG B 692 -10.74 41.13 5.57
N ASN B 693 -11.53 40.14 5.16
CA ASN B 693 -12.98 40.25 5.28
C ASN B 693 -13.44 40.01 6.70
N ILE B 694 -12.91 38.98 7.36
CA ILE B 694 -13.27 38.70 8.75
C ILE B 694 -12.85 39.85 9.64
N CYS B 695 -11.66 40.41 9.39
CA CYS B 695 -11.22 41.57 10.15
C CYS B 695 -12.12 42.78 9.89
N ARG B 696 -12.60 42.93 8.66
CA ARG B 696 -13.56 43.99 8.38
C ARG B 696 -14.83 43.80 9.20
N TRP B 697 -15.40 42.60 9.15
CA TRP B 697 -16.65 42.32 9.84
C TRP B 697 -16.56 42.51 11.35
N VAL B 698 -15.41 42.21 11.95
CA VAL B 698 -15.32 42.35 13.40
C VAL B 698 -15.03 43.79 13.78
N ARG B 699 -14.11 44.45 13.06
CA ARG B 699 -13.97 45.90 13.21
C ARG B 699 -15.29 46.61 12.98
N GLN B 700 -16.18 45.98 12.21
CA GLN B 700 -17.58 46.41 12.16
C GLN B 700 -18.24 46.28 13.52
N ALA B 701 -18.27 45.07 14.07
CA ALA B 701 -19.15 44.81 15.20
C ALA B 701 -18.71 45.58 16.44
N VAL B 702 -17.40 45.68 16.68
CA VAL B 702 -16.89 46.07 17.98
C VAL B 702 -16.11 47.38 17.89
N GLN B 703 -15.91 47.99 19.05
CA GLN B 703 -15.14 49.21 19.21
C GLN B 703 -13.80 49.01 19.92
N ILE B 704 -13.66 47.93 20.69
CA ILE B 704 -12.45 47.60 21.43
C ILE B 704 -11.40 47.10 20.43
N PRO B 705 -10.12 47.04 20.78
CA PRO B 705 -9.14 46.49 19.84
C PRO B 705 -9.32 45.00 19.68
N PHE B 706 -8.90 44.49 18.51
CA PHE B 706 -8.91 43.06 18.27
C PHE B 706 -7.69 42.67 17.45
N PHE B 707 -7.18 41.48 17.74
CA PHE B 707 -5.96 40.98 17.12
C PHE B 707 -6.25 39.69 16.38
N ALA B 708 -5.64 39.53 15.22
CA ALA B 708 -5.78 38.32 14.41
C ALA B 708 -4.68 37.35 14.81
N LYS B 709 -5.08 36.14 15.25
CA LYS B 709 -4.12 35.09 15.55
C LYS B 709 -3.75 34.39 14.24
N LEU B 710 -2.53 34.60 13.79
CA LEU B 710 -2.10 34.13 12.49
C LEU B 710 -1.65 32.68 12.56
N THR B 711 -1.80 31.98 11.43
CA THR B 711 -1.25 30.65 11.36
C THR B 711 0.14 30.69 10.73
N PRO B 712 1.04 29.83 11.18
CA PRO B 712 2.36 29.75 10.54
C PRO B 712 2.35 28.90 9.28
N ASN B 713 1.38 27.99 9.14
CA ASN B 713 1.31 27.10 7.99
C ASN B 713 0.89 27.85 6.73
N VAL B 714 1.70 28.82 6.32
CA VAL B 714 1.43 29.64 5.14
C VAL B 714 2.75 29.92 4.44
N THR B 715 2.65 30.20 3.13
CA THR B 715 3.85 30.58 2.38
C THR B 715 4.43 31.89 2.90
N ASP B 716 3.61 32.93 2.95
CA ASP B 716 4.03 34.24 3.45
C ASP B 716 3.07 34.70 4.53
N ILE B 717 3.51 34.63 5.79
CA ILE B 717 2.69 35.09 6.90
C ILE B 717 2.49 36.60 6.84
N VAL B 718 3.41 37.31 6.20
CA VAL B 718 3.30 38.77 6.13
C VAL B 718 2.09 39.17 5.29
N SER B 719 1.68 38.31 4.35
CA SER B 719 0.52 38.63 3.52
C SER B 719 -0.78 38.52 4.31
N ILE B 720 -0.92 37.47 5.12
CA ILE B 720 -2.11 37.36 5.97
C ILE B 720 -2.05 38.32 7.15
N ALA B 721 -0.85 38.82 7.49
CA ALA B 721 -0.75 39.86 8.52
C ALA B 721 -1.18 41.20 7.97
N ARG B 722 -0.64 41.58 6.81
CA ARG B 722 -1.07 42.81 6.15
C ARG B 722 -2.56 42.80 5.84
N ALA B 723 -3.08 41.63 5.46
CA ALA B 723 -4.52 41.50 5.23
C ALA B 723 -5.30 41.83 6.50
N ALA B 724 -4.82 41.35 7.65
CA ALA B 724 -5.44 41.71 8.92
C ALA B 724 -5.39 43.22 9.14
N LYS B 725 -4.22 43.82 8.90
CA LYS B 725 -4.05 45.26 9.02
C LYS B 725 -4.82 46.03 7.94
N GLU B 726 -5.29 45.35 6.90
CA GLU B 726 -6.14 46.00 5.90
C GLU B 726 -7.62 45.87 6.20
N GLY B 727 -8.02 44.89 7.03
CA GLY B 727 -9.41 44.63 7.29
C GLY B 727 -9.97 45.36 8.50
N GLY B 728 -9.33 45.18 9.66
CA GLY B 728 -9.74 45.90 10.85
C GLY B 728 -8.72 45.86 11.98
N ALA B 729 -7.76 44.94 11.89
CA ALA B 729 -7.02 44.50 13.06
C ALA B 729 -6.19 45.62 13.67
N ASP B 730 -6.20 45.69 15.00
CA ASP B 730 -5.31 46.53 15.76
C ASP B 730 -3.97 45.86 16.05
N GLY B 731 -3.77 44.68 15.50
CA GLY B 731 -2.56 43.91 15.76
C GLY B 731 -2.75 42.48 15.34
N VAL B 732 -1.68 41.70 15.48
CA VAL B 732 -1.69 40.30 15.11
C VAL B 732 -0.96 39.49 16.19
N THR B 733 -1.46 38.27 16.42
CA THR B 733 -0.79 37.32 17.31
C THR B 733 -0.05 36.31 16.46
N ALA B 734 1.28 36.27 16.60
CA ALA B 734 2.13 35.39 15.82
C ALA B 734 2.87 34.45 16.77
N THR B 735 2.63 33.15 16.66
CA THR B 735 1.72 32.46 15.72
C THR B 735 0.93 31.36 16.43
N ASN B 736 0.04 30.70 15.68
CA ASN B 736 -0.61 29.49 16.18
C ASN B 736 0.35 28.31 16.05
N THR B 737 -0.17 27.09 16.14
CA THR B 737 0.69 25.93 16.11
C THR B 737 1.06 25.54 14.68
N VAL B 738 2.13 24.77 14.55
CA VAL B 738 2.59 24.28 13.26
C VAL B 738 1.91 22.96 12.95
N SER B 739 1.46 22.80 11.70
CA SER B 739 0.88 21.54 11.29
C SER B 739 1.94 20.46 11.29
N GLY B 740 1.66 19.35 11.98
CA GLY B 740 2.62 18.27 12.01
C GLY B 740 1.98 16.98 12.48
N LEU B 741 2.77 15.91 12.41
CA LEU B 741 2.41 14.62 12.97
C LEU B 741 3.57 14.17 13.85
N MET B 742 3.28 13.84 15.11
CA MET B 742 4.33 13.62 16.08
C MET B 742 4.93 12.23 16.04
N GLY B 743 4.35 11.28 15.31
CA GLY B 743 5.02 10.00 15.18
C GLY B 743 4.14 8.76 15.21
N LEU B 744 4.77 7.60 15.03
CA LEU B 744 4.08 6.33 14.95
C LEU B 744 4.78 5.31 15.82
N LYS B 745 4.00 4.50 16.54
CA LYS B 745 4.55 3.29 17.13
C LYS B 745 5.16 2.44 16.02
N ALA B 746 6.07 1.54 16.39
CA ALA B 746 6.80 0.78 15.39
C ALA B 746 5.89 -0.09 14.52
N ASP B 747 4.61 -0.23 14.88
CA ASP B 747 3.68 -1.05 14.13
C ASP B 747 2.80 -0.25 13.18
N GLY B 748 3.00 1.06 13.08
CA GLY B 748 2.25 1.90 12.17
C GLY B 748 1.13 2.70 12.80
N THR B 749 0.68 2.32 13.99
CA THR B 749 -0.42 3.07 14.61
C THR B 749 0.08 4.42 15.12
N PRO B 750 -0.73 5.47 15.01
CA PRO B 750 -0.25 6.82 15.37
C PRO B 750 -0.40 7.14 16.84
N TRP B 751 0.08 8.31 17.23
CA TRP B 751 -0.16 8.83 18.58
C TRP B 751 -0.33 10.34 18.48
N PRO B 752 -1.50 10.89 18.84
CA PRO B 752 -2.66 10.25 19.50
C PRO B 752 -3.39 9.21 18.65
N ALA B 753 -4.09 8.26 19.28
CA ALA B 753 -4.85 7.23 18.57
C ALA B 753 -6.27 7.23 19.13
N VAL B 754 -7.24 7.57 18.29
CA VAL B 754 -8.61 7.82 18.72
C VAL B 754 -9.48 6.63 18.32
N GLY B 755 -10.26 6.13 19.27
CA GLY B 755 -11.20 5.05 19.01
C GLY B 755 -10.53 3.71 18.74
N ALA B 756 -11.33 2.65 18.62
CA ALA B 756 -10.78 1.31 18.39
C ALA B 756 -10.05 1.22 17.07
N GLY B 757 -10.43 2.03 16.08
CA GLY B 757 -9.72 2.06 14.81
C GLY B 757 -8.33 2.62 14.89
N LYS B 758 -7.95 3.18 16.03
CA LYS B 758 -6.63 3.78 16.25
C LYS B 758 -6.33 4.81 15.16
N ARG B 759 -7.29 5.70 14.93
CA ARG B 759 -7.17 6.74 13.92
C ARG B 759 -6.55 8.00 14.54
N THR B 760 -6.19 8.94 13.66
CA THR B 760 -5.68 10.24 14.08
C THR B 760 -5.83 11.21 12.91
N THR B 761 -5.46 12.46 13.17
CA THR B 761 -5.43 13.49 12.13
C THR B 761 -4.24 14.39 12.41
N TYR B 762 -4.01 15.34 11.51
CA TYR B 762 -2.89 16.26 11.66
C TYR B 762 -3.13 17.20 12.83
N GLY B 763 -2.16 17.25 13.75
CA GLY B 763 -2.26 18.09 14.91
C GLY B 763 -1.45 19.37 14.76
N GLY B 764 -1.43 20.13 15.86
CA GLY B 764 -0.65 21.35 15.94
C GLY B 764 0.55 21.14 16.84
N VAL B 765 1.72 21.48 16.32
CA VAL B 765 2.96 21.38 17.08
C VAL B 765 3.17 22.70 17.81
N SER B 766 3.33 22.63 19.13
CA SER B 766 3.62 23.77 20.00
C SER B 766 4.92 23.51 20.74
N GLY B 767 5.27 24.42 21.64
CA GLY B 767 6.47 24.25 22.43
C GLY B 767 7.67 24.94 21.83
N THR B 768 8.84 24.65 22.41
CA THR B 768 10.07 25.32 22.00
C THR B 768 10.57 24.84 20.64
N ALA B 769 10.09 23.70 20.15
CA ALA B 769 10.54 23.22 18.85
C ALA B 769 10.00 24.05 17.68
N ILE B 770 9.06 24.96 17.93
CA ILE B 770 8.57 25.88 16.90
C ILE B 770 9.03 27.30 17.12
N ARG B 771 9.82 27.56 18.16
CA ARG B 771 10.32 28.92 18.38
C ARG B 771 11.02 29.49 17.15
N PRO B 772 11.91 28.77 16.44
CA PRO B 772 12.49 29.35 15.22
C PRO B 772 11.45 29.75 14.19
N ILE B 773 10.33 29.03 14.11
CA ILE B 773 9.27 29.40 13.19
C ILE B 773 8.54 30.64 13.69
N ALA B 774 8.18 30.64 14.98
CA ALA B 774 7.48 31.79 15.53
C ALA B 774 8.39 33.01 15.58
N LEU B 775 9.66 32.81 15.94
CA LEU B 775 10.61 33.91 15.95
C LEU B 775 10.77 34.51 14.57
N ARG B 776 10.84 33.67 13.54
CA ARG B 776 10.96 34.18 12.17
C ARG B 776 9.70 34.95 11.76
N ALA B 777 8.52 34.50 12.20
CA ALA B 777 7.29 35.17 11.82
C ALA B 777 7.17 36.54 12.48
N VAL B 778 7.55 36.64 13.75
CA VAL B 778 7.46 37.93 14.43
C VAL B 778 8.42 38.93 13.82
N THR B 779 9.60 38.46 13.39
CA THR B 779 10.58 39.37 12.80
C THR B 779 10.13 39.88 11.43
N THR B 780 9.66 38.98 10.55
CA THR B 780 9.23 39.41 9.22
C THR B 780 8.09 40.41 9.31
N ILE B 781 7.09 40.13 10.15
CA ILE B 781 5.95 41.04 10.30
C ILE B 781 6.42 42.39 10.82
N ALA B 782 7.39 42.39 11.74
CA ALA B 782 7.87 43.64 12.31
C ALA B 782 8.66 44.47 11.29
N ARG B 783 9.42 43.82 10.41
CA ARG B 783 10.12 44.56 9.36
C ARG B 783 9.15 45.11 8.33
N ALA B 784 8.17 44.30 7.92
CA ALA B 784 7.29 44.72 6.84
C ALA B 784 6.24 45.71 7.32
N LEU B 785 5.83 45.65 8.59
CA LEU B 785 4.78 46.49 9.13
C LEU B 785 5.27 47.15 10.42
N PRO B 786 6.21 48.09 10.31
CA PRO B 786 6.87 48.62 11.51
C PRO B 786 5.88 49.36 12.40
N GLY B 787 5.81 48.93 13.66
CA GLY B 787 4.95 49.55 14.65
C GLY B 787 3.63 48.83 14.87
N PHE B 788 3.24 47.96 13.95
CA PHE B 788 2.03 47.16 14.08
C PHE B 788 2.14 46.24 15.29
N PRO B 789 1.27 46.36 16.29
CA PRO B 789 1.42 45.55 17.50
C PRO B 789 1.37 44.06 17.20
N ILE B 790 2.39 43.34 17.67
CA ILE B 790 2.48 41.89 17.56
C ILE B 790 2.40 41.31 18.97
N LEU B 791 1.53 40.31 19.15
CA LEU B 791 1.53 39.46 20.34
C LEU B 791 2.22 38.15 19.99
N ALA B 792 3.27 37.81 20.73
CA ALA B 792 4.13 36.70 20.36
C ALA B 792 3.65 35.39 21.00
N THR B 793 3.71 34.31 20.22
CA THR B 793 3.42 32.97 20.70
C THR B 793 4.32 31.98 19.98
N GLY B 794 4.80 30.97 20.70
CA GLY B 794 5.66 30.00 20.08
C GLY B 794 6.91 29.70 20.88
N GLY B 795 6.78 28.86 21.89
CA GLY B 795 7.93 28.40 22.63
C GLY B 795 8.55 29.41 23.55
N ILE B 796 7.77 30.37 24.04
CA ILE B 796 8.23 31.25 25.11
C ILE B 796 8.17 30.46 26.41
N ASP B 797 9.32 30.30 27.06
CA ASP B 797 9.37 29.52 28.29
C ASP B 797 10.33 30.12 29.32
N SER B 798 10.68 31.39 29.20
CA SER B 798 11.57 32.05 30.14
C SER B 798 11.54 33.55 29.85
N ALA B 799 12.11 34.31 30.78
CA ALA B 799 12.31 35.73 30.51
C ALA B 799 13.26 35.92 29.32
N GLU B 800 14.29 35.08 29.24
CA GLU B 800 15.26 35.18 28.15
C GLU B 800 14.59 34.96 26.79
N SER B 801 13.90 33.84 26.62
CA SER B 801 13.24 33.55 25.36
C SER B 801 12.19 34.61 25.03
N GLY B 802 11.49 35.09 26.06
CA GLY B 802 10.54 36.18 25.84
C GLY B 802 11.22 37.47 25.41
N LEU B 803 12.37 37.78 26.02
CA LEU B 803 13.13 38.95 25.60
C LEU B 803 13.55 38.84 24.13
N GLN B 804 13.74 37.62 23.63
CA GLN B 804 14.06 37.45 22.22
C GLN B 804 12.87 37.84 21.34
N PHE B 805 11.65 37.51 21.78
CA PHE B 805 10.47 37.93 21.03
C PHE B 805 10.21 39.41 21.18
N LEU B 806 10.57 40.00 22.33
CA LEU B 806 10.48 41.44 22.48
C LEU B 806 11.49 42.13 21.55
N HIS B 807 12.74 41.68 21.57
CA HIS B 807 13.76 42.25 20.69
C HIS B 807 13.37 42.12 19.23
N SER B 808 12.58 41.10 18.89
CA SER B 808 12.18 40.86 17.51
C SER B 808 10.99 41.69 17.06
N GLY B 809 10.34 42.42 17.97
CA GLY B 809 9.26 43.30 17.54
C GLY B 809 7.94 43.12 18.27
N ALA B 810 7.87 42.15 19.19
CA ALA B 810 6.65 41.91 19.94
C ALA B 810 6.59 42.79 21.18
N SER B 811 5.37 43.13 21.58
CA SER B 811 5.12 43.91 22.79
C SER B 811 4.77 43.04 24.00
N VAL B 812 3.95 42.00 23.81
CA VAL B 812 3.58 41.08 24.87
C VAL B 812 3.82 39.65 24.40
N LEU B 813 3.77 38.71 25.34
CA LEU B 813 4.27 37.36 25.15
C LEU B 813 3.24 36.35 25.64
N GLN B 814 2.62 35.62 24.70
CA GLN B 814 1.68 34.57 25.09
C GLN B 814 2.42 33.26 25.35
N VAL B 815 1.95 32.50 26.33
CA VAL B 815 2.60 31.27 26.77
C VAL B 815 1.56 30.17 26.90
N CYS B 816 1.92 28.95 26.48
CA CYS B 816 1.09 27.79 26.75
C CYS B 816 1.91 26.58 27.19
N SER B 817 2.79 26.10 26.31
CA SER B 817 3.44 24.81 26.55
C SER B 817 4.33 24.81 27.78
N ALA B 818 4.95 25.95 28.11
CA ALA B 818 5.77 26.01 29.31
C ALA B 818 4.92 25.80 30.57
N VAL B 819 3.68 26.29 30.56
CA VAL B 819 2.78 26.02 31.68
C VAL B 819 2.39 24.55 31.71
N GLN B 820 2.07 23.98 30.55
CA GLN B 820 1.78 22.55 30.47
C GLN B 820 2.93 21.73 31.03
N ASN B 821 4.17 22.19 30.82
CA ASN B 821 5.35 21.52 31.36
C ASN B 821 5.57 21.79 32.83
N GLN B 822 4.81 22.70 33.43
CA GLN B 822 4.97 23.06 34.83
C GLN B 822 3.64 23.44 35.44
N ASP B 823 3.46 24.72 35.75
CA ASP B 823 2.25 25.23 36.38
C ASP B 823 2.27 26.75 36.25
N PHE B 824 1.26 27.40 36.84
CA PHE B 824 1.09 28.83 36.62
C PHE B 824 2.19 29.66 37.27
N THR B 825 2.89 29.13 38.26
CA THR B 825 3.85 29.95 39.01
C THR B 825 5.15 30.18 38.26
N VAL B 826 5.27 29.71 37.02
CA VAL B 826 6.43 30.10 36.21
C VAL B 826 6.45 31.61 36.00
N ILE B 827 5.29 32.27 36.14
CA ILE B 827 5.19 33.71 35.90
C ILE B 827 6.15 34.46 36.83
N GLN B 828 6.30 33.99 38.06
CA GLN B 828 7.21 34.67 38.98
C GLN B 828 8.65 34.53 38.51
N ASP B 829 9.01 33.36 37.97
CA ASP B 829 10.33 33.19 37.38
C ASP B 829 10.51 34.14 36.20
N TYR B 830 9.45 34.32 35.41
CA TYR B 830 9.55 35.18 34.23
C TYR B 830 9.72 36.63 34.63
N CYS B 831 8.92 37.11 35.57
CA CYS B 831 8.96 38.52 35.94
C CYS B 831 10.27 38.89 36.63
N THR B 832 10.79 37.99 37.47
CA THR B 832 12.10 38.24 38.04
C THR B 832 13.19 38.25 36.96
N GLY B 833 13.13 37.29 36.04
CA GLY B 833 14.14 37.22 35.00
C GLY B 833 14.15 38.44 34.09
N LEU B 834 12.96 38.97 33.78
CA LEU B 834 12.90 40.15 32.91
C LEU B 834 13.42 41.38 33.64
N LYS B 835 13.10 41.52 34.93
CA LYS B 835 13.67 42.60 35.71
C LYS B 835 15.20 42.50 35.75
N ALA B 836 15.70 41.29 35.99
CA ALA B 836 17.15 41.10 36.06
C ALA B 836 17.80 41.42 34.71
N LEU B 837 17.22 40.94 33.61
CA LEU B 837 17.80 41.16 32.29
C LEU B 837 17.82 42.64 31.93
N LEU B 838 16.80 43.39 32.37
CA LEU B 838 16.79 44.83 32.09
C LEU B 838 17.70 45.58 33.06
N TYR B 839 17.68 45.21 34.34
CA TYR B 839 18.56 45.87 35.30
C TYR B 839 20.02 45.72 34.89
N LEU B 840 20.42 44.52 34.49
CA LEU B 840 21.82 44.28 34.13
C LEU B 840 22.26 45.13 32.95
N LYS B 841 21.35 45.43 32.02
CA LYS B 841 21.68 46.29 30.88
C LYS B 841 22.15 47.67 31.30
N SER B 842 21.97 48.03 32.58
CA SER B 842 22.43 49.31 33.09
C SER B 842 23.80 49.23 33.78
N ILE B 843 24.28 48.03 34.08
CA ILE B 843 25.53 47.84 34.81
C ILE B 843 26.66 47.79 33.80
N GLU B 844 27.48 48.84 33.76
CA GLU B 844 28.69 48.83 32.94
C GLU B 844 29.66 47.75 33.38
N GLU B 845 29.63 47.35 34.65
CA GLU B 845 30.57 46.35 35.13
C GLU B 845 30.26 44.96 34.60
N LEU B 846 29.10 44.73 33.99
CA LEU B 846 28.79 43.40 33.51
C LEU B 846 28.42 43.37 32.03
N GLN B 847 28.97 44.27 31.25
CA GLN B 847 28.68 44.27 29.81
C GLN B 847 29.21 43.03 29.10
N GLY B 848 30.23 42.38 29.63
CA GLY B 848 30.72 41.18 29.00
C GLY B 848 29.86 39.95 29.20
N TRP B 849 28.76 40.07 29.93
CA TRP B 849 27.88 38.94 30.16
C TRP B 849 26.90 38.78 29.00
N ASP B 850 26.40 37.56 28.85
CA ASP B 850 25.25 37.28 27.98
C ASP B 850 24.05 37.19 28.91
N GLY B 851 23.34 38.30 29.07
CA GLY B 851 22.22 38.36 30.00
C GLY B 851 22.66 38.10 31.43
N GLN B 852 22.28 36.95 31.96
CA GLN B 852 22.66 36.55 33.31
C GLN B 852 23.77 35.52 33.33
N SER B 853 24.30 35.16 32.16
CA SER B 853 25.43 34.24 32.09
C SER B 853 26.73 35.02 32.05
N PRO B 854 27.63 34.82 33.00
CA PRO B 854 28.94 35.48 32.92
C PRO B 854 29.72 34.98 31.70
N GLY B 855 30.75 35.74 31.34
CA GLY B 855 31.70 35.24 30.37
C GLY B 855 32.33 33.98 30.91
N THR B 856 32.45 32.94 30.10
CA THR B 856 32.98 31.67 30.56
C THR B 856 34.50 31.72 30.59
N GLU B 857 35.09 31.17 31.66
CA GLU B 857 36.54 31.09 31.81
C GLU B 857 36.98 29.63 31.80
N SER B 858 38.31 29.44 31.79
CA SER B 858 38.88 28.10 31.71
C SER B 858 38.51 27.28 32.94
N HIS B 859 37.83 26.16 32.71
CA HIS B 859 37.29 25.36 33.81
C HIS B 859 37.34 23.88 33.48
N GLN B 860 37.44 23.06 34.52
CA GLN B 860 37.27 21.63 34.41
C GLN B 860 36.40 21.20 35.58
N LYS B 861 35.22 20.63 35.29
CA LYS B 861 34.18 20.34 36.28
C LYS B 861 33.64 21.60 36.92
N GLY B 862 33.60 22.70 36.16
CA GLY B 862 33.11 23.97 36.70
C GLY B 862 33.97 24.51 37.82
N LYS B 863 35.29 24.36 37.71
CA LYS B 863 36.24 24.85 38.69
C LYS B 863 37.35 25.54 37.92
N PRO B 864 37.70 26.78 38.28
CA PRO B 864 38.72 27.52 37.53
C PRO B 864 40.02 26.73 37.38
N VAL B 865 40.49 26.63 36.14
CA VAL B 865 41.81 26.05 35.86
C VAL B 865 42.87 26.95 36.48
N PRO B 866 43.91 26.39 37.11
CA PRO B 866 45.00 27.24 37.59
C PRO B 866 45.77 27.86 36.44
N ARG B 867 46.07 29.15 36.54
CA ARG B 867 46.87 29.85 35.53
C ARG B 867 48.30 30.01 36.04
N ILE B 868 48.99 28.87 36.02
CA ILE B 868 50.42 28.76 36.31
C ILE B 868 51.17 28.74 34.99
N ALA B 869 52.38 29.36 34.99
CA ALA B 869 53.15 29.44 33.76
C ALA B 869 53.56 28.06 33.23
N GLU B 870 53.78 27.09 34.12
CA GLU B 870 54.34 25.81 33.69
C GLU B 870 53.29 24.82 33.16
N LEU B 871 52.01 25.07 33.42
CA LEU B 871 50.96 24.16 32.97
C LEU B 871 50.54 24.46 31.54
N MET B 872 50.68 25.69 31.08
CA MET B 872 50.11 26.04 29.79
C MET B 872 51.18 26.13 28.70
N GLY B 873 50.72 25.93 27.48
CA GLY B 873 51.62 25.84 26.35
C GLY B 873 52.43 24.56 26.32
N LYS B 874 52.00 23.53 27.04
CA LYS B 874 52.77 22.30 27.17
C LYS B 874 52.01 21.05 26.74
N LYS B 875 50.72 21.17 26.40
CA LYS B 875 49.91 20.05 25.91
C LYS B 875 49.69 18.99 26.98
N LEU B 876 48.92 19.31 28.02
CA LEU B 876 48.64 18.38 29.11
C LEU B 876 47.13 18.22 29.29
N PRO B 877 46.53 17.17 28.75
CA PRO B 877 45.12 16.88 29.07
C PRO B 877 44.99 16.26 30.44
N ASN B 878 43.77 16.31 30.97
CA ASN B 878 43.50 15.91 32.35
C ASN B 878 43.19 14.42 32.45
N PHE B 879 44.15 13.60 32.02
CA PHE B 879 44.02 12.15 32.17
C PHE B 879 45.40 11.52 32.07
N GLY B 880 45.48 10.27 32.52
CA GLY B 880 46.68 9.46 32.37
C GLY B 880 47.91 10.10 32.97
N PRO B 881 49.08 9.85 32.35
CA PRO B 881 50.31 10.47 32.86
C PRO B 881 50.29 11.98 32.77
N TYR B 882 49.54 12.55 31.82
CA TYR B 882 49.47 14.01 31.70
C TYR B 882 48.78 14.64 32.90
N LEU B 883 47.89 13.91 33.56
CA LEU B 883 47.24 14.44 34.76
C LEU B 883 48.22 14.46 35.94
N GLU B 884 49.08 13.44 36.03
CA GLU B 884 50.05 13.39 37.11
C GLU B 884 51.10 14.49 36.96
N GLN B 885 51.56 14.74 35.74
CA GLN B 885 52.47 15.85 35.50
C GLN B 885 51.81 17.18 35.89
N ARG B 886 50.50 17.30 35.66
CA ARG B 886 49.78 18.49 36.10
C ARG B 886 49.70 18.55 37.62
N LYS B 887 49.32 17.44 38.26
CA LYS B 887 49.24 17.41 39.72
C LYS B 887 50.60 17.69 40.36
N LYS B 888 51.68 17.21 39.74
CA LYS B 888 53.02 17.54 40.21
C LYS B 888 53.30 19.03 40.05
N ILE B 889 52.74 19.66 39.02
CA ILE B 889 53.02 21.07 38.76
C ILE B 889 52.24 21.97 39.72
N ILE B 890 50.97 21.66 39.98
CA ILE B 890 50.21 22.48 40.93
C ILE B 890 50.77 22.35 42.34
N ALA B 891 51.29 21.16 42.69
CA ALA B 891 51.80 20.94 44.04
C ALA B 891 53.11 21.69 44.28
N GLU B 892 54.00 21.73 43.28
CA GLU B 892 55.19 22.57 43.38
C GLU B 892 54.83 24.05 43.41
N GLU B 893 53.68 24.42 42.85
CA GLU B 893 53.22 25.81 42.91
C GLU B 893 52.52 26.12 44.23
N LYS B 894 51.81 25.14 44.79
CA LYS B 894 51.21 25.33 46.12
C LYS B 894 52.29 25.43 47.20
N MET B 895 53.44 24.79 46.98
CA MET B 895 54.59 24.99 47.86
C MET B 895 55.25 26.34 47.61
N ARG B 896 55.50 26.65 46.33
CA ARG B 896 56.06 27.94 45.94
C ARG B 896 55.16 29.11 46.33
N LEU B 897 53.92 28.84 46.72
CA LEU B 897 52.98 29.87 47.17
C LEU B 897 52.94 30.01 48.68
N LYS B 898 53.56 29.09 49.43
CA LYS B 898 53.58 29.21 50.89
C LYS B 898 54.52 30.33 51.34
N GLU B 899 55.66 30.49 50.65
CA GLU B 899 56.63 31.51 51.00
C GLU B 899 56.37 32.82 50.27
N GLN B 900 56.13 32.75 48.96
CA GLN B 900 55.59 33.90 48.24
C GLN B 900 54.20 34.18 48.81
N ASN B 901 54.18 34.90 49.94
CA ASN B 901 53.05 34.90 50.87
C ASN B 901 52.42 36.29 50.91
N ALA B 902 51.26 36.43 50.26
CA ALA B 902 50.57 37.71 50.17
C ALA B 902 49.09 37.50 50.43
N ALA B 903 48.54 38.25 51.39
CA ALA B 903 47.10 38.30 51.61
C ALA B 903 46.67 39.68 52.06
N PHE B 904 47.50 40.70 51.86
CA PHE B 904 47.16 42.08 52.17
C PHE B 904 46.59 42.89 51.00
N PRO B 905 46.20 42.31 49.86
CA PRO B 905 45.33 43.04 48.95
C PRO B 905 43.97 42.37 48.81
N PRO B 906 43.10 42.45 49.83
CA PRO B 906 41.70 42.06 49.62
C PRO B 906 40.99 43.10 48.76
N LEU B 907 39.65 43.06 48.73
CA LEU B 907 38.89 43.97 47.89
C LEU B 907 37.62 44.39 48.64
N GLU B 908 37.46 45.71 48.83
CA GLU B 908 36.23 46.24 49.41
C GLU B 908 35.08 45.99 48.44
N ARG B 909 34.23 45.02 48.76
CA ARG B 909 33.20 44.54 47.86
C ARG B 909 32.15 45.64 47.67
N LYS B 910 32.53 46.72 47.01
CA LYS B 910 31.59 47.81 46.79
C LYS B 910 30.61 47.41 45.70
N PRO B 911 29.31 47.59 45.91
CA PRO B 911 28.32 47.10 44.93
C PRO B 911 28.29 47.96 43.69
N PHE B 912 28.04 47.29 42.56
CA PHE B 912 27.92 47.99 41.29
C PHE B 912 26.68 48.88 41.29
N ILE B 913 26.81 50.05 40.66
CA ILE B 913 25.70 51.00 40.55
C ILE B 913 25.31 51.12 39.08
N PRO B 914 24.03 51.22 38.77
CA PRO B 914 23.63 51.53 37.39
C PRO B 914 24.30 52.80 36.89
N LYS B 915 25.07 52.69 35.80
CA LYS B 915 25.71 53.84 35.19
C LYS B 915 25.05 54.19 33.85
N LYS B 916 23.79 53.82 33.69
CA LYS B 916 22.94 54.23 32.58
C LYS B 916 21.51 53.84 32.92
N PRO B 917 20.51 54.51 32.35
CA PRO B 917 19.13 54.24 32.79
C PRO B 917 18.74 52.80 32.51
N ILE B 918 17.96 52.23 33.43
CA ILE B 918 17.42 50.89 33.24
C ILE B 918 16.36 50.95 32.15
N PRO B 919 16.52 50.20 31.06
CA PRO B 919 15.55 50.28 29.97
C PRO B 919 14.16 49.82 30.41
N ALA B 920 13.17 50.22 29.63
CA ALA B 920 11.81 49.71 29.76
C ALA B 920 11.50 48.82 28.58
N ILE B 921 10.36 48.12 28.66
CA ILE B 921 9.97 47.24 27.58
C ILE B 921 9.87 48.02 26.28
N LYS B 922 9.32 49.24 26.34
CA LYS B 922 9.22 50.07 25.14
C LYS B 922 10.58 50.40 24.55
N ASP B 923 11.66 50.26 25.31
CA ASP B 923 12.99 50.58 24.83
C ASP B 923 13.68 49.43 24.11
N VAL B 924 13.27 48.19 24.37
CA VAL B 924 13.94 47.03 23.77
C VAL B 924 13.20 46.45 22.58
N ILE B 925 11.91 46.77 22.40
CA ILE B 925 11.15 46.19 21.30
C ILE B 925 11.77 46.62 19.98
N GLY B 926 12.06 45.65 19.12
CA GLY B 926 12.51 45.91 17.77
C GLY B 926 14.00 46.07 17.61
N LYS B 927 14.77 46.17 18.70
CA LYS B 927 16.18 46.51 18.56
C LYS B 927 16.99 45.42 17.88
N ALA B 928 16.47 44.20 17.78
CA ALA B 928 17.17 43.15 17.06
C ALA B 928 17.01 43.26 15.55
N LEU B 929 16.04 44.04 15.09
CA LEU B 929 15.70 44.03 13.67
C LEU B 929 16.82 44.60 12.81
N GLN B 930 17.66 45.47 13.38
CA GLN B 930 18.74 46.08 12.62
C GLN B 930 19.70 45.04 12.09
N TYR B 931 20.07 44.06 12.92
CA TYR B 931 20.97 43.00 12.50
C TYR B 931 20.37 42.08 11.45
N LEU B 932 19.05 42.14 11.24
CA LEU B 932 18.40 41.28 10.28
C LEU B 932 18.41 41.91 8.89
N GLY B 933 18.47 41.06 7.88
CA GLY B 933 18.50 41.52 6.51
C GLY B 933 18.71 40.36 5.56
N THR B 934 18.77 40.70 4.27
CA THR B 934 18.94 39.71 3.20
C THR B 934 20.30 39.03 3.29
N PHE B 935 20.54 38.06 2.42
CA PHE B 935 21.86 37.43 2.37
C PHE B 935 22.90 38.37 1.76
N GLY B 936 22.49 39.17 0.78
CA GLY B 936 23.42 40.13 0.19
C GLY B 936 23.99 41.11 1.18
N GLU B 937 23.25 41.42 2.26
CA GLU B 937 23.73 42.30 3.30
C GLU B 937 24.73 41.63 4.25
N LEU B 938 25.08 40.37 4.01
CA LEU B 938 26.05 39.66 4.83
C LEU B 938 27.43 39.74 4.18
N SER B 939 28.45 39.86 5.02
CA SER B 939 29.82 40.02 4.55
C SER B 939 30.47 38.67 4.35
N ASN B 940 30.94 38.41 3.13
CA ASN B 940 31.79 37.26 2.86
C ASN B 940 33.27 37.62 2.90
N ILE B 941 33.60 38.83 3.31
CA ILE B 941 34.99 39.24 3.51
C ILE B 941 35.43 38.96 4.94
N GLU B 942 34.55 39.19 5.91
CA GLU B 942 34.87 38.96 7.32
C GLU B 942 34.54 37.51 7.68
N GLN B 943 35.36 36.62 7.14
CA GLN B 943 35.26 35.20 7.47
C GLN B 943 35.84 34.95 8.86
N VAL B 944 35.50 33.79 9.42
CA VAL B 944 35.97 33.40 10.74
C VAL B 944 36.59 32.01 10.65
N VAL B 945 37.24 31.60 11.74
CA VAL B 945 37.79 30.26 11.89
C VAL B 945 37.53 29.81 13.32
N ALA B 946 37.56 28.50 13.53
CA ALA B 946 37.40 27.93 14.85
C ALA B 946 38.74 27.86 15.57
N VAL B 947 38.70 28.03 16.89
CA VAL B 947 39.87 27.87 17.73
C VAL B 947 39.40 27.27 19.06
N ILE B 948 40.21 26.39 19.63
CA ILE B 948 39.80 25.53 20.74
C ILE B 948 40.63 25.86 21.97
N ASP B 949 39.98 26.03 23.11
CA ASP B 949 40.64 26.18 24.40
C ASP B 949 40.89 24.79 24.95
N GLU B 950 42.15 24.34 24.92
CA GLU B 950 42.47 22.98 25.34
C GLU B 950 42.36 22.81 26.86
N GLU B 951 42.47 23.88 27.64
CA GLU B 951 42.25 23.77 29.08
C GLU B 951 40.81 23.42 29.40
N MET B 952 39.89 23.62 28.45
CA MET B 952 38.47 23.34 28.63
C MET B 952 38.02 22.02 28.00
N CYS B 953 38.76 21.51 27.03
CA CYS B 953 38.33 20.34 26.26
C CYS B 953 38.26 19.11 27.15
N ILE B 954 37.29 18.25 26.88
CA ILE B 954 37.17 16.96 27.54
C ILE B 954 37.45 15.81 26.58
N ASN B 955 38.13 16.10 25.46
CA ASN B 955 38.78 15.08 24.63
C ASN B 955 37.79 14.11 23.99
N CYS B 956 36.58 14.56 23.70
CA CYS B 956 35.59 13.67 23.11
C CYS B 956 35.79 13.47 21.62
N GLY B 957 36.30 14.47 20.92
CA GLY B 957 36.55 14.34 19.50
C GLY B 957 35.36 14.61 18.59
N LYS B 958 34.27 15.17 19.12
CA LYS B 958 33.10 15.42 18.29
C LYS B 958 33.36 16.52 17.26
N CYS B 959 34.12 17.55 17.64
CA CYS B 959 34.54 18.55 16.67
C CYS B 959 35.33 17.90 15.54
N TYR B 960 36.11 16.87 15.86
CA TYR B 960 36.89 16.17 14.87
C TYR B 960 36.00 15.36 13.93
N MET B 961 35.06 14.59 14.48
CA MET B 961 34.18 13.80 13.64
C MET B 961 33.24 14.69 12.82
N THR B 962 32.67 15.71 13.46
CA THR B 962 31.73 16.58 12.76
C THR B 962 32.40 17.28 11.58
N CYS B 963 33.67 17.67 11.73
CA CYS B 963 34.36 18.28 10.60
C CYS B 963 34.81 17.24 9.58
N ASN B 964 35.09 16.02 10.01
CA ASN B 964 35.54 14.99 9.08
C ASN B 964 34.41 14.52 8.18
N ASP B 965 33.26 14.19 8.77
CA ASP B 965 32.14 13.61 8.03
C ASP B 965 31.03 14.61 7.75
N SER B 966 31.19 15.87 8.14
CA SER B 966 30.19 16.89 7.82
C SER B 966 30.84 18.25 7.54
N GLY B 967 32.14 18.28 7.23
CA GLY B 967 32.83 19.53 7.03
C GLY B 967 34.01 19.49 6.08
N TYR B 968 35.16 19.96 6.56
CA TYR B 968 36.29 20.25 5.68
C TYR B 968 37.57 19.56 6.14
N GLN B 969 37.45 18.55 7.01
CA GLN B 969 38.58 17.71 7.39
C GLN B 969 39.74 18.56 7.90
N ALA B 970 39.42 19.56 8.71
CA ALA B 970 40.34 20.64 9.05
C ALA B 970 40.77 20.62 10.51
N ILE B 971 40.64 19.49 11.20
CA ILE B 971 41.01 19.40 12.61
C ILE B 971 41.91 18.18 12.81
N GLN B 972 43.04 18.39 13.49
CA GLN B 972 43.90 17.30 13.94
C GLN B 972 43.46 16.85 15.32
N PHE B 973 43.30 15.55 15.50
CA PHE B 973 42.99 14.94 16.79
C PHE B 973 44.20 14.10 17.17
N ASP B 974 44.96 14.55 18.16
CA ASP B 974 46.22 13.91 18.47
C ASP B 974 45.96 12.54 19.11
N PRO B 975 46.56 11.48 18.58
CA PRO B 975 46.26 10.13 19.10
C PRO B 975 46.70 9.87 20.53
N GLU B 976 47.55 10.72 21.11
CA GLU B 976 48.06 10.49 22.46
C GLU B 976 47.37 11.33 23.51
N THR B 977 47.07 12.59 23.19
CA THR B 977 46.42 13.48 24.15
C THR B 977 44.93 13.61 23.91
N HIS B 978 44.43 13.13 22.76
CA HIS B 978 43.04 13.34 22.37
C HIS B 978 42.69 14.82 22.43
N LEU B 979 43.63 15.64 21.97
CA LEU B 979 43.48 17.09 21.95
C LEU B 979 43.31 17.56 20.52
N PRO B 980 42.22 18.26 20.20
CA PRO B 980 42.04 18.76 18.84
C PRO B 980 42.78 20.07 18.60
N THR B 981 43.10 20.31 17.34
CA THR B 981 43.72 21.55 16.90
C THR B 981 43.16 21.92 15.53
N VAL B 982 42.56 23.09 15.43
CA VAL B 982 41.94 23.53 14.18
C VAL B 982 43.04 24.02 13.24
N THR B 983 43.05 23.50 12.02
CA THR B 983 44.05 23.85 11.03
C THR B 983 43.56 25.00 10.14
N ASP B 984 44.48 25.51 9.33
CA ASP B 984 44.19 26.67 8.49
C ASP B 984 43.16 26.38 7.41
N THR B 985 42.92 25.11 7.08
CA THR B 985 41.91 24.76 6.10
C THR B 985 40.49 24.96 6.62
N CYS B 986 40.33 25.35 7.88
CA CYS B 986 39.02 25.66 8.43
C CYS B 986 38.33 26.75 7.60
N THR B 987 37.01 26.61 7.46
CA THR B 987 36.21 27.54 6.66
C THR B 987 35.21 28.33 7.51
N GLY B 988 35.22 28.17 8.84
CA GLY B 988 34.34 28.92 9.70
C GLY B 988 32.89 28.52 9.69
N CYS B 989 32.57 27.29 9.25
CA CYS B 989 31.19 26.87 9.13
C CYS B 989 30.50 26.79 10.49
N THR B 990 31.27 26.54 11.55
CA THR B 990 30.87 26.62 12.95
C THR B 990 30.13 25.37 13.42
N LEU B 991 30.15 24.30 12.62
CA LEU B 991 29.51 23.06 13.05
C LEU B 991 30.18 22.49 14.29
N CYS B 992 31.51 22.54 14.34
CA CYS B 992 32.24 21.96 15.47
C CYS B 992 31.87 22.64 16.78
N LEU B 993 31.78 23.98 16.77
CA LEU B 993 31.32 24.70 17.95
C LEU B 993 29.91 24.29 18.34
N SER B 994 29.09 23.95 17.35
CA SER B 994 27.68 23.63 17.60
C SER B 994 27.51 22.27 18.27
N VAL B 995 28.46 21.35 18.09
CA VAL B 995 28.35 20.02 18.69
C VAL B 995 29.21 19.88 19.93
N CYS B 996 29.96 20.90 20.31
CA CYS B 996 30.84 20.79 21.46
C CYS B 996 30.02 20.67 22.74
N PRO B 997 30.30 19.68 23.59
CA PRO B 997 29.57 19.59 24.87
C PRO B 997 29.93 20.69 25.85
N ILE B 998 31.10 21.30 25.71
CA ILE B 998 31.56 22.33 26.64
C ILE B 998 31.17 23.69 26.09
N ILE B 999 30.48 24.48 26.93
CA ILE B 999 30.14 25.85 26.56
C ILE B 999 31.42 26.66 26.41
N ASP B 1000 31.58 27.28 25.25
CA ASP B 1000 32.65 28.25 24.94
C ASP B 1000 34.04 27.62 24.88
N CYS B 1001 34.15 26.29 24.86
CA CYS B 1001 35.46 25.68 24.64
C CYS B 1001 35.99 26.01 23.25
N ILE B 1002 35.11 25.99 22.26
CA ILE B 1002 35.42 26.45 20.91
C ILE B 1002 34.87 27.86 20.75
N ARG B 1003 35.64 28.72 20.09
CA ARG B 1003 35.20 30.08 19.80
C ARG B 1003 35.53 30.42 18.36
N MET B 1004 34.64 31.15 17.71
CA MET B 1004 34.85 31.61 16.35
C MET B 1004 35.53 32.98 16.38
N VAL B 1005 36.71 33.07 15.78
CA VAL B 1005 37.50 34.29 15.77
C VAL B 1005 37.71 34.73 14.32
N SER B 1006 38.10 35.99 14.15
CA SER B 1006 38.36 36.52 12.82
C SER B 1006 39.52 35.78 12.17
N ARG B 1007 39.51 35.74 10.84
CA ARG B 1007 40.48 34.96 10.09
C ARG B 1007 41.66 35.84 9.70
N THR B 1008 42.84 35.49 10.22
CA THR B 1008 44.05 36.26 9.94
C THR B 1008 44.69 35.84 8.62
N THR B 1009 44.71 34.54 8.33
CA THR B 1009 45.32 34.01 7.12
C THR B 1009 44.38 34.17 5.93
N PRO B 1010 44.93 34.24 4.70
CA PRO B 1010 44.08 34.46 3.53
C PRO B 1010 43.02 33.37 3.37
N TYR B 1011 41.88 33.76 2.82
CA TYR B 1011 40.75 32.86 2.63
C TYR B 1011 40.51 32.63 1.14
N GLU B 1012 40.36 31.37 0.76
CA GLU B 1012 40.10 30.98 -0.62
C GLU B 1012 38.95 29.98 -0.61
N PRO B 1013 37.80 30.30 -1.21
CA PRO B 1013 36.70 29.33 -1.27
C PRO B 1013 37.14 28.03 -1.91
N LYS B 1014 36.83 26.92 -1.24
CA LYS B 1014 37.20 25.60 -1.74
C LYS B 1014 36.32 25.26 -2.93
N ARG B 1015 36.90 25.27 -4.13
CA ARG B 1015 36.17 25.07 -5.38
C ARG B 1015 36.33 23.69 -5.99
N GLY B 1016 37.25 22.87 -5.49
CA GLY B 1016 37.54 21.58 -6.13
C GLY B 1016 38.17 21.59 -7.52
N LEU B 1017 37.62 22.36 -8.45
CA LEU B 1017 38.17 22.50 -9.80
C LEU B 1017 38.09 23.99 -10.14
N PRO B 1018 39.15 24.58 -10.69
CA PRO B 1018 39.10 25.95 -11.22
C PRO B 1018 37.93 26.16 -12.20
N ALA C 2 -29.29 3.40 16.21
CA ALA C 2 -28.96 2.94 14.85
C ALA C 2 -30.09 3.26 13.89
N PRO C 3 -29.82 3.13 12.58
CA PRO C 3 -30.91 3.09 11.61
C PRO C 3 -31.06 1.70 11.01
N VAL C 4 -31.93 1.54 10.03
CA VAL C 4 -32.10 0.25 9.37
C VAL C 4 -30.93 0.06 8.40
N LEU C 5 -29.94 -0.75 8.81
CA LEU C 5 -28.77 -0.96 7.97
C LEU C 5 -29.13 -1.67 6.66
N SER C 6 -30.00 -2.66 6.73
CA SER C 6 -30.33 -3.48 5.58
C SER C 6 -31.31 -2.82 4.62
N LYS C 7 -31.48 -1.50 4.70
CA LYS C 7 -32.37 -0.78 3.78
C LYS C 7 -31.60 0.36 3.16
N ASP C 8 -31.73 0.53 1.85
CA ASP C 8 -31.04 1.61 1.17
C ASP C 8 -31.68 2.94 1.54
N VAL C 9 -30.85 3.95 1.76
CA VAL C 9 -31.34 5.30 2.00
C VAL C 9 -31.94 5.83 0.71
N ALA C 10 -32.63 6.98 0.78
CA ALA C 10 -33.31 7.50 -0.39
C ALA C 10 -32.33 7.90 -1.49
N ASP C 11 -31.13 8.37 -1.13
CA ASP C 11 -30.14 8.72 -2.12
C ASP C 11 -29.76 7.51 -2.98
N ILE C 12 -29.55 6.35 -2.35
CA ILE C 12 -29.24 5.14 -3.10
C ILE C 12 -30.49 4.57 -3.76
N GLU C 13 -31.65 4.69 -3.12
CA GLU C 13 -32.89 4.25 -3.74
C GLU C 13 -33.13 4.93 -5.08
N SER C 14 -32.65 6.16 -5.23
CA SER C 14 -32.78 6.86 -6.51
C SER C 14 -31.72 6.38 -7.50
N ILE C 15 -30.48 6.23 -7.04
CA ILE C 15 -29.41 5.67 -7.87
C ILE C 15 -29.89 4.42 -8.57
N LEU C 16 -30.63 3.57 -7.85
CA LEU C 16 -31.17 2.31 -8.35
C LEU C 16 -32.48 2.47 -9.11
N ALA C 17 -32.81 3.68 -9.59
CA ALA C 17 -34.12 3.88 -10.20
C ALA C 17 -34.27 3.06 -11.48
N LEU C 18 -33.17 2.80 -12.20
CA LEU C 18 -33.21 2.02 -13.42
C LEU C 18 -32.66 0.61 -13.23
N ASN C 19 -32.38 0.20 -12.00
CA ASN C 19 -31.94 -1.16 -11.76
C ASN C 19 -33.08 -2.13 -12.11
N PRO C 20 -32.77 -3.24 -12.77
CA PRO C 20 -33.83 -4.21 -13.11
C PRO C 20 -34.47 -4.76 -11.86
N ARG C 21 -35.78 -4.97 -11.93
CA ARG C 21 -36.52 -5.59 -10.85
C ARG C 21 -37.50 -6.60 -11.43
N THR C 22 -37.72 -7.67 -10.68
CA THR C 22 -38.70 -8.66 -11.11
C THR C 22 -40.08 -8.03 -11.21
N GLN C 23 -40.91 -8.59 -12.08
CA GLN C 23 -42.18 -7.98 -12.46
C GLN C 23 -43.32 -8.91 -12.11
N SER C 24 -44.37 -8.35 -11.50
CA SER C 24 -45.53 -9.14 -11.11
C SER C 24 -46.75 -8.91 -11.98
N HIS C 25 -46.75 -7.88 -12.82
CA HIS C 25 -47.89 -7.59 -13.69
C HIS C 25 -47.41 -7.35 -15.12
N ALA C 26 -48.38 -7.25 -16.02
CA ALA C 26 -48.11 -6.81 -17.38
C ALA C 26 -48.20 -5.30 -17.44
N ALA C 27 -47.36 -4.70 -18.28
CA ALA C 27 -47.20 -3.25 -18.32
C ALA C 27 -48.16 -2.63 -19.34
N LEU C 28 -48.78 -1.52 -18.94
CA LEU C 28 -49.74 -0.81 -19.77
C LEU C 28 -49.09 0.42 -20.38
N HIS C 29 -48.98 0.45 -21.71
CA HIS C 29 -48.43 1.59 -22.44
C HIS C 29 -49.19 1.76 -23.74
N SER C 30 -49.69 2.97 -23.97
CA SER C 30 -50.57 3.20 -25.12
C SER C 30 -49.78 3.14 -26.43
N THR C 31 -50.42 2.60 -27.46
CA THR C 31 -49.83 2.55 -28.79
C THR C 31 -49.36 3.93 -29.24
N LEU C 32 -50.08 4.98 -28.85
CA LEU C 32 -49.72 6.33 -29.27
C LEU C 32 -48.53 6.87 -28.48
N ALA C 33 -48.51 6.67 -27.15
CA ALA C 33 -47.32 7.03 -26.39
C ALA C 33 -46.13 6.19 -26.82
N LYS C 34 -46.37 4.97 -27.31
CA LYS C 34 -45.27 4.14 -27.78
C LYS C 34 -44.74 4.64 -29.12
N LYS C 35 -45.62 5.19 -29.97
CA LYS C 35 -45.15 5.85 -31.18
C LYS C 35 -44.23 7.01 -30.85
N LEU C 36 -44.53 7.74 -29.79
CA LEU C 36 -43.74 8.90 -29.41
C LEU C 36 -42.40 8.49 -28.80
N ASP C 37 -42.42 7.54 -27.86
CA ASP C 37 -41.21 7.19 -27.13
C ASP C 37 -40.22 6.44 -28.01
N LYS C 38 -40.69 5.75 -29.04
CA LYS C 38 -39.81 5.00 -29.92
C LYS C 38 -38.73 5.90 -30.54
N LYS C 39 -39.07 7.16 -30.82
CA LYS C 39 -38.14 8.08 -31.45
C LYS C 39 -37.00 8.51 -30.51
N HIS C 40 -37.20 8.41 -29.19
CA HIS C 40 -36.15 8.83 -28.27
C HIS C 40 -34.98 7.86 -28.28
N TRP C 41 -35.22 6.60 -28.61
CA TRP C 41 -34.21 5.55 -28.52
C TRP C 41 -33.70 5.08 -29.88
N LYS C 42 -34.33 5.49 -30.97
CA LYS C 42 -34.02 5.00 -32.30
C LYS C 42 -32.53 5.18 -32.62
N ARG C 43 -31.87 4.06 -32.95
CA ARG C 43 -30.47 4.07 -33.34
C ARG C 43 -30.27 3.99 -34.85
N ASN C 44 -31.14 3.30 -35.55
CA ASN C 44 -31.00 2.98 -36.95
C ASN C 44 -31.79 3.96 -37.81
N PRO C 45 -31.66 3.89 -39.15
CA PRO C 45 -32.41 4.82 -39.99
C PRO C 45 -33.92 4.69 -39.81
N ASP C 46 -34.60 5.82 -40.00
CA ASP C 46 -36.05 5.89 -39.91
C ASP C 46 -36.62 5.63 -41.30
N LYS C 47 -37.50 4.63 -41.41
CA LYS C 47 -38.13 4.28 -42.68
C LYS C 47 -39.05 5.40 -43.16
N ASN C 48 -39.23 6.42 -42.32
CA ASN C 48 -40.07 7.56 -42.64
C ASN C 48 -39.26 8.81 -43.00
N CYS C 49 -37.93 8.74 -42.93
CA CYS C 49 -37.09 9.86 -43.30
C CYS C 49 -36.92 9.85 -44.82
N PHE C 50 -37.70 10.66 -45.51
CA PHE C 50 -37.56 10.88 -46.95
C PHE C 50 -36.40 11.80 -47.27
N HIS C 51 -35.50 11.96 -46.31
CA HIS C 51 -34.59 13.11 -46.22
C HIS C 51 -33.20 12.62 -45.89
N CYS C 52 -32.22 13.00 -46.70
CA CYS C 52 -30.83 12.62 -46.51
C CYS C 52 -30.10 13.71 -45.73
N GLU C 53 -29.39 13.32 -44.68
CA GLU C 53 -28.59 14.26 -43.90
C GLU C 53 -27.54 14.91 -44.79
N LYS C 54 -27.02 16.04 -44.33
CA LYS C 54 -26.05 16.79 -45.12
C LYS C 54 -24.73 16.04 -45.18
N LEU C 55 -24.23 15.83 -46.39
CA LEU C 55 -22.98 15.12 -46.61
C LEU C 55 -21.93 15.97 -47.30
N GLU C 56 -22.18 17.25 -47.53
CA GLU C 56 -21.24 18.11 -48.23
C GLU C 56 -19.89 18.12 -47.54
N ASN C 57 -18.83 17.79 -48.30
CA ASN C 57 -17.45 17.76 -47.81
C ASN C 57 -17.26 16.77 -46.67
N ASN C 58 -18.10 15.73 -46.60
CA ASN C 58 -17.99 14.70 -45.58
C ASN C 58 -17.45 13.43 -46.23
N PHE C 59 -16.13 13.23 -46.16
CA PHE C 59 -15.47 12.07 -46.72
C PHE C 59 -15.06 11.08 -45.63
N ASP C 60 -15.91 10.92 -44.62
CA ASP C 60 -15.66 9.95 -43.57
C ASP C 60 -16.03 8.54 -44.05
N ASP C 61 -15.43 7.55 -43.40
CA ASP C 61 -15.60 6.16 -43.80
C ASP C 61 -17.07 5.75 -43.69
N ILE C 62 -17.64 5.30 -44.81
CA ILE C 62 -19.02 4.84 -44.84
C ILE C 62 -19.09 3.32 -44.99
N LYS C 63 -17.98 2.63 -44.82
CA LYS C 63 -17.96 1.19 -45.02
C LYS C 63 -18.60 0.47 -43.83
N HIS C 64 -19.56 -0.41 -44.13
CA HIS C 64 -20.16 -1.25 -43.10
C HIS C 64 -19.22 -2.33 -42.60
N THR C 65 -18.09 -2.54 -43.28
CA THR C 65 -17.18 -3.64 -42.98
C THR C 65 -16.03 -3.24 -42.07
N THR C 66 -15.90 -1.95 -41.75
CA THR C 66 -14.76 -1.49 -40.97
C THR C 66 -14.82 -2.01 -39.54
N LEU C 67 -13.68 -2.50 -39.04
CA LEU C 67 -13.60 -3.16 -37.75
C LEU C 67 -12.53 -2.54 -36.88
N GLY C 68 -12.87 -2.32 -35.61
CA GLY C 68 -11.87 -2.11 -34.57
C GLY C 68 -11.48 -3.43 -33.92
N GLU C 69 -10.57 -3.33 -32.95
CA GLU C 69 -10.01 -4.55 -32.37
C GLU C 69 -11.07 -5.41 -31.70
N ARG C 70 -12.03 -4.77 -31.03
CA ARG C 70 -13.09 -5.50 -30.37
C ARG C 70 -13.93 -6.28 -31.37
N GLY C 71 -14.39 -5.63 -32.42
CA GLY C 71 -15.15 -6.32 -33.46
C GLY C 71 -14.30 -7.30 -34.25
N ALA C 72 -13.03 -6.96 -34.47
CA ALA C 72 -12.17 -7.84 -35.24
C ALA C 72 -11.90 -9.15 -34.51
N LEU C 73 -11.63 -9.07 -33.21
CA LEU C 73 -11.34 -10.29 -32.44
C LEU C 73 -12.57 -11.18 -32.36
N ARG C 74 -13.74 -10.59 -32.07
CA ARG C 74 -14.99 -11.34 -31.96
C ARG C 74 -15.33 -12.02 -33.27
N GLU C 75 -15.13 -11.34 -34.40
CA GLU C 75 -15.46 -11.93 -35.68
C GLU C 75 -14.43 -12.97 -36.11
N ALA C 76 -13.16 -12.77 -35.72
CA ALA C 76 -12.13 -13.75 -36.05
C ALA C 76 -12.29 -15.02 -35.25
N MET C 77 -12.85 -14.93 -34.04
CA MET C 77 -13.12 -16.12 -33.26
C MET C 77 -14.33 -16.89 -33.79
N ARG C 78 -15.25 -16.19 -34.45
CA ARG C 78 -16.43 -16.84 -35.01
C ARG C 78 -16.10 -17.67 -36.24
N CYS C 79 -14.99 -17.36 -36.92
CA CYS C 79 -14.61 -18.07 -38.13
C CYS C 79 -14.27 -19.53 -37.82
N LEU C 80 -14.93 -20.45 -38.53
CA LEU C 80 -14.65 -21.87 -38.35
C LEU C 80 -13.22 -22.23 -38.71
N LYS C 81 -12.53 -21.37 -39.45
CA LYS C 81 -11.17 -21.62 -39.93
C LYS C 81 -11.11 -22.95 -40.69
N CYS C 82 -11.83 -22.99 -41.80
CA CYS C 82 -12.20 -24.24 -42.45
C CYS C 82 -11.03 -24.83 -43.24
N ALA C 83 -11.13 -26.13 -43.50
CA ALA C 83 -10.14 -26.83 -44.30
C ALA C 83 -10.48 -26.71 -45.78
N ASP C 84 -9.44 -26.60 -46.63
CA ASP C 84 -9.64 -26.42 -48.06
C ASP C 84 -10.64 -25.30 -48.30
N ALA C 85 -10.49 -24.23 -47.52
CA ALA C 85 -11.55 -23.26 -47.31
C ALA C 85 -12.11 -22.77 -48.65
N PRO C 86 -13.44 -22.70 -48.79
CA PRO C 86 -14.01 -22.15 -50.03
C PRO C 86 -13.88 -20.64 -50.13
N CYS C 87 -13.64 -19.94 -49.03
CA CYS C 87 -13.36 -18.51 -49.12
C CYS C 87 -12.03 -18.27 -49.84
N GLN C 88 -11.06 -19.16 -49.64
CA GLN C 88 -9.79 -19.03 -50.36
C GLN C 88 -9.94 -19.46 -51.82
N LYS C 89 -10.71 -20.52 -52.07
CA LYS C 89 -10.99 -20.92 -53.45
C LYS C 89 -11.68 -19.80 -54.22
N SER C 90 -12.50 -18.99 -53.54
CA SER C 90 -13.24 -17.90 -54.15
C SER C 90 -12.50 -16.57 -54.08
N CYS C 91 -11.21 -16.58 -53.70
CA CYS C 91 -10.42 -15.34 -53.68
C CYS C 91 -9.49 -15.32 -54.87
N PRO C 92 -9.56 -14.30 -55.73
CA PRO C 92 -8.69 -14.27 -56.91
C PRO C 92 -7.21 -14.41 -56.60
N THR C 93 -6.74 -13.82 -55.50
CA THR C 93 -5.33 -13.90 -55.15
C THR C 93 -5.00 -15.04 -54.20
N HIS C 94 -5.98 -15.85 -53.82
CA HIS C 94 -5.74 -17.09 -53.08
C HIS C 94 -5.13 -16.82 -51.70
N LEU C 95 -5.78 -15.94 -50.94
CA LEU C 95 -5.32 -15.65 -49.59
C LEU C 95 -5.60 -16.82 -48.66
N ASP C 96 -4.60 -17.21 -47.87
CA ASP C 96 -4.78 -18.22 -46.83
C ASP C 96 -5.64 -17.59 -45.75
N ILE C 97 -6.94 -17.47 -46.04
CA ILE C 97 -7.85 -16.75 -45.15
C ILE C 97 -7.95 -17.46 -43.81
N LYS C 98 -8.08 -18.79 -43.84
CA LYS C 98 -8.11 -19.56 -42.60
C LYS C 98 -6.91 -19.23 -41.72
N SER C 99 -5.74 -19.02 -42.32
CA SER C 99 -4.53 -18.78 -41.54
C SER C 99 -4.46 -17.36 -41.00
N PHE C 100 -4.86 -16.36 -41.79
CA PHE C 100 -4.77 -15.01 -41.26
C PHE C 100 -5.95 -14.64 -40.37
N ILE C 101 -7.11 -15.30 -40.54
CA ILE C 101 -8.16 -15.13 -39.55
C ILE C 101 -7.79 -15.86 -38.26
N THR C 102 -7.08 -16.98 -38.36
CA THR C 102 -6.57 -17.64 -37.17
C THR C 102 -5.60 -16.73 -36.42
N SER C 103 -4.73 -16.03 -37.15
CA SER C 103 -3.77 -15.14 -36.50
C SER C 103 -4.46 -13.99 -35.78
N ILE C 104 -5.48 -13.40 -36.39
CA ILE C 104 -6.21 -12.33 -35.72
C ILE C 104 -6.87 -12.87 -34.45
N SER C 105 -7.52 -14.04 -34.56
CA SER C 105 -8.16 -14.64 -33.40
C SER C 105 -7.16 -14.88 -32.28
N ASN C 106 -5.88 -15.08 -32.62
CA ASN C 106 -4.82 -15.26 -31.63
C ASN C 106 -4.09 -13.95 -31.34
N LYS C 107 -4.67 -12.81 -31.70
CA LYS C 107 -4.11 -11.48 -31.45
C LYS C 107 -2.80 -11.23 -32.18
N ASN C 108 -2.44 -12.08 -33.15
CA ASN C 108 -1.17 -11.95 -33.85
C ASN C 108 -1.44 -11.27 -35.19
N TYR C 109 -1.56 -9.94 -35.15
CA TYR C 109 -1.93 -9.19 -36.35
C TYR C 109 -0.79 -9.07 -37.34
N TYR C 110 0.47 -9.03 -36.87
CA TYR C 110 1.58 -9.09 -37.81
C TYR C 110 1.51 -10.35 -38.66
N GLY C 111 1.36 -11.50 -38.00
CA GLY C 111 1.21 -12.74 -38.74
C GLY C 111 0.04 -12.71 -39.70
N ALA C 112 -1.09 -12.13 -39.27
CA ALA C 112 -2.24 -12.01 -40.15
C ALA C 112 -1.92 -11.18 -41.38
N ALA C 113 -1.37 -9.97 -41.17
CA ALA C 113 -1.04 -9.09 -42.29
C ALA C 113 0.05 -9.68 -43.16
N LYS C 114 1.02 -10.38 -42.57
CA LYS C 114 2.08 -11.02 -43.35
C LYS C 114 1.50 -12.02 -44.34
N MET C 115 0.57 -12.85 -43.87
CA MET C 115 -0.06 -13.82 -44.76
C MET C 115 -0.96 -13.15 -45.78
N ILE C 116 -1.49 -11.97 -45.46
CA ILE C 116 -2.31 -11.22 -46.41
C ILE C 116 -1.43 -10.68 -47.54
N PHE C 117 -0.34 -10.01 -47.19
CA PHE C 117 0.52 -9.39 -48.19
C PHE C 117 1.40 -10.40 -48.93
N SER C 118 1.61 -11.59 -48.35
CA SER C 118 2.35 -12.62 -49.07
C SER C 118 1.69 -12.95 -50.39
N ASP C 119 0.36 -12.98 -50.40
CA ASP C 119 -0.39 -13.34 -51.60
C ASP C 119 -1.05 -12.14 -52.28
N ASN C 120 -1.13 -10.99 -51.61
CA ASN C 120 -1.77 -9.80 -52.17
C ASN C 120 -0.98 -8.57 -51.75
N PRO C 121 -0.15 -8.01 -52.62
CA PRO C 121 0.64 -6.83 -52.25
C PRO C 121 -0.20 -5.60 -51.95
N LEU C 122 -1.45 -5.57 -52.40
CA LEU C 122 -2.34 -4.46 -52.06
C LEU C 122 -3.39 -4.93 -51.06
N GLY C 123 -2.94 -5.64 -50.01
CA GLY C 123 -3.87 -6.33 -49.14
C GLY C 123 -4.79 -5.42 -48.34
N LEU C 124 -4.34 -4.21 -48.02
CA LEU C 124 -5.21 -3.29 -47.29
C LEU C 124 -6.27 -2.69 -48.22
N THR C 125 -5.87 -2.31 -49.44
CA THR C 125 -6.84 -1.80 -50.41
C THR C 125 -7.93 -2.81 -50.68
N CYS C 126 -7.55 -4.08 -50.82
CA CYS C 126 -8.53 -5.10 -51.15
C CYS C 126 -9.43 -5.41 -49.98
N GLY C 127 -8.90 -5.37 -48.75
CA GLY C 127 -9.76 -5.54 -47.59
C GLY C 127 -10.82 -4.47 -47.49
N MET C 128 -10.56 -3.30 -48.07
CA MET C 128 -11.48 -2.17 -48.01
C MET C 128 -12.49 -2.18 -49.15
N VAL C 129 -12.07 -2.51 -50.37
CA VAL C 129 -12.88 -2.28 -51.55
C VAL C 129 -13.31 -3.55 -52.27
N CYS C 130 -12.87 -4.73 -51.85
CA CYS C 130 -13.26 -5.96 -52.52
C CYS C 130 -14.78 -6.14 -52.41
N PRO C 131 -15.46 -6.45 -53.50
CA PRO C 131 -16.88 -6.86 -53.40
C PRO C 131 -16.98 -8.30 -52.92
N THR C 132 -16.68 -8.49 -51.63
CA THR C 132 -16.46 -9.82 -51.07
C THR C 132 -17.66 -10.74 -51.24
N SER C 133 -18.87 -10.19 -51.34
CA SER C 133 -20.05 -11.04 -51.53
C SER C 133 -20.00 -11.77 -52.86
N ASP C 134 -19.39 -11.17 -53.88
CA ASP C 134 -19.22 -11.86 -55.16
C ASP C 134 -17.96 -12.72 -55.18
N LEU C 135 -17.05 -12.53 -54.22
CA LEU C 135 -15.81 -13.28 -54.19
C LEU C 135 -15.77 -14.22 -52.99
N CYS C 136 -14.88 -13.92 -52.03
CA CYS C 136 -14.58 -14.87 -50.96
C CYS C 136 -15.80 -15.12 -50.07
N VAL C 137 -16.43 -14.04 -49.60
CA VAL C 137 -17.55 -14.18 -48.67
C VAL C 137 -18.70 -14.93 -49.31
N GLY C 138 -18.82 -14.86 -50.63
CA GLY C 138 -19.87 -15.60 -51.33
C GLY C 138 -19.72 -17.11 -51.28
N GLY C 139 -18.57 -17.61 -50.85
CA GLY C 139 -18.36 -19.04 -50.72
C GLY C 139 -18.21 -19.49 -49.29
N CYS C 140 -18.35 -18.55 -48.35
CA CYS C 140 -18.06 -18.81 -46.94
C CYS C 140 -19.06 -19.79 -46.35
N ASN C 141 -18.56 -20.79 -45.62
CA ASN C 141 -19.41 -21.86 -45.13
C ASN C 141 -20.42 -21.36 -44.10
N LEU C 142 -20.10 -20.29 -43.37
CA LEU C 142 -21.02 -19.78 -42.37
C LEU C 142 -22.24 -19.10 -42.98
N TYR C 143 -22.28 -18.93 -44.31
CA TYR C 143 -23.52 -18.52 -44.96
C TYR C 143 -24.65 -19.49 -44.65
N ALA C 144 -24.33 -20.78 -44.50
CA ALA C 144 -25.30 -21.82 -44.13
C ALA C 144 -25.80 -21.68 -42.69
N THR C 145 -25.43 -20.64 -41.97
CA THR C 145 -25.96 -20.40 -40.63
C THR C 145 -26.73 -19.08 -40.61
N GLU C 146 -27.58 -18.95 -39.61
CA GLU C 146 -28.45 -17.77 -39.51
C GLU C 146 -27.63 -16.49 -39.34
N GLU C 147 -26.52 -16.57 -38.62
CA GLU C 147 -25.69 -15.39 -38.38
C GLU C 147 -24.85 -15.01 -39.59
N GLY C 148 -24.69 -15.89 -40.57
CA GLY C 148 -24.14 -15.50 -41.86
C GLY C 148 -22.63 -15.62 -41.97
N SER C 149 -22.16 -15.27 -43.16
CA SER C 149 -20.75 -15.43 -43.50
C SER C 149 -19.88 -14.47 -42.69
N ILE C 150 -18.57 -14.74 -42.71
CA ILE C 150 -17.60 -13.93 -41.99
C ILE C 150 -17.34 -12.63 -42.74
N ASN C 151 -17.09 -11.56 -41.99
CA ASN C 151 -16.65 -10.29 -42.54
C ASN C 151 -15.17 -10.41 -42.88
N ILE C 152 -14.88 -11.10 -43.99
CA ILE C 152 -13.50 -11.40 -44.35
C ILE C 152 -12.75 -10.13 -44.74
N GLY C 153 -13.44 -9.20 -45.41
CA GLY C 153 -12.77 -7.99 -45.85
C GLY C 153 -12.40 -7.06 -44.71
N GLY C 154 -13.28 -6.94 -43.72
CA GLY C 154 -13.00 -6.07 -42.59
C GLY C 154 -11.92 -6.61 -41.67
N LEU C 155 -11.78 -7.93 -41.60
CA LEU C 155 -10.68 -8.52 -40.85
C LEU C 155 -9.35 -8.28 -41.57
N GLN C 156 -9.33 -8.49 -42.89
CA GLN C 156 -8.15 -8.14 -43.68
C GLN C 156 -7.76 -6.69 -43.49
N GLN C 157 -8.76 -5.80 -43.53
CA GLN C 157 -8.50 -4.38 -43.37
C GLN C 157 -7.94 -4.08 -41.99
N PHE C 158 -8.58 -4.62 -40.94
CA PHE C 158 -8.10 -4.39 -39.59
C PHE C 158 -6.65 -4.83 -39.44
N ALA C 159 -6.36 -6.08 -39.78
CA ALA C 159 -5.03 -6.63 -39.57
C ALA C 159 -3.98 -5.86 -40.36
N SER C 160 -4.34 -5.35 -41.53
CA SER C 160 -3.38 -4.59 -42.32
C SER C 160 -3.19 -3.18 -41.78
N GLU C 161 -4.24 -2.59 -41.17
CA GLU C 161 -4.08 -1.29 -40.54
C GLU C 161 -3.21 -1.39 -39.30
N VAL C 162 -3.24 -2.53 -38.60
CA VAL C 162 -2.38 -2.71 -37.44
C VAL C 162 -0.92 -2.87 -37.88
N PHE C 163 -0.68 -3.55 -38.99
CA PHE C 163 0.68 -3.63 -39.53
C PHE C 163 1.14 -2.28 -40.05
N LYS C 164 0.22 -1.53 -40.68
CA LYS C 164 0.53 -0.16 -41.07
C LYS C 164 0.98 0.67 -39.88
N ALA C 165 0.22 0.63 -38.79
CA ALA C 165 0.57 1.42 -37.62
C ALA C 165 1.89 0.98 -36.98
N MET C 166 2.35 -0.23 -37.28
CA MET C 166 3.60 -0.70 -36.69
C MET C 166 4.81 -0.02 -37.31
N ASN C 167 4.71 0.42 -38.57
CA ASN C 167 5.81 1.02 -39.31
C ASN C 167 7.00 0.06 -39.39
N ILE C 168 6.75 -1.04 -40.09
CA ILE C 168 7.75 -2.06 -40.37
C ILE C 168 7.94 -2.10 -41.87
N PRO C 169 9.16 -1.97 -42.38
CA PRO C 169 9.37 -2.03 -43.82
C PRO C 169 9.32 -3.46 -44.33
N GLN C 170 9.09 -3.58 -45.64
CA GLN C 170 9.37 -4.83 -46.32
C GLN C 170 10.87 -4.94 -46.54
N ILE C 171 11.39 -6.17 -46.47
CA ILE C 171 12.78 -6.40 -46.77
C ILE C 171 12.87 -7.32 -47.99
N ARG C 172 14.03 -7.24 -48.64
CA ARG C 172 14.39 -8.21 -49.66
C ARG C 172 14.22 -9.63 -49.13
N ASN C 173 13.84 -10.54 -50.02
CA ASN C 173 13.66 -11.94 -49.67
C ASN C 173 14.93 -12.45 -49.00
N PRO C 174 14.89 -12.75 -47.69
CA PRO C 174 16.12 -13.12 -46.98
C PRO C 174 16.69 -14.46 -47.42
N CYS C 175 15.93 -15.26 -48.17
CA CYS C 175 16.47 -16.49 -48.73
C CYS C 175 17.42 -16.23 -49.91
N LEU C 176 17.38 -15.02 -50.48
CA LEU C 176 18.17 -14.71 -51.66
C LEU C 176 19.62 -14.43 -51.30
N PRO C 177 20.55 -14.78 -52.18
CA PRO C 177 21.96 -14.40 -51.96
C PRO C 177 22.13 -12.89 -52.02
N SER C 178 23.26 -12.43 -51.51
CA SER C 178 23.60 -11.02 -51.60
C SER C 178 23.63 -10.58 -53.06
N GLN C 179 23.26 -9.32 -53.28
CA GLN C 179 23.10 -8.81 -54.65
C GLN C 179 24.37 -9.00 -55.48
N GLU C 180 25.54 -8.80 -54.86
CA GLU C 180 26.79 -9.03 -55.55
C GLU C 180 26.95 -10.47 -56.05
N LYS C 181 26.22 -11.40 -55.45
CA LYS C 181 26.29 -12.81 -55.83
C LYS C 181 24.97 -13.29 -56.45
N MET C 182 24.23 -12.40 -57.07
CA MET C 182 23.02 -12.75 -57.82
C MET C 182 23.37 -12.96 -59.29
N PRO C 183 22.72 -13.91 -59.96
CA PRO C 183 23.00 -14.16 -61.38
C PRO C 183 22.79 -12.92 -62.22
N GLU C 184 23.42 -12.90 -63.41
CA GLU C 184 23.36 -11.74 -64.28
C GLU C 184 21.96 -11.51 -64.81
N ALA C 185 21.15 -12.58 -64.94
CA ALA C 185 19.82 -12.44 -65.50
C ALA C 185 18.93 -11.54 -64.65
N TYR C 186 19.19 -11.48 -63.34
CA TYR C 186 18.32 -10.73 -62.45
C TYR C 186 18.52 -9.22 -62.56
N SER C 187 19.64 -8.78 -63.11
CA SER C 187 19.85 -7.35 -63.36
C SER C 187 19.22 -6.90 -64.68
N ALA C 188 18.40 -7.75 -65.31
CA ALA C 188 17.76 -7.37 -66.56
C ALA C 188 16.87 -6.16 -66.35
N LYS C 189 16.67 -5.41 -67.43
CA LYS C 189 15.89 -4.17 -67.39
C LYS C 189 14.41 -4.51 -67.64
N ILE C 190 13.59 -4.38 -66.61
CA ILE C 190 12.16 -4.62 -66.69
C ILE C 190 11.43 -3.29 -66.68
N ALA C 191 10.48 -3.12 -67.59
CA ALA C 191 9.65 -1.93 -67.65
C ALA C 191 8.19 -2.31 -67.44
N LEU C 192 7.47 -1.48 -66.68
CA LEU C 192 6.05 -1.66 -66.46
C LEU C 192 5.36 -0.33 -66.77
N LEU C 193 4.24 -0.40 -67.46
CA LEU C 193 3.52 0.78 -67.91
C LEU C 193 2.25 0.93 -67.08
N GLY C 194 2.09 2.10 -66.46
CA GLY C 194 0.95 2.34 -65.60
C GLY C 194 1.23 2.01 -64.16
N ALA C 195 0.90 2.91 -63.25
CA ALA C 195 1.18 2.63 -61.84
C ALA C 195 -0.10 2.25 -61.10
N GLY C 196 -0.77 1.20 -61.54
CA GLY C 196 -1.97 0.74 -60.88
C GLY C 196 -1.77 -0.61 -60.22
N PRO C 197 -2.85 -1.18 -59.69
CA PRO C 197 -2.73 -2.46 -58.97
C PRO C 197 -2.04 -3.56 -59.76
N ALA C 198 -2.30 -3.65 -61.07
CA ALA C 198 -1.68 -4.70 -61.86
C ALA C 198 -0.15 -4.56 -61.87
N SER C 199 0.34 -3.38 -62.24
CA SER C 199 1.79 -3.19 -62.33
C SER C 199 2.45 -3.14 -60.96
N ILE C 200 1.76 -2.58 -59.95
CA ILE C 200 2.30 -2.60 -58.61
C ILE C 200 2.48 -4.04 -58.12
N SER C 201 1.44 -4.86 -58.28
CA SER C 201 1.54 -6.26 -57.90
C SER C 201 2.63 -6.97 -58.69
N CYS C 202 2.68 -6.71 -60.00
CA CYS C 202 3.68 -7.39 -60.84
C CYS C 202 5.10 -6.99 -60.46
N ALA C 203 5.32 -5.69 -60.19
CA ALA C 203 6.67 -5.24 -59.85
C ALA C 203 7.09 -5.74 -58.48
N SER C 204 6.15 -5.78 -57.53
CA SER C 204 6.46 -6.26 -56.19
C SER C 204 6.94 -7.71 -56.24
N PHE C 205 6.18 -8.56 -56.93
CA PHE C 205 6.54 -9.98 -56.98
C PHE C 205 7.85 -10.19 -57.72
N LEU C 206 8.06 -9.48 -58.84
CA LEU C 206 9.31 -9.61 -59.57
C LEU C 206 10.50 -9.17 -58.72
N ALA C 207 10.29 -8.18 -57.83
CA ALA C 207 11.35 -7.77 -56.92
C ALA C 207 11.59 -8.83 -55.85
N ARG C 208 10.53 -9.50 -55.40
CA ARG C 208 10.69 -10.59 -54.44
C ARG C 208 11.50 -11.73 -55.04
N LEU C 209 11.44 -11.91 -56.36
CA LEU C 209 12.21 -12.95 -57.02
C LEU C 209 13.69 -12.58 -57.12
N GLY C 210 14.02 -11.30 -57.04
CA GLY C 210 15.41 -10.88 -57.00
C GLY C 210 15.81 -9.87 -58.06
N TYR C 211 14.86 -9.46 -58.90
CA TYR C 211 15.18 -8.56 -60.01
C TYR C 211 15.41 -7.15 -59.49
N SER C 212 16.55 -6.57 -59.84
CA SER C 212 17.04 -5.34 -59.23
C SER C 212 16.90 -4.12 -60.12
N ASP C 213 16.28 -4.24 -61.30
CA ASP C 213 16.21 -3.14 -62.26
C ASP C 213 14.79 -3.04 -62.82
N ILE C 214 13.83 -2.78 -61.94
CA ILE C 214 12.42 -2.73 -62.28
C ILE C 214 11.95 -1.29 -62.24
N THR C 215 11.19 -0.89 -63.26
CA THR C 215 10.74 0.49 -63.39
C THR C 215 9.30 0.52 -63.86
N ILE C 216 8.44 1.24 -63.14
CA ILE C 216 7.07 1.50 -63.53
C ILE C 216 7.01 2.90 -64.13
N PHE C 217 6.49 3.01 -65.35
CA PHE C 217 6.34 4.30 -66.03
C PHE C 217 4.87 4.71 -65.90
N GLU C 218 4.60 5.68 -65.04
CA GLU C 218 3.25 6.19 -64.85
C GLU C 218 3.05 7.46 -65.67
N LYS C 219 1.92 7.54 -66.37
CA LYS C 219 1.62 8.72 -67.17
C LYS C 219 1.35 9.93 -66.28
N GLN C 220 0.57 9.75 -65.22
CA GLN C 220 0.14 10.87 -64.40
C GLN C 220 1.18 11.21 -63.34
N GLU C 221 1.00 12.39 -62.73
CA GLU C 221 1.83 12.83 -61.61
C GLU C 221 1.34 12.27 -60.27
N TYR C 222 0.51 11.24 -60.32
CA TYR C 222 0.10 10.53 -59.12
C TYR C 222 0.16 9.03 -59.39
N VAL C 223 0.26 8.25 -58.32
CA VAL C 223 0.40 6.81 -58.44
C VAL C 223 -0.82 6.13 -57.82
N GLY C 224 -1.04 4.89 -58.23
CA GLY C 224 -2.11 4.07 -57.69
C GLY C 224 -3.22 3.76 -58.66
N GLY C 225 -3.30 4.48 -59.78
CA GLY C 225 -4.39 4.21 -60.69
C GLY C 225 -5.73 4.57 -60.07
N LEU C 226 -6.78 3.94 -60.60
CA LEU C 226 -8.15 4.14 -60.16
C LEU C 226 -8.31 4.17 -58.64
N SER C 227 -7.48 3.40 -57.94
CA SER C 227 -7.52 3.41 -56.47
C SER C 227 -7.27 4.80 -55.93
N THR C 228 -6.49 5.61 -56.64
CA THR C 228 -6.19 6.98 -56.25
C THR C 228 -7.06 8.00 -56.97
N SER C 229 -7.34 7.78 -58.25
CA SER C 229 -7.97 8.80 -59.08
C SER C 229 -9.49 8.77 -59.05
N GLU C 230 -10.13 7.65 -58.70
CA GLU C 230 -11.57 7.59 -58.86
C GLU C 230 -12.31 6.97 -57.67
N ILE C 231 -11.76 5.90 -57.10
CA ILE C 231 -12.42 5.24 -55.96
C ILE C 231 -12.45 6.22 -54.79
N PRO C 232 -13.63 6.58 -54.30
CA PRO C 232 -13.74 7.74 -53.41
C PRO C 232 -12.99 7.57 -52.10
N GLN C 233 -12.63 8.71 -51.51
CA GLN C 233 -11.87 8.72 -50.26
C GLN C 233 -12.68 8.13 -49.11
N PHE C 234 -14.02 8.22 -49.17
CA PHE C 234 -14.82 7.67 -48.09
C PHE C 234 -14.96 6.15 -48.17
N ARG C 235 -14.36 5.50 -49.16
CA ARG C 235 -14.21 4.05 -49.16
C ARG C 235 -12.76 3.60 -49.12
N LEU C 236 -11.85 4.36 -49.74
CA LEU C 236 -10.43 4.01 -49.80
C LEU C 236 -9.62 5.27 -49.53
N PRO C 237 -9.11 5.44 -48.31
CA PRO C 237 -8.23 6.58 -48.03
C PRO C 237 -6.94 6.48 -48.83
N TYR C 238 -6.38 7.64 -49.16
CA TYR C 238 -5.16 7.63 -49.98
C TYR C 238 -3.99 7.03 -49.21
N ASP C 239 -3.90 7.29 -47.91
CA ASP C 239 -2.75 6.81 -47.14
C ASP C 239 -2.64 5.29 -47.16
N VAL C 240 -3.71 4.58 -47.54
CA VAL C 240 -3.61 3.16 -47.79
C VAL C 240 -2.77 2.90 -49.03
N VAL C 241 -3.14 3.56 -50.15
CA VAL C 241 -2.37 3.43 -51.39
C VAL C 241 -0.91 3.82 -51.15
N ASN C 242 -0.70 4.95 -50.49
CA ASN C 242 0.65 5.41 -50.19
C ASN C 242 1.42 4.37 -49.38
N PHE C 243 0.72 3.66 -48.49
CA PHE C 243 1.39 2.66 -47.65
C PHE C 243 1.78 1.44 -48.46
N GLU C 244 0.96 1.05 -49.44
CA GLU C 244 1.29 -0.12 -50.25
C GLU C 244 2.35 0.19 -51.29
N ILE C 245 2.38 1.42 -51.81
CA ILE C 245 3.44 1.81 -52.72
C ILE C 245 4.78 1.87 -52.00
N GLU C 246 4.81 2.48 -50.81
CA GLU C 246 6.05 2.58 -50.06
C GLU C 246 6.59 1.21 -49.67
N LEU C 247 5.72 0.21 -49.53
CA LEU C 247 6.19 -1.14 -49.31
C LEU C 247 6.84 -1.71 -50.55
N MET C 248 6.30 -1.40 -51.73
CA MET C 248 6.93 -1.84 -52.96
C MET C 248 8.23 -1.09 -53.21
N LYS C 249 8.30 0.19 -52.82
CA LYS C 249 9.54 0.93 -52.93
C LYS C 249 10.61 0.35 -52.02
N ASP C 250 10.21 -0.29 -50.92
CA ASP C 250 11.17 -0.93 -50.02
C ASP C 250 11.99 -1.98 -50.75
N LEU C 251 11.40 -2.64 -51.75
CA LEU C 251 12.08 -3.71 -52.47
C LEU C 251 13.02 -3.19 -53.56
N GLY C 252 13.07 -1.89 -53.79
CA GLY C 252 13.90 -1.33 -54.82
C GLY C 252 13.22 -1.09 -56.16
N VAL C 253 11.90 -1.05 -56.20
CA VAL C 253 11.20 -0.71 -57.43
C VAL C 253 11.23 0.80 -57.63
N LYS C 254 11.45 1.23 -58.86
CA LYS C 254 11.47 2.64 -59.20
C LYS C 254 10.21 3.02 -59.96
N ILE C 255 9.69 4.20 -59.67
CA ILE C 255 8.52 4.76 -60.35
C ILE C 255 8.92 6.06 -61.00
N ILE C 256 8.66 6.19 -62.30
CA ILE C 256 8.88 7.45 -63.02
C ILE C 256 7.51 7.92 -63.51
N CYS C 257 7.07 9.07 -63.01
CA CYS C 257 5.80 9.65 -63.42
C CYS C 257 6.01 10.60 -64.59
N GLY C 258 4.89 11.02 -65.19
CA GLY C 258 4.94 11.97 -66.28
C GLY C 258 5.51 11.42 -67.57
N LYS C 259 5.58 10.10 -67.70
CA LYS C 259 6.07 9.45 -68.92
C LYS C 259 5.05 8.42 -69.35
N SER C 260 4.52 8.57 -70.56
CA SER C 260 3.43 7.75 -71.04
C SER C 260 3.90 6.70 -72.04
N LEU C 261 3.12 5.64 -72.16
CA LEU C 261 3.23 4.72 -73.28
C LEU C 261 2.37 5.27 -74.41
N SER C 262 3.02 5.72 -75.49
CA SER C 262 2.30 6.38 -76.58
C SER C 262 3.28 6.58 -77.73
N GLU C 263 2.72 6.75 -78.93
CA GLU C 263 3.52 7.19 -80.06
C GLU C 263 4.18 8.52 -79.74
N ASN C 264 5.42 8.68 -80.20
CA ASN C 264 6.24 9.85 -79.87
C ASN C 264 6.47 9.97 -78.36
N GLU C 265 6.29 8.87 -77.63
CA GLU C 265 6.73 8.73 -76.25
C GLU C 265 7.31 7.34 -76.08
N ILE C 266 6.90 6.64 -75.03
CA ILE C 266 7.33 5.25 -74.86
C ILE C 266 6.55 4.36 -75.82
N THR C 267 7.27 3.57 -76.60
CA THR C 267 6.69 2.52 -77.42
C THR C 267 7.40 1.21 -77.12
N LEU C 268 6.89 0.13 -77.69
CA LEU C 268 7.58 -1.15 -77.56
C LEU C 268 8.93 -1.12 -78.26
N ASN C 269 9.03 -0.38 -79.37
CA ASN C 269 10.31 -0.24 -80.06
C ASN C 269 11.32 0.51 -79.20
N THR C 270 10.94 1.70 -78.71
CA THR C 270 11.84 2.46 -77.85
C THR C 270 12.21 1.70 -76.58
N LEU C 271 11.36 0.78 -76.13
CA LEU C 271 11.74 -0.07 -75.01
C LEU C 271 12.75 -1.12 -75.44
N LYS C 272 12.55 -1.71 -76.62
CA LYS C 272 13.56 -2.60 -77.21
C LYS C 272 14.88 -1.86 -77.37
N GLU C 273 14.87 -0.77 -78.13
CA GLU C 273 16.11 -0.08 -78.52
C GLU C 273 16.89 0.44 -77.33
N GLU C 274 16.29 0.55 -76.16
CA GLU C 274 16.99 0.99 -74.96
C GLU C 274 17.47 -0.16 -74.09
N GLY C 275 17.15 -1.40 -74.44
CA GLY C 275 17.64 -2.55 -73.73
C GLY C 275 16.74 -3.11 -72.66
N TYR C 276 15.42 -3.00 -72.81
CA TYR C 276 14.48 -3.57 -71.86
C TYR C 276 14.10 -4.98 -72.33
N LYS C 277 14.31 -5.97 -71.46
CA LYS C 277 14.16 -7.36 -71.84
C LYS C 277 12.77 -7.92 -71.58
N ALA C 278 11.91 -7.17 -70.89
CA ALA C 278 10.52 -7.60 -70.66
C ALA C 278 9.69 -6.38 -70.30
N ALA C 279 8.45 -6.36 -70.79
CA ALA C 279 7.55 -5.24 -70.55
C ALA C 279 6.19 -5.75 -70.09
N PHE C 280 5.63 -5.09 -69.08
CA PHE C 280 4.29 -5.36 -68.60
C PHE C 280 3.40 -4.17 -68.94
N ILE C 281 2.23 -4.44 -69.52
CA ILE C 281 1.28 -3.42 -69.90
C ILE C 281 0.14 -3.46 -68.88
N GLY C 282 0.18 -2.56 -67.90
CA GLY C 282 -0.87 -2.47 -66.91
C GLY C 282 -1.52 -1.10 -66.88
N ILE C 283 -1.69 -0.50 -68.06
CA ILE C 283 -2.15 0.89 -68.16
C ILE C 283 -3.63 1.07 -67.92
N GLY C 284 -4.38 -0.01 -67.73
CA GLY C 284 -5.82 0.11 -67.52
C GLY C 284 -6.55 0.57 -68.78
N LEU C 285 -7.80 0.98 -68.57
CA LEU C 285 -8.67 1.46 -69.63
C LEU C 285 -8.84 2.98 -69.48
N PRO C 286 -8.01 3.78 -70.16
CA PRO C 286 -7.88 5.19 -69.76
C PRO C 286 -9.01 6.11 -70.20
N GLU C 287 -9.78 5.75 -71.21
CA GLU C 287 -10.77 6.71 -71.70
C GLU C 287 -12.19 6.25 -71.38
N PRO C 288 -13.12 7.19 -71.19
CA PRO C 288 -14.50 6.82 -70.87
C PRO C 288 -15.26 6.30 -72.08
N LYS C 289 -16.32 5.55 -71.78
CA LYS C 289 -17.27 5.13 -72.80
C LYS C 289 -18.27 6.27 -73.02
N THR C 290 -18.36 6.74 -74.27
CA THR C 290 -19.12 7.93 -74.58
C THR C 290 -20.32 7.61 -75.47
N ASP C 291 -21.25 8.55 -75.52
CA ASP C 291 -22.42 8.50 -76.39
C ASP C 291 -22.43 9.74 -77.28
N ASP C 292 -22.82 9.55 -78.54
CA ASP C 292 -22.92 10.68 -79.46
C ASP C 292 -23.92 11.72 -78.97
N ILE C 293 -24.83 11.36 -78.07
CA ILE C 293 -25.83 12.28 -77.55
C ILE C 293 -25.17 13.42 -76.79
N PHE C 294 -24.04 13.16 -76.13
CA PHE C 294 -23.35 14.15 -75.32
C PHE C 294 -22.25 14.88 -76.08
N GLN C 295 -22.24 14.79 -77.40
CA GLN C 295 -21.21 15.43 -78.21
C GLN C 295 -21.10 16.91 -77.88
N GLY C 296 -19.86 17.37 -77.71
CA GLY C 296 -19.58 18.78 -77.50
C GLY C 296 -20.01 19.34 -76.17
N LEU C 297 -20.54 18.53 -75.26
CA LEU C 297 -20.98 19.03 -73.96
C LEU C 297 -19.80 19.17 -73.02
N THR C 298 -19.64 20.35 -72.43
CA THR C 298 -18.52 20.65 -71.55
C THR C 298 -18.98 20.64 -70.09
N GLN C 299 -18.04 20.88 -69.19
CA GLN C 299 -18.36 20.86 -67.77
C GLN C 299 -19.10 22.10 -67.34
N ASP C 300 -18.85 23.24 -68.00
CA ASP C 300 -19.56 24.47 -67.65
C ASP C 300 -21.06 24.32 -67.87
N GLN C 301 -21.46 23.58 -68.90
CA GLN C 301 -22.87 23.31 -69.14
C GLN C 301 -23.42 22.22 -68.21
N GLY C 302 -22.57 21.55 -67.45
CA GLY C 302 -23.03 20.58 -66.47
C GLY C 302 -22.83 19.13 -66.84
N PHE C 303 -22.02 18.82 -67.85
CA PHE C 303 -21.80 17.46 -68.27
C PHE C 303 -20.41 16.99 -67.90
N TYR C 304 -20.33 15.87 -67.19
CA TYR C 304 -19.10 15.15 -66.96
C TYR C 304 -19.29 13.70 -67.38
N THR C 305 -18.17 13.05 -67.69
CA THR C 305 -18.10 11.60 -67.63
C THR C 305 -17.43 11.21 -66.31
N SER C 306 -17.57 9.93 -65.96
CA SER C 306 -16.94 9.44 -64.75
C SER C 306 -15.44 9.72 -64.71
N LYS C 307 -14.80 9.77 -65.87
CA LYS C 307 -13.37 10.05 -65.94
C LYS C 307 -13.03 11.52 -65.73
N ASP C 308 -14.01 12.42 -65.78
CA ASP C 308 -13.80 13.84 -65.49
C ASP C 308 -14.20 14.22 -64.08
N PHE C 309 -15.31 13.67 -63.58
CA PHE C 309 -15.86 14.12 -62.31
C PHE C 309 -15.10 13.53 -61.13
N LEU C 310 -14.89 12.21 -61.14
CA LEU C 310 -14.33 11.52 -59.98
C LEU C 310 -12.88 11.89 -59.73
N PRO C 311 -12.03 12.07 -60.75
CA PRO C 311 -10.69 12.62 -60.47
C PRO C 311 -10.72 14.02 -59.87
N LEU C 312 -11.75 14.81 -60.15
CA LEU C 312 -11.86 16.12 -59.52
C LEU C 312 -12.19 16.00 -58.04
N VAL C 313 -13.20 15.18 -57.72
CA VAL C 313 -13.53 14.92 -56.32
C VAL C 313 -12.35 14.27 -55.60
N ALA C 314 -11.65 13.37 -56.28
CA ALA C 314 -10.50 12.71 -55.65
C ALA C 314 -9.36 13.69 -55.45
N LYS C 315 -9.11 14.57 -56.44
CA LYS C 315 -8.02 15.52 -56.33
C LYS C 315 -8.20 16.45 -55.15
N SER C 316 -9.43 16.70 -54.75
CA SER C 316 -9.73 17.70 -53.74
C SER C 316 -10.07 17.10 -52.39
N SER C 317 -10.13 15.77 -52.27
CA SER C 317 -10.45 15.10 -51.02
C SER C 317 -9.36 14.14 -50.56
N LYS C 318 -8.32 13.93 -51.35
CA LYS C 318 -7.21 13.04 -51.01
C LYS C 318 -5.92 13.83 -50.95
N ALA C 319 -5.40 14.03 -49.75
CA ALA C 319 -4.12 14.73 -49.59
C ALA C 319 -2.97 13.77 -49.83
N GLY C 320 -1.99 14.21 -50.62
CA GLY C 320 -0.88 13.37 -51.02
C GLY C 320 -0.93 12.93 -52.47
N MET C 321 -2.03 13.22 -53.16
CA MET C 321 -2.21 12.89 -54.57
C MET C 321 -1.28 13.70 -55.46
N CYS C 322 -1.68 14.93 -55.77
CA CYS C 322 -0.86 15.84 -56.56
C CYS C 322 -0.14 16.81 -55.63
N ALA C 323 0.56 17.77 -56.24
CA ALA C 323 0.94 18.96 -55.51
C ALA C 323 -0.23 19.92 -55.36
N CYS C 324 -1.26 19.76 -56.18
CA CYS C 324 -2.29 20.78 -56.39
C CYS C 324 -3.48 20.52 -55.48
N HIS C 325 -3.50 21.20 -54.34
CA HIS C 325 -4.69 21.22 -53.49
C HIS C 325 -5.83 21.90 -54.24
N SER C 326 -6.98 21.22 -54.28
CA SER C 326 -8.12 21.66 -55.07
C SER C 326 -9.37 21.80 -54.20
N PRO C 327 -10.29 22.67 -54.59
CA PRO C 327 -11.60 22.72 -53.92
C PRO C 327 -12.53 21.65 -54.46
N LEU C 328 -13.58 21.39 -53.69
CA LEU C 328 -14.60 20.43 -54.11
C LEU C 328 -15.40 21.01 -55.28
N PRO C 329 -15.77 20.19 -56.26
CA PRO C 329 -16.55 20.71 -57.40
C PRO C 329 -17.93 21.17 -56.93
N SER C 330 -18.29 22.38 -57.35
CA SER C 330 -19.59 22.96 -56.98
C SER C 330 -20.67 22.27 -57.80
N ILE C 331 -21.32 21.28 -57.20
CA ILE C 331 -22.37 20.51 -57.86
C ILE C 331 -23.65 20.75 -57.06
N ARG C 332 -24.34 21.84 -57.37
CA ARG C 332 -25.56 22.24 -56.67
C ARG C 332 -26.76 22.05 -57.59
N GLY C 333 -27.83 21.47 -57.05
CA GLY C 333 -29.03 21.19 -57.81
C GLY C 333 -29.27 19.71 -57.97
N ALA C 334 -30.03 19.37 -59.02
CA ALA C 334 -30.39 17.99 -59.30
C ALA C 334 -29.40 17.37 -60.27
N VAL C 335 -28.99 16.13 -59.97
CA VAL C 335 -27.91 15.46 -60.68
C VAL C 335 -28.43 14.13 -61.23
N ILE C 336 -28.18 13.89 -62.52
CA ILE C 336 -28.43 12.60 -63.14
C ILE C 336 -27.10 11.89 -63.31
N VAL C 337 -27.03 10.63 -62.85
CA VAL C 337 -25.90 9.75 -63.10
C VAL C 337 -26.40 8.63 -63.99
N LEU C 338 -25.71 8.40 -65.11
CA LEU C 338 -26.13 7.43 -66.11
C LEU C 338 -25.29 6.18 -65.99
N GLY C 339 -25.96 5.04 -65.84
CA GLY C 339 -25.30 3.75 -65.72
C GLY C 339 -25.73 3.03 -64.46
N ALA C 340 -25.12 1.85 -64.24
CA ALA C 340 -25.44 1.06 -63.05
C ALA C 340 -24.27 0.17 -62.63
N GLY C 341 -23.04 0.48 -63.03
CA GLY C 341 -21.88 -0.21 -62.54
C GLY C 341 -21.36 0.42 -61.27
N ASP C 342 -20.28 -0.16 -60.74
CA ASP C 342 -19.59 0.43 -59.58
C ASP C 342 -19.27 1.89 -59.84
N THR C 343 -19.01 2.24 -61.10
CA THR C 343 -18.66 3.61 -61.47
C THR C 343 -19.82 4.57 -61.20
N ALA C 344 -21.03 4.19 -61.64
CA ALA C 344 -22.18 5.08 -61.48
C ALA C 344 -22.52 5.30 -60.01
N PHE C 345 -22.40 4.27 -59.18
CA PHE C 345 -22.78 4.41 -57.78
C PHE C 345 -21.74 5.19 -57.00
N ASP C 346 -20.49 5.17 -57.44
CA ASP C 346 -19.49 6.05 -56.86
C ASP C 346 -19.68 7.50 -57.29
N CYS C 347 -20.14 7.71 -58.52
CA CYS C 347 -20.43 9.07 -58.97
C CYS C 347 -21.58 9.66 -58.17
N ALA C 348 -22.61 8.86 -57.90
CA ALA C 348 -23.75 9.34 -57.13
C ALA C 348 -23.32 9.81 -55.75
N THR C 349 -22.72 8.92 -54.96
CA THR C 349 -22.36 9.25 -53.59
C THR C 349 -21.33 10.38 -53.54
N SER C 350 -20.45 10.48 -54.54
CA SER C 350 -19.50 11.58 -54.55
C SER C 350 -20.16 12.90 -54.89
N ALA C 351 -21.24 12.87 -55.68
CA ALA C 351 -21.97 14.10 -55.97
C ALA C 351 -22.57 14.69 -54.71
N LEU C 352 -22.99 13.84 -53.77
CA LEU C 352 -23.57 14.32 -52.51
C LEU C 352 -22.54 15.09 -51.68
N ARG C 353 -21.32 14.57 -51.60
CA ARG C 353 -20.26 15.30 -50.91
C ARG C 353 -20.00 16.64 -51.57
N CYS C 354 -20.29 16.75 -52.87
CA CYS C 354 -20.13 18.02 -53.57
C CYS C 354 -21.30 18.97 -53.33
N GLY C 355 -22.45 18.46 -52.88
CA GLY C 355 -23.55 19.31 -52.46
C GLY C 355 -24.82 19.17 -53.28
N ALA C 356 -24.96 18.05 -54.00
CA ALA C 356 -26.14 17.85 -54.82
C ALA C 356 -27.39 17.80 -53.97
N ARG C 357 -28.43 18.52 -54.40
CA ARG C 357 -29.72 18.44 -53.70
C ARG C 357 -30.43 17.13 -53.99
N ARG C 358 -30.18 16.53 -55.14
CA ARG C 358 -30.82 15.27 -55.49
C ARG C 358 -30.03 14.57 -56.58
N VAL C 359 -29.96 13.24 -56.50
CA VAL C 359 -29.20 12.43 -57.43
C VAL C 359 -30.12 11.35 -57.99
N PHE C 360 -30.22 11.29 -59.31
CA PHE C 360 -30.98 10.24 -59.99
C PHE C 360 -29.99 9.27 -60.63
N LEU C 361 -29.95 8.04 -60.13
CA LEU C 361 -29.31 6.97 -60.87
C LEU C 361 -30.30 6.48 -61.92
N VAL C 362 -29.92 6.58 -63.19
CA VAL C 362 -30.80 6.26 -64.30
C VAL C 362 -30.08 5.24 -65.18
N PHE C 363 -30.58 4.00 -65.20
CA PHE C 363 -29.99 2.94 -65.98
C PHE C 363 -31.00 2.42 -67.00
N ARG C 364 -30.48 1.86 -68.09
CA ARG C 364 -31.30 1.52 -69.25
C ARG C 364 -31.91 0.12 -69.17
N LYS C 365 -31.69 -0.62 -68.09
CA LYS C 365 -32.38 -1.89 -67.92
C LYS C 365 -33.11 -1.85 -66.58
N GLY C 366 -33.23 -3.00 -65.92
CA GLY C 366 -33.96 -3.08 -64.67
C GLY C 366 -33.06 -3.27 -63.46
N PHE C 367 -33.69 -3.27 -62.29
CA PHE C 367 -32.96 -3.54 -61.05
C PHE C 367 -32.33 -4.92 -61.08
N VAL C 368 -33.02 -5.88 -61.70
CA VAL C 368 -32.53 -7.24 -61.85
C VAL C 368 -31.19 -7.28 -62.59
N ASN C 369 -30.88 -6.26 -63.38
CA ASN C 369 -29.73 -6.25 -64.27
C ASN C 369 -28.57 -5.39 -63.76
N ILE C 370 -28.56 -5.01 -62.48
CA ILE C 370 -27.57 -4.06 -61.99
C ILE C 370 -26.24 -4.77 -61.77
N ARG C 371 -25.20 -4.28 -62.45
CA ARG C 371 -23.90 -4.94 -62.46
C ARG C 371 -23.04 -4.60 -61.24
N ALA C 372 -23.36 -3.55 -60.50
CA ALA C 372 -22.61 -3.23 -59.30
C ALA C 372 -22.92 -4.23 -58.19
N VAL C 373 -22.03 -4.27 -57.20
CA VAL C 373 -22.16 -5.22 -56.09
C VAL C 373 -23.15 -4.65 -55.08
N PRO C 374 -23.99 -5.48 -54.43
CA PRO C 374 -24.93 -4.92 -53.45
C PRO C 374 -24.30 -4.13 -52.32
N GLU C 375 -23.04 -4.39 -51.97
CA GLU C 375 -22.35 -3.53 -51.01
C GLU C 375 -22.26 -2.11 -51.52
N GLU C 376 -22.06 -1.96 -52.82
CA GLU C 376 -21.89 -0.64 -53.42
C GLU C 376 -23.23 0.09 -53.59
N VAL C 377 -24.30 -0.60 -53.97
CA VAL C 377 -25.58 0.10 -54.17
C VAL C 377 -26.15 0.57 -52.83
N GLU C 378 -26.10 -0.31 -51.83
CA GLU C 378 -26.66 -0.02 -50.50
C GLU C 378 -26.22 1.34 -50.00
N LEU C 379 -24.94 1.67 -50.19
CA LEU C 379 -24.45 2.99 -49.80
C LEU C 379 -25.25 4.09 -50.48
N ALA C 380 -25.39 4.00 -51.80
CA ALA C 380 -26.18 5.00 -52.52
C ALA C 380 -27.63 4.98 -52.05
N LYS C 381 -28.19 3.79 -51.86
CA LYS C 381 -29.57 3.69 -51.41
C LYS C 381 -29.75 4.29 -50.02
N GLU C 382 -28.84 3.98 -49.09
CA GLU C 382 -28.96 4.50 -47.74
C GLU C 382 -28.71 6.00 -47.67
N GLU C 383 -28.11 6.58 -48.71
CA GLU C 383 -27.96 8.03 -48.81
C GLU C 383 -29.04 8.65 -49.70
N LYS C 384 -30.05 7.88 -50.09
CA LYS C 384 -31.33 8.34 -50.62
C LYS C 384 -31.27 8.81 -52.08
N CYS C 385 -30.32 8.28 -52.86
CA CYS C 385 -30.34 8.53 -54.29
C CYS C 385 -31.52 7.80 -54.93
N GLU C 386 -32.17 8.46 -55.88
CA GLU C 386 -33.30 7.84 -56.56
C GLU C 386 -32.82 6.94 -57.69
N PHE C 387 -33.51 5.82 -57.86
CA PHE C 387 -33.20 4.86 -58.91
C PHE C 387 -34.31 4.89 -59.94
N LEU C 388 -33.96 5.15 -61.19
CA LEU C 388 -34.92 5.20 -62.29
C LEU C 388 -34.54 4.16 -63.33
N PRO C 389 -35.17 2.99 -63.33
CA PRO C 389 -34.80 1.93 -64.26
C PRO C 389 -35.49 2.08 -65.62
N PHE C 390 -35.00 1.30 -66.58
CA PHE C 390 -35.66 1.12 -67.88
C PHE C 390 -35.71 2.42 -68.68
N LEU C 391 -34.68 3.26 -68.56
CA LEU C 391 -34.64 4.54 -69.25
C LEU C 391 -33.34 4.65 -70.04
N SER C 392 -33.45 4.84 -71.34
CA SER C 392 -32.33 5.09 -72.23
C SER C 392 -32.38 6.53 -72.72
N PRO C 393 -31.26 7.26 -72.67
CA PRO C 393 -31.30 8.68 -73.02
C PRO C 393 -31.39 8.91 -74.52
N ARG C 394 -31.85 10.11 -74.87
CA ARG C 394 -32.09 10.48 -76.26
C ARG C 394 -31.61 11.89 -76.55
N LYS C 395 -31.92 12.81 -75.65
CA LYS C 395 -31.65 14.23 -75.86
C LYS C 395 -31.23 14.87 -74.54
N VAL C 396 -30.19 15.71 -74.60
CA VAL C 396 -29.85 16.62 -73.52
C VAL C 396 -30.39 18.00 -73.90
N ILE C 397 -31.23 18.55 -73.05
CA ILE C 397 -31.78 19.88 -73.28
C ILE C 397 -30.87 20.88 -72.59
N VAL C 398 -30.40 21.88 -73.35
CA VAL C 398 -29.64 22.98 -72.77
C VAL C 398 -30.35 24.28 -73.14
N LYS C 399 -30.49 25.17 -72.16
CA LYS C 399 -31.05 26.50 -72.35
C LYS C 399 -30.21 27.47 -71.52
N GLY C 400 -29.81 28.57 -72.15
CA GLY C 400 -28.90 29.49 -71.48
C GLY C 400 -27.50 28.93 -71.34
N GLY C 401 -27.06 28.11 -72.29
CA GLY C 401 -25.75 27.50 -72.24
C GLY C 401 -25.56 26.44 -71.18
N ARG C 402 -26.58 26.11 -70.41
CA ARG C 402 -26.49 25.12 -69.35
C ARG C 402 -27.56 24.05 -69.53
N ILE C 403 -27.22 22.81 -69.16
CA ILE C 403 -28.19 21.73 -69.17
C ILE C 403 -29.33 22.07 -68.22
N VAL C 404 -30.55 21.69 -68.61
CA VAL C 404 -31.72 21.95 -67.77
C VAL C 404 -32.60 20.71 -67.68
N ALA C 405 -32.37 19.74 -68.56
CA ALA C 405 -33.15 18.50 -68.55
C ALA C 405 -32.51 17.49 -69.49
N VAL C 406 -32.88 16.22 -69.30
CA VAL C 406 -32.48 15.12 -70.18
C VAL C 406 -33.70 14.25 -70.41
N GLN C 407 -34.10 14.07 -71.66
CA GLN C 407 -35.29 13.29 -71.98
C GLN C 407 -34.89 11.90 -72.44
N PHE C 408 -35.55 10.89 -71.87
CA PHE C 408 -35.28 9.49 -72.15
C PHE C 408 -36.45 8.87 -72.90
N VAL C 409 -36.27 7.61 -73.28
CA VAL C 409 -37.35 6.77 -73.79
C VAL C 409 -37.35 5.48 -72.99
N ARG C 410 -38.53 4.96 -72.69
CA ARG C 410 -38.62 3.71 -71.96
C ARG C 410 -38.07 2.57 -72.80
N THR C 411 -37.31 1.69 -72.16
CA THR C 411 -36.82 0.47 -72.79
C THR C 411 -37.69 -0.71 -72.38
N GLU C 412 -37.51 -1.83 -73.09
CA GLU C 412 -38.42 -2.96 -72.96
C GLU C 412 -37.73 -4.21 -73.46
N GLN C 413 -38.10 -5.36 -72.88
CA GLN C 413 -37.54 -6.64 -73.27
C GLN C 413 -38.64 -7.54 -73.84
N ASP C 414 -38.27 -8.32 -74.85
CA ASP C 414 -39.22 -9.07 -75.66
C ASP C 414 -39.46 -10.46 -75.10
N GLU C 415 -40.30 -11.22 -75.81
CA GLU C 415 -40.26 -12.67 -75.74
C GLU C 415 -38.83 -13.15 -75.99
N THR C 416 -38.22 -12.64 -77.05
CA THR C 416 -36.85 -12.95 -77.41
C THR C 416 -35.86 -12.65 -76.28
N GLY C 417 -36.20 -11.72 -75.39
CA GLY C 417 -35.23 -11.18 -74.48
C GLY C 417 -34.42 -10.07 -75.07
N LYS C 418 -34.92 -9.46 -76.15
CA LYS C 418 -34.24 -8.39 -76.85
C LYS C 418 -34.68 -7.04 -76.30
N TRP C 419 -33.74 -6.11 -76.19
CA TRP C 419 -33.99 -4.81 -75.61
C TRP C 419 -34.38 -3.82 -76.71
N ASN C 420 -35.59 -3.28 -76.61
CA ASN C 420 -36.09 -2.28 -77.53
C ASN C 420 -36.11 -0.92 -76.86
N GLU C 421 -36.54 0.09 -77.61
CA GLU C 421 -36.84 1.41 -77.09
C GLU C 421 -38.20 1.82 -77.60
N ASP C 422 -39.01 2.41 -76.73
CA ASP C 422 -40.36 2.86 -77.08
C ASP C 422 -40.30 4.36 -77.30
N GLU C 423 -40.30 4.76 -78.58
CA GLU C 423 -40.21 6.18 -78.92
C GLU C 423 -41.40 6.96 -78.39
N ASP C 424 -42.57 6.32 -78.32
CA ASP C 424 -43.80 6.97 -77.91
C ASP C 424 -43.92 7.14 -76.41
N GLN C 425 -42.99 6.62 -75.63
CA GLN C 425 -43.00 6.74 -74.18
C GLN C 425 -41.73 7.48 -73.75
N ILE C 426 -41.90 8.64 -73.12
CA ILE C 426 -40.83 9.60 -72.93
C ILE C 426 -40.81 10.03 -71.47
N VAL C 427 -39.63 10.42 -70.99
CA VAL C 427 -39.43 10.95 -69.64
C VAL C 427 -38.58 12.20 -69.75
N HIS C 428 -39.16 13.37 -69.48
CA HIS C 428 -38.45 14.65 -69.50
C HIS C 428 -38.08 14.99 -68.06
N LEU C 429 -36.87 14.61 -67.67
CA LEU C 429 -36.42 14.69 -66.28
C LEU C 429 -35.51 15.89 -66.12
N LYS C 430 -35.94 16.85 -65.29
CA LYS C 430 -35.13 18.05 -65.05
C LYS C 430 -33.83 17.68 -64.37
N ALA C 431 -32.73 18.28 -64.83
CA ALA C 431 -31.42 18.01 -64.27
C ALA C 431 -30.52 19.22 -64.48
N ASP C 432 -29.69 19.50 -63.47
CA ASP C 432 -28.68 20.54 -63.60
C ASP C 432 -27.33 19.97 -64.00
N VAL C 433 -27.04 18.73 -63.62
CA VAL C 433 -25.77 18.09 -63.90
C VAL C 433 -26.02 16.70 -64.46
N VAL C 434 -25.20 16.28 -65.41
CA VAL C 434 -25.29 14.95 -66.00
C VAL C 434 -23.90 14.32 -65.95
N ILE C 435 -23.82 13.11 -65.41
CA ILE C 435 -22.56 12.38 -65.29
C ILE C 435 -22.74 11.03 -65.98
N SER C 436 -22.11 10.87 -67.14
CA SER C 436 -22.12 9.58 -67.81
C SER C 436 -21.16 8.64 -67.10
N ALA C 437 -21.64 7.46 -66.75
CA ALA C 437 -20.85 6.43 -66.09
C ALA C 437 -21.06 5.09 -66.76
N PHE C 438 -20.97 5.09 -68.08
CA PHE C 438 -21.15 3.88 -68.86
C PHE C 438 -19.95 2.96 -68.85
N GLY C 439 -18.82 3.39 -68.27
CA GLY C 439 -17.64 2.55 -68.23
C GLY C 439 -16.42 3.19 -68.88
N SER C 440 -15.41 2.38 -69.21
CA SER C 440 -14.18 2.91 -69.74
C SER C 440 -13.63 1.97 -70.80
N VAL C 441 -12.79 2.52 -71.68
CA VAL C 441 -12.21 1.78 -72.80
C VAL C 441 -10.76 2.22 -73.03
N LEU C 442 -10.14 1.54 -73.98
CA LEU C 442 -8.89 1.97 -74.62
C LEU C 442 -9.25 2.41 -76.03
N ARG C 443 -8.96 3.67 -76.35
CA ARG C 443 -9.38 4.21 -77.64
C ARG C 443 -8.27 5.01 -78.30
N ASP C 444 -7.45 5.73 -77.50
CA ASP C 444 -6.40 6.58 -78.02
C ASP C 444 -5.50 5.81 -78.99
N PRO C 445 -5.51 6.18 -80.27
CA PRO C 445 -4.70 5.42 -81.24
C PRO C 445 -3.21 5.59 -81.03
N LYS C 446 -2.77 6.70 -80.45
CA LYS C 446 -1.35 6.86 -80.15
C LYS C 446 -0.88 5.83 -79.12
N VAL C 447 -1.79 5.34 -78.28
CA VAL C 447 -1.42 4.31 -77.31
C VAL C 447 -1.38 2.94 -77.98
N LYS C 448 -2.38 2.65 -78.83
CA LYS C 448 -2.37 1.37 -79.56
C LYS C 448 -1.18 1.29 -80.51
N GLU C 449 -0.84 2.41 -81.15
CA GLU C 449 0.30 2.43 -82.07
C GLU C 449 1.61 2.14 -81.35
N ALA C 450 1.74 2.57 -80.09
CA ALA C 450 2.91 2.23 -79.30
C ALA C 450 2.91 0.77 -78.86
N LEU C 451 1.79 0.07 -78.98
CA LEU C 451 1.69 -1.33 -78.60
C LEU C 451 1.89 -2.28 -79.77
N SER C 452 2.20 -1.75 -80.95
CA SER C 452 2.49 -2.61 -82.10
C SER C 452 3.74 -3.45 -81.82
N PRO C 453 3.79 -4.68 -82.34
CA PRO C 453 2.81 -5.36 -83.18
C PRO C 453 1.97 -6.38 -82.43
N ILE C 454 1.74 -6.19 -81.13
CA ILE C 454 0.96 -7.18 -80.39
C ILE C 454 -0.47 -7.19 -80.92
N LYS C 455 -1.08 -8.37 -80.89
CA LYS C 455 -2.42 -8.53 -81.46
C LYS C 455 -3.49 -8.09 -80.49
N PHE C 456 -4.55 -7.47 -81.03
CA PHE C 456 -5.75 -7.12 -80.29
C PHE C 456 -6.91 -8.01 -80.76
N ASN C 457 -8.03 -7.94 -80.04
CA ASN C 457 -9.16 -8.84 -80.26
C ASN C 457 -10.39 -8.06 -80.72
N ARG C 458 -11.54 -8.74 -80.72
CA ARG C 458 -12.79 -8.09 -81.12
C ARG C 458 -13.12 -6.89 -80.24
N TRP C 459 -12.71 -6.92 -78.98
CA TRP C 459 -13.00 -5.86 -78.03
C TRP C 459 -11.96 -4.75 -78.05
N ASP C 460 -11.01 -4.81 -78.99
CA ASP C 460 -9.95 -3.80 -79.10
C ASP C 460 -9.12 -3.72 -77.83
N LEU C 461 -8.77 -4.87 -77.29
CA LEU C 461 -7.91 -5.00 -76.12
C LEU C 461 -6.82 -6.02 -76.38
N PRO C 462 -5.66 -5.85 -75.76
CA PRO C 462 -4.55 -6.79 -75.99
C PRO C 462 -4.94 -8.24 -75.70
N GLU C 463 -4.66 -9.12 -76.65
CA GLU C 463 -4.84 -10.54 -76.46
C GLU C 463 -3.71 -11.09 -75.61
N VAL C 464 -4.04 -11.90 -74.62
CA VAL C 464 -3.05 -12.56 -73.78
C VAL C 464 -3.41 -14.02 -73.64
N ASP C 465 -2.39 -14.83 -73.38
CA ASP C 465 -2.62 -16.18 -72.87
C ASP C 465 -3.09 -16.03 -71.42
N PRO C 466 -4.31 -16.47 -71.09
CA PRO C 466 -4.84 -16.20 -69.74
C PRO C 466 -4.14 -16.94 -68.62
N GLU C 467 -3.27 -17.91 -68.94
CA GLU C 467 -2.51 -18.57 -67.89
C GLU C 467 -1.18 -17.88 -67.63
N THR C 468 -0.53 -17.38 -68.66
CA THR C 468 0.78 -16.76 -68.52
C THR C 468 0.78 -15.24 -68.67
N MET C 469 -0.35 -14.65 -69.02
CA MET C 469 -0.50 -13.22 -69.27
C MET C 469 0.36 -12.73 -70.43
N GLN C 470 0.98 -13.64 -71.18
CA GLN C 470 1.82 -13.23 -72.31
C GLN C 470 0.95 -12.79 -73.48
N THR C 471 1.37 -11.71 -74.15
CA THR C 471 0.72 -11.25 -75.37
C THR C 471 1.31 -12.02 -76.55
N SER C 472 0.98 -11.57 -77.77
CA SER C 472 1.58 -12.18 -78.96
C SER C 472 3.07 -11.88 -79.05
N GLU C 473 3.54 -10.87 -78.36
CA GLU C 473 4.97 -10.69 -78.28
C GLU C 473 5.51 -11.42 -77.06
N PRO C 474 6.52 -12.30 -77.23
CA PRO C 474 6.95 -13.14 -76.11
C PRO C 474 7.48 -12.36 -74.92
N TRP C 475 8.01 -11.17 -75.13
CA TRP C 475 8.61 -10.38 -74.06
C TRP C 475 7.63 -9.38 -73.45
N VAL C 476 6.40 -9.32 -73.94
CA VAL C 476 5.43 -8.31 -73.52
C VAL C 476 4.25 -9.01 -72.88
N PHE C 477 3.94 -8.63 -71.64
CA PHE C 477 2.81 -9.18 -70.90
C PHE C 477 1.85 -8.06 -70.54
N ALA C 478 0.61 -8.45 -70.23
CA ALA C 478 -0.40 -7.46 -69.89
C ALA C 478 -1.35 -8.05 -68.85
N GLY C 479 -1.92 -7.18 -68.03
CA GLY C 479 -2.83 -7.61 -66.99
C GLY C 479 -3.59 -6.43 -66.43
N GLY C 480 -4.68 -6.74 -65.74
CA GLY C 480 -5.53 -5.72 -65.15
C GLY C 480 -6.71 -5.37 -66.03
N ASP C 481 -7.21 -4.15 -65.90
CA ASP C 481 -8.36 -3.73 -66.67
C ASP C 481 -8.06 -3.71 -68.17
N ILE C 482 -6.79 -3.57 -68.55
CA ILE C 482 -6.46 -3.49 -69.98
C ILE C 482 -6.70 -4.83 -70.67
N VAL C 483 -6.58 -5.95 -69.93
CA VAL C 483 -6.84 -7.26 -70.51
C VAL C 483 -8.33 -7.46 -70.73
N GLY C 484 -9.17 -6.79 -69.93
CA GLY C 484 -10.61 -6.91 -70.05
C GLY C 484 -11.21 -8.06 -69.28
N MET C 485 -10.39 -8.86 -68.61
CA MET C 485 -10.85 -9.99 -67.80
C MET C 485 -11.21 -9.54 -66.39
N ALA C 486 -10.26 -8.89 -65.72
CA ALA C 486 -10.49 -8.42 -64.36
C ALA C 486 -11.59 -7.36 -64.32
N ASN C 487 -12.34 -7.36 -63.22
CA ASN C 487 -13.29 -6.31 -62.93
C ASN C 487 -13.05 -5.69 -61.56
N THR C 488 -12.11 -6.23 -60.79
CA THR C 488 -11.86 -5.79 -59.42
C THR C 488 -10.38 -5.52 -59.24
N THR C 489 -10.04 -4.86 -58.13
CA THR C 489 -8.64 -4.61 -57.81
C THR C 489 -7.90 -5.90 -57.50
N VAL C 490 -8.57 -6.86 -56.86
CA VAL C 490 -7.90 -8.11 -56.51
C VAL C 490 -7.68 -8.98 -57.75
N GLU C 491 -8.61 -8.97 -58.69
CA GLU C 491 -8.38 -9.66 -59.95
C GLU C 491 -7.25 -9.00 -60.73
N SER C 492 -7.14 -7.67 -60.66
CA SER C 492 -6.03 -6.98 -61.31
C SER C 492 -4.72 -7.27 -60.61
N VAL C 493 -4.73 -7.28 -59.27
CA VAL C 493 -3.53 -7.65 -58.51
C VAL C 493 -3.11 -9.07 -58.88
N ASN C 494 -4.08 -9.97 -59.04
CA ASN C 494 -3.78 -11.34 -59.45
C ASN C 494 -3.23 -11.40 -60.87
N ASP C 495 -3.64 -10.47 -61.75
CA ASP C 495 -3.18 -10.49 -63.13
C ASP C 495 -1.67 -10.29 -63.21
N GLY C 496 -1.12 -9.36 -62.41
CA GLY C 496 0.31 -9.13 -62.43
C GLY C 496 1.10 -10.17 -61.65
N LYS C 497 0.51 -10.67 -60.55
CA LYS C 497 1.07 -11.81 -59.84
C LYS C 497 1.28 -12.99 -60.79
N GLN C 498 0.22 -13.38 -61.50
CA GLN C 498 0.33 -14.40 -62.54
C GLN C 498 1.40 -14.03 -63.56
N ALA C 499 1.37 -12.79 -64.04
CA ALA C 499 2.32 -12.37 -65.07
C ALA C 499 3.77 -12.40 -64.58
N SER C 500 4.00 -12.33 -63.27
CA SER C 500 5.36 -12.14 -62.77
C SER C 500 6.17 -13.43 -62.84
N TRP C 501 5.56 -14.59 -62.58
CA TRP C 501 6.32 -15.83 -62.67
C TRP C 501 6.75 -16.13 -64.10
N TYR C 502 5.94 -15.72 -65.09
CA TYR C 502 6.26 -16.02 -66.48
C TYR C 502 7.06 -14.92 -67.16
N ILE C 503 7.03 -13.69 -66.64
CA ILE C 503 8.08 -12.74 -67.00
C ILE C 503 9.43 -13.27 -66.51
N HIS C 504 9.48 -13.68 -65.25
CA HIS C 504 10.65 -14.34 -64.68
C HIS C 504 11.14 -15.48 -65.56
N LYS C 505 10.24 -16.41 -65.89
CA LYS C 505 10.62 -17.59 -66.67
C LYS C 505 11.17 -17.19 -68.04
N TYR C 506 10.49 -16.27 -68.72
CA TYR C 506 10.97 -15.78 -70.01
C TYR C 506 12.36 -15.18 -69.88
N ILE C 507 12.57 -14.29 -68.90
CA ILE C 507 13.84 -13.62 -68.76
C ILE C 507 14.96 -14.63 -68.54
N GLN C 508 14.79 -15.52 -67.55
CA GLN C 508 15.81 -16.51 -67.26
C GLN C 508 16.12 -17.36 -68.48
N ALA C 509 15.10 -17.72 -69.26
CA ALA C 509 15.32 -18.47 -70.49
C ALA C 509 16.22 -17.69 -71.46
N GLN C 510 15.98 -16.38 -71.59
CA GLN C 510 16.81 -15.56 -72.46
C GLN C 510 18.27 -15.55 -72.02
N TYR C 511 18.56 -15.87 -70.77
CA TYR C 511 19.92 -15.97 -70.28
C TYR C 511 20.39 -17.41 -70.18
N GLY C 512 19.69 -18.35 -70.83
CA GLY C 512 20.08 -19.75 -70.77
C GLY C 512 19.87 -20.41 -69.43
N ALA C 513 19.01 -19.85 -68.58
CA ALA C 513 18.74 -20.38 -67.26
C ALA C 513 17.31 -20.91 -67.22
N SER C 514 17.14 -22.10 -66.65
CA SER C 514 15.81 -22.67 -66.48
C SER C 514 15.21 -22.24 -65.15
N VAL C 515 13.89 -22.31 -65.08
CA VAL C 515 13.18 -22.07 -63.83
C VAL C 515 12.40 -23.33 -63.48
N SER C 516 12.10 -23.49 -62.20
CA SER C 516 11.39 -24.68 -61.74
C SER C 516 10.05 -24.79 -62.45
N ALA C 517 9.66 -26.03 -62.76
CA ALA C 517 8.36 -26.26 -63.40
C ALA C 517 7.23 -25.75 -62.52
N LYS C 518 7.21 -26.16 -61.26
CA LYS C 518 6.21 -25.71 -60.30
C LYS C 518 6.46 -24.26 -59.93
N PRO C 519 5.56 -23.34 -60.26
CA PRO C 519 5.77 -21.93 -59.90
C PRO C 519 5.86 -21.74 -58.40
N GLU C 520 6.76 -20.85 -57.97
CA GLU C 520 7.02 -20.66 -56.55
C GLU C 520 7.38 -19.18 -56.32
N LEU C 521 6.35 -18.34 -56.22
CA LEU C 521 6.62 -16.94 -55.87
C LEU C 521 6.94 -16.83 -54.38
N PRO C 522 7.89 -15.98 -54.01
CA PRO C 522 8.28 -15.87 -52.60
C PRO C 522 7.24 -15.12 -51.78
N LEU C 523 7.31 -15.32 -50.47
CA LEU C 523 6.35 -14.73 -49.54
C LEU C 523 6.69 -13.27 -49.28
N PHE C 524 5.97 -12.66 -48.34
CA PHE C 524 6.19 -11.29 -47.91
C PHE C 524 7.03 -11.32 -46.64
N TYR C 525 8.11 -10.53 -46.61
CA TYR C 525 9.07 -10.55 -45.50
C TYR C 525 9.32 -9.15 -44.97
N THR C 526 9.45 -9.05 -43.65
CA THR C 526 9.88 -7.86 -42.93
C THR C 526 10.96 -8.25 -41.95
N PRO C 527 11.67 -7.28 -41.36
CA PRO C 527 12.71 -7.64 -40.38
C PRO C 527 12.21 -8.48 -39.22
N VAL C 528 10.90 -8.46 -38.93
CA VAL C 528 10.37 -9.26 -37.84
C VAL C 528 10.69 -10.74 -38.05
N ASP C 529 10.64 -11.20 -39.30
CA ASP C 529 10.81 -12.61 -39.58
C ASP C 529 12.21 -13.11 -39.24
N LEU C 530 13.18 -12.21 -39.10
CA LEU C 530 14.55 -12.60 -38.79
C LEU C 530 14.82 -12.76 -37.31
N VAL C 531 13.84 -12.51 -36.44
CA VAL C 531 14.08 -12.48 -35.01
C VAL C 531 14.26 -13.90 -34.48
N ASP C 532 15.33 -14.12 -33.72
CA ASP C 532 15.63 -15.42 -33.16
C ASP C 532 14.67 -15.74 -32.02
N ILE C 533 13.96 -16.87 -32.14
CA ILE C 533 13.07 -17.32 -31.07
C ILE C 533 13.51 -18.68 -30.54
N SER C 534 14.80 -18.98 -30.65
CA SER C 534 15.32 -20.22 -30.08
C SER C 534 15.66 -20.02 -28.61
N VAL C 535 15.85 -21.13 -27.90
CA VAL C 535 16.08 -21.10 -26.46
C VAL C 535 16.80 -22.39 -26.08
N GLU C 536 17.70 -22.28 -25.11
CA GLU C 536 18.29 -23.43 -24.46
C GLU C 536 17.62 -23.65 -23.11
N MET C 537 17.26 -24.90 -22.83
CA MET C 537 16.68 -25.26 -21.55
C MET C 537 17.22 -26.64 -21.16
N ALA C 538 17.74 -26.75 -19.95
CA ALA C 538 18.28 -28.00 -19.44
C ALA C 538 19.26 -28.63 -20.41
N GLY C 539 20.03 -27.78 -21.10
CA GLY C 539 21.05 -28.23 -22.03
C GLY C 539 20.56 -28.63 -23.40
N LEU C 540 19.27 -28.48 -23.69
CA LEU C 540 18.70 -28.85 -24.98
C LEU C 540 18.40 -27.60 -25.79
N LYS C 541 18.83 -27.58 -27.05
CA LYS C 541 18.57 -26.46 -27.94
C LYS C 541 17.24 -26.70 -28.63
N PHE C 542 16.23 -25.89 -28.29
CA PHE C 542 14.98 -25.86 -29.00
C PHE C 542 15.06 -24.76 -30.05
N ILE C 543 14.70 -25.08 -31.30
CA ILE C 543 14.79 -24.07 -32.34
C ILE C 543 13.69 -23.03 -32.17
N ASN C 544 12.57 -23.42 -31.57
CA ASN C 544 11.54 -22.48 -31.11
C ASN C 544 11.01 -23.04 -29.79
N PRO C 545 10.29 -22.26 -28.98
CA PRO C 545 9.79 -22.78 -27.70
C PRO C 545 8.45 -23.49 -27.75
N PHE C 546 7.86 -23.69 -28.93
CA PHE C 546 6.55 -24.31 -29.05
C PHE C 546 6.68 -25.77 -29.42
N GLY C 547 6.01 -26.64 -28.66
CA GLY C 547 6.06 -28.07 -28.93
C GLY C 547 4.75 -28.74 -28.60
N LEU C 548 4.61 -29.97 -29.08
CA LEU C 548 3.43 -30.76 -28.80
C LEU C 548 3.53 -31.43 -27.44
N ALA C 549 2.43 -31.41 -26.70
CA ALA C 549 2.39 -32.08 -25.41
C ALA C 549 2.11 -33.57 -25.60
N SER C 550 2.42 -34.34 -24.57
CA SER C 550 2.05 -35.75 -24.56
C SER C 550 0.54 -35.82 -24.50
N ALA C 551 -0.10 -36.02 -25.66
CA ALA C 551 -1.56 -35.99 -25.74
C ALA C 551 -2.07 -36.56 -27.06
N ALA C 552 -3.34 -36.29 -27.37
CA ALA C 552 -3.94 -36.83 -28.59
C ALA C 552 -3.24 -36.39 -29.86
N PRO C 553 -2.80 -35.10 -30.03
CA PRO C 553 -2.08 -34.74 -31.26
C PRO C 553 -0.76 -35.47 -31.44
N THR C 554 -0.35 -36.26 -30.45
CA THR C 554 0.81 -37.13 -30.57
C THR C 554 0.41 -38.60 -30.40
N THR C 555 -0.81 -38.93 -30.82
CA THR C 555 -1.28 -40.31 -30.76
C THR C 555 -0.37 -41.23 -31.58
N SER C 556 0.04 -40.77 -32.75
CA SER C 556 0.91 -41.54 -33.63
C SER C 556 2.14 -40.72 -33.98
N SER C 557 3.29 -41.39 -34.05
CA SER C 557 4.53 -40.70 -34.40
C SER C 557 4.46 -40.14 -35.82
N SER C 558 3.62 -40.72 -36.68
CA SER C 558 3.39 -40.13 -37.99
C SER C 558 2.87 -38.71 -37.86
N MET C 559 2.08 -38.43 -36.83
CA MET C 559 1.58 -37.07 -36.62
C MET C 559 2.69 -36.16 -36.10
N ILE C 560 3.57 -36.68 -35.25
CA ILE C 560 4.72 -35.88 -34.78
C ILE C 560 5.57 -35.46 -35.97
N ARG C 561 5.76 -36.36 -36.94
CA ARG C 561 6.56 -36.03 -38.10
C ARG C 561 5.91 -34.90 -38.91
N ARG C 562 4.60 -35.01 -39.15
CA ARG C 562 3.89 -33.93 -39.83
C ARG C 562 3.98 -32.62 -39.05
N ALA C 563 4.01 -32.69 -37.72
CA ALA C 563 4.12 -31.48 -36.92
C ALA C 563 5.52 -30.88 -37.03
N PHE C 564 6.56 -31.72 -36.92
CA PHE C 564 7.92 -31.25 -37.14
C PHE C 564 8.05 -30.61 -38.51
N GLU C 565 7.49 -31.27 -39.54
CA GLU C 565 7.48 -30.71 -40.88
C GLU C 565 6.79 -29.35 -40.90
N ALA C 566 5.83 -29.14 -39.99
CA ALA C 566 5.11 -27.88 -39.93
C ALA C 566 5.89 -26.79 -39.20
N GLY C 567 6.86 -27.15 -38.37
CA GLY C 567 7.68 -26.14 -37.74
C GLY C 567 7.67 -26.18 -36.22
N TRP C 568 7.00 -27.20 -35.66
CA TRP C 568 6.97 -27.35 -34.21
C TRP C 568 8.38 -27.60 -33.67
N GLY C 569 8.71 -26.91 -32.58
CA GLY C 569 10.07 -26.96 -32.06
C GLY C 569 10.40 -28.28 -31.40
N PHE C 570 9.45 -28.86 -30.68
CA PHE C 570 9.67 -30.15 -30.06
C PHE C 570 8.35 -30.90 -30.02
N ALA C 571 8.39 -32.12 -29.49
CA ALA C 571 7.19 -32.92 -29.38
C ALA C 571 7.38 -33.95 -28.29
N LEU C 572 6.30 -34.20 -27.56
CA LEU C 572 6.24 -35.30 -26.61
C LEU C 572 5.59 -36.48 -27.28
N THR C 573 6.15 -37.67 -27.06
CA THR C 573 5.41 -38.87 -27.41
C THR C 573 4.20 -38.96 -26.49
N LYS C 574 3.12 -39.54 -27.01
CA LYS C 574 2.04 -39.93 -26.11
C LYS C 574 2.61 -40.90 -25.08
N THR C 575 2.17 -40.75 -23.83
CA THR C 575 2.76 -41.51 -22.73
C THR C 575 2.61 -43.01 -22.96
N PHE C 576 3.73 -43.73 -22.96
CA PHE C 576 3.73 -45.17 -23.16
C PHE C 576 4.37 -45.87 -21.97
N SER C 577 4.19 -47.19 -21.93
CA SER C 577 4.63 -47.99 -20.80
C SER C 577 5.23 -49.29 -21.32
N LEU C 578 5.71 -50.12 -20.39
CA LEU C 578 6.13 -51.47 -20.74
C LEU C 578 4.93 -52.30 -21.19
N ASP C 579 5.23 -53.47 -21.74
CA ASP C 579 4.16 -54.31 -22.31
C ASP C 579 3.14 -54.71 -21.25
N LYS C 580 3.60 -55.03 -20.04
CA LYS C 580 2.68 -55.51 -19.01
C LYS C 580 1.69 -54.44 -18.59
N ASP C 581 2.07 -53.17 -18.71
CA ASP C 581 1.20 -52.05 -18.37
C ASP C 581 0.34 -51.59 -19.55
N ILE C 582 0.18 -52.44 -20.57
CA ILE C 582 -0.55 -52.04 -21.77
C ILE C 582 -2.00 -51.76 -21.41
N VAL C 583 -2.57 -50.72 -22.02
CA VAL C 583 -3.91 -50.24 -21.67
C VAL C 583 -4.80 -50.31 -22.90
N THR C 584 -6.11 -50.15 -22.66
CA THR C 584 -7.11 -50.14 -23.71
C THR C 584 -8.12 -49.04 -23.40
N ASN C 585 -8.29 -48.10 -24.32
CA ASN C 585 -9.15 -46.96 -24.06
C ASN C 585 -10.62 -47.35 -24.15
N VAL C 586 -11.48 -46.49 -23.60
CA VAL C 586 -12.92 -46.61 -23.76
C VAL C 586 -13.39 -45.53 -24.73
N SER C 587 -14.68 -45.54 -25.07
CA SER C 587 -15.24 -44.53 -25.94
C SER C 587 -16.73 -44.39 -25.66
N PRO C 588 -17.29 -43.17 -25.67
CA PRO C 588 -16.64 -41.86 -25.91
C PRO C 588 -15.66 -41.46 -24.82
N ARG C 589 -14.65 -40.63 -25.11
CA ARG C 589 -13.70 -40.28 -24.07
C ARG C 589 -13.13 -38.87 -24.17
N ILE C 590 -13.45 -38.10 -25.20
CA ILE C 590 -13.03 -36.70 -25.28
C ILE C 590 -14.24 -35.87 -25.66
N VAL C 591 -14.66 -34.98 -24.77
CA VAL C 591 -15.85 -34.17 -24.96
C VAL C 591 -15.48 -32.70 -24.88
N ARG C 592 -16.32 -31.87 -25.50
CA ARG C 592 -16.10 -30.44 -25.48
C ARG C 592 -16.45 -29.87 -24.11
N GLY C 593 -15.82 -28.75 -23.77
CA GLY C 593 -16.07 -28.13 -22.49
C GLY C 593 -17.38 -27.35 -22.49
N THR C 594 -18.02 -27.34 -21.32
CA THR C 594 -19.16 -26.48 -21.05
C THR C 594 -18.75 -25.19 -20.35
N THR C 595 -17.44 -24.98 -20.16
CA THR C 595 -16.92 -23.93 -19.29
C THR C 595 -17.31 -22.52 -19.75
N SER C 596 -17.74 -22.35 -20.99
CA SER C 596 -18.07 -21.03 -21.50
C SER C 596 -19.33 -21.06 -22.36
N GLY C 597 -20.37 -21.74 -21.86
CA GLY C 597 -21.68 -21.69 -22.47
C GLY C 597 -21.81 -22.56 -23.69
N PRO C 598 -23.03 -22.62 -24.25
CA PRO C 598 -23.24 -23.43 -25.46
C PRO C 598 -22.71 -22.76 -26.71
N MET C 599 -21.41 -22.51 -26.74
CA MET C 599 -20.72 -21.97 -27.90
C MET C 599 -20.04 -23.14 -28.59
N TYR C 600 -20.63 -23.60 -29.69
CA TYR C 600 -20.13 -24.75 -30.42
C TYR C 600 -19.26 -24.30 -31.59
N GLY C 601 -18.39 -25.20 -32.02
CA GLY C 601 -17.51 -24.93 -33.13
C GLY C 601 -16.12 -24.56 -32.69
N PRO C 602 -15.58 -23.49 -33.26
CA PRO C 602 -14.18 -23.15 -33.00
C PRO C 602 -13.98 -22.57 -31.61
N GLY C 603 -12.80 -22.80 -31.07
CA GLY C 603 -12.40 -22.15 -29.83
C GLY C 603 -13.09 -22.66 -28.58
N GLN C 604 -13.13 -23.99 -28.41
CA GLN C 604 -13.62 -24.54 -27.16
C GLN C 604 -12.69 -24.16 -26.03
N SER C 605 -13.25 -23.52 -24.99
CA SER C 605 -12.44 -23.04 -23.87
C SER C 605 -11.87 -24.18 -23.03
N SER C 606 -12.35 -25.42 -23.22
CA SER C 606 -11.82 -26.54 -22.47
C SER C 606 -12.22 -27.83 -23.17
N PHE C 607 -11.56 -28.92 -22.78
CA PHE C 607 -11.95 -30.28 -23.09
C PHE C 607 -11.91 -31.11 -21.82
N LEU C 608 -12.64 -32.21 -21.82
CA LEU C 608 -12.55 -33.21 -20.77
C LEU C 608 -12.28 -34.55 -21.41
N ASN C 609 -11.27 -35.26 -20.91
CA ASN C 609 -10.87 -36.53 -21.47
C ASN C 609 -10.83 -37.60 -20.38
N ILE C 610 -11.27 -38.80 -20.73
CA ILE C 610 -11.06 -39.98 -19.89
C ILE C 610 -10.20 -40.97 -20.67
N GLU C 611 -9.26 -40.42 -21.45
CA GLU C 611 -8.31 -41.24 -22.20
C GLU C 611 -7.19 -41.70 -21.28
N LEU C 612 -6.61 -42.86 -21.59
CA LEU C 612 -5.51 -43.43 -20.84
C LEU C 612 -4.18 -43.05 -21.50
N ILE C 613 -3.13 -43.83 -21.22
CA ILE C 613 -1.84 -43.65 -21.87
C ILE C 613 -1.90 -44.26 -23.26
N SER C 614 -0.76 -44.39 -23.92
CA SER C 614 -0.74 -44.84 -25.30
C SER C 614 -1.15 -46.30 -25.41
N GLU C 615 -2.19 -46.59 -26.19
CA GLU C 615 -2.52 -47.96 -26.51
C GLU C 615 -1.42 -48.63 -27.33
N LYS C 616 -0.52 -47.85 -27.90
CA LYS C 616 0.58 -48.40 -28.68
C LYS C 616 1.69 -48.90 -27.76
N THR C 617 2.56 -49.73 -28.32
CA THR C 617 3.60 -50.38 -27.54
C THR C 617 4.81 -49.48 -27.37
N ALA C 618 5.61 -49.78 -26.34
CA ALA C 618 6.92 -49.14 -26.23
C ALA C 618 7.80 -49.49 -27.42
N ALA C 619 7.56 -50.64 -28.05
CA ALA C 619 8.29 -51.00 -29.25
C ALA C 619 8.00 -50.03 -30.38
N TYR C 620 6.71 -49.74 -30.62
CA TYR C 620 6.34 -48.72 -31.60
C TYR C 620 7.00 -47.39 -31.27
N TRP C 621 6.95 -46.99 -30.00
CA TRP C 621 7.41 -45.65 -29.62
C TRP C 621 8.93 -45.55 -29.65
N CYS C 622 9.62 -46.59 -29.17
CA CYS C 622 11.08 -46.55 -29.22
C CYS C 622 11.58 -46.56 -30.66
N GLN C 623 11.00 -47.42 -31.51
CA GLN C 623 11.37 -47.40 -32.92
C GLN C 623 11.06 -46.05 -33.55
N SER C 624 9.86 -45.53 -33.27
CA SER C 624 9.44 -44.25 -33.84
C SER C 624 10.40 -43.12 -33.46
N VAL C 625 10.78 -43.06 -32.18
CA VAL C 625 11.68 -42.00 -31.74
C VAL C 625 12.99 -42.05 -32.51
N THR C 626 13.50 -43.26 -32.78
CA THR C 626 14.70 -43.38 -33.61
C THR C 626 14.46 -42.82 -35.01
N GLU C 627 13.38 -43.26 -35.66
CA GLU C 627 13.06 -42.77 -37.00
C GLU C 627 12.89 -41.26 -37.02
N LEU C 628 12.34 -40.68 -35.95
CA LEU C 628 12.13 -39.24 -35.90
C LEU C 628 13.42 -38.49 -35.60
N LYS C 629 14.27 -39.04 -34.73
CA LYS C 629 15.52 -38.37 -34.43
C LYS C 629 16.55 -38.52 -35.53
N ALA C 630 16.42 -39.54 -36.39
CA ALA C 630 17.31 -39.63 -37.54
C ALA C 630 16.88 -38.66 -38.65
N ASP C 631 15.59 -38.39 -38.77
CA ASP C 631 15.09 -37.51 -39.83
C ASP C 631 14.98 -36.06 -39.39
N PHE C 632 14.81 -35.82 -38.09
CA PHE C 632 14.69 -34.46 -37.55
C PHE C 632 15.66 -34.31 -36.38
N PRO C 633 16.97 -34.20 -36.65
CA PRO C 633 17.93 -34.06 -35.55
C PRO C 633 17.82 -32.74 -34.81
N ASP C 634 17.28 -31.69 -35.43
CA ASP C 634 17.20 -30.39 -34.78
C ASP C 634 15.87 -30.14 -34.07
N ASN C 635 14.93 -31.07 -34.18
CA ASN C 635 13.67 -31.01 -33.45
C ASN C 635 13.76 -31.93 -32.25
N ILE C 636 13.55 -31.39 -31.05
CA ILE C 636 13.65 -32.18 -29.83
C ILE C 636 12.49 -33.15 -29.75
N VAL C 637 12.80 -34.41 -29.41
CA VAL C 637 11.80 -35.44 -29.16
C VAL C 637 11.95 -35.88 -27.71
N ILE C 638 10.91 -35.72 -26.92
CA ILE C 638 10.92 -36.06 -25.51
C ILE C 638 9.98 -37.23 -25.28
N ALA C 639 10.52 -38.34 -24.76
CA ALA C 639 9.77 -39.57 -24.58
C ALA C 639 9.04 -39.55 -23.24
N SER C 640 7.71 -39.59 -23.28
CA SER C 640 6.90 -39.62 -22.08
C SER C 640 6.62 -41.06 -21.69
N ILE C 641 6.92 -41.42 -20.45
CA ILE C 641 6.84 -42.81 -19.98
C ILE C 641 6.11 -42.84 -18.64
N MET C 642 5.57 -44.01 -18.32
CA MET C 642 4.86 -44.21 -17.05
C MET C 642 5.03 -45.65 -16.60
N CYS C 643 5.35 -45.83 -15.32
CA CYS C 643 5.39 -47.14 -14.68
C CYS C 643 4.59 -47.08 -13.39
N SER C 644 4.56 -48.19 -12.67
CA SER C 644 3.96 -48.23 -11.35
C SER C 644 4.94 -47.64 -10.34
N TYR C 645 4.67 -47.83 -9.05
CA TYR C 645 5.67 -47.53 -8.03
C TYR C 645 6.58 -48.76 -7.95
N ASN C 646 7.65 -48.72 -8.72
CA ASN C 646 8.46 -49.91 -8.97
C ASN C 646 9.80 -49.43 -9.50
N LYS C 647 10.86 -49.59 -8.69
CA LYS C 647 12.18 -49.14 -9.10
C LYS C 647 12.61 -49.82 -10.39
N ASN C 648 12.51 -51.16 -10.44
CA ASN C 648 12.94 -51.92 -11.60
C ASN C 648 12.24 -51.44 -12.88
N ASP C 649 10.91 -51.31 -12.82
CA ASP C 649 10.13 -50.90 -13.99
C ASP C 649 10.57 -49.54 -14.50
N TRP C 650 10.72 -48.57 -13.60
CA TRP C 650 11.06 -47.21 -14.00
C TRP C 650 12.42 -47.17 -14.69
N MET C 651 13.41 -47.88 -14.15
CA MET C 651 14.73 -47.88 -14.77
C MET C 651 14.72 -48.62 -16.10
N GLU C 652 13.98 -49.72 -16.19
CA GLU C 652 13.89 -50.45 -17.45
C GLU C 652 13.30 -49.57 -18.54
N LEU C 653 12.11 -49.00 -18.30
CA LEU C 653 11.45 -48.20 -19.32
C LEU C 653 12.26 -46.97 -19.70
N SER C 654 12.83 -46.28 -18.70
CA SER C 654 13.62 -45.09 -19.01
C SER C 654 14.87 -45.44 -19.80
N ARG C 655 15.51 -46.56 -19.47
CA ARG C 655 16.70 -46.98 -20.21
C ARG C 655 16.36 -47.35 -21.64
N LYS C 656 15.17 -47.88 -21.90
CA LYS C 656 14.77 -48.17 -23.27
C LYS C 656 14.49 -46.90 -24.05
N ALA C 657 13.80 -45.95 -23.43
CA ALA C 657 13.50 -44.69 -24.12
C ALA C 657 14.76 -43.87 -24.37
N GLU C 658 15.71 -43.90 -23.43
CA GLU C 658 17.00 -43.25 -23.69
C GLU C 658 17.74 -43.96 -24.81
N ALA C 659 17.67 -45.29 -24.86
CA ALA C 659 18.40 -46.04 -25.87
C ALA C 659 17.90 -45.74 -27.28
N SER C 660 16.62 -45.41 -27.42
CA SER C 660 16.04 -45.12 -28.72
C SER C 660 16.45 -43.76 -29.27
N GLY C 661 17.10 -42.92 -28.47
CA GLY C 661 17.62 -41.65 -28.94
C GLY C 661 16.85 -40.41 -28.48
N ALA C 662 15.92 -40.56 -27.55
CA ALA C 662 15.22 -39.40 -27.01
C ALA C 662 16.20 -38.43 -26.39
N ASP C 663 16.07 -37.15 -26.75
CA ASP C 663 16.92 -36.13 -26.16
C ASP C 663 16.67 -35.97 -24.66
N ALA C 664 15.48 -36.34 -24.20
CA ALA C 664 15.12 -36.22 -22.80
C ALA C 664 13.90 -37.11 -22.54
N LEU C 665 13.58 -37.26 -21.26
CA LEU C 665 12.40 -37.99 -20.83
C LEU C 665 11.44 -37.08 -20.09
N GLU C 666 10.17 -37.46 -20.08
CA GLU C 666 9.16 -36.81 -19.25
C GLU C 666 8.38 -37.88 -18.53
N LEU C 667 8.40 -37.85 -17.20
CA LEU C 667 7.79 -38.90 -16.39
C LEU C 667 6.34 -38.52 -16.09
N ASN C 668 5.42 -39.30 -16.63
CA ASN C 668 4.00 -39.15 -16.33
C ASN C 668 3.75 -39.74 -14.95
N LEU C 669 3.40 -38.90 -13.99
CA LEU C 669 3.28 -39.28 -12.59
C LEU C 669 1.84 -39.61 -12.18
N SER C 670 1.06 -40.18 -13.09
CA SER C 670 -0.37 -40.36 -12.86
C SER C 670 -0.75 -41.78 -12.47
N SER C 671 0.23 -42.66 -12.30
CA SER C 671 -0.06 -44.07 -11.94
C SER C 671 -0.50 -44.17 -10.48
N PRO C 672 -1.51 -44.98 -10.15
CA PRO C 672 -1.88 -45.18 -8.75
C PRO C 672 -1.01 -46.24 -8.08
N HIS C 673 -0.85 -46.06 -6.76
CA HIS C 673 -0.22 -47.00 -5.86
C HIS C 673 -0.82 -46.83 -4.47
N GLY C 674 -0.93 -47.95 -3.75
CA GLY C 674 -1.63 -47.91 -2.50
C GLY C 674 -3.11 -47.57 -2.70
N MET C 675 -3.67 -46.91 -1.69
CA MET C 675 -5.03 -46.37 -1.77
C MET C 675 -4.96 -44.90 -2.19
N GLY C 676 -5.13 -43.98 -1.25
CA GLY C 676 -4.78 -42.61 -1.55
C GLY C 676 -5.63 -41.52 -0.91
N GLU C 677 -5.40 -41.23 0.37
CA GLU C 677 -5.94 -40.03 0.98
C GLU C 677 -5.34 -39.76 2.36
N ARG C 678 -4.04 -40.02 2.53
CA ARG C 678 -3.32 -39.55 3.70
C ARG C 678 -2.98 -38.07 3.56
N GLY C 679 -3.80 -37.32 2.85
CA GLY C 679 -3.40 -36.03 2.34
C GLY C 679 -2.46 -36.11 1.16
N MET C 680 -2.25 -37.31 0.61
CA MET C 680 -1.30 -37.53 -0.47
C MET C 680 -1.92 -38.08 -1.75
N GLY C 681 -3.17 -38.51 -1.72
CA GLY C 681 -3.86 -38.90 -2.95
C GLY C 681 -3.42 -40.22 -3.55
N LEU C 682 -4.19 -40.70 -4.53
CA LEU C 682 -3.97 -42.01 -5.10
C LEU C 682 -2.85 -42.01 -6.14
N ALA C 683 -2.60 -40.88 -6.78
CA ALA C 683 -1.59 -40.81 -7.84
C ALA C 683 -0.22 -40.49 -7.26
N CYS C 684 0.82 -41.00 -7.92
CA CYS C 684 2.18 -40.81 -7.44
C CYS C 684 2.58 -39.35 -7.46
N GLY C 685 2.10 -38.58 -8.44
CA GLY C 685 2.42 -37.17 -8.51
C GLY C 685 1.81 -36.33 -7.40
N GLN C 686 0.95 -36.91 -6.57
CA GLN C 686 0.32 -36.19 -5.47
C GLN C 686 1.05 -36.39 -4.14
N ASP C 687 2.13 -37.16 -4.13
CA ASP C 687 2.93 -37.43 -2.95
C ASP C 687 4.38 -37.05 -3.22
N PRO C 688 4.98 -36.19 -2.40
CA PRO C 688 6.38 -35.82 -2.67
C PRO C 688 7.37 -36.96 -2.49
N GLU C 689 7.21 -37.76 -1.42
CA GLU C 689 8.13 -38.86 -1.16
C GLU C 689 8.12 -39.87 -2.30
N LEU C 690 6.97 -40.05 -2.95
CA LEU C 690 6.87 -41.00 -4.05
C LEU C 690 7.54 -40.44 -5.30
N VAL C 691 7.37 -39.14 -5.56
CA VAL C 691 7.99 -38.51 -6.72
C VAL C 691 9.51 -38.49 -6.57
N ARG C 692 9.99 -38.01 -5.41
CA ARG C 692 11.43 -37.95 -5.16
C ARG C 692 12.09 -39.30 -5.39
N ASN C 693 11.43 -40.38 -4.98
CA ASN C 693 11.99 -41.70 -5.17
C ASN C 693 12.03 -42.08 -6.65
N ILE C 694 10.96 -41.78 -7.39
CA ILE C 694 10.93 -42.13 -8.81
C ILE C 694 11.98 -41.35 -9.58
N CYS C 695 12.17 -40.07 -9.25
CA CYS C 695 13.20 -39.28 -9.90
C CYS C 695 14.59 -39.82 -9.56
N ARG C 696 14.78 -40.29 -8.32
CA ARG C 696 16.03 -40.92 -7.93
C ARG C 696 16.31 -42.13 -8.83
N TRP C 697 15.33 -43.03 -8.96
CA TRP C 697 15.51 -44.24 -9.75
C TRP C 697 15.89 -43.91 -11.18
N VAL C 698 15.17 -42.97 -11.79
CA VAL C 698 15.45 -42.61 -13.18
C VAL C 698 16.82 -41.97 -13.31
N ARG C 699 17.21 -41.15 -12.34
CA ARG C 699 18.51 -40.49 -12.43
C ARG C 699 19.65 -41.51 -12.36
N GLN C 700 19.47 -42.57 -11.57
CA GLN C 700 20.44 -43.67 -11.61
C GLN C 700 20.46 -44.36 -12.97
N ALA C 701 19.30 -44.41 -13.64
CA ALA C 701 19.10 -45.28 -14.78
C ALA C 701 19.57 -44.69 -16.11
N VAL C 702 19.43 -43.37 -16.30
CA VAL C 702 19.77 -42.74 -17.56
C VAL C 702 20.68 -41.55 -17.31
N GLN C 703 21.41 -41.16 -18.35
CA GLN C 703 22.31 -40.02 -18.29
C GLN C 703 21.80 -38.84 -19.12
N ILE C 704 20.61 -38.95 -19.70
CA ILE C 704 19.98 -37.85 -20.42
C ILE C 704 19.10 -37.09 -19.44
N PRO C 705 18.69 -35.86 -19.75
CA PRO C 705 17.79 -35.15 -18.83
C PRO C 705 16.40 -35.76 -18.83
N PHE C 706 15.71 -35.62 -17.70
CA PHE C 706 14.32 -36.02 -17.62
C PHE C 706 13.56 -34.97 -16.80
N PHE C 707 12.26 -34.88 -17.07
CA PHE C 707 11.41 -33.87 -16.45
C PHE C 707 10.21 -34.55 -15.82
N ALA C 708 9.80 -34.06 -14.65
CA ALA C 708 8.66 -34.60 -13.93
C ALA C 708 7.41 -33.81 -14.32
N LYS C 709 6.39 -34.51 -14.82
CA LYS C 709 5.13 -33.87 -15.16
C LYS C 709 4.25 -33.85 -13.92
N LEU C 710 4.06 -32.67 -13.36
CA LEU C 710 3.31 -32.53 -12.11
C LEU C 710 1.82 -32.44 -12.37
N THR C 711 1.04 -32.97 -11.43
CA THR C 711 -0.38 -32.72 -11.56
C THR C 711 -0.77 -31.46 -10.81
N PRO C 712 -1.74 -30.69 -11.31
CA PRO C 712 -2.22 -29.53 -10.55
C PRO C 712 -3.18 -29.92 -9.42
N ASN C 713 -3.63 -31.17 -9.40
CA ASN C 713 -4.60 -31.63 -8.40
C ASN C 713 -3.90 -31.98 -7.09
N VAL C 714 -3.12 -31.04 -6.56
CA VAL C 714 -2.40 -31.22 -5.30
C VAL C 714 -2.60 -29.98 -4.44
N THR C 715 -2.40 -30.16 -3.13
CA THR C 715 -2.51 -29.04 -2.22
C THR C 715 -1.33 -28.08 -2.41
N ASP C 716 -0.10 -28.60 -2.39
CA ASP C 716 1.11 -27.80 -2.56
C ASP C 716 1.92 -28.41 -3.70
N ILE C 717 1.70 -27.89 -4.92
CA ILE C 717 2.44 -28.36 -6.08
C ILE C 717 3.93 -28.04 -5.95
N VAL C 718 4.26 -27.02 -5.15
CA VAL C 718 5.66 -26.60 -5.02
C VAL C 718 6.46 -27.65 -4.26
N SER C 719 5.85 -28.25 -3.23
CA SER C 719 6.53 -29.32 -2.50
C SER C 719 6.80 -30.52 -3.41
N ILE C 720 5.93 -30.76 -4.38
CA ILE C 720 6.16 -31.84 -5.34
C ILE C 720 7.29 -31.47 -6.29
N ALA C 721 7.27 -30.24 -6.81
CA ALA C 721 8.34 -29.78 -7.69
C ALA C 721 9.68 -29.85 -6.98
N ARG C 722 9.71 -29.58 -5.68
CA ARG C 722 10.96 -29.65 -4.93
C ARG C 722 11.44 -31.08 -4.78
N ALA C 723 10.51 -32.01 -4.56
CA ALA C 723 10.88 -33.42 -4.43
C ALA C 723 11.46 -33.96 -5.73
N ALA C 724 10.98 -33.48 -6.87
CA ALA C 724 11.56 -33.89 -8.13
C ALA C 724 13.00 -33.42 -8.26
N LYS C 725 13.24 -32.14 -7.97
CA LYS C 725 14.60 -31.60 -8.06
C LYS C 725 15.52 -32.29 -7.06
N GLU C 726 15.02 -32.61 -5.87
CA GLU C 726 15.84 -33.32 -4.89
C GLU C 726 16.20 -34.71 -5.38
N GLY C 727 15.28 -35.38 -6.07
CA GLY C 727 15.49 -36.70 -6.64
C GLY C 727 16.36 -36.75 -7.86
N GLY C 728 16.74 -35.60 -8.43
CA GLY C 728 17.60 -35.57 -9.59
C GLY C 728 16.91 -35.20 -10.89
N ALA C 729 15.68 -34.70 -10.85
CA ALA C 729 15.02 -34.25 -12.06
C ALA C 729 15.70 -32.99 -12.59
N ASP C 730 15.75 -32.88 -13.92
CA ASP C 730 16.34 -31.72 -14.57
C ASP C 730 15.31 -30.65 -14.88
N GLY C 731 14.08 -30.81 -14.41
CA GLY C 731 13.03 -29.86 -14.68
C GLY C 731 11.69 -30.47 -14.35
N VAL C 732 10.65 -29.64 -14.47
CA VAL C 732 9.29 -30.07 -14.22
C VAL C 732 8.41 -29.62 -15.36
N THR C 733 7.37 -30.40 -15.63
CA THR C 733 6.32 -30.00 -16.56
C THR C 733 5.08 -29.61 -15.77
N ALA C 734 4.54 -28.43 -16.07
CA ALA C 734 3.43 -27.88 -15.28
C ALA C 734 2.39 -27.31 -16.25
N THR C 735 1.21 -27.92 -16.28
CA THR C 735 0.79 -29.06 -15.47
C THR C 735 -0.03 -30.03 -16.30
N ASN C 736 -0.33 -31.19 -15.72
CA ASN C 736 -1.30 -32.11 -16.30
C ASN C 736 -2.71 -31.52 -16.18
N THR C 737 -3.72 -32.31 -16.51
CA THR C 737 -5.08 -31.82 -16.51
C THR C 737 -5.65 -31.76 -15.10
N VAL C 738 -6.66 -30.90 -14.92
CA VAL C 738 -7.38 -30.76 -13.67
C VAL C 738 -8.53 -31.77 -13.65
N SER C 739 -8.71 -32.45 -12.51
CA SER C 739 -9.80 -33.39 -12.37
C SER C 739 -11.13 -32.64 -12.37
N GLY C 740 -12.14 -33.21 -13.03
CA GLY C 740 -13.44 -32.58 -13.03
C GLY C 740 -14.46 -33.41 -13.79
N LEU C 741 -15.70 -32.93 -13.77
CA LEU C 741 -16.79 -33.48 -14.55
C LEU C 741 -17.41 -32.38 -15.38
N MET C 742 -17.54 -32.61 -16.69
CA MET C 742 -18.02 -31.57 -17.60
C MET C 742 -19.53 -31.34 -17.52
N GLY C 743 -20.27 -32.17 -16.78
CA GLY C 743 -21.67 -31.93 -16.59
C GLY C 743 -22.49 -33.13 -16.94
N LEU C 744 -23.82 -32.95 -16.89
CA LEU C 744 -24.77 -34.01 -17.18
C LEU C 744 -25.87 -33.46 -18.06
N LYS C 745 -26.55 -34.37 -18.75
CA LYS C 745 -27.80 -34.01 -19.42
C LYS C 745 -28.86 -33.74 -18.36
N ALA C 746 -30.08 -33.38 -18.80
CA ALA C 746 -31.11 -33.06 -17.83
C ALA C 746 -31.73 -34.30 -17.20
N ASP C 747 -31.66 -35.44 -17.87
CA ASP C 747 -32.12 -36.69 -17.28
C ASP C 747 -31.09 -37.29 -16.31
N GLY C 748 -29.98 -36.61 -16.05
CA GLY C 748 -29.02 -37.06 -15.08
C GLY C 748 -27.86 -37.86 -15.63
N THR C 749 -27.90 -38.22 -16.92
CA THR C 749 -26.81 -39.01 -17.47
C THR C 749 -25.61 -38.12 -17.81
N PRO C 750 -24.40 -38.65 -17.71
CA PRO C 750 -23.20 -37.84 -17.93
C PRO C 750 -22.80 -37.78 -19.41
N TRP C 751 -21.85 -36.90 -19.68
CA TRP C 751 -21.13 -36.84 -20.94
C TRP C 751 -19.66 -36.60 -20.61
N PRO C 752 -18.74 -37.48 -21.02
CA PRO C 752 -18.92 -38.68 -21.86
C PRO C 752 -19.69 -39.82 -21.18
N ALA C 753 -20.54 -40.53 -21.93
CA ALA C 753 -21.32 -41.64 -21.40
C ALA C 753 -20.92 -42.91 -22.13
N VAL C 754 -20.34 -43.87 -21.39
CA VAL C 754 -19.79 -45.10 -21.95
C VAL C 754 -20.75 -46.26 -21.72
N GLY C 755 -20.83 -47.16 -22.69
CA GLY C 755 -21.54 -48.42 -22.52
C GLY C 755 -23.04 -48.27 -22.40
N ALA C 756 -23.71 -49.42 -22.22
CA ALA C 756 -25.16 -49.42 -22.09
C ALA C 756 -25.60 -48.73 -20.81
N GLY C 757 -24.80 -48.79 -19.75
CA GLY C 757 -25.15 -48.17 -18.49
C GLY C 757 -24.90 -46.69 -18.41
N LYS C 758 -24.54 -46.05 -19.52
CA LYS C 758 -24.31 -44.60 -19.58
C LYS C 758 -23.37 -44.15 -18.46
N ARG C 759 -22.30 -44.91 -18.25
CA ARG C 759 -21.42 -44.67 -17.11
C ARG C 759 -20.30 -43.70 -17.48
N THR C 760 -19.67 -43.14 -16.46
CA THR C 760 -18.54 -42.23 -16.65
C THR C 760 -17.65 -42.28 -15.41
N THR C 761 -16.54 -41.56 -15.50
CA THR C 761 -15.60 -41.44 -14.39
C THR C 761 -14.96 -40.07 -14.48
N TYR C 762 -14.33 -39.65 -13.37
CA TYR C 762 -13.73 -38.32 -13.33
C TYR C 762 -12.68 -38.20 -14.42
N GLY C 763 -12.73 -37.09 -15.17
CA GLY C 763 -11.81 -36.83 -16.25
C GLY C 763 -10.90 -35.65 -15.97
N GLY C 764 -10.00 -35.42 -16.92
CA GLY C 764 -9.07 -34.32 -16.84
C GLY C 764 -9.53 -33.17 -17.72
N VAL C 765 -9.44 -31.96 -17.19
CA VAL C 765 -9.86 -30.76 -17.89
C VAL C 765 -8.63 -30.07 -18.46
N SER C 766 -8.62 -29.88 -19.77
CA SER C 766 -7.54 -29.20 -20.48
C SER C 766 -8.09 -27.93 -21.11
N GLY C 767 -7.22 -27.17 -21.76
CA GLY C 767 -7.65 -26.00 -22.49
C GLY C 767 -7.44 -24.71 -21.71
N THR C 768 -7.99 -23.63 -22.28
CA THR C 768 -7.80 -22.31 -21.70
C THR C 768 -8.49 -22.16 -20.35
N ALA C 769 -9.46 -23.02 -20.04
CA ALA C 769 -10.15 -22.92 -18.75
C ALA C 769 -9.22 -23.20 -17.58
N ILE C 770 -8.20 -24.04 -17.77
CA ILE C 770 -7.25 -24.35 -16.72
C ILE C 770 -6.01 -23.47 -16.78
N ARG C 771 -5.96 -22.52 -17.72
CA ARG C 771 -4.79 -21.64 -17.79
C ARG C 771 -4.51 -20.89 -16.48
N PRO C 772 -5.49 -20.30 -15.78
CA PRO C 772 -5.15 -19.68 -14.49
C PRO C 772 -4.54 -20.66 -13.50
N ILE C 773 -4.96 -21.93 -13.54
CA ILE C 773 -4.39 -22.92 -12.64
C ILE C 773 -2.94 -23.20 -13.01
N ALA C 774 -2.67 -23.41 -14.30
CA ALA C 774 -1.31 -23.73 -14.73
C ALA C 774 -0.40 -22.53 -14.60
N LEU C 775 -0.90 -21.33 -14.90
CA LEU C 775 -0.09 -20.11 -14.76
C LEU C 775 0.33 -19.90 -13.32
N ARG C 776 -0.58 -20.12 -12.37
CA ARG C 776 -0.23 -20.05 -10.96
C ARG C 776 0.82 -21.09 -10.61
N ALA C 777 0.64 -22.32 -11.10
CA ALA C 777 1.57 -23.40 -10.78
C ALA C 777 2.97 -23.11 -11.33
N VAL C 778 3.05 -22.55 -12.53
CA VAL C 778 4.35 -22.19 -13.09
C VAL C 778 4.98 -21.06 -12.27
N THR C 779 4.19 -20.05 -11.91
CA THR C 779 4.72 -18.90 -11.19
C THR C 779 5.19 -19.28 -9.79
N THR C 780 4.48 -20.17 -9.10
CA THR C 780 4.91 -20.62 -7.78
C THR C 780 6.20 -21.42 -7.88
N ILE C 781 6.25 -22.39 -8.80
CA ILE C 781 7.43 -23.24 -8.92
C ILE C 781 8.65 -22.40 -9.24
N ALA C 782 8.51 -21.42 -10.12
CA ALA C 782 9.65 -20.57 -10.49
C ALA C 782 10.12 -19.74 -9.30
N ARG C 783 9.19 -19.05 -8.62
CA ARG C 783 9.55 -18.24 -7.46
C ARG C 783 10.21 -19.09 -6.38
N ALA C 784 9.68 -20.28 -6.13
CA ALA C 784 10.24 -21.14 -5.10
C ALA C 784 11.57 -21.75 -5.54
N LEU C 785 11.69 -22.09 -6.82
CA LEU C 785 12.88 -22.76 -7.36
C LEU C 785 13.45 -21.92 -8.50
N PRO C 786 14.16 -20.83 -8.19
CA PRO C 786 14.71 -20.00 -9.27
C PRO C 786 15.74 -20.76 -10.08
N GLY C 787 15.58 -20.70 -11.41
CA GLY C 787 16.50 -21.33 -12.32
C GLY C 787 16.16 -22.76 -12.68
N PHE C 788 15.22 -23.37 -11.97
CA PHE C 788 14.81 -24.74 -12.27
C PHE C 788 13.95 -24.76 -13.52
N PRO C 789 14.38 -25.40 -14.61
CA PRO C 789 13.62 -25.34 -15.86
C PRO C 789 12.18 -25.82 -15.69
N ILE C 790 11.26 -25.10 -16.33
CA ILE C 790 9.85 -25.44 -16.31
C ILE C 790 9.36 -25.54 -17.75
N LEU C 791 8.64 -26.63 -18.05
CA LEU C 791 7.94 -26.78 -19.32
C LEU C 791 6.46 -26.52 -19.06
N ALA C 792 5.94 -25.43 -19.61
CA ALA C 792 4.57 -25.04 -19.32
C ALA C 792 3.59 -25.80 -20.20
N THR C 793 2.41 -26.07 -19.63
CA THR C 793 1.29 -26.65 -20.38
C THR C 793 0.02 -26.37 -19.61
N GLY C 794 -1.02 -25.91 -20.31
CA GLY C 794 -2.25 -25.52 -19.68
C GLY C 794 -2.89 -24.31 -20.35
N GLY C 795 -3.53 -24.53 -21.50
CA GLY C 795 -4.23 -23.46 -22.16
C GLY C 795 -3.37 -22.53 -22.98
N ILE C 796 -2.23 -23.00 -23.48
CA ILE C 796 -1.41 -22.20 -24.38
C ILE C 796 -2.01 -22.29 -25.78
N ASP C 797 -2.39 -21.15 -26.34
CA ASP C 797 -3.10 -21.14 -27.62
C ASP C 797 -2.65 -20.04 -28.57
N SER C 798 -1.59 -19.30 -28.24
CA SER C 798 -1.12 -18.19 -29.08
C SER C 798 0.28 -17.82 -28.62
N ALA C 799 0.93 -16.96 -29.40
CA ALA C 799 2.20 -16.40 -28.97
C ALA C 799 2.02 -15.51 -27.74
N GLU C 800 0.89 -14.80 -27.65
CA GLU C 800 0.63 -13.93 -26.51
C GLU C 800 0.56 -14.71 -25.21
N SER C 801 -0.30 -15.74 -25.17
CA SER C 801 -0.40 -16.58 -23.98
C SER C 801 0.88 -17.36 -23.72
N GLY C 802 1.55 -17.80 -24.78
CA GLY C 802 2.84 -18.46 -24.61
C GLY C 802 3.87 -17.55 -23.97
N LEU C 803 3.83 -16.25 -24.30
CA LEU C 803 4.72 -15.30 -23.66
C LEU C 803 4.36 -15.09 -22.20
N GLN C 804 3.08 -15.22 -21.85
CA GLN C 804 2.68 -15.13 -20.45
C GLN C 804 3.37 -16.21 -19.62
N PHE C 805 3.43 -17.43 -20.15
CA PHE C 805 4.09 -18.52 -19.42
C PHE C 805 5.61 -18.33 -19.42
N LEU C 806 6.17 -17.86 -20.53
CA LEU C 806 7.60 -17.53 -20.55
C LEU C 806 7.92 -16.44 -19.55
N HIS C 807 7.08 -15.40 -19.50
CA HIS C 807 7.24 -14.38 -18.47
C HIS C 807 7.07 -14.95 -17.06
N SER C 808 6.39 -16.08 -16.92
CA SER C 808 6.09 -16.67 -15.62
C SER C 808 7.16 -17.65 -15.15
N GLY C 809 8.25 -17.81 -15.90
CA GLY C 809 9.32 -18.72 -15.53
C GLY C 809 9.46 -19.95 -16.40
N ALA C 810 8.58 -20.15 -17.37
CA ALA C 810 8.71 -21.30 -18.26
C ALA C 810 9.73 -21.00 -19.35
N SER C 811 10.36 -22.07 -19.85
CA SER C 811 11.32 -21.94 -20.95
C SER C 811 10.79 -22.46 -22.27
N VAL C 812 9.98 -23.52 -22.27
CA VAL C 812 9.33 -24.02 -23.47
C VAL C 812 7.86 -24.25 -23.15
N LEU C 813 7.05 -24.36 -24.21
CA LEU C 813 5.59 -24.29 -24.11
C LEU C 813 4.96 -25.47 -24.84
N GLN C 814 4.32 -26.37 -24.09
CA GLN C 814 3.66 -27.53 -24.66
C GLN C 814 2.20 -27.22 -24.96
N VAL C 815 1.67 -27.79 -26.05
CA VAL C 815 0.34 -27.47 -26.53
C VAL C 815 -0.40 -28.77 -26.85
N CYS C 816 -1.67 -28.82 -26.45
CA CYS C 816 -2.57 -29.89 -26.87
C CYS C 816 -3.91 -29.31 -27.35
N SER C 817 -4.67 -28.73 -26.41
CA SER C 817 -6.05 -28.33 -26.71
C SER C 817 -6.13 -27.35 -27.87
N ALA C 818 -5.14 -26.45 -27.99
CA ALA C 818 -5.17 -25.49 -29.08
C ALA C 818 -5.08 -26.17 -30.44
N VAL C 819 -4.37 -27.31 -30.50
CA VAL C 819 -4.31 -28.07 -31.76
C VAL C 819 -5.60 -28.86 -31.98
N GLN C 820 -6.16 -29.42 -30.91
CA GLN C 820 -7.45 -30.09 -31.04
C GLN C 820 -8.50 -29.13 -31.56
N ASN C 821 -8.43 -27.86 -31.16
CA ASN C 821 -9.35 -26.83 -31.63
C ASN C 821 -9.07 -26.41 -33.07
N GLN C 822 -7.95 -26.86 -33.64
CA GLN C 822 -7.53 -26.38 -34.95
C GLN C 822 -6.82 -27.50 -35.73
N ASP C 823 -5.52 -27.35 -35.91
CA ASP C 823 -4.67 -28.28 -36.63
C ASP C 823 -3.22 -27.91 -36.35
N PHE C 824 -2.28 -28.70 -36.89
CA PHE C 824 -0.88 -28.50 -36.57
C PHE C 824 -0.37 -27.14 -37.03
N THR C 825 -0.94 -26.58 -38.10
CA THR C 825 -0.35 -25.40 -38.73
C THR C 825 -0.38 -24.16 -37.86
N VAL C 826 -1.04 -24.19 -36.70
CA VAL C 826 -1.03 -23.04 -35.80
C VAL C 826 0.37 -22.71 -35.32
N ILE C 827 1.35 -23.56 -35.60
CA ILE C 827 2.72 -23.31 -35.17
C ILE C 827 3.27 -22.08 -35.88
N GLN C 828 2.88 -21.90 -37.15
CA GLN C 828 3.33 -20.72 -37.87
C GLN C 828 2.76 -19.44 -37.25
N ASP C 829 1.52 -19.48 -36.78
CA ASP C 829 0.97 -18.34 -36.07
C ASP C 829 1.76 -18.06 -34.80
N TYR C 830 2.14 -19.10 -34.07
CA TYR C 830 2.82 -18.91 -32.80
C TYR C 830 4.21 -18.33 -33.01
N CYS C 831 4.90 -18.75 -34.07
CA CYS C 831 6.28 -18.31 -34.28
C CYS C 831 6.35 -16.89 -34.82
N THR C 832 5.55 -16.57 -35.83
CA THR C 832 5.47 -15.18 -36.29
C THR C 832 4.94 -14.27 -35.19
N GLY C 833 4.07 -14.79 -34.32
CA GLY C 833 3.59 -13.98 -33.22
C GLY C 833 4.67 -13.67 -32.20
N LEU C 834 5.50 -14.66 -31.88
CA LEU C 834 6.57 -14.45 -30.92
C LEU C 834 7.65 -13.54 -31.48
N LYS C 835 7.88 -13.60 -32.79
CA LYS C 835 8.85 -12.69 -33.41
C LYS C 835 8.38 -11.25 -33.33
N ALA C 836 7.08 -11.02 -33.51
CA ALA C 836 6.55 -9.66 -33.44
C ALA C 836 6.59 -9.12 -32.02
N LEU C 837 6.16 -9.93 -31.04
CA LEU C 837 6.15 -9.47 -29.66
C LEU C 837 7.56 -9.10 -29.19
N LEU C 838 8.55 -9.92 -29.52
CA LEU C 838 9.93 -9.60 -29.18
C LEU C 838 10.43 -8.39 -29.95
N TYR C 839 10.14 -8.33 -31.25
CA TYR C 839 10.60 -7.21 -32.08
C TYR C 839 10.04 -5.89 -31.57
N LEU C 840 8.74 -5.86 -31.23
CA LEU C 840 8.12 -4.61 -30.80
C LEU C 840 8.71 -4.09 -29.50
N LYS C 841 9.28 -4.98 -28.67
CA LYS C 841 9.86 -4.56 -27.41
C LYS C 841 11.08 -3.68 -27.59
N SER C 842 11.54 -3.48 -28.82
CA SER C 842 12.70 -2.66 -29.11
C SER C 842 12.35 -1.34 -29.78
N ILE C 843 11.07 -1.11 -30.07
CA ILE C 843 10.62 0.10 -30.78
C ILE C 843 10.16 1.11 -29.73
N GLU C 844 10.88 2.23 -29.64
CA GLU C 844 10.46 3.29 -28.71
C GLU C 844 9.10 3.85 -29.10
N GLU C 845 8.86 4.01 -30.40
CA GLU C 845 7.64 4.65 -30.87
C GLU C 845 6.37 3.90 -30.46
N LEU C 846 6.49 2.61 -30.12
CA LEU C 846 5.34 1.77 -29.81
C LEU C 846 5.33 1.32 -28.35
N GLN C 847 6.04 2.01 -27.46
CA GLN C 847 6.05 1.63 -26.05
C GLN C 847 4.66 1.61 -25.47
N GLY C 848 3.75 2.41 -26.01
CA GLY C 848 2.39 2.54 -25.52
C GLY C 848 1.41 1.51 -26.00
N TRP C 849 1.86 0.50 -26.73
CA TRP C 849 0.99 -0.61 -27.12
C TRP C 849 1.05 -1.72 -26.07
N ASP C 850 0.09 -2.63 -26.16
CA ASP C 850 0.09 -3.88 -25.39
C ASP C 850 0.29 -5.01 -26.39
N GLY C 851 1.51 -5.50 -26.49
CA GLY C 851 1.81 -6.50 -27.51
C GLY C 851 1.56 -5.91 -28.88
N GLN C 852 0.67 -6.53 -29.63
CA GLN C 852 0.34 -6.08 -30.96
C GLN C 852 -0.91 -5.20 -30.98
N SER C 853 -1.49 -4.90 -29.82
CA SER C 853 -2.72 -4.15 -29.75
C SER C 853 -2.42 -2.68 -29.49
N PRO C 854 -2.83 -1.77 -30.36
CA PRO C 854 -2.60 -0.35 -30.11
C PRO C 854 -3.53 0.17 -29.01
N GLY C 855 -3.12 1.29 -28.41
CA GLY C 855 -3.94 1.96 -27.43
C GLY C 855 -5.28 2.34 -28.00
N THR C 856 -6.35 2.01 -27.27
CA THR C 856 -7.70 2.14 -27.82
C THR C 856 -8.07 3.61 -27.96
N GLU C 857 -8.12 4.07 -29.21
CA GLU C 857 -8.58 5.42 -29.51
C GLU C 857 -10.10 5.47 -29.42
N SER C 858 -10.63 6.56 -28.86
CA SER C 858 -12.07 6.74 -28.73
C SER C 858 -12.77 6.53 -30.06
N HIS C 859 -13.75 5.63 -30.06
CA HIS C 859 -14.35 5.16 -31.30
C HIS C 859 -15.81 4.78 -31.06
N GLN C 860 -16.49 4.42 -32.14
CA GLN C 860 -17.83 3.84 -32.10
C GLN C 860 -18.02 3.08 -33.40
N LYS C 861 -18.28 1.78 -33.31
CA LYS C 861 -18.34 0.87 -34.47
C LYS C 861 -16.98 0.77 -35.17
N GLY C 862 -15.91 0.68 -34.37
CA GLY C 862 -14.57 0.63 -34.92
C GLY C 862 -14.22 1.81 -35.79
N LYS C 863 -14.72 2.99 -35.44
CA LYS C 863 -14.48 4.23 -36.18
C LYS C 863 -14.24 5.34 -35.18
N PRO C 864 -13.11 6.04 -35.26
CA PRO C 864 -12.83 7.11 -34.30
C PRO C 864 -13.95 8.15 -34.25
N VAL C 865 -14.25 8.60 -33.04
CA VAL C 865 -15.29 9.61 -32.85
C VAL C 865 -14.67 10.99 -33.08
N PRO C 866 -15.33 11.88 -33.84
CA PRO C 866 -14.69 13.15 -34.23
C PRO C 866 -14.48 14.07 -33.04
N ARG C 867 -13.23 14.47 -32.84
CA ARG C 867 -12.79 15.29 -31.70
C ARG C 867 -13.21 16.75 -31.80
N ILE C 868 -14.47 17.01 -32.15
CA ILE C 868 -14.98 18.37 -32.24
C ILE C 868 -15.32 18.88 -30.84
N ALA C 869 -15.18 20.20 -30.64
CA ALA C 869 -15.38 20.78 -29.31
C ALA C 869 -16.85 20.76 -28.90
N GLU C 870 -17.74 21.21 -29.78
CA GLU C 870 -19.17 21.18 -29.49
C GLU C 870 -19.72 19.76 -29.46
N LEU C 871 -19.00 18.79 -30.01
CA LEU C 871 -19.45 17.40 -29.97
C LEU C 871 -19.12 16.76 -28.62
N MET C 872 -17.97 17.08 -28.05
CA MET C 872 -17.52 16.47 -26.80
C MET C 872 -18.06 17.24 -25.59
N GLY C 873 -18.46 16.48 -24.58
CA GLY C 873 -18.81 17.06 -23.29
C GLY C 873 -20.18 17.68 -23.20
N LYS C 874 -21.00 17.59 -24.24
CA LYS C 874 -22.35 18.12 -24.21
C LYS C 874 -23.40 17.06 -23.90
N LYS C 875 -22.97 15.87 -23.48
CA LYS C 875 -23.87 14.77 -23.13
C LYS C 875 -24.76 14.37 -24.31
N LEU C 876 -24.10 13.90 -25.37
CA LEU C 876 -24.79 13.47 -26.59
C LEU C 876 -24.46 12.02 -26.90
N PRO C 877 -25.29 11.07 -26.50
CA PRO C 877 -25.10 9.68 -26.93
C PRO C 877 -25.54 9.49 -28.38
N ASN C 878 -25.24 8.32 -28.91
CA ASN C 878 -25.45 8.03 -30.33
C ASN C 878 -26.77 7.29 -30.54
N PHE C 879 -27.86 7.96 -30.19
CA PHE C 879 -29.21 7.49 -30.52
C PHE C 879 -30.19 8.64 -30.40
N GLY C 880 -31.39 8.43 -30.95
CA GLY C 880 -32.49 9.35 -30.83
C GLY C 880 -32.17 10.77 -31.28
N PRO C 881 -32.82 11.75 -30.67
CA PRO C 881 -32.54 13.15 -31.02
C PRO C 881 -31.12 13.56 -30.69
N TYR C 882 -30.48 12.91 -29.72
CA TYR C 882 -29.07 13.18 -29.43
C TYR C 882 -28.19 12.86 -30.62
N LEU C 883 -28.57 11.85 -31.41
CA LEU C 883 -27.78 11.49 -32.58
C LEU C 883 -27.92 12.51 -33.71
N GLU C 884 -29.15 13.00 -33.93
CA GLU C 884 -29.36 14.00 -34.97
C GLU C 884 -28.61 15.29 -34.65
N GLN C 885 -28.42 15.59 -33.37
CA GLN C 885 -27.64 16.76 -32.99
C GLN C 885 -26.17 16.56 -33.32
N ARG C 886 -25.65 15.34 -33.14
CA ARG C 886 -24.29 15.06 -33.58
C ARG C 886 -24.15 15.19 -35.08
N LYS C 887 -25.13 14.69 -35.83
CA LYS C 887 -25.06 14.78 -37.29
C LYS C 887 -25.14 16.21 -37.79
N LYS C 888 -25.82 17.09 -37.05
CA LYS C 888 -25.85 18.50 -37.42
C LYS C 888 -24.56 19.21 -37.04
N ILE C 889 -23.98 18.87 -35.89
CA ILE C 889 -22.72 19.46 -35.48
C ILE C 889 -21.59 18.99 -36.40
N ILE C 890 -21.53 17.68 -36.65
CA ILE C 890 -20.53 17.13 -37.58
C ILE C 890 -20.70 17.74 -38.96
N ALA C 891 -21.94 18.01 -39.38
CA ALA C 891 -22.18 18.60 -40.70
C ALA C 891 -21.81 20.07 -40.73
N GLU C 892 -22.16 20.83 -39.69
CA GLU C 892 -21.74 22.23 -39.61
C GLU C 892 -20.21 22.34 -39.58
N GLU C 893 -19.54 21.28 -39.11
CA GLU C 893 -18.09 21.28 -39.05
C GLU C 893 -17.48 21.04 -40.43
N LYS C 894 -17.95 20.00 -41.13
CA LYS C 894 -17.47 19.72 -42.48
C LYS C 894 -17.62 20.94 -43.39
N MET C 895 -18.65 21.76 -43.14
CA MET C 895 -18.80 23.00 -43.89
C MET C 895 -17.68 23.98 -43.56
N ARG C 896 -17.33 24.12 -42.28
CA ARG C 896 -16.29 25.06 -41.91
C ARG C 896 -14.89 24.53 -42.21
N LEU C 897 -14.74 23.22 -42.44
CA LEU C 897 -13.50 22.69 -43.00
C LEU C 897 -13.43 22.86 -44.51
N LYS C 898 -14.55 23.18 -45.15
CA LYS C 898 -14.59 23.45 -46.59
C LYS C 898 -14.40 24.93 -46.87
N GLU C 899 -15.02 25.81 -46.08
CA GLU C 899 -14.77 27.25 -46.15
C GLU C 899 -13.42 27.63 -45.53
N GLN C 900 -12.67 26.64 -45.07
CA GLN C 900 -11.22 26.76 -44.94
C GLN C 900 -10.64 25.35 -45.18
N ASN C 901 -10.38 25.04 -46.45
CA ASN C 901 -9.90 23.69 -46.78
C ASN C 901 -8.39 23.61 -46.73
N ALA C 902 -7.78 24.26 -45.74
CA ALA C 902 -6.33 24.27 -45.56
C ALA C 902 -5.80 22.89 -45.24
N ALA C 903 -4.53 22.82 -44.83
CA ALA C 903 -3.90 21.59 -44.39
C ALA C 903 -3.84 20.54 -45.50
N PHE C 904 -2.71 20.46 -46.18
CA PHE C 904 -2.38 19.32 -47.04
C PHE C 904 -1.03 18.74 -46.62
N PRO C 905 -0.89 18.25 -45.39
CA PRO C 905 0.39 17.72 -44.95
C PRO C 905 0.28 16.25 -44.59
N PRO C 906 0.08 15.37 -45.57
CA PRO C 906 0.11 13.93 -45.27
C PRO C 906 1.55 13.51 -44.98
N LEU C 907 1.79 13.03 -43.77
CA LEU C 907 3.14 12.73 -43.31
C LEU C 907 3.86 11.83 -44.31
N GLU C 908 5.17 12.05 -44.45
CA GLU C 908 6.01 11.08 -45.12
C GLU C 908 6.29 9.93 -44.17
N ARG C 909 6.35 8.72 -44.70
CA ARG C 909 6.43 7.51 -43.90
C ARG C 909 7.87 7.06 -43.78
N LYS C 910 8.39 7.05 -42.56
CA LYS C 910 9.69 6.49 -42.26
C LYS C 910 9.53 5.32 -41.30
N PRO C 911 10.06 4.15 -41.63
CA PRO C 911 9.90 3.00 -40.73
C PRO C 911 10.61 3.24 -39.40
N PHE C 912 9.97 2.82 -38.32
CA PHE C 912 10.64 2.84 -37.03
C PHE C 912 11.86 1.93 -37.06
N ILE C 913 12.83 2.25 -36.21
CA ILE C 913 14.09 1.51 -36.14
C ILE C 913 14.23 0.99 -34.71
N PRO C 914 14.61 -0.27 -34.51
CA PRO C 914 14.89 -0.75 -33.15
C PRO C 914 15.92 0.12 -32.46
N LYS C 915 15.66 0.47 -31.20
CA LYS C 915 16.57 1.32 -30.43
C LYS C 915 17.35 0.58 -29.35
N LYS C 916 16.81 -0.52 -28.84
CA LYS C 916 17.57 -1.47 -28.04
C LYS C 916 17.55 -2.82 -28.76
N PRO C 917 18.44 -3.73 -28.41
CA PRO C 917 18.43 -5.05 -29.07
C PRO C 917 17.10 -5.76 -28.90
N ILE C 918 16.75 -6.56 -29.90
CA ILE C 918 15.55 -7.39 -29.75
C ILE C 918 15.79 -8.40 -28.64
N PRO C 919 14.86 -8.55 -27.70
CA PRO C 919 15.06 -9.55 -26.64
C PRO C 919 15.05 -10.96 -27.20
N ALA C 920 15.89 -11.81 -26.62
CA ALA C 920 15.83 -13.24 -26.87
C ALA C 920 14.89 -13.89 -25.85
N ILE C 921 14.62 -15.17 -26.04
CA ILE C 921 13.75 -15.89 -25.10
C ILE C 921 14.35 -15.87 -23.71
N LYS C 922 15.67 -16.04 -23.61
CA LYS C 922 16.31 -16.04 -22.30
C LYS C 922 16.18 -14.71 -21.60
N ASP C 923 15.85 -13.63 -22.32
CA ASP C 923 15.75 -12.30 -21.74
C ASP C 923 14.37 -11.99 -21.15
N VAL C 924 13.33 -12.71 -21.58
CA VAL C 924 11.99 -12.46 -21.05
C VAL C 924 11.56 -13.50 -20.01
N ILE C 925 12.28 -14.62 -19.91
CA ILE C 925 11.85 -15.70 -19.02
C ILE C 925 11.90 -15.24 -17.58
N GLY C 926 10.76 -15.40 -16.88
CA GLY C 926 10.69 -15.07 -15.48
C GLY C 926 10.63 -13.60 -15.15
N LYS C 927 10.58 -12.71 -16.16
CA LYS C 927 10.60 -11.28 -15.91
C LYS C 927 9.35 -10.80 -15.17
N ALA C 928 8.28 -11.58 -15.17
CA ALA C 928 7.04 -11.18 -14.53
C ALA C 928 6.94 -11.61 -13.07
N LEU C 929 7.89 -12.42 -12.59
CA LEU C 929 7.84 -12.86 -11.20
C LEU C 929 8.09 -11.72 -10.22
N GLN C 930 8.66 -10.60 -10.70
CA GLN C 930 8.95 -9.48 -9.82
C GLN C 930 7.67 -8.83 -9.30
N TYR C 931 6.58 -8.95 -10.05
CA TYR C 931 5.30 -8.36 -9.64
C TYR C 931 4.51 -9.26 -8.72
N LEU C 932 4.94 -10.51 -8.52
CA LEU C 932 4.24 -11.44 -7.65
C LEU C 932 4.71 -11.30 -6.22
N GLY C 933 3.77 -11.36 -5.29
CA GLY C 933 4.10 -11.31 -3.88
C GLY C 933 2.87 -11.63 -3.04
N THR C 934 3.07 -11.61 -1.73
CA THR C 934 1.96 -11.81 -0.82
C THR C 934 0.98 -10.64 -0.93
N PHE C 935 -0.23 -10.85 -0.38
CA PHE C 935 -1.20 -9.77 -0.35
C PHE C 935 -0.69 -8.57 0.44
N GLY C 936 0.14 -8.83 1.47
CA GLY C 936 0.65 -7.77 2.30
C GLY C 936 1.58 -6.81 1.57
N GLU C 937 2.14 -7.22 0.44
CA GLU C 937 2.99 -6.37 -0.37
C GLU C 937 2.21 -5.56 -1.40
N LEU C 938 0.88 -5.53 -1.30
CA LEU C 938 0.01 -4.77 -2.18
C LEU C 938 -0.54 -3.58 -1.41
N SER C 939 -0.28 -2.38 -1.90
CA SER C 939 -0.69 -1.16 -1.20
C SER C 939 -2.21 -1.05 -1.15
N ASN C 940 -2.74 -0.74 0.04
CA ASN C 940 -4.15 -0.43 0.20
C ASN C 940 -4.41 1.07 0.29
N ILE C 941 -3.40 1.89 0.00
CA ILE C 941 -3.57 3.32 -0.16
C ILE C 941 -3.66 3.71 -1.63
N GLU C 942 -2.82 3.11 -2.47
CA GLU C 942 -2.88 3.30 -3.92
C GLU C 942 -4.17 2.65 -4.44
N GLN C 943 -5.29 3.32 -4.18
CA GLN C 943 -6.58 2.84 -4.63
C GLN C 943 -6.94 3.48 -5.96
N VAL C 944 -7.87 2.85 -6.67
CA VAL C 944 -8.32 3.32 -7.98
C VAL C 944 -9.83 3.50 -7.95
N VAL C 945 -10.32 4.26 -8.93
CA VAL C 945 -11.74 4.41 -9.19
C VAL C 945 -11.94 4.31 -10.70
N ALA C 946 -13.15 3.93 -11.08
CA ALA C 946 -13.50 3.80 -12.49
C ALA C 946 -13.92 5.13 -13.06
N VAL C 947 -13.61 5.33 -14.35
CA VAL C 947 -14.08 6.47 -15.11
C VAL C 947 -14.51 5.96 -16.47
N ILE C 948 -15.54 6.56 -17.04
CA ILE C 948 -16.19 6.04 -18.24
C ILE C 948 -16.02 7.02 -19.38
N ASP C 949 -15.47 6.53 -20.50
CA ASP C 949 -15.37 7.33 -21.72
C ASP C 949 -16.73 7.29 -22.41
N GLU C 950 -17.46 8.41 -22.35
CA GLU C 950 -18.83 8.45 -22.81
C GLU C 950 -18.97 8.50 -24.32
N GLU C 951 -17.87 8.73 -25.06
CA GLU C 951 -17.90 8.63 -26.51
C GLU C 951 -17.75 7.20 -27.00
N MET C 952 -17.26 6.31 -26.15
CA MET C 952 -17.15 4.89 -26.47
C MET C 952 -18.33 4.07 -25.95
N CYS C 953 -19.03 4.55 -24.93
CA CYS C 953 -20.12 3.81 -24.34
C CYS C 953 -21.23 3.55 -25.35
N ILE C 954 -21.81 2.36 -25.29
CA ILE C 954 -22.95 2.00 -26.13
C ILE C 954 -24.22 1.84 -25.30
N ASN C 955 -24.22 2.30 -24.05
CA ASN C 955 -25.42 2.63 -23.29
C ASN C 955 -26.19 1.39 -22.84
N CYS C 956 -25.46 0.33 -22.47
CA CYS C 956 -26.12 -0.89 -22.02
C CYS C 956 -26.43 -0.87 -20.53
N GLY C 957 -25.67 -0.12 -19.73
CA GLY C 957 -25.89 -0.12 -18.30
C GLY C 957 -25.50 -1.41 -17.61
N LYS C 958 -24.65 -2.23 -18.24
CA LYS C 958 -24.15 -3.44 -17.59
C LYS C 958 -23.27 -3.08 -16.39
N CYS C 959 -22.45 -2.03 -16.53
CA CYS C 959 -21.69 -1.51 -15.39
C CYS C 959 -22.62 -1.10 -14.25
N TYR C 960 -23.64 -0.32 -14.58
CA TYR C 960 -24.67 0.06 -13.62
C TYR C 960 -25.26 -1.16 -12.93
N MET C 961 -25.62 -2.19 -13.70
CA MET C 961 -26.26 -3.36 -13.12
C MET C 961 -25.29 -4.15 -12.24
N THR C 962 -24.03 -4.26 -12.67
CA THR C 962 -23.04 -4.99 -11.89
C THR C 962 -22.67 -4.23 -10.62
N CYS C 963 -22.52 -2.91 -10.70
CA CYS C 963 -22.19 -2.16 -9.49
C CYS C 963 -23.36 -2.12 -8.52
N ASN C 964 -24.59 -2.26 -9.02
CA ASN C 964 -25.76 -2.21 -8.15
C ASN C 964 -25.98 -3.52 -7.41
N ASP C 965 -25.87 -4.65 -8.10
CA ASP C 965 -26.18 -5.94 -7.51
C ASP C 965 -24.93 -6.79 -7.23
N SER C 966 -23.73 -6.22 -7.43
CA SER C 966 -22.49 -6.90 -7.08
C SER C 966 -21.43 -5.91 -6.60
N GLY C 967 -21.80 -4.65 -6.34
CA GLY C 967 -20.84 -3.66 -5.92
C GLY C 967 -21.36 -2.68 -4.89
N TYR C 968 -21.22 -1.39 -5.17
CA TYR C 968 -21.39 -0.38 -4.13
C TYR C 968 -22.41 0.69 -4.52
N GLN C 969 -23.23 0.42 -5.53
CA GLN C 969 -24.32 1.32 -5.93
C GLN C 969 -23.77 2.71 -6.25
N ALA C 970 -22.69 2.74 -7.03
CA ALA C 970 -21.84 3.92 -7.16
C ALA C 970 -21.91 4.56 -8.54
N ILE C 971 -22.81 4.11 -9.41
CA ILE C 971 -22.88 4.61 -10.79
C ILE C 971 -24.28 5.19 -11.03
N GLN C 972 -24.33 6.39 -11.60
CA GLN C 972 -25.57 7.01 -12.04
C GLN C 972 -25.82 6.65 -13.50
N PHE C 973 -26.97 6.05 -13.77
CA PHE C 973 -27.41 5.75 -15.13
C PHE C 973 -28.52 6.73 -15.49
N ASP C 974 -28.23 7.64 -16.41
CA ASP C 974 -29.19 8.69 -16.75
C ASP C 974 -30.41 8.08 -17.44
N PRO C 975 -31.62 8.43 -17.02
CA PRO C 975 -32.82 7.85 -17.64
C PRO C 975 -33.05 8.28 -19.07
N GLU C 976 -32.47 9.40 -19.50
CA GLU C 976 -32.74 9.94 -20.84
C GLU C 976 -31.62 9.72 -21.84
N THR C 977 -30.36 9.67 -21.40
CA THR C 977 -29.24 9.44 -22.30
C THR C 977 -28.63 8.05 -22.17
N HIS C 978 -29.00 7.30 -21.14
CA HIS C 978 -28.44 5.97 -20.89
C HIS C 978 -26.91 6.03 -20.84
N LEU C 979 -26.39 7.07 -20.18
CA LEU C 979 -24.97 7.26 -20.00
C LEU C 979 -24.61 7.09 -18.52
N PRO C 980 -23.62 6.27 -18.20
CA PRO C 980 -23.27 6.06 -16.79
C PRO C 980 -22.13 6.96 -16.33
N THR C 981 -22.22 7.38 -15.08
CA THR C 981 -21.17 8.19 -14.46
C THR C 981 -20.80 7.57 -13.12
N VAL C 982 -19.51 7.26 -12.95
CA VAL C 982 -19.02 6.77 -11.67
C VAL C 982 -18.99 7.92 -10.67
N THR C 983 -19.51 7.68 -9.47
CA THR C 983 -19.51 8.66 -8.40
C THR C 983 -18.28 8.46 -7.51
N ASP C 984 -18.19 9.26 -6.46
CA ASP C 984 -17.05 9.17 -5.55
C ASP C 984 -17.21 8.06 -4.52
N THR C 985 -18.36 7.41 -4.45
CA THR C 985 -18.52 6.24 -3.58
C THR C 985 -17.87 4.99 -4.17
N CYS C 986 -17.21 5.11 -5.32
CA CYS C 986 -16.54 3.97 -5.95
C CYS C 986 -15.38 3.48 -5.09
N THR C 987 -15.25 2.16 -4.97
CA THR C 987 -14.16 1.54 -4.24
C THR C 987 -13.10 0.95 -5.16
N GLY C 988 -13.31 1.00 -6.47
CA GLY C 988 -12.35 0.46 -7.41
C GLY C 988 -12.35 -1.04 -7.53
N CYS C 989 -13.45 -1.71 -7.18
CA CYS C 989 -13.49 -3.16 -7.25
C CYS C 989 -13.18 -3.68 -8.65
N THR C 990 -13.45 -2.87 -9.68
CA THR C 990 -13.13 -3.10 -11.09
C THR C 990 -14.08 -4.11 -11.74
N LEU C 991 -15.27 -4.30 -11.17
CA LEU C 991 -16.25 -5.18 -11.80
C LEU C 991 -16.89 -4.54 -13.02
N CYS C 992 -17.21 -3.24 -12.93
CA CYS C 992 -17.83 -2.56 -14.07
C CYS C 992 -16.95 -2.67 -15.31
N LEU C 993 -15.66 -2.38 -15.16
CA LEU C 993 -14.72 -2.53 -16.27
C LEU C 993 -14.74 -3.94 -16.83
N SER C 994 -14.87 -4.94 -15.97
CA SER C 994 -14.72 -6.33 -16.38
C SER C 994 -15.95 -6.88 -17.09
N VAL C 995 -17.13 -6.28 -16.90
CA VAL C 995 -18.31 -6.72 -17.65
C VAL C 995 -18.64 -5.78 -18.80
N CYS C 996 -17.93 -4.67 -18.94
CA CYS C 996 -18.22 -3.74 -20.02
C CYS C 996 -17.90 -4.38 -21.37
N PRO C 997 -18.79 -4.28 -22.36
CA PRO C 997 -18.50 -4.89 -23.67
C PRO C 997 -17.54 -4.11 -24.53
N ILE C 998 -17.21 -2.87 -24.18
CA ILE C 998 -16.31 -2.04 -24.98
C ILE C 998 -14.93 -2.04 -24.33
N ILE C 999 -13.91 -2.29 -25.13
CA ILE C 999 -12.54 -2.38 -24.63
C ILE C 999 -12.02 -0.97 -24.37
N ASP C 1000 -11.56 -0.72 -23.14
CA ASP C 1000 -10.93 0.53 -22.69
C ASP C 1000 -11.92 1.68 -22.55
N CYS C 1001 -13.22 1.41 -22.67
CA CYS C 1001 -14.20 2.46 -22.40
C CYS C 1001 -14.19 2.86 -20.93
N ILE C 1002 -14.24 1.87 -20.05
CA ILE C 1002 -13.99 2.08 -18.63
C ILE C 1002 -12.52 1.85 -18.37
N ARG C 1003 -11.90 2.76 -17.63
CA ARG C 1003 -10.50 2.62 -17.24
C ARG C 1003 -10.37 2.91 -15.75
N MET C 1004 -9.55 2.14 -15.07
CA MET C 1004 -9.26 2.38 -13.66
C MET C 1004 -8.14 3.41 -13.56
N VAL C 1005 -8.35 4.45 -12.77
CA VAL C 1005 -7.40 5.53 -12.62
C VAL C 1005 -7.15 5.78 -11.14
N SER C 1006 -6.04 6.45 -10.86
CA SER C 1006 -5.65 6.75 -9.49
C SER C 1006 -6.74 7.55 -8.80
N ARG C 1007 -7.15 7.08 -7.62
CA ARG C 1007 -8.06 7.87 -6.79
C ARG C 1007 -7.32 9.09 -6.25
N THR C 1008 -7.94 10.26 -6.40
CA THR C 1008 -7.39 11.52 -5.90
C THR C 1008 -8.05 11.95 -4.59
N THR C 1009 -9.39 11.91 -4.53
CA THR C 1009 -10.18 12.23 -3.35
C THR C 1009 -9.81 11.30 -2.20
N PRO C 1010 -10.22 11.58 -0.97
CA PRO C 1010 -9.90 10.66 0.14
C PRO C 1010 -10.54 9.29 -0.08
N TYR C 1011 -9.88 8.27 0.45
CA TYR C 1011 -10.40 6.90 0.46
C TYR C 1011 -10.67 6.47 1.89
N GLU C 1012 -11.94 6.21 2.19
CA GLU C 1012 -12.38 5.55 3.40
C GLU C 1012 -12.89 4.16 3.06
N PRO C 1013 -12.61 3.16 3.89
CA PRO C 1013 -13.30 1.87 3.76
C PRO C 1013 -14.70 1.97 4.34
N LYS C 1014 -15.65 1.31 3.68
CA LYS C 1014 -17.01 1.24 4.18
C LYS C 1014 -17.10 0.13 5.22
N ARG C 1015 -17.55 0.47 6.43
CA ARG C 1015 -17.56 -0.48 7.54
C ARG C 1015 -18.94 -0.70 8.16
N GLY C 1016 -19.95 0.09 7.81
CA GLY C 1016 -21.29 -0.11 8.34
C GLY C 1016 -21.43 0.24 9.81
N LEU C 1017 -20.52 -0.29 10.63
CA LEU C 1017 -20.44 -0.10 12.09
C LEU C 1017 -21.73 0.38 12.78
N PRO D 3 8.61 -52.00 -40.81
CA PRO D 3 8.37 -50.85 -41.68
C PRO D 3 8.63 -49.52 -40.99
N VAL D 4 8.59 -48.42 -41.73
CA VAL D 4 8.74 -47.10 -41.13
C VAL D 4 7.44 -46.78 -40.40
N LEU D 5 7.47 -46.85 -39.06
CA LEU D 5 6.24 -46.64 -38.32
C LEU D 5 5.84 -45.17 -38.28
N SER D 6 6.82 -44.27 -38.17
CA SER D 6 6.56 -42.84 -38.06
C SER D 6 6.18 -42.20 -39.39
N LYS D 7 5.85 -42.99 -40.41
CA LYS D 7 5.47 -42.50 -41.72
C LYS D 7 4.07 -42.99 -42.07
N ASP D 8 3.33 -42.13 -42.76
CA ASP D 8 1.96 -42.45 -43.13
C ASP D 8 1.96 -43.32 -44.38
N VAL D 9 1.28 -44.47 -44.31
CA VAL D 9 1.13 -45.30 -45.49
C VAL D 9 0.42 -44.49 -46.58
N ALA D 10 0.66 -44.86 -47.84
CA ALA D 10 0.10 -44.10 -48.96
C ALA D 10 -1.41 -43.95 -48.85
N ASP D 11 -2.08 -44.95 -48.30
CA ASP D 11 -3.52 -44.88 -48.11
C ASP D 11 -3.93 -43.73 -47.21
N ILE D 12 -3.23 -43.59 -46.08
CA ILE D 12 -3.50 -42.49 -45.17
C ILE D 12 -3.01 -41.17 -45.75
N GLU D 13 -1.92 -41.19 -46.51
CA GLU D 13 -1.50 -40.00 -47.23
C GLU D 13 -2.62 -39.44 -48.09
N SER D 14 -3.45 -40.32 -48.65
CA SER D 14 -4.56 -39.87 -49.50
C SER D 14 -5.70 -39.30 -48.67
N ILE D 15 -5.97 -39.88 -47.49
CA ILE D 15 -7.00 -39.31 -46.64
C ILE D 15 -6.59 -37.93 -46.15
N LEU D 16 -5.28 -37.68 -46.01
CA LEU D 16 -4.75 -36.41 -45.55
C LEU D 16 -4.57 -35.42 -46.68
N ALA D 17 -5.15 -35.68 -47.86
CA ALA D 17 -4.87 -34.87 -49.05
C ALA D 17 -5.23 -33.41 -48.83
N LEU D 18 -6.37 -33.15 -48.19
CA LEU D 18 -6.86 -31.79 -48.01
C LEU D 18 -6.53 -31.20 -46.64
N ASN D 19 -5.74 -31.89 -45.83
CA ASN D 19 -5.41 -31.36 -44.52
C ASN D 19 -4.53 -30.12 -44.65
N PRO D 20 -4.66 -29.15 -43.74
CA PRO D 20 -3.80 -27.97 -43.79
C PRO D 20 -2.33 -28.33 -43.62
N ARG D 21 -1.49 -27.61 -44.38
CA ARG D 21 -0.05 -27.70 -44.26
C ARG D 21 0.52 -26.29 -44.35
N THR D 22 1.62 -26.07 -43.62
CA THR D 22 2.30 -24.78 -43.69
C THR D 22 2.80 -24.52 -45.10
N GLN D 23 2.61 -23.29 -45.56
CA GLN D 23 2.89 -22.94 -46.95
C GLN D 23 4.21 -22.19 -47.06
N SER D 24 5.02 -22.59 -48.04
CA SER D 24 6.34 -22.01 -48.26
C SER D 24 6.39 -20.94 -49.35
N HIS D 25 5.37 -20.85 -50.20
CA HIS D 25 5.38 -19.88 -51.29
C HIS D 25 3.99 -19.32 -51.49
N ALA D 26 3.91 -18.23 -52.25
CA ALA D 26 2.62 -17.74 -52.72
C ALA D 26 2.08 -18.67 -53.80
N ALA D 27 0.77 -18.59 -54.01
CA ALA D 27 0.07 -19.49 -54.92
C ALA D 27 -0.18 -18.82 -56.26
N LEU D 28 0.09 -19.55 -57.34
CA LEU D 28 -0.16 -19.08 -58.70
C LEU D 28 -1.47 -19.65 -59.19
N HIS D 29 -2.49 -18.80 -59.29
CA HIS D 29 -3.81 -19.18 -59.78
C HIS D 29 -4.31 -18.06 -60.68
N SER D 30 -4.51 -18.36 -61.95
CA SER D 30 -4.85 -17.33 -62.93
C SER D 30 -6.20 -16.70 -62.63
N THR D 31 -6.36 -15.45 -63.06
CA THR D 31 -7.63 -14.75 -62.90
C THR D 31 -8.75 -15.50 -63.59
N LEU D 32 -8.48 -16.05 -64.77
CA LEU D 32 -9.53 -16.73 -65.52
C LEU D 32 -9.93 -18.04 -64.84
N ALA D 33 -8.95 -18.83 -64.41
CA ALA D 33 -9.25 -20.08 -63.70
C ALA D 33 -10.05 -19.81 -62.44
N LYS D 34 -9.76 -18.70 -61.76
CA LYS D 34 -10.47 -18.38 -60.52
C LYS D 34 -11.94 -18.06 -60.79
N LYS D 35 -12.22 -17.37 -61.90
CA LYS D 35 -13.60 -17.05 -62.26
C LYS D 35 -14.43 -18.32 -62.41
N LEU D 36 -13.83 -19.37 -62.96
CA LEU D 36 -14.56 -20.61 -63.20
C LEU D 36 -14.63 -21.48 -61.95
N ASP D 37 -13.60 -21.42 -61.11
CA ASP D 37 -13.63 -22.15 -59.83
C ASP D 37 -14.56 -21.49 -58.82
N LYS D 38 -14.89 -20.22 -59.02
CA LYS D 38 -15.71 -19.49 -58.07
C LYS D 38 -17.13 -20.05 -58.01
N LYS D 39 -17.68 -20.43 -59.16
CA LYS D 39 -19.06 -20.90 -59.22
C LYS D 39 -19.25 -22.28 -58.59
N HIS D 40 -18.17 -22.99 -58.29
CA HIS D 40 -18.31 -24.32 -57.71
C HIS D 40 -18.60 -24.26 -56.21
N TRP D 41 -18.19 -23.19 -55.55
CA TRP D 41 -18.36 -23.06 -54.10
C TRP D 41 -19.36 -21.99 -53.69
N LYS D 42 -19.91 -21.24 -54.64
CA LYS D 42 -20.80 -20.12 -54.35
C LYS D 42 -21.97 -20.55 -53.48
N ARG D 43 -22.13 -19.87 -52.34
CA ARG D 43 -23.22 -20.14 -51.40
C ARG D 43 -24.38 -19.15 -51.54
N ASN D 44 -24.09 -17.89 -51.87
CA ASN D 44 -25.02 -16.79 -51.81
C ASN D 44 -25.52 -16.40 -53.20
N PRO D 45 -26.49 -15.49 -53.34
CA PRO D 45 -26.96 -15.12 -54.69
C PRO D 45 -25.87 -14.53 -55.56
N ASP D 46 -25.86 -14.95 -56.82
CA ASP D 46 -24.93 -14.42 -57.82
C ASP D 46 -25.51 -13.13 -58.39
N LYS D 47 -24.75 -12.04 -58.30
CA LYS D 47 -25.20 -10.74 -58.81
C LYS D 47 -25.33 -10.71 -60.32
N ASN D 48 -24.97 -11.79 -61.02
CA ASN D 48 -25.16 -11.88 -62.46
C ASN D 48 -26.43 -12.63 -62.84
N CYS D 49 -26.91 -13.54 -62.00
CA CYS D 49 -28.09 -14.33 -62.31
C CYS D 49 -29.33 -13.44 -62.22
N PHE D 50 -29.94 -13.17 -63.38
CA PHE D 50 -31.10 -12.29 -63.45
C PHE D 50 -32.42 -13.01 -63.20
N HIS D 51 -32.49 -14.31 -63.42
CA HIS D 51 -33.74 -15.03 -63.43
C HIS D 51 -34.10 -15.54 -62.03
N CYS D 52 -35.33 -15.28 -61.61
CA CYS D 52 -35.84 -15.83 -60.37
C CYS D 52 -35.82 -17.36 -60.42
N GLU D 53 -35.80 -17.98 -59.25
CA GLU D 53 -35.98 -19.42 -59.16
C GLU D 53 -37.46 -19.73 -59.11
N LYS D 54 -37.84 -20.86 -59.70
CA LYS D 54 -39.24 -21.26 -59.74
C LYS D 54 -39.79 -21.43 -58.33
N LEU D 55 -40.77 -20.61 -57.97
CA LEU D 55 -41.37 -20.61 -56.65
C LEU D 55 -42.84 -21.03 -56.68
N GLU D 56 -43.31 -21.56 -57.80
CA GLU D 56 -44.70 -21.97 -57.90
C GLU D 56 -45.03 -23.01 -56.84
N ASN D 57 -46.05 -22.73 -56.04
CA ASN D 57 -46.53 -23.63 -54.98
C ASN D 57 -45.44 -23.96 -53.97
N ASN D 58 -44.48 -23.05 -53.79
CA ASN D 58 -43.46 -23.18 -52.74
C ASN D 58 -43.76 -22.15 -51.68
N PHE D 59 -44.33 -22.59 -50.56
CA PHE D 59 -44.66 -21.70 -49.46
C PHE D 59 -43.75 -21.93 -48.26
N ASP D 60 -42.54 -22.43 -48.48
CA ASP D 60 -41.62 -22.65 -47.38
C ASP D 60 -41.18 -21.33 -46.77
N ASP D 61 -40.80 -21.40 -45.50
CA ASP D 61 -40.41 -20.21 -44.75
C ASP D 61 -39.21 -19.54 -45.41
N ILE D 62 -39.38 -18.26 -45.78
CA ILE D 62 -38.32 -17.49 -46.42
C ILE D 62 -37.78 -16.39 -45.53
N LYS D 63 -38.23 -16.30 -44.28
CA LYS D 63 -37.74 -15.27 -43.38
C LYS D 63 -36.29 -15.50 -43.03
N HIS D 64 -35.51 -14.42 -43.03
CA HIS D 64 -34.11 -14.49 -42.63
C HIS D 64 -33.92 -14.44 -41.13
N THR D 65 -35.00 -14.25 -40.36
CA THR D 65 -34.90 -14.17 -38.91
C THR D 65 -35.11 -15.51 -38.23
N THR D 66 -35.66 -16.50 -38.93
CA THR D 66 -35.92 -17.80 -38.33
C THR D 66 -34.64 -18.40 -37.76
N LEU D 67 -34.71 -18.88 -36.52
CA LEU D 67 -33.56 -19.36 -35.78
C LEU D 67 -33.80 -20.77 -35.28
N GLY D 68 -32.74 -21.57 -35.26
CA GLY D 68 -32.73 -22.82 -34.55
C GLY D 68 -32.07 -22.66 -33.18
N GLU D 69 -32.04 -23.77 -32.44
CA GLU D 69 -31.47 -23.73 -31.09
C GLU D 69 -30.02 -23.27 -31.13
N ARG D 70 -29.21 -23.92 -31.96
CA ARG D 70 -27.81 -23.53 -32.10
C ARG D 70 -27.69 -22.04 -32.41
N GLY D 71 -28.49 -21.56 -33.35
CA GLY D 71 -28.43 -20.14 -33.70
C GLY D 71 -29.00 -19.26 -32.60
N ALA D 72 -30.17 -19.64 -32.07
CA ALA D 72 -30.82 -18.82 -31.04
C ALA D 72 -29.95 -18.71 -29.78
N LEU D 73 -29.28 -19.80 -29.40
CA LEU D 73 -28.40 -19.73 -28.24
C LEU D 73 -27.23 -18.79 -28.48
N ARG D 74 -26.66 -18.82 -29.69
CA ARG D 74 -25.56 -17.92 -30.00
C ARG D 74 -25.98 -16.46 -29.90
N GLU D 75 -27.13 -16.13 -30.51
CA GLU D 75 -27.58 -14.74 -30.49
C GLU D 75 -28.05 -14.31 -29.10
N ALA D 76 -28.70 -15.22 -28.37
CA ALA D 76 -29.13 -14.87 -27.02
C ALA D 76 -27.95 -14.58 -26.11
N MET D 77 -26.81 -15.26 -26.33
CA MET D 77 -25.62 -14.94 -25.58
C MET D 77 -25.03 -13.61 -26.01
N ARG D 78 -25.18 -13.27 -27.29
CA ARG D 78 -24.64 -12.02 -27.79
C ARG D 78 -25.31 -10.80 -27.15
N CYS D 79 -26.61 -10.90 -26.88
CA CYS D 79 -27.35 -9.78 -26.30
C CYS D 79 -26.75 -9.38 -24.97
N LEU D 80 -26.59 -8.06 -24.79
CA LEU D 80 -26.02 -7.54 -23.55
C LEU D 80 -26.99 -7.59 -22.39
N LYS D 81 -28.27 -7.85 -22.64
CA LYS D 81 -29.30 -7.87 -21.61
C LYS D 81 -29.27 -6.57 -20.81
N CYS D 82 -29.64 -5.49 -21.52
CA CYS D 82 -29.39 -4.13 -21.07
C CYS D 82 -30.35 -3.71 -19.96
N ALA D 83 -29.87 -2.79 -19.13
CA ALA D 83 -30.72 -2.18 -18.11
C ALA D 83 -31.61 -1.12 -18.75
N ASP D 84 -32.88 -1.09 -18.34
CA ASP D 84 -33.84 -0.13 -18.88
C ASP D 84 -33.81 -0.16 -20.40
N ALA D 85 -33.85 -1.38 -20.94
CA ALA D 85 -33.43 -1.64 -22.31
C ALA D 85 -34.26 -0.84 -23.31
N PRO D 86 -33.64 -0.17 -24.28
CA PRO D 86 -34.41 0.58 -25.27
C PRO D 86 -35.16 -0.30 -26.26
N CYS D 87 -34.74 -1.55 -26.43
CA CYS D 87 -35.49 -2.46 -27.28
C CYS D 87 -36.91 -2.65 -26.76
N GLN D 88 -37.08 -2.60 -25.43
CA GLN D 88 -38.41 -2.74 -24.83
C GLN D 88 -39.20 -1.44 -24.92
N LYS D 89 -38.52 -0.29 -24.81
CA LYS D 89 -39.18 0.99 -24.99
C LYS D 89 -39.74 1.13 -26.39
N SER D 90 -39.11 0.49 -27.37
CA SER D 90 -39.55 0.54 -28.76
C SER D 90 -40.47 -0.61 -29.13
N CYS D 91 -40.75 -1.52 -28.20
CA CYS D 91 -41.74 -2.57 -28.44
C CYS D 91 -43.11 -2.08 -27.98
N PRO D 92 -44.11 -2.01 -28.87
CA PRO D 92 -45.41 -1.46 -28.46
C PRO D 92 -46.06 -2.20 -27.30
N THR D 93 -45.80 -3.51 -27.14
CA THR D 93 -46.36 -4.28 -26.03
C THR D 93 -45.45 -4.31 -24.81
N HIS D 94 -44.32 -3.62 -24.85
CA HIS D 94 -43.43 -3.47 -23.70
C HIS D 94 -42.88 -4.81 -23.22
N LEU D 95 -42.54 -5.68 -24.18
CA LEU D 95 -41.95 -6.97 -23.85
C LEU D 95 -40.65 -6.78 -23.09
N ASP D 96 -40.48 -7.53 -21.99
CA ASP D 96 -39.23 -7.52 -21.24
C ASP D 96 -38.21 -8.35 -22.02
N ILE D 97 -37.58 -7.69 -22.99
CA ILE D 97 -36.67 -8.39 -23.89
C ILE D 97 -35.41 -8.81 -23.15
N LYS D 98 -34.93 -7.99 -22.22
CA LYS D 98 -33.77 -8.38 -21.43
C LYS D 98 -33.99 -9.71 -20.74
N SER D 99 -35.22 -9.95 -20.27
CA SER D 99 -35.47 -11.14 -19.47
C SER D 99 -35.70 -12.38 -20.33
N PHE D 100 -36.46 -12.26 -21.43
CA PHE D 100 -36.71 -13.46 -22.23
C PHE D 100 -35.51 -13.85 -23.06
N ILE D 101 -34.59 -12.93 -23.34
CA ILE D 101 -33.34 -13.31 -23.99
C ILE D 101 -32.40 -13.94 -22.97
N THR D 102 -32.38 -13.44 -21.73
CA THR D 102 -31.61 -14.09 -20.68
C THR D 102 -32.09 -15.53 -20.49
N SER D 103 -33.41 -15.73 -20.48
CA SER D 103 -33.94 -17.07 -20.28
C SER D 103 -33.61 -18.00 -21.43
N ILE D 104 -33.41 -17.45 -22.64
CA ILE D 104 -33.03 -18.30 -23.76
C ILE D 104 -31.55 -18.65 -23.68
N SER D 105 -30.69 -17.66 -23.44
CA SER D 105 -29.28 -17.91 -23.24
C SER D 105 -29.04 -18.94 -22.14
N ASN D 106 -29.98 -19.06 -21.20
CA ASN D 106 -29.90 -20.01 -20.10
C ASN D 106 -30.68 -21.29 -20.40
N LYS D 107 -31.15 -21.48 -21.64
CA LYS D 107 -31.82 -22.67 -22.12
C LYS D 107 -33.19 -22.90 -21.49
N ASN D 108 -33.71 -21.91 -20.75
CA ASN D 108 -35.06 -21.98 -20.20
C ASN D 108 -36.01 -21.34 -21.20
N TYR D 109 -36.38 -22.13 -22.22
CA TYR D 109 -37.22 -21.59 -23.27
C TYR D 109 -38.65 -21.37 -22.79
N TYR D 110 -39.12 -22.17 -21.83
CA TYR D 110 -40.46 -21.95 -21.29
C TYR D 110 -40.55 -20.59 -20.60
N GLY D 111 -39.60 -20.31 -19.70
CA GLY D 111 -39.59 -19.02 -19.02
C GLY D 111 -39.53 -17.85 -19.98
N ALA D 112 -38.84 -18.00 -21.11
CA ALA D 112 -38.81 -16.94 -22.11
C ALA D 112 -40.17 -16.77 -22.76
N ALA D 113 -40.81 -17.88 -23.14
CA ALA D 113 -42.16 -17.80 -23.73
C ALA D 113 -43.16 -17.27 -22.71
N LYS D 114 -43.00 -17.64 -21.45
CA LYS D 114 -43.85 -17.10 -20.38
C LYS D 114 -43.70 -15.58 -20.32
N MET D 115 -42.46 -15.10 -20.37
CA MET D 115 -42.22 -13.66 -20.37
C MET D 115 -42.73 -13.02 -21.66
N ILE D 116 -42.61 -13.74 -22.78
CA ILE D 116 -43.10 -13.21 -24.06
C ILE D 116 -44.62 -13.06 -24.04
N PHE D 117 -45.31 -14.15 -23.73
CA PHE D 117 -46.76 -14.17 -23.78
C PHE D 117 -47.40 -13.40 -22.62
N SER D 118 -46.64 -13.08 -21.58
CA SER D 118 -47.20 -12.29 -20.49
C SER D 118 -47.63 -10.92 -20.99
N ASP D 119 -46.82 -10.31 -21.86
CA ASP D 119 -47.10 -8.99 -22.40
C ASP D 119 -47.62 -9.01 -23.83
N ASN D 120 -47.55 -10.15 -24.51
CA ASN D 120 -48.04 -10.27 -25.89
C ASN D 120 -48.64 -11.65 -26.08
N PRO D 121 -49.96 -11.78 -25.93
CA PRO D 121 -50.61 -13.09 -26.11
C PRO D 121 -50.56 -13.61 -27.53
N LEU D 122 -49.97 -12.86 -28.47
CA LEU D 122 -49.72 -13.30 -29.83
C LEU D 122 -48.23 -13.30 -30.12
N GLY D 123 -47.45 -13.83 -29.17
CA GLY D 123 -46.01 -13.64 -29.21
C GLY D 123 -45.34 -14.33 -30.39
N LEU D 124 -45.84 -15.52 -30.75
CA LEU D 124 -45.21 -16.25 -31.85
C LEU D 124 -45.50 -15.59 -33.19
N THR D 125 -46.74 -15.13 -33.39
CA THR D 125 -47.06 -14.36 -34.59
C THR D 125 -46.18 -13.12 -34.71
N CYS D 126 -46.15 -12.32 -33.65
CA CYS D 126 -45.32 -11.11 -33.66
C CYS D 126 -43.85 -11.45 -33.85
N GLY D 127 -43.38 -12.51 -33.19
CA GLY D 127 -42.00 -12.92 -33.40
C GLY D 127 -41.66 -13.19 -34.85
N MET D 128 -42.66 -13.58 -35.64
CA MET D 128 -42.46 -13.89 -37.04
C MET D 128 -42.66 -12.67 -37.95
N VAL D 129 -43.65 -11.83 -37.65
CA VAL D 129 -44.08 -10.80 -38.59
C VAL D 129 -43.76 -9.38 -38.13
N CYS D 130 -43.32 -9.17 -36.89
CA CYS D 130 -43.02 -7.83 -36.42
C CYS D 130 -41.95 -7.19 -37.30
N PRO D 131 -42.17 -5.98 -37.80
CA PRO D 131 -41.11 -5.27 -38.54
C PRO D 131 -40.09 -4.65 -37.58
N THR D 132 -39.27 -5.52 -36.99
CA THR D 132 -38.45 -5.16 -35.85
C THR D 132 -37.54 -3.97 -36.11
N SER D 133 -37.21 -3.69 -37.38
CA SER D 133 -36.30 -2.58 -37.66
C SER D 133 -36.97 -1.23 -37.42
N ASP D 134 -38.30 -1.17 -37.51
CA ASP D 134 -39.07 0.00 -37.11
C ASP D 134 -39.58 -0.11 -35.68
N LEU D 135 -39.22 -1.17 -34.97
CA LEU D 135 -39.70 -1.38 -33.61
C LEU D 135 -38.53 -1.67 -32.67
N CYS D 136 -38.54 -2.86 -32.07
CA CYS D 136 -37.61 -3.15 -30.97
C CYS D 136 -36.16 -3.12 -31.44
N VAL D 137 -35.86 -3.81 -32.54
CA VAL D 137 -34.48 -3.89 -33.02
C VAL D 137 -33.99 -2.53 -33.47
N GLY D 138 -34.88 -1.67 -33.94
CA GLY D 138 -34.51 -0.31 -34.33
C GLY D 138 -33.95 0.53 -33.20
N GLY D 139 -34.14 0.12 -31.96
CA GLY D 139 -33.58 0.85 -30.84
C GLY D 139 -32.66 -0.01 -30.00
N CYS D 140 -32.07 -1.04 -30.60
CA CYS D 140 -31.19 -1.94 -29.87
C CYS D 140 -29.82 -1.31 -29.68
N ASN D 141 -29.27 -1.47 -28.47
CA ASN D 141 -27.99 -0.88 -28.15
C ASN D 141 -26.88 -1.42 -29.05
N LEU D 142 -26.97 -2.71 -29.41
CA LEU D 142 -25.89 -3.34 -30.16
C LEU D 142 -25.82 -2.89 -31.61
N TYR D 143 -26.79 -2.09 -32.07
CA TYR D 143 -26.65 -1.43 -33.36
C TYR D 143 -25.38 -0.59 -33.40
N ALA D 144 -24.91 -0.13 -32.25
CA ALA D 144 -23.70 0.65 -32.13
C ALA D 144 -22.43 -0.18 -32.21
N THR D 145 -22.53 -1.45 -32.62
CA THR D 145 -21.34 -2.28 -32.83
C THR D 145 -21.39 -2.88 -34.22
N GLU D 146 -20.21 -3.26 -34.71
CA GLU D 146 -20.07 -3.69 -36.10
C GLU D 146 -20.94 -4.89 -36.43
N GLU D 147 -21.12 -5.81 -35.48
CA GLU D 147 -21.92 -7.00 -35.75
C GLU D 147 -23.42 -6.73 -35.70
N GLY D 148 -23.85 -5.63 -35.09
CA GLY D 148 -25.20 -5.13 -35.26
C GLY D 148 -26.15 -5.54 -34.14
N SER D 149 -27.40 -5.13 -34.32
CA SER D 149 -28.45 -5.35 -33.34
C SER D 149 -28.80 -6.82 -33.21
N ILE D 150 -29.42 -7.16 -32.07
CA ILE D 150 -29.86 -8.53 -31.84
C ILE D 150 -31.07 -8.84 -32.71
N ASN D 151 -31.14 -10.08 -33.18
CA ASN D 151 -32.32 -10.57 -33.89
C ASN D 151 -33.37 -10.95 -32.84
N ILE D 152 -34.02 -9.91 -32.31
CA ILE D 152 -35.01 -10.13 -31.26
C ILE D 152 -36.19 -10.93 -31.79
N GLY D 153 -36.55 -10.74 -33.06
CA GLY D 153 -37.66 -11.48 -33.62
C GLY D 153 -37.39 -12.97 -33.67
N GLY D 154 -36.23 -13.36 -34.19
CA GLY D 154 -35.90 -14.77 -34.27
C GLY D 154 -35.80 -15.43 -32.91
N LEU D 155 -35.38 -14.67 -31.89
CA LEU D 155 -35.34 -15.22 -30.55
C LEU D 155 -36.75 -15.40 -29.99
N GLN D 156 -37.61 -14.40 -30.17
CA GLN D 156 -38.99 -14.53 -29.73
C GLN D 156 -39.67 -15.70 -30.43
N GLN D 157 -39.44 -15.84 -31.74
CA GLN D 157 -39.99 -16.96 -32.49
C GLN D 157 -39.54 -18.28 -31.90
N PHE D 158 -38.22 -18.48 -31.79
CA PHE D 158 -37.70 -19.78 -31.37
C PHE D 158 -38.28 -20.21 -30.03
N ALA D 159 -38.21 -19.34 -29.02
CA ALA D 159 -38.70 -19.71 -27.70
C ALA D 159 -40.19 -19.99 -27.72
N SER D 160 -40.95 -19.19 -28.46
CA SER D 160 -42.39 -19.42 -28.56
C SER D 160 -42.70 -20.73 -29.26
N GLU D 161 -41.83 -21.15 -30.19
CA GLU D 161 -42.01 -22.43 -30.86
C GLU D 161 -41.71 -23.58 -29.93
N VAL D 162 -40.61 -23.49 -29.16
CA VAL D 162 -40.30 -24.53 -28.19
C VAL D 162 -41.45 -24.71 -27.20
N PHE D 163 -42.05 -23.60 -26.77
CA PHE D 163 -43.22 -23.71 -25.89
C PHE D 163 -44.43 -24.27 -26.61
N LYS D 164 -44.57 -23.98 -27.90
CA LYS D 164 -45.65 -24.58 -28.68
C LYS D 164 -45.51 -26.10 -28.71
N ALA D 165 -44.31 -26.60 -29.02
CA ALA D 165 -44.07 -28.03 -29.04
C ALA D 165 -44.05 -28.64 -27.65
N MET D 166 -44.15 -27.84 -26.60
CA MET D 166 -44.30 -28.36 -25.25
C MET D 166 -45.74 -28.76 -24.97
N ASN D 167 -46.70 -28.21 -25.72
CA ASN D 167 -48.12 -28.51 -25.53
C ASN D 167 -48.55 -28.26 -24.08
N ILE D 168 -48.09 -27.16 -23.51
CA ILE D 168 -48.52 -26.76 -22.18
C ILE D 168 -49.68 -25.80 -22.36
N PRO D 169 -50.78 -25.97 -21.63
CA PRO D 169 -51.92 -25.05 -21.77
C PRO D 169 -51.82 -23.86 -20.84
N GLN D 170 -52.46 -22.77 -21.26
CA GLN D 170 -52.63 -21.62 -20.38
C GLN D 170 -53.71 -21.90 -19.35
N ILE D 171 -53.47 -21.47 -18.12
CA ILE D 171 -54.41 -21.69 -17.04
C ILE D 171 -54.97 -20.36 -16.56
N ARG D 172 -56.16 -20.44 -15.96
CA ARG D 172 -56.72 -19.31 -15.22
C ARG D 172 -55.68 -18.77 -14.25
N ASN D 173 -55.66 -17.45 -14.10
CA ASN D 173 -54.77 -16.75 -13.18
C ASN D 173 -54.86 -17.44 -11.81
N PRO D 174 -53.78 -18.07 -11.34
CA PRO D 174 -53.87 -18.83 -10.09
C PRO D 174 -54.13 -17.97 -8.86
N CYS D 175 -53.80 -16.69 -8.91
CA CYS D 175 -54.04 -15.78 -7.79
C CYS D 175 -55.50 -15.41 -7.63
N LEU D 176 -56.37 -15.85 -8.54
CA LEU D 176 -57.78 -15.48 -8.50
C LEU D 176 -58.53 -16.30 -7.46
N PRO D 177 -59.61 -15.75 -6.91
CA PRO D 177 -60.55 -16.59 -6.15
C PRO D 177 -61.08 -17.71 -7.04
N SER D 178 -61.60 -18.75 -6.40
CA SER D 178 -62.32 -19.77 -7.16
C SER D 178 -63.51 -19.13 -7.87
N GLN D 179 -63.95 -19.78 -8.95
CA GLN D 179 -64.96 -19.17 -9.82
C GLN D 179 -66.24 -18.84 -9.05
N GLU D 180 -66.71 -19.78 -8.22
CA GLU D 180 -67.93 -19.56 -7.45
C GLU D 180 -67.79 -18.37 -6.51
N LYS D 181 -66.57 -18.05 -6.09
CA LYS D 181 -66.32 -16.97 -5.15
C LYS D 181 -65.92 -15.67 -5.83
N MET D 182 -66.13 -15.58 -7.14
CA MET D 182 -65.79 -14.33 -7.83
C MET D 182 -66.94 -13.35 -7.73
N PRO D 183 -66.64 -12.05 -7.57
CA PRO D 183 -67.71 -11.05 -7.52
C PRO D 183 -68.63 -11.09 -8.74
N GLU D 184 -69.84 -10.55 -8.57
CA GLU D 184 -70.85 -10.60 -9.63
C GLU D 184 -70.40 -9.82 -10.87
N ALA D 185 -69.54 -8.81 -10.69
CA ALA D 185 -69.15 -7.97 -11.82
C ALA D 185 -68.46 -8.77 -12.91
N TYR D 186 -67.74 -9.83 -12.55
CA TYR D 186 -66.96 -10.59 -13.51
C TYR D 186 -67.80 -11.52 -14.36
N SER D 187 -69.08 -11.67 -14.06
CA SER D 187 -69.98 -12.39 -14.95
C SER D 187 -70.67 -11.47 -15.95
N ALA D 188 -70.20 -10.23 -16.06
CA ALA D 188 -70.75 -9.30 -17.03
C ALA D 188 -70.57 -9.85 -18.44
N LYS D 189 -71.62 -9.75 -19.25
CA LYS D 189 -71.54 -10.22 -20.63
C LYS D 189 -70.72 -9.24 -21.44
N ILE D 190 -69.55 -9.69 -21.90
CA ILE D 190 -68.64 -8.87 -22.70
C ILE D 190 -68.71 -9.33 -24.14
N ALA D 191 -68.77 -8.37 -25.06
CA ALA D 191 -68.80 -8.64 -26.49
C ALA D 191 -67.59 -8.04 -27.14
N LEU D 192 -66.90 -8.83 -27.96
CA LEU D 192 -65.87 -8.34 -28.85
C LEU D 192 -66.30 -8.61 -30.29
N LEU D 193 -65.91 -7.71 -31.18
CA LEU D 193 -66.31 -7.80 -32.58
C LEU D 193 -65.06 -7.93 -33.43
N GLY D 194 -65.00 -9.00 -34.23
CA GLY D 194 -63.83 -9.27 -35.04
C GLY D 194 -62.85 -10.17 -34.33
N ALA D 195 -62.40 -11.23 -34.99
CA ALA D 195 -61.46 -12.18 -34.37
C ALA D 195 -60.04 -11.94 -34.86
N GLY D 196 -59.59 -10.69 -34.78
CA GLY D 196 -58.24 -10.36 -35.17
C GLY D 196 -57.35 -10.14 -33.96
N PRO D 197 -56.08 -9.82 -34.20
CA PRO D 197 -55.14 -9.63 -33.08
C PRO D 197 -55.66 -8.72 -31.98
N ALA D 198 -56.38 -7.64 -32.32
CA ALA D 198 -56.84 -6.71 -31.30
C ALA D 198 -57.82 -7.38 -30.34
N SER D 199 -58.83 -8.07 -30.87
CA SER D 199 -59.84 -8.65 -30.00
C SER D 199 -59.36 -9.95 -29.36
N ILE D 200 -58.43 -10.66 -29.99
CA ILE D 200 -57.82 -11.82 -29.36
C ILE D 200 -57.02 -11.39 -28.13
N SER D 201 -56.17 -10.37 -28.29
CA SER D 201 -55.46 -9.82 -27.15
C SER D 201 -56.42 -9.32 -26.08
N CYS D 202 -57.42 -8.53 -26.48
CA CYS D 202 -58.33 -7.91 -25.50
C CYS D 202 -59.09 -8.97 -24.71
N ALA D 203 -59.65 -9.97 -25.40
CA ALA D 203 -60.36 -11.04 -24.70
C ALA D 203 -59.43 -11.78 -23.74
N SER D 204 -58.17 -11.98 -24.15
CA SER D 204 -57.22 -12.69 -23.31
C SER D 204 -56.97 -11.95 -22.00
N PHE D 205 -56.72 -10.65 -22.08
CA PHE D 205 -56.43 -9.88 -20.86
C PHE D 205 -57.67 -9.71 -20.00
N LEU D 206 -58.85 -9.60 -20.62
CA LEU D 206 -60.08 -9.60 -19.84
C LEU D 206 -60.24 -10.93 -19.11
N ALA D 207 -59.89 -12.03 -19.76
CA ALA D 207 -59.97 -13.34 -19.12
C ALA D 207 -58.97 -13.45 -17.97
N ARG D 208 -57.75 -12.94 -18.17
CA ARG D 208 -56.74 -12.98 -17.11
C ARG D 208 -57.24 -12.32 -15.84
N LEU D 209 -57.97 -11.21 -15.99
CA LEU D 209 -58.51 -10.50 -14.83
C LEU D 209 -59.59 -11.31 -14.12
N GLY D 210 -60.21 -12.28 -14.79
CA GLY D 210 -61.21 -13.12 -14.18
C GLY D 210 -62.60 -13.04 -14.80
N TYR D 211 -62.79 -12.30 -15.88
CA TYR D 211 -64.11 -12.24 -16.51
C TYR D 211 -64.43 -13.58 -17.17
N SER D 212 -65.65 -14.05 -16.95
CA SER D 212 -66.02 -15.42 -17.28
C SER D 212 -67.05 -15.53 -18.38
N ASP D 213 -67.49 -14.42 -18.99
CA ASP D 213 -68.50 -14.46 -20.06
C ASP D 213 -68.00 -13.53 -21.17
N ILE D 214 -67.08 -14.05 -21.98
CA ILE D 214 -66.43 -13.29 -23.05
C ILE D 214 -66.72 -13.98 -24.38
N THR D 215 -67.12 -13.19 -25.37
CA THR D 215 -67.53 -13.73 -26.66
C THR D 215 -67.02 -12.86 -27.80
N ILE D 216 -66.49 -13.51 -28.82
CA ILE D 216 -65.90 -12.85 -29.98
C ILE D 216 -66.75 -13.19 -31.20
N PHE D 217 -67.49 -12.20 -31.70
CA PHE D 217 -68.30 -12.39 -32.91
C PHE D 217 -67.46 -12.07 -34.14
N GLU D 218 -67.24 -13.08 -34.99
CA GLU D 218 -66.42 -12.95 -36.18
C GLU D 218 -67.29 -13.19 -37.41
N LYS D 219 -67.09 -12.37 -38.44
CA LYS D 219 -67.96 -12.44 -39.61
C LYS D 219 -67.68 -13.68 -40.45
N GLN D 220 -66.42 -14.12 -40.52
CA GLN D 220 -66.01 -15.16 -41.44
C GLN D 220 -66.02 -16.54 -40.78
N GLU D 221 -65.79 -17.54 -41.61
CA GLU D 221 -65.69 -18.94 -41.21
C GLU D 221 -64.30 -19.27 -40.66
N TYR D 222 -63.45 -18.28 -40.47
CA TYR D 222 -62.08 -18.47 -40.03
C TYR D 222 -61.71 -17.38 -39.03
N VAL D 223 -60.75 -17.70 -38.17
CA VAL D 223 -60.33 -16.80 -37.10
C VAL D 223 -58.90 -16.35 -37.36
N GLY D 224 -58.53 -15.24 -36.71
CA GLY D 224 -57.20 -14.70 -36.82
C GLY D 224 -57.11 -13.36 -37.53
N GLY D 225 -58.18 -12.94 -38.22
CA GLY D 225 -58.12 -11.67 -38.92
C GLY D 225 -57.18 -11.73 -40.11
N LEU D 226 -56.32 -10.72 -40.22
CA LEU D 226 -55.42 -10.64 -41.36
C LEU D 226 -54.30 -11.67 -41.27
N SER D 227 -53.93 -12.06 -40.05
CA SER D 227 -52.87 -13.06 -39.89
C SER D 227 -53.24 -14.38 -40.54
N THR D 228 -54.52 -14.62 -40.77
CA THR D 228 -55.02 -15.82 -41.43
C THR D 228 -55.40 -15.58 -42.88
N SER D 229 -56.11 -14.48 -43.16
CA SER D 229 -56.69 -14.27 -44.46
C SER D 229 -55.70 -13.73 -45.49
N GLU D 230 -54.63 -13.05 -45.07
CA GLU D 230 -53.83 -12.32 -46.04
C GLU D 230 -52.32 -12.46 -45.86
N ILE D 231 -51.82 -12.35 -44.63
CA ILE D 231 -50.36 -12.50 -44.43
C ILE D 231 -49.93 -13.88 -44.91
N PRO D 232 -48.93 -13.97 -45.78
CA PRO D 232 -48.66 -15.24 -46.48
C PRO D 232 -48.10 -16.31 -45.55
N GLN D 233 -48.31 -17.56 -45.96
CA GLN D 233 -47.84 -18.70 -45.18
C GLN D 233 -46.31 -18.77 -45.13
N PHE D 234 -45.63 -18.34 -46.19
CA PHE D 234 -44.17 -18.40 -46.14
C PHE D 234 -43.57 -17.37 -45.18
N ARG D 235 -44.40 -16.53 -44.55
CA ARG D 235 -43.97 -15.72 -43.43
C ARG D 235 -44.66 -16.09 -42.12
N LEU D 236 -45.92 -16.52 -42.17
CA LEU D 236 -46.69 -16.83 -40.97
C LEU D 236 -47.44 -18.14 -41.19
N PRO D 237 -46.90 -19.26 -40.75
CA PRO D 237 -47.64 -20.52 -40.83
C PRO D 237 -48.94 -20.44 -40.04
N TYR D 238 -50.00 -21.03 -40.62
CA TYR D 238 -51.30 -20.94 -39.96
C TYR D 238 -51.31 -21.61 -38.60
N ASP D 239 -50.52 -22.68 -38.42
CA ASP D 239 -50.50 -23.39 -37.15
C ASP D 239 -50.12 -22.46 -35.99
N VAL D 240 -49.44 -21.36 -36.28
CA VAL D 240 -49.16 -20.38 -35.24
C VAL D 240 -50.43 -19.68 -34.80
N VAL D 241 -51.24 -19.23 -35.76
CA VAL D 241 -52.47 -18.52 -35.43
C VAL D 241 -53.41 -19.43 -34.65
N ASN D 242 -53.57 -20.67 -35.11
CA ASN D 242 -54.36 -21.63 -34.37
C ASN D 242 -53.84 -21.79 -32.95
N PHE D 243 -52.51 -21.90 -32.81
CA PHE D 243 -51.89 -22.11 -31.50
C PHE D 243 -52.24 -20.98 -30.53
N GLU D 244 -52.05 -19.73 -30.95
CA GLU D 244 -52.38 -18.61 -30.09
C GLU D 244 -53.87 -18.57 -29.78
N ILE D 245 -54.71 -18.92 -30.76
CA ILE D 245 -56.14 -18.97 -30.53
C ILE D 245 -56.48 -20.05 -29.52
N GLU D 246 -55.82 -21.21 -29.63
CA GLU D 246 -56.06 -22.28 -28.66
C GLU D 246 -55.74 -21.81 -27.24
N LEU D 247 -54.63 -21.07 -27.08
CA LEU D 247 -54.25 -20.60 -25.75
C LEU D 247 -55.32 -19.70 -25.15
N MET D 248 -55.97 -18.89 -25.99
CA MET D 248 -57.05 -18.03 -25.49
C MET D 248 -58.24 -18.86 -25.02
N LYS D 249 -58.67 -19.82 -25.83
CA LYS D 249 -59.82 -20.65 -25.48
C LYS D 249 -59.59 -21.41 -24.18
N ASP D 250 -58.34 -21.66 -23.81
CA ASP D 250 -58.05 -22.23 -22.50
C ASP D 250 -58.62 -21.36 -21.39
N LEU D 251 -58.52 -20.05 -21.54
CA LEU D 251 -59.04 -19.12 -20.55
C LEU D 251 -60.56 -18.98 -20.59
N GLY D 252 -61.25 -19.75 -21.44
CA GLY D 252 -62.70 -19.76 -21.45
C GLY D 252 -63.36 -18.89 -22.48
N VAL D 253 -62.60 -18.12 -23.26
CA VAL D 253 -63.19 -17.19 -24.22
C VAL D 253 -63.93 -17.96 -25.30
N LYS D 254 -65.09 -17.43 -25.71
CA LYS D 254 -65.91 -18.00 -26.76
C LYS D 254 -65.73 -17.24 -28.07
N ILE D 255 -65.78 -17.97 -29.18
CA ILE D 255 -65.68 -17.40 -30.52
C ILE D 255 -66.86 -17.91 -31.34
N ILE D 256 -67.68 -16.99 -31.84
CA ILE D 256 -68.81 -17.31 -32.70
C ILE D 256 -68.51 -16.80 -34.10
N CYS D 257 -68.53 -17.68 -35.08
CA CYS D 257 -68.28 -17.33 -36.47
C CYS D 257 -69.58 -17.15 -37.22
N GLY D 258 -69.51 -16.36 -38.30
CA GLY D 258 -70.69 -16.06 -39.09
C GLY D 258 -71.62 -15.04 -38.48
N LYS D 259 -71.18 -14.32 -37.46
CA LYS D 259 -71.98 -13.28 -36.82
C LYS D 259 -71.27 -11.95 -37.05
N SER D 260 -71.88 -11.09 -37.86
CA SER D 260 -71.25 -9.85 -38.29
C SER D 260 -71.85 -8.65 -37.57
N LEU D 261 -71.02 -7.64 -37.36
CA LEU D 261 -71.49 -6.31 -36.99
C LEU D 261 -72.02 -5.64 -38.24
N SER D 262 -73.34 -5.46 -38.31
CA SER D 262 -74.01 -4.85 -39.46
C SER D 262 -75.46 -4.61 -39.09
N GLU D 263 -76.14 -3.77 -39.89
CA GLU D 263 -77.44 -3.23 -39.49
C GLU D 263 -78.46 -4.33 -39.23
N ASN D 264 -78.42 -5.40 -40.01
CA ASN D 264 -79.40 -6.47 -39.85
C ASN D 264 -78.88 -7.62 -39.03
N GLU D 265 -77.71 -7.46 -38.41
CA GLU D 265 -77.13 -8.50 -37.57
C GLU D 265 -76.83 -7.93 -36.20
N ILE D 266 -75.54 -7.84 -35.85
CA ILE D 266 -75.15 -7.32 -34.54
C ILE D 266 -74.95 -5.81 -34.65
N THR D 267 -75.68 -5.06 -33.83
CA THR D 267 -75.43 -3.64 -33.65
C THR D 267 -75.20 -3.37 -32.17
N LEU D 268 -74.67 -2.18 -31.87
CA LEU D 268 -74.54 -1.78 -30.47
C LEU D 268 -75.90 -1.76 -29.79
N ASN D 269 -76.97 -1.45 -30.53
CA ASN D 269 -78.31 -1.44 -29.96
C ASN D 269 -78.74 -2.85 -29.55
N THR D 270 -78.63 -3.82 -30.47
CA THR D 270 -78.98 -5.19 -30.10
C THR D 270 -78.11 -5.68 -28.95
N LEU D 271 -76.84 -5.29 -28.94
CA LEU D 271 -75.96 -5.71 -27.84
C LEU D 271 -76.44 -5.15 -26.50
N LYS D 272 -76.84 -3.87 -26.47
CA LYS D 272 -77.43 -3.31 -25.26
C LYS D 272 -78.69 -4.07 -24.88
N GLU D 273 -79.60 -4.26 -25.86
CA GLU D 273 -80.82 -5.02 -25.61
C GLU D 273 -80.51 -6.41 -25.08
N GLU D 274 -79.55 -7.10 -25.72
CA GLU D 274 -79.25 -8.48 -25.36
C GLU D 274 -78.67 -8.61 -23.96
N GLY D 275 -78.23 -7.50 -23.35
CA GLY D 275 -77.68 -7.52 -22.02
C GLY D 275 -76.18 -7.34 -21.91
N TYR D 276 -75.49 -7.01 -23.00
CA TYR D 276 -74.05 -6.88 -22.98
C TYR D 276 -73.63 -5.56 -22.33
N LYS D 277 -72.73 -5.65 -21.35
CA LYS D 277 -72.32 -4.50 -20.57
C LYS D 277 -71.13 -3.76 -21.14
N ALA D 278 -70.44 -4.33 -22.14
CA ALA D 278 -69.27 -3.70 -22.73
C ALA D 278 -69.00 -4.31 -24.10
N ALA D 279 -68.46 -3.48 -25.01
CA ALA D 279 -68.19 -3.93 -26.37
C ALA D 279 -66.85 -3.38 -26.84
N PHE D 280 -66.08 -4.24 -27.50
CA PHE D 280 -64.82 -3.87 -28.12
C PHE D 280 -64.93 -4.08 -29.63
N ILE D 281 -64.52 -3.08 -30.40
CA ILE D 281 -64.60 -3.11 -31.85
C ILE D 281 -63.20 -3.39 -32.38
N GLY D 282 -62.97 -4.63 -32.81
CA GLY D 282 -61.70 -4.98 -33.43
C GLY D 282 -61.92 -5.62 -34.77
N ILE D 283 -62.70 -4.97 -35.63
CA ILE D 283 -63.12 -5.53 -36.90
C ILE D 283 -62.21 -5.13 -38.06
N GLY D 284 -61.15 -4.36 -37.80
CA GLY D 284 -60.21 -4.00 -38.84
C GLY D 284 -60.82 -3.10 -39.90
N LEU D 285 -60.18 -3.13 -41.09
CA LEU D 285 -60.58 -2.33 -42.24
C LEU D 285 -61.03 -3.30 -43.34
N PRO D 286 -62.31 -3.67 -43.37
CA PRO D 286 -62.73 -4.82 -44.19
C PRO D 286 -62.78 -4.55 -45.69
N GLU D 287 -62.76 -3.29 -46.13
CA GLU D 287 -62.91 -3.08 -47.57
C GLU D 287 -61.60 -2.64 -48.21
N PRO D 288 -61.38 -2.98 -49.47
CA PRO D 288 -60.17 -2.50 -50.16
C PRO D 288 -60.34 -1.08 -50.66
N LYS D 289 -59.21 -0.37 -50.72
CA LYS D 289 -59.17 0.94 -51.33
C LYS D 289 -59.13 0.78 -52.85
N THR D 290 -59.99 1.52 -53.55
CA THR D 290 -60.26 1.26 -54.95
C THR D 290 -59.98 2.49 -55.80
N ASP D 291 -59.34 2.26 -56.94
CA ASP D 291 -59.16 3.28 -57.97
C ASP D 291 -60.29 3.14 -58.98
N ASP D 292 -61.05 4.22 -59.18
CA ASP D 292 -62.17 4.19 -60.13
C ASP D 292 -61.74 3.76 -61.52
N ILE D 293 -60.44 3.86 -61.82
CA ILE D 293 -59.91 3.44 -63.11
C ILE D 293 -60.27 2.00 -63.41
N PHE D 294 -60.47 1.17 -62.38
CA PHE D 294 -60.56 -0.28 -62.52
C PHE D 294 -61.96 -0.85 -62.34
N GLN D 295 -63.01 -0.02 -62.31
CA GLN D 295 -64.38 -0.52 -62.17
C GLN D 295 -64.77 -1.35 -63.39
N GLY D 296 -65.54 -2.42 -63.17
CA GLY D 296 -65.95 -3.31 -64.23
C GLY D 296 -64.99 -4.43 -64.54
N LEU D 297 -63.74 -4.28 -64.12
CA LEU D 297 -62.76 -5.35 -64.27
C LEU D 297 -63.05 -6.45 -63.27
N THR D 298 -62.99 -7.69 -63.76
CA THR D 298 -63.22 -8.87 -62.93
C THR D 298 -61.95 -9.69 -62.84
N GLN D 299 -61.99 -10.72 -62.00
CA GLN D 299 -60.84 -11.61 -61.88
C GLN D 299 -60.63 -12.41 -63.15
N ASP D 300 -61.72 -12.76 -63.86
CA ASP D 300 -61.59 -13.51 -65.11
C ASP D 300 -60.81 -12.73 -66.16
N GLN D 301 -60.79 -11.40 -66.06
CA GLN D 301 -59.98 -10.57 -66.95
C GLN D 301 -58.56 -10.38 -66.43
N GLY D 302 -58.27 -10.85 -65.22
CA GLY D 302 -56.96 -10.72 -64.63
C GLY D 302 -56.81 -9.64 -63.59
N PHE D 303 -57.90 -9.13 -63.05
CA PHE D 303 -57.86 -8.05 -62.08
C PHE D 303 -58.32 -8.53 -60.71
N TYR D 304 -57.48 -8.30 -59.70
CA TYR D 304 -57.83 -8.57 -58.31
C TYR D 304 -57.50 -7.35 -57.47
N THR D 305 -58.22 -7.21 -56.37
CA THR D 305 -57.75 -6.37 -55.28
C THR D 305 -56.93 -7.23 -54.32
N SER D 306 -56.10 -6.57 -53.51
CA SER D 306 -55.42 -7.29 -52.45
C SER D 306 -56.41 -8.10 -51.62
N LYS D 307 -57.58 -7.51 -51.37
CA LYS D 307 -58.64 -8.21 -50.65
C LYS D 307 -59.14 -9.42 -51.43
N ASP D 308 -59.02 -9.41 -52.75
CA ASP D 308 -59.44 -10.56 -53.55
C ASP D 308 -58.34 -11.61 -53.64
N PHE D 309 -57.10 -11.15 -53.85
CA PHE D 309 -56.02 -12.06 -54.22
C PHE D 309 -55.52 -12.86 -53.02
N LEU D 310 -55.01 -12.16 -52.00
CA LEU D 310 -54.34 -12.86 -50.90
C LEU D 310 -55.21 -13.89 -50.18
N PRO D 311 -56.52 -13.67 -49.95
CA PRO D 311 -57.33 -14.76 -49.38
C PRO D 311 -57.41 -15.99 -50.27
N LEU D 312 -57.26 -15.83 -51.59
CA LEU D 312 -57.25 -16.99 -52.48
C LEU D 312 -55.97 -17.81 -52.30
N VAL D 313 -54.83 -17.14 -52.25
CA VAL D 313 -53.57 -17.84 -52.04
C VAL D 313 -53.53 -18.47 -50.66
N ALA D 314 -54.18 -17.84 -49.68
CA ALA D 314 -54.21 -18.41 -48.33
C ALA D 314 -55.16 -19.59 -48.24
N LYS D 315 -56.33 -19.49 -48.89
CA LYS D 315 -57.32 -20.57 -48.84
C LYS D 315 -56.77 -21.88 -49.38
N SER D 316 -55.67 -21.83 -50.15
CA SER D 316 -55.12 -23.02 -50.77
C SER D 316 -53.69 -23.31 -50.35
N SER D 317 -53.08 -22.48 -49.50
CA SER D 317 -51.74 -22.76 -49.01
C SER D 317 -51.69 -22.88 -47.49
N LYS D 318 -52.83 -22.83 -46.81
CA LYS D 318 -52.90 -22.93 -45.35
C LYS D 318 -53.89 -24.05 -45.01
N ALA D 319 -53.37 -25.22 -44.69
CA ALA D 319 -54.22 -26.34 -44.30
C ALA D 319 -54.97 -26.02 -43.01
N GLY D 320 -56.25 -26.38 -42.97
CA GLY D 320 -57.05 -26.24 -41.79
C GLY D 320 -57.75 -24.90 -41.65
N MET D 321 -57.14 -23.81 -42.13
CA MET D 321 -57.78 -22.49 -42.07
C MET D 321 -59.20 -22.55 -42.60
N CYS D 322 -59.35 -23.04 -43.83
CA CYS D 322 -60.65 -23.14 -44.46
C CYS D 322 -60.93 -24.59 -44.83
N ALA D 323 -62.20 -24.95 -44.75
CA ALA D 323 -62.73 -26.11 -45.44
C ALA D 323 -62.21 -26.18 -46.86
N CYS D 324 -62.78 -25.32 -47.71
CA CYS D 324 -62.69 -25.37 -49.16
C CYS D 324 -61.26 -25.51 -49.66
N HIS D 325 -60.92 -26.69 -50.14
CA HIS D 325 -59.63 -26.92 -50.79
C HIS D 325 -59.64 -26.25 -52.16
N SER D 326 -59.58 -24.92 -52.16
CA SER D 326 -59.56 -24.17 -53.41
C SER D 326 -58.25 -24.42 -54.16
N PRO D 327 -58.25 -24.23 -55.47
CA PRO D 327 -56.99 -24.31 -56.21
C PRO D 327 -56.23 -22.99 -56.19
N LEU D 328 -54.96 -23.07 -56.54
CA LEU D 328 -54.09 -21.90 -56.57
C LEU D 328 -54.44 -21.05 -57.78
N PRO D 329 -54.59 -19.73 -57.62
CA PRO D 329 -54.96 -18.88 -58.75
C PRO D 329 -54.01 -19.04 -59.92
N SER D 330 -54.57 -19.13 -61.13
CA SER D 330 -53.81 -19.33 -62.36
C SER D 330 -53.27 -17.98 -62.82
N ILE D 331 -52.23 -17.53 -62.12
CA ILE D 331 -51.61 -16.24 -62.37
C ILE D 331 -50.43 -16.51 -63.30
N ARG D 332 -50.69 -16.50 -64.60
CA ARG D 332 -49.71 -16.86 -65.61
C ARG D 332 -49.40 -15.63 -66.46
N GLY D 333 -48.12 -15.25 -66.51
CA GLY D 333 -47.67 -14.14 -67.33
C GLY D 333 -46.99 -13.08 -66.48
N ALA D 334 -47.19 -11.82 -66.89
CA ALA D 334 -46.58 -10.67 -66.24
C ALA D 334 -47.59 -10.03 -65.28
N VAL D 335 -47.23 -10.00 -64.01
CA VAL D 335 -48.11 -9.50 -62.96
C VAL D 335 -47.71 -8.07 -62.62
N ILE D 336 -48.68 -7.17 -62.62
CA ILE D 336 -48.49 -5.81 -62.17
C ILE D 336 -49.09 -5.71 -60.78
N VAL D 337 -48.33 -5.16 -59.83
CA VAL D 337 -48.79 -4.97 -58.46
C VAL D 337 -48.76 -3.48 -58.16
N LEU D 338 -49.91 -2.94 -57.79
CA LEU D 338 -50.07 -1.50 -57.54
C LEU D 338 -50.01 -1.22 -56.04
N GLY D 339 -49.00 -0.46 -55.63
CA GLY D 339 -48.91 -0.06 -54.24
C GLY D 339 -47.50 -0.08 -53.70
N ALA D 340 -47.33 0.32 -52.43
CA ALA D 340 -46.01 0.30 -51.84
C ALA D 340 -46.01 -0.05 -50.35
N GLY D 341 -47.11 -0.57 -49.81
CA GLY D 341 -47.14 -0.99 -48.42
C GLY D 341 -46.76 -2.44 -48.24
N ASP D 342 -46.71 -2.87 -46.97
CA ASP D 342 -46.45 -4.27 -46.68
C ASP D 342 -47.44 -5.20 -47.39
N THR D 343 -48.57 -4.67 -47.86
CA THR D 343 -49.53 -5.47 -48.61
C THR D 343 -49.09 -5.67 -50.05
N ALA D 344 -48.58 -4.62 -50.70
CA ALA D 344 -48.20 -4.72 -52.11
C ALA D 344 -47.03 -5.67 -52.30
N PHE D 345 -46.04 -5.64 -51.41
CA PHE D 345 -44.91 -6.55 -51.52
C PHE D 345 -45.32 -7.99 -51.25
N ASP D 346 -46.39 -8.17 -50.46
CA ASP D 346 -46.89 -9.52 -50.22
C ASP D 346 -47.58 -10.09 -51.45
N CYS D 347 -48.33 -9.25 -52.17
CA CYS D 347 -48.95 -9.69 -53.42
C CYS D 347 -47.90 -10.04 -54.47
N ALA D 348 -46.76 -9.34 -54.44
CA ALA D 348 -45.70 -9.62 -55.41
C ALA D 348 -45.15 -11.03 -55.23
N THR D 349 -44.62 -11.32 -54.04
CA THR D 349 -44.06 -12.64 -53.78
C THR D 349 -45.13 -13.72 -53.81
N SER D 350 -46.37 -13.38 -53.48
CA SER D 350 -47.44 -14.38 -53.54
C SER D 350 -47.81 -14.71 -54.98
N ALA D 351 -47.73 -13.72 -55.87
CA ALA D 351 -47.99 -14.00 -57.28
C ALA D 351 -46.96 -14.97 -57.85
N LEU D 352 -45.71 -14.86 -57.39
CA LEU D 352 -44.68 -15.80 -57.83
C LEU D 352 -45.06 -17.23 -57.49
N ARG D 353 -45.56 -17.46 -56.27
CA ARG D 353 -46.02 -18.78 -55.88
C ARG D 353 -47.18 -19.27 -56.74
N CYS D 354 -47.82 -18.38 -57.50
CA CYS D 354 -48.91 -18.74 -58.39
C CYS D 354 -48.43 -18.96 -59.82
N GLY D 355 -47.12 -19.02 -60.05
CA GLY D 355 -46.61 -19.23 -61.39
C GLY D 355 -46.50 -17.96 -62.19
N ALA D 356 -46.33 -16.81 -61.55
CA ALA D 356 -46.19 -15.56 -62.27
C ALA D 356 -44.84 -15.55 -62.97
N ARG D 357 -44.85 -15.36 -64.30
CA ARG D 357 -43.60 -15.30 -65.05
C ARG D 357 -42.81 -14.03 -64.74
N ARG D 358 -43.49 -12.96 -64.32
CA ARG D 358 -42.87 -11.67 -64.05
C ARG D 358 -43.77 -10.87 -63.13
N VAL D 359 -43.18 -10.18 -62.17
CA VAL D 359 -43.94 -9.36 -61.22
C VAL D 359 -43.37 -7.94 -61.24
N PHE D 360 -44.23 -6.96 -61.48
CA PHE D 360 -43.84 -5.55 -61.56
C PHE D 360 -44.51 -4.80 -60.42
N LEU D 361 -43.71 -4.40 -59.42
CA LEU D 361 -44.20 -3.55 -58.36
C LEU D 361 -44.15 -2.10 -58.85
N VAL D 362 -45.31 -1.49 -59.00
CA VAL D 362 -45.44 -0.13 -59.51
C VAL D 362 -46.04 0.72 -58.41
N PHE D 363 -45.28 1.70 -57.92
CA PHE D 363 -45.78 2.67 -56.98
C PHE D 363 -45.70 4.07 -57.60
N ARG D 364 -46.59 4.95 -57.16
CA ARG D 364 -46.72 6.24 -57.81
C ARG D 364 -45.72 7.27 -57.30
N LYS D 365 -44.93 6.95 -56.29
CA LYS D 365 -43.84 7.80 -55.82
C LYS D 365 -42.52 7.09 -56.08
N GLY D 366 -41.44 7.63 -55.50
CA GLY D 366 -40.11 7.13 -55.76
C GLY D 366 -39.61 6.15 -54.72
N PHE D 367 -38.34 5.83 -54.84
CA PHE D 367 -37.69 4.84 -53.97
C PHE D 367 -37.34 5.38 -52.58
N VAL D 368 -37.60 6.67 -52.32
CA VAL D 368 -37.47 7.16 -50.97
C VAL D 368 -38.78 7.11 -50.22
N ASN D 369 -39.88 6.79 -50.91
CA ASN D 369 -41.23 6.99 -50.39
C ASN D 369 -41.97 5.70 -50.03
N ILE D 370 -41.31 4.54 -50.06
CA ILE D 370 -42.02 3.28 -49.82
C ILE D 370 -42.39 3.16 -48.35
N ARG D 371 -43.64 2.76 -48.10
CA ARG D 371 -44.15 2.64 -46.74
C ARG D 371 -43.84 1.30 -46.09
N ALA D 372 -43.47 0.28 -46.85
CA ALA D 372 -43.20 -1.03 -46.29
C ALA D 372 -41.85 -1.04 -45.58
N VAL D 373 -41.62 -2.10 -44.80
CA VAL D 373 -40.43 -2.24 -43.97
C VAL D 373 -39.33 -2.88 -44.79
N PRO D 374 -38.05 -2.48 -44.63
CA PRO D 374 -36.97 -3.10 -45.40
C PRO D 374 -36.96 -4.62 -45.38
N GLU D 375 -37.36 -5.23 -44.26
CA GLU D 375 -37.54 -6.68 -44.22
C GLU D 375 -38.45 -7.14 -45.35
N GLU D 376 -39.63 -6.52 -45.47
CA GLU D 376 -40.59 -6.93 -46.48
C GLU D 376 -40.08 -6.63 -47.88
N VAL D 377 -39.34 -5.54 -48.04
CA VAL D 377 -38.88 -5.14 -49.38
C VAL D 377 -37.81 -6.08 -49.88
N GLU D 378 -36.82 -6.39 -49.02
CA GLU D 378 -35.70 -7.23 -49.43
C GLU D 378 -36.17 -8.60 -49.91
N LEU D 379 -37.33 -9.06 -49.42
CA LEU D 379 -37.85 -10.34 -49.88
C LEU D 379 -38.35 -10.25 -51.32
N ALA D 380 -39.10 -9.19 -51.63
CA ALA D 380 -39.50 -8.96 -53.01
C ALA D 380 -38.28 -8.75 -53.91
N LYS D 381 -37.28 -8.01 -53.41
CA LYS D 381 -36.05 -7.83 -54.15
C LYS D 381 -35.42 -9.18 -54.49
N GLU D 382 -35.07 -9.95 -53.47
CA GLU D 382 -34.26 -11.15 -53.67
C GLU D 382 -34.95 -12.15 -54.59
N GLU D 383 -36.28 -12.12 -54.66
CA GLU D 383 -37.02 -12.96 -55.57
C GLU D 383 -37.23 -12.31 -56.93
N LYS D 384 -36.37 -11.35 -57.27
CA LYS D 384 -36.25 -10.79 -58.62
C LYS D 384 -37.49 -10.06 -59.09
N CYS D 385 -38.34 -9.60 -58.17
CA CYS D 385 -39.40 -8.69 -58.55
C CYS D 385 -38.80 -7.40 -59.08
N GLU D 386 -39.48 -6.80 -60.05
CA GLU D 386 -39.03 -5.55 -60.64
C GLU D 386 -39.86 -4.39 -60.09
N PHE D 387 -39.19 -3.30 -59.78
CA PHE D 387 -39.81 -2.15 -59.13
C PHE D 387 -39.81 -0.97 -60.09
N LEU D 388 -40.95 -0.30 -60.20
CA LEU D 388 -41.10 0.83 -61.11
C LEU D 388 -41.56 2.06 -60.32
N PRO D 389 -40.72 3.08 -60.17
CA PRO D 389 -41.15 4.28 -59.45
C PRO D 389 -41.77 5.34 -60.37
N PHE D 390 -42.51 6.25 -59.75
CA PHE D 390 -43.08 7.42 -60.41
C PHE D 390 -43.98 7.03 -61.58
N LEU D 391 -45.01 6.24 -61.27
CA LEU D 391 -45.94 5.78 -62.30
C LEU D 391 -47.34 5.67 -61.70
N SER D 392 -48.29 6.41 -62.26
CA SER D 392 -49.68 6.40 -61.80
C SER D 392 -50.57 5.77 -62.86
N PRO D 393 -51.47 4.87 -62.48
CA PRO D 393 -52.28 4.18 -63.50
C PRO D 393 -53.36 5.07 -64.08
N ARG D 394 -53.70 4.82 -65.34
CA ARG D 394 -54.64 5.67 -66.07
C ARG D 394 -55.70 4.89 -66.84
N LYS D 395 -55.34 3.80 -67.50
CA LYS D 395 -56.36 3.02 -68.20
C LYS D 395 -55.85 1.60 -68.43
N VAL D 396 -56.78 0.66 -68.42
CA VAL D 396 -56.49 -0.75 -68.63
C VAL D 396 -56.95 -1.14 -70.03
N ILE D 397 -56.14 -1.94 -70.71
CA ILE D 397 -56.43 -2.39 -72.06
C ILE D 397 -56.84 -3.85 -71.98
N VAL D 398 -58.12 -4.12 -72.24
CA VAL D 398 -58.65 -5.48 -72.24
C VAL D 398 -58.84 -5.91 -73.68
N LYS D 399 -58.30 -7.08 -74.04
CA LYS D 399 -58.49 -7.66 -75.35
C LYS D 399 -58.62 -9.17 -75.20
N GLY D 400 -59.64 -9.74 -75.85
CA GLY D 400 -59.90 -11.15 -75.70
C GLY D 400 -60.42 -11.53 -74.34
N GLY D 401 -61.20 -10.66 -73.69
CA GLY D 401 -61.75 -10.96 -72.39
C GLY D 401 -60.79 -10.91 -71.24
N ARG D 402 -59.58 -10.39 -71.44
CA ARG D 402 -58.58 -10.35 -70.38
C ARG D 402 -57.69 -9.12 -70.56
N ILE D 403 -56.99 -8.78 -69.48
CA ILE D 403 -56.08 -7.64 -69.51
C ILE D 403 -54.86 -7.98 -70.37
N VAL D 404 -54.42 -7.02 -71.16
CA VAL D 404 -53.19 -7.18 -71.95
C VAL D 404 -52.16 -6.09 -71.66
N ALA D 405 -52.55 -4.94 -71.12
CA ALA D 405 -51.60 -3.86 -70.84
C ALA D 405 -52.27 -2.83 -69.93
N VAL D 406 -51.43 -2.08 -69.22
CA VAL D 406 -51.86 -0.96 -68.40
C VAL D 406 -51.08 0.27 -68.85
N GLN D 407 -51.80 1.38 -69.02
CA GLN D 407 -51.19 2.65 -69.38
C GLN D 407 -51.01 3.50 -68.13
N PHE D 408 -49.81 4.02 -67.94
CA PHE D 408 -49.49 4.89 -66.82
C PHE D 408 -49.07 6.26 -67.36
N VAL D 409 -49.02 7.23 -66.45
CA VAL D 409 -48.35 8.51 -66.70
C VAL D 409 -47.33 8.72 -65.60
N ARG D 410 -46.28 9.46 -65.93
CA ARG D 410 -45.20 9.67 -64.99
C ARG D 410 -45.57 10.76 -63.99
N THR D 411 -45.33 10.51 -62.72
CA THR D 411 -45.54 11.47 -61.65
C THR D 411 -44.22 12.15 -61.30
N GLU D 412 -44.33 13.34 -60.71
CA GLU D 412 -43.13 14.07 -60.32
C GLU D 412 -43.47 15.05 -59.21
N GLN D 413 -42.42 15.51 -58.53
CA GLN D 413 -42.52 16.34 -57.34
C GLN D 413 -41.92 17.71 -57.63
N ASP D 414 -42.64 18.78 -57.29
CA ASP D 414 -42.31 20.12 -57.68
C ASP D 414 -41.53 20.81 -56.56
N GLU D 415 -41.85 22.05 -56.17
CA GLU D 415 -41.13 22.77 -55.13
C GLU D 415 -41.79 22.68 -53.76
N THR D 416 -43.12 22.60 -53.71
CA THR D 416 -43.81 22.36 -52.45
C THR D 416 -43.48 21.00 -51.87
N GLY D 417 -43.00 20.07 -52.69
CA GLY D 417 -43.08 18.67 -52.39
C GLY D 417 -44.38 18.03 -52.81
N LYS D 418 -45.30 18.83 -53.35
CA LYS D 418 -46.55 18.30 -53.87
C LYS D 418 -46.30 17.54 -55.16
N TRP D 419 -47.00 16.42 -55.32
CA TRP D 419 -46.79 15.55 -56.47
C TRP D 419 -47.69 15.97 -57.63
N ASN D 420 -47.18 15.74 -58.84
CA ASN D 420 -47.84 16.13 -60.07
C ASN D 420 -47.96 14.92 -60.98
N GLU D 421 -48.88 15.02 -61.95
CA GLU D 421 -49.02 14.03 -63.01
C GLU D 421 -48.68 14.70 -64.33
N ASP D 422 -47.87 14.03 -65.13
CA ASP D 422 -47.38 14.58 -66.40
C ASP D 422 -47.99 13.75 -67.53
N GLU D 423 -49.09 14.25 -68.08
CA GLU D 423 -49.87 13.51 -69.07
C GLU D 423 -49.15 13.37 -70.41
N ASP D 424 -48.04 14.07 -70.61
CA ASP D 424 -47.27 13.92 -71.84
C ASP D 424 -46.32 12.73 -71.78
N GLN D 425 -46.02 12.22 -70.59
CA GLN D 425 -45.02 11.18 -70.38
C GLN D 425 -45.73 9.93 -69.87
N ILE D 426 -45.91 8.96 -70.75
CA ILE D 426 -46.73 7.78 -70.46
C ILE D 426 -45.88 6.52 -70.57
N VAL D 427 -46.46 5.41 -70.10
CA VAL D 427 -45.84 4.10 -70.15
C VAL D 427 -46.90 3.07 -70.55
N HIS D 428 -46.55 2.22 -71.50
CA HIS D 428 -47.41 1.12 -71.95
C HIS D 428 -46.79 -0.18 -71.44
N LEU D 429 -47.29 -0.66 -70.31
CA LEU D 429 -46.75 -1.84 -69.63
C LEU D 429 -47.68 -3.02 -69.88
N LYS D 430 -47.27 -3.93 -70.77
CA LYS D 430 -48.08 -5.11 -71.05
C LYS D 430 -48.10 -6.02 -69.82
N ALA D 431 -49.31 -6.41 -69.41
CA ALA D 431 -49.45 -7.30 -68.27
C ALA D 431 -50.64 -8.21 -68.49
N ASP D 432 -50.55 -9.40 -67.90
CA ASP D 432 -51.65 -10.35 -67.94
C ASP D 432 -52.54 -10.27 -66.70
N VAL D 433 -52.06 -9.69 -65.62
CA VAL D 433 -52.75 -9.66 -64.34
C VAL D 433 -52.39 -8.37 -63.61
N VAL D 434 -53.39 -7.72 -63.02
CA VAL D 434 -53.19 -6.51 -62.22
C VAL D 434 -53.75 -6.75 -60.82
N ILE D 435 -53.01 -6.28 -59.81
CA ILE D 435 -53.40 -6.42 -58.41
C ILE D 435 -53.29 -5.05 -57.76
N SER D 436 -54.43 -4.50 -57.34
CA SER D 436 -54.45 -3.24 -56.61
C SER D 436 -54.22 -3.54 -55.12
N ALA D 437 -53.10 -3.05 -54.59
CA ALA D 437 -52.72 -3.31 -53.21
C ALA D 437 -52.49 -2.00 -52.46
N PHE D 438 -53.36 -1.02 -52.70
CA PHE D 438 -53.25 0.29 -52.07
C PHE D 438 -53.51 0.26 -50.57
N GLY D 439 -54.05 -0.82 -50.04
CA GLY D 439 -54.44 -0.88 -48.65
C GLY D 439 -55.95 -1.05 -48.48
N SER D 440 -56.41 -0.73 -47.28
CA SER D 440 -57.80 -0.99 -46.92
C SER D 440 -58.40 0.21 -46.22
N VAL D 441 -59.74 0.24 -46.21
CA VAL D 441 -60.53 1.27 -45.53
C VAL D 441 -61.79 0.62 -44.99
N LEU D 442 -62.57 1.37 -44.23
CA LEU D 442 -63.92 0.97 -43.82
C LEU D 442 -64.92 1.84 -44.56
N ARG D 443 -65.81 1.21 -45.32
CA ARG D 443 -66.80 1.98 -46.08
C ARG D 443 -68.23 1.50 -45.89
N ASP D 444 -68.45 0.19 -45.75
CA ASP D 444 -69.73 -0.47 -45.54
C ASP D 444 -70.69 0.34 -44.67
N PRO D 445 -71.67 1.02 -45.27
CA PRO D 445 -72.59 1.83 -44.46
C PRO D 445 -73.33 1.03 -43.41
N LYS D 446 -73.77 -0.19 -43.75
CA LYS D 446 -74.46 -1.03 -42.79
C LYS D 446 -73.59 -1.34 -41.58
N VAL D 447 -72.27 -1.43 -41.76
CA VAL D 447 -71.37 -1.61 -40.62
C VAL D 447 -71.29 -0.34 -39.79
N LYS D 448 -71.05 0.80 -40.46
CA LYS D 448 -71.03 2.07 -39.75
C LYS D 448 -72.37 2.33 -39.08
N GLU D 449 -73.47 1.95 -39.73
CA GLU D 449 -74.78 2.11 -39.11
C GLU D 449 -74.89 1.29 -37.84
N ALA D 450 -74.36 0.07 -37.84
CA ALA D 450 -74.40 -0.76 -36.64
C ALA D 450 -73.67 -0.11 -35.47
N LEU D 451 -72.70 0.75 -35.76
CA LEU D 451 -71.91 1.41 -34.72
C LEU D 451 -72.56 2.67 -34.18
N SER D 452 -73.74 3.04 -34.68
CA SER D 452 -74.44 4.19 -34.13
C SER D 452 -74.63 4.00 -32.63
N PRO D 453 -74.50 5.07 -31.83
CA PRO D 453 -74.24 6.45 -32.21
C PRO D 453 -72.82 6.94 -31.99
N ILE D 454 -71.78 6.11 -32.06
CA ILE D 454 -70.44 6.57 -31.74
C ILE D 454 -69.97 7.60 -32.76
N LYS D 455 -69.07 8.48 -32.33
CA LYS D 455 -68.58 9.56 -33.17
C LYS D 455 -67.43 9.07 -34.05
N PHE D 456 -67.57 9.26 -35.36
CA PHE D 456 -66.52 8.95 -36.33
C PHE D 456 -65.76 10.23 -36.70
N ASN D 457 -64.48 10.07 -37.03
CA ASN D 457 -63.63 11.21 -37.33
C ASN D 457 -63.62 11.46 -38.84
N ARG D 458 -62.79 12.42 -39.27
CA ARG D 458 -62.74 12.79 -40.68
C ARG D 458 -62.36 11.61 -41.58
N TRP D 459 -61.58 10.67 -41.07
CA TRP D 459 -61.20 9.49 -41.83
C TRP D 459 -62.28 8.41 -41.82
N ASP D 460 -63.47 8.75 -41.33
CA ASP D 460 -64.60 7.81 -41.22
C ASP D 460 -64.25 6.61 -40.34
N LEU D 461 -63.39 6.83 -39.36
CA LEU D 461 -63.01 5.78 -38.44
C LEU D 461 -63.45 6.12 -37.02
N PRO D 462 -63.68 5.12 -36.18
CA PRO D 462 -64.09 5.39 -34.80
C PRO D 462 -63.08 6.26 -34.08
N GLU D 463 -63.60 7.26 -33.36
CA GLU D 463 -62.78 8.10 -32.50
C GLU D 463 -62.66 7.46 -31.13
N VAL D 464 -61.42 7.34 -30.64
CA VAL D 464 -61.16 6.80 -29.32
C VAL D 464 -60.24 7.74 -28.57
N ASP D 465 -60.31 7.68 -27.25
CA ASP D 465 -59.27 8.25 -26.43
C ASP D 465 -58.06 7.35 -26.54
N PRO D 466 -56.89 7.86 -26.97
CA PRO D 466 -55.76 6.96 -27.27
C PRO D 466 -55.17 6.29 -26.04
N GLU D 467 -55.47 6.76 -24.83
CA GLU D 467 -54.97 6.11 -23.63
C GLU D 467 -55.90 5.00 -23.15
N THR D 468 -57.22 5.11 -23.39
CA THR D 468 -58.18 4.15 -22.89
C THR D 468 -58.87 3.32 -23.97
N MET D 469 -58.79 3.73 -25.24
CA MET D 469 -59.46 3.10 -26.37
C MET D 469 -60.98 3.21 -26.27
N GLN D 470 -61.50 4.00 -25.34
CA GLN D 470 -62.93 4.21 -25.23
C GLN D 470 -63.44 5.08 -26.37
N THR D 471 -64.57 4.69 -26.96
CA THR D 471 -65.22 5.52 -27.96
C THR D 471 -66.00 6.62 -27.26
N SER D 472 -66.82 7.36 -28.02
CA SER D 472 -67.69 8.37 -27.41
C SER D 472 -68.78 7.76 -26.53
N GLU D 473 -69.02 6.45 -26.63
CA GLU D 473 -69.90 5.74 -25.71
C GLU D 473 -69.07 5.08 -24.62
N PRO D 474 -69.41 5.25 -23.35
CA PRO D 474 -68.52 4.74 -22.28
C PRO D 474 -68.34 3.24 -22.32
N TRP D 475 -69.31 2.49 -22.84
CA TRP D 475 -69.29 1.05 -22.80
C TRP D 475 -68.75 0.41 -24.07
N VAL D 476 -68.47 1.21 -25.11
CA VAL D 476 -67.95 0.70 -26.38
C VAL D 476 -66.51 1.15 -26.52
N PHE D 477 -65.63 0.19 -26.79
CA PHE D 477 -64.22 0.44 -27.01
C PHE D 477 -63.83 -0.05 -28.39
N ALA D 478 -62.67 0.41 -28.86
CA ALA D 478 -62.21 0.10 -30.21
C ALA D 478 -60.69 0.09 -30.24
N GLY D 479 -60.13 -0.83 -31.01
CA GLY D 479 -58.68 -0.92 -31.13
C GLY D 479 -58.29 -1.64 -32.40
N GLY D 480 -57.02 -1.46 -32.77
CA GLY D 480 -56.49 -2.14 -33.93
C GLY D 480 -56.50 -1.29 -35.19
N ASP D 481 -56.55 -1.95 -36.35
CA ASP D 481 -56.55 -1.22 -37.62
C ASP D 481 -57.70 -0.24 -37.68
N ILE D 482 -58.88 -0.65 -37.16
CA ILE D 482 -60.10 0.14 -37.29
C ILE D 482 -59.89 1.55 -36.77
N VAL D 483 -59.06 1.70 -35.74
CA VAL D 483 -58.86 3.01 -35.12
C VAL D 483 -57.96 3.88 -35.97
N GLY D 484 -57.07 3.28 -36.76
CA GLY D 484 -56.23 4.02 -37.67
C GLY D 484 -54.88 4.43 -37.14
N MET D 485 -54.52 3.99 -35.93
CA MET D 485 -53.19 4.24 -35.39
C MET D 485 -52.24 3.09 -35.69
N ALA D 486 -52.70 1.86 -35.48
CA ALA D 486 -51.87 0.69 -35.65
C ALA D 486 -51.72 0.34 -37.13
N ASN D 487 -50.50 0.03 -37.54
CA ASN D 487 -50.22 -0.55 -38.84
C ASN D 487 -49.71 -1.98 -38.74
N THR D 488 -49.55 -2.50 -37.52
CA THR D 488 -48.83 -3.75 -37.27
C THR D 488 -49.65 -4.66 -36.36
N THR D 489 -49.21 -5.92 -36.27
CA THR D 489 -49.88 -6.88 -35.40
C THR D 489 -49.68 -6.53 -33.93
N VAL D 490 -48.46 -6.14 -33.54
CA VAL D 490 -48.18 -5.92 -32.13
C VAL D 490 -48.89 -4.66 -31.64
N GLU D 491 -48.99 -3.63 -32.48
CA GLU D 491 -49.73 -2.44 -32.10
C GLU D 491 -51.22 -2.71 -32.00
N SER D 492 -51.75 -3.62 -32.82
CA SER D 492 -53.13 -4.04 -32.67
C SER D 492 -53.31 -4.85 -31.39
N VAL D 493 -52.38 -5.75 -31.12
CA VAL D 493 -52.39 -6.50 -29.85
C VAL D 493 -52.35 -5.54 -28.67
N ASN D 494 -51.50 -4.50 -28.76
CA ASN D 494 -51.39 -3.56 -27.66
C ASN D 494 -52.67 -2.77 -27.44
N ASP D 495 -53.41 -2.48 -28.53
CA ASP D 495 -54.67 -1.75 -28.39
C ASP D 495 -55.66 -2.53 -27.53
N GLY D 496 -55.93 -3.79 -27.90
CA GLY D 496 -56.82 -4.62 -27.11
C GLY D 496 -56.32 -4.84 -25.70
N LYS D 497 -55.00 -4.87 -25.52
CA LYS D 497 -54.41 -4.93 -24.19
C LYS D 497 -54.78 -3.70 -23.38
N GLN D 498 -54.56 -2.52 -23.97
CA GLN D 498 -54.87 -1.27 -23.28
C GLN D 498 -56.35 -1.16 -22.99
N ALA D 499 -57.19 -1.46 -23.98
CA ALA D 499 -58.64 -1.39 -23.78
C ALA D 499 -59.07 -2.31 -22.65
N SER D 500 -58.41 -3.47 -22.51
CA SER D 500 -58.87 -4.48 -21.55
C SER D 500 -58.87 -3.94 -20.14
N TRP D 501 -57.86 -3.16 -19.76
CA TRP D 501 -57.83 -2.62 -18.40
C TRP D 501 -58.96 -1.63 -18.17
N TYR D 502 -59.26 -0.80 -19.16
CA TYR D 502 -60.26 0.24 -18.98
C TYR D 502 -61.68 -0.27 -19.23
N ILE D 503 -61.85 -1.28 -20.08
CA ILE D 503 -63.10 -2.04 -20.08
C ILE D 503 -63.36 -2.59 -18.68
N HIS D 504 -62.35 -3.25 -18.11
CA HIS D 504 -62.41 -3.71 -16.73
C HIS D 504 -62.83 -2.59 -15.79
N LYS D 505 -62.29 -1.39 -15.99
CA LYS D 505 -62.64 -0.26 -15.15
C LYS D 505 -64.10 0.13 -15.32
N TYR D 506 -64.56 0.29 -16.56
CA TYR D 506 -65.95 0.69 -16.79
C TYR D 506 -66.91 -0.32 -16.18
N ILE D 507 -66.68 -1.62 -16.42
CA ILE D 507 -67.58 -2.65 -15.91
C ILE D 507 -67.63 -2.63 -14.40
N GLN D 508 -66.46 -2.62 -13.75
CA GLN D 508 -66.42 -2.62 -12.29
C GLN D 508 -67.22 -1.45 -11.73
N ALA D 509 -67.07 -0.26 -12.29
CA ALA D 509 -67.84 0.89 -11.84
C ALA D 509 -69.33 0.64 -12.03
N GLN D 510 -69.72 0.08 -13.17
CA GLN D 510 -71.13 -0.22 -13.41
C GLN D 510 -71.69 -1.26 -12.45
N TYR D 511 -70.82 -1.88 -11.64
CA TYR D 511 -71.25 -2.75 -10.55
C TYR D 511 -70.92 -2.17 -9.19
N GLY D 512 -70.53 -0.90 -9.13
CA GLY D 512 -70.25 -0.24 -7.87
C GLY D 512 -68.90 -0.54 -7.28
N ALA D 513 -67.96 -1.02 -8.08
CA ALA D 513 -66.65 -1.44 -7.59
C ALA D 513 -65.57 -0.55 -8.17
N SER D 514 -64.56 -0.25 -7.35
CA SER D 514 -63.41 0.52 -7.78
C SER D 514 -62.30 -0.43 -8.22
N VAL D 515 -61.43 0.08 -9.10
CA VAL D 515 -60.21 -0.61 -9.46
C VAL D 515 -59.03 0.31 -9.10
N SER D 516 -57.85 -0.29 -8.99
CA SER D 516 -56.69 0.44 -8.50
C SER D 516 -56.33 1.59 -9.44
N ALA D 517 -55.66 2.60 -8.88
CA ALA D 517 -55.15 3.68 -9.71
C ALA D 517 -53.92 3.25 -10.50
N LYS D 518 -53.27 2.16 -10.10
CA LYS D 518 -52.14 1.64 -10.86
C LYS D 518 -52.61 0.45 -11.67
N PRO D 519 -52.58 0.52 -13.01
CA PRO D 519 -52.93 -0.66 -13.82
C PRO D 519 -52.13 -1.89 -13.40
N GLU D 520 -52.77 -3.04 -13.49
CA GLU D 520 -52.22 -4.28 -12.96
C GLU D 520 -52.81 -5.45 -13.75
N LEU D 521 -52.36 -5.61 -15.00
CA LEU D 521 -52.80 -6.75 -15.79
C LEU D 521 -52.03 -8.01 -15.39
N PRO D 522 -52.70 -9.15 -15.23
CA PRO D 522 -52.02 -10.36 -14.80
C PRO D 522 -51.11 -10.91 -15.90
N LEU D 523 -50.16 -11.74 -15.48
CA LEU D 523 -49.18 -12.30 -16.42
C LEU D 523 -49.75 -13.53 -17.10
N PHE D 524 -48.88 -14.28 -17.77
CA PHE D 524 -49.24 -15.50 -18.47
C PHE D 524 -48.92 -16.70 -17.57
N TYR D 525 -49.91 -17.55 -17.34
CA TYR D 525 -49.75 -18.67 -16.42
C TYR D 525 -50.13 -19.99 -17.08
N THR D 526 -49.35 -21.03 -16.76
CA THR D 526 -49.54 -22.41 -17.20
C THR D 526 -49.36 -23.32 -15.99
N PRO D 527 -49.68 -24.62 -16.06
CA PRO D 527 -49.50 -25.47 -14.87
C PRO D 527 -48.06 -25.56 -14.41
N VAL D 528 -47.10 -25.14 -15.23
CA VAL D 528 -45.69 -25.18 -14.84
C VAL D 528 -45.45 -24.27 -13.64
N ASP D 529 -46.16 -23.16 -13.56
CA ASP D 529 -45.93 -22.19 -12.49
C ASP D 529 -46.31 -22.73 -11.12
N LEU D 530 -47.09 -23.80 -11.06
CA LEU D 530 -47.54 -24.35 -9.79
C LEU D 530 -46.58 -25.39 -9.22
N VAL D 531 -45.51 -25.73 -9.96
CA VAL D 531 -44.56 -26.72 -9.47
C VAL D 531 -43.91 -26.25 -8.18
N ASP D 532 -43.79 -27.16 -7.22
CA ASP D 532 -43.11 -26.87 -5.97
C ASP D 532 -41.60 -27.06 -6.15
N ILE D 533 -40.84 -26.01 -5.93
CA ILE D 533 -39.39 -26.09 -6.02
C ILE D 533 -38.74 -25.78 -4.67
N SER D 534 -39.48 -25.94 -3.58
CA SER D 534 -38.91 -25.85 -2.26
C SER D 534 -38.19 -27.15 -1.90
N VAL D 535 -37.32 -27.08 -0.90
CA VAL D 535 -36.50 -28.23 -0.52
C VAL D 535 -36.06 -28.04 0.92
N GLU D 536 -36.08 -29.13 1.69
CA GLU D 536 -35.64 -29.12 3.07
C GLU D 536 -34.25 -29.72 3.18
N MET D 537 -33.37 -29.06 3.93
CA MET D 537 -32.00 -29.52 4.11
C MET D 537 -31.51 -29.04 5.47
N ALA D 538 -30.86 -29.96 6.21
CA ALA D 538 -30.26 -29.64 7.52
C ALA D 538 -31.29 -29.07 8.48
N GLY D 539 -32.55 -29.45 8.33
CA GLY D 539 -33.62 -28.95 9.16
C GLY D 539 -34.18 -27.61 8.73
N LEU D 540 -33.62 -26.98 7.70
CA LEU D 540 -34.11 -25.70 7.21
C LEU D 540 -34.97 -25.90 5.98
N LYS D 541 -36.02 -25.10 5.87
CA LYS D 541 -36.88 -25.09 4.70
C LYS D 541 -36.45 -23.96 3.77
N PHE D 542 -36.11 -24.30 2.53
CA PHE D 542 -35.75 -23.33 1.51
C PHE D 542 -36.91 -23.20 0.53
N ILE D 543 -37.39 -21.97 0.33
CA ILE D 543 -38.52 -21.77 -0.57
C ILE D 543 -38.13 -21.99 -2.03
N ASN D 544 -36.84 -21.89 -2.35
CA ASN D 544 -36.30 -22.38 -3.61
C ASN D 544 -34.83 -22.66 -3.39
N PRO D 545 -34.24 -23.60 -4.15
CA PRO D 545 -32.85 -24.00 -3.84
C PRO D 545 -31.81 -22.94 -4.19
N PHE D 546 -32.20 -21.78 -4.71
CA PHE D 546 -31.27 -20.81 -5.24
C PHE D 546 -30.96 -19.74 -4.21
N GLY D 547 -29.68 -19.43 -4.03
CA GLY D 547 -29.27 -18.45 -3.06
C GLY D 547 -28.01 -17.73 -3.51
N LEU D 548 -27.74 -16.61 -2.84
CA LEU D 548 -26.55 -15.84 -3.12
C LEU D 548 -25.39 -16.39 -2.31
N ALA D 549 -24.29 -16.69 -2.98
CA ALA D 549 -23.09 -17.10 -2.28
C ALA D 549 -22.51 -15.94 -1.49
N SER D 550 -21.68 -16.27 -0.51
CA SER D 550 -21.00 -15.24 0.27
C SER D 550 -19.96 -14.56 -0.60
N ALA D 551 -20.33 -13.52 -1.34
CA ALA D 551 -19.39 -12.91 -2.26
C ALA D 551 -19.82 -11.47 -2.53
N ALA D 552 -19.33 -10.91 -3.64
CA ALA D 552 -19.61 -9.52 -3.96
C ALA D 552 -21.10 -9.18 -4.04
N PRO D 553 -21.97 -10.02 -4.62
CA PRO D 553 -23.41 -9.67 -4.60
C PRO D 553 -23.97 -9.46 -3.20
N THR D 554 -23.35 -10.02 -2.17
CA THR D 554 -23.80 -9.84 -0.79
C THR D 554 -22.86 -8.93 0.00
N THR D 555 -22.28 -7.93 -0.69
CA THR D 555 -21.40 -6.98 -0.03
C THR D 555 -22.13 -6.23 1.08
N SER D 556 -23.41 -5.93 0.88
CA SER D 556 -24.19 -5.15 1.82
C SER D 556 -25.54 -5.82 2.04
N SER D 557 -26.08 -5.62 3.24
CA SER D 557 -27.37 -6.21 3.59
C SER D 557 -28.53 -5.61 2.78
N SER D 558 -28.39 -4.37 2.31
CA SER D 558 -29.42 -3.82 1.43
C SER D 558 -29.52 -4.59 0.13
N MET D 559 -28.38 -5.08 -0.38
CA MET D 559 -28.41 -5.91 -1.58
C MET D 559 -29.13 -7.22 -1.32
N ILE D 560 -28.91 -7.82 -0.16
CA ILE D 560 -29.61 -9.07 0.17
C ILE D 560 -31.12 -8.82 0.21
N ARG D 561 -31.54 -7.77 0.91
CA ARG D 561 -32.95 -7.42 0.98
C ARG D 561 -33.57 -7.31 -0.41
N ARG D 562 -32.88 -6.59 -1.31
CA ARG D 562 -33.37 -6.48 -2.68
C ARG D 562 -33.37 -7.83 -3.38
N ALA D 563 -32.44 -8.72 -3.01
CA ALA D 563 -32.43 -10.06 -3.61
C ALA D 563 -33.64 -10.87 -3.16
N PHE D 564 -33.96 -10.84 -1.86
CA PHE D 564 -35.14 -11.55 -1.37
C PHE D 564 -36.40 -11.01 -2.03
N GLU D 565 -36.51 -9.68 -2.13
CA GLU D 565 -37.66 -9.08 -2.81
C GLU D 565 -37.69 -9.44 -4.29
N ALA D 566 -36.57 -9.92 -4.84
CA ALA D 566 -36.55 -10.42 -6.20
C ALA D 566 -36.96 -11.88 -6.29
N GLY D 567 -36.74 -12.66 -5.23
CA GLY D 567 -37.21 -14.03 -5.21
C GLY D 567 -36.17 -15.05 -4.78
N TRP D 568 -34.99 -14.60 -4.38
CA TRP D 568 -33.93 -15.53 -3.98
C TRP D 568 -34.35 -16.28 -2.73
N GLY D 569 -34.10 -17.59 -2.73
CA GLY D 569 -34.57 -18.43 -1.64
C GLY D 569 -33.79 -18.23 -0.36
N PHE D 570 -32.47 -18.07 -0.48
CA PHE D 570 -31.62 -17.83 0.68
C PHE D 570 -30.49 -16.90 0.25
N ALA D 571 -29.67 -16.51 1.22
CA ALA D 571 -28.52 -15.66 0.92
C ALA D 571 -27.46 -15.87 2.00
N LEU D 572 -26.20 -15.75 1.58
CA LEU D 572 -25.08 -15.77 2.48
C LEU D 572 -24.63 -14.34 2.74
N THR D 573 -24.30 -14.02 3.98
CA THR D 573 -23.61 -12.77 4.25
C THR D 573 -22.19 -12.87 3.73
N LYS D 574 -21.66 -11.75 3.23
CA LYS D 574 -20.23 -11.68 2.99
C LYS D 574 -19.50 -12.02 4.28
N THR D 575 -18.43 -12.81 4.16
CA THR D 575 -17.74 -13.31 5.35
C THR D 575 -17.25 -12.17 6.23
N PHE D 576 -17.64 -12.18 7.50
CA PHE D 576 -17.21 -11.19 8.47
C PHE D 576 -16.47 -11.86 9.63
N SER D 577 -15.70 -11.06 10.35
CA SER D 577 -14.83 -11.55 11.42
C SER D 577 -15.09 -10.76 12.69
N LEU D 578 -14.35 -11.10 13.75
CA LEU D 578 -14.30 -10.23 14.90
C LEU D 578 -13.64 -8.91 14.51
N ASP D 579 -13.84 -7.89 15.35
CA ASP D 579 -13.30 -6.58 15.04
C ASP D 579 -11.77 -6.60 15.00
N LYS D 580 -11.15 -7.45 15.81
CA LYS D 580 -9.71 -7.56 15.84
C LYS D 580 -9.11 -7.99 14.50
N ASP D 581 -9.92 -8.58 13.61
CA ASP D 581 -9.43 -9.09 12.35
C ASP D 581 -10.09 -8.38 11.17
N ILE D 582 -10.47 -7.12 11.35
CA ILE D 582 -10.98 -6.31 10.25
C ILE D 582 -9.89 -6.22 9.17
N VAL D 583 -10.32 -5.99 7.93
CA VAL D 583 -9.42 -5.96 6.79
C VAL D 583 -9.72 -4.75 5.93
N THR D 584 -8.76 -4.40 5.09
CA THR D 584 -8.93 -3.33 4.12
C THR D 584 -8.57 -3.86 2.73
N ASN D 585 -9.50 -3.72 1.80
CA ASN D 585 -9.29 -4.24 0.46
C ASN D 585 -8.30 -3.39 -0.31
N VAL D 586 -7.83 -3.94 -1.44
CA VAL D 586 -7.04 -3.19 -2.39
C VAL D 586 -7.85 -3.07 -3.68
N SER D 587 -7.37 -2.22 -4.58
CA SER D 587 -8.00 -2.05 -5.88
C SER D 587 -6.94 -1.80 -6.94
N PRO D 588 -7.11 -2.35 -8.14
CA PRO D 588 -8.20 -3.21 -8.61
C PRO D 588 -8.20 -4.58 -7.93
N ARG D 589 -9.32 -5.30 -7.86
CA ARG D 589 -9.30 -6.58 -7.16
C ARG D 589 -10.23 -7.62 -7.77
N ILE D 590 -11.06 -7.23 -8.75
CA ILE D 590 -11.92 -8.17 -9.46
C ILE D 590 -11.76 -7.91 -10.95
N VAL D 591 -11.32 -8.93 -11.69
CA VAL D 591 -11.03 -8.81 -13.11
C VAL D 591 -11.76 -9.90 -13.88
N ARG D 592 -12.00 -9.64 -15.16
CA ARG D 592 -12.66 -10.63 -16.00
C ARG D 592 -11.71 -11.77 -16.31
N GLY D 593 -12.29 -12.93 -16.59
CA GLY D 593 -11.49 -14.10 -16.91
C GLY D 593 -11.10 -14.11 -18.38
N THR D 594 -9.87 -14.56 -18.63
CA THR D 594 -9.40 -14.83 -19.99
C THR D 594 -9.62 -16.28 -20.39
N THR D 595 -10.40 -17.03 -19.60
CA THR D 595 -10.64 -18.45 -19.81
C THR D 595 -11.43 -18.74 -21.09
N SER D 596 -11.85 -17.71 -21.84
CA SER D 596 -12.58 -17.94 -23.08
C SER D 596 -12.26 -16.87 -24.12
N GLY D 597 -11.07 -16.29 -24.08
CA GLY D 597 -10.61 -15.43 -25.13
C GLY D 597 -11.06 -13.99 -25.00
N PRO D 598 -10.81 -13.19 -26.03
CA PRO D 598 -11.19 -11.77 -25.98
C PRO D 598 -12.68 -11.55 -26.21
N MET D 599 -13.51 -12.38 -25.56
CA MET D 599 -14.95 -12.16 -25.55
C MET D 599 -15.28 -11.19 -24.42
N TYR D 600 -15.76 -10.01 -24.78
CA TYR D 600 -16.10 -9.00 -23.79
C TYR D 600 -17.62 -8.84 -23.71
N GLY D 601 -18.07 -8.31 -22.59
CA GLY D 601 -19.49 -8.06 -22.38
C GLY D 601 -20.15 -9.15 -21.58
N PRO D 602 -21.32 -9.60 -22.04
CA PRO D 602 -22.09 -10.57 -21.26
C PRO D 602 -21.46 -11.95 -21.30
N GLY D 603 -21.78 -12.73 -20.28
CA GLY D 603 -21.38 -14.13 -20.23
C GLY D 603 -19.90 -14.38 -20.03
N GLN D 604 -19.24 -13.58 -19.19
CA GLN D 604 -17.85 -13.84 -18.83
C GLN D 604 -17.73 -15.24 -18.24
N SER D 605 -16.87 -16.07 -18.86
CA SER D 605 -16.76 -17.46 -18.45
C SER D 605 -16.18 -17.61 -17.05
N SER D 606 -15.48 -16.60 -16.55
CA SER D 606 -14.86 -16.70 -15.24
C SER D 606 -14.50 -15.31 -14.73
N PHE D 607 -14.31 -15.21 -13.42
CA PHE D 607 -13.77 -14.02 -12.78
C PHE D 607 -12.63 -14.43 -11.86
N LEU D 608 -11.67 -13.53 -11.68
CA LEU D 608 -10.63 -13.68 -10.67
C LEU D 608 -10.74 -12.52 -9.70
N ASN D 609 -10.55 -12.81 -8.41
CA ASN D 609 -10.64 -11.77 -7.40
C ASN D 609 -9.55 -11.94 -6.36
N ILE D 610 -9.01 -10.81 -5.90
CA ILE D 610 -8.11 -10.78 -4.76
C ILE D 610 -8.79 -10.02 -3.63
N GLU D 611 -10.12 -10.15 -3.55
CA GLU D 611 -10.87 -9.53 -2.48
C GLU D 611 -10.67 -10.31 -1.19
N LEU D 612 -10.81 -9.61 -0.07
CA LEU D 612 -10.74 -10.23 1.25
C LEU D 612 -12.14 -10.48 1.77
N ILE D 613 -12.24 -10.77 3.07
CA ILE D 613 -13.52 -10.88 3.75
C ILE D 613 -14.18 -9.50 3.78
N SER D 614 -15.38 -9.42 4.37
CA SER D 614 -16.11 -8.15 4.40
C SER D 614 -15.35 -7.11 5.20
N GLU D 615 -15.35 -5.88 4.71
CA GLU D 615 -14.80 -4.77 5.47
C GLU D 615 -15.75 -4.32 6.57
N LYS D 616 -17.04 -4.62 6.46
CA LYS D 616 -18.01 -4.19 7.46
C LYS D 616 -17.88 -5.04 8.72
N THR D 617 -18.22 -4.44 9.85
CA THR D 617 -18.00 -5.08 11.14
C THR D 617 -19.08 -6.12 11.43
N ALA D 618 -18.73 -7.05 12.33
CA ALA D 618 -19.71 -8.02 12.80
C ALA D 618 -20.93 -7.34 13.41
N ALA D 619 -20.74 -6.14 13.96
CA ALA D 619 -21.87 -5.36 14.44
C ALA D 619 -22.85 -5.08 13.31
N TYR D 620 -22.36 -4.49 12.22
CA TYR D 620 -23.21 -4.28 11.05
C TYR D 620 -23.91 -5.56 10.62
N TRP D 621 -23.16 -6.65 10.53
CA TRP D 621 -23.73 -7.88 9.98
C TRP D 621 -24.71 -8.51 10.93
N CYS D 622 -24.42 -8.46 12.24
CA CYS D 622 -25.33 -9.06 13.21
C CYS D 622 -26.63 -8.25 13.30
N GLN D 623 -26.54 -6.92 13.30
CA GLN D 623 -27.76 -6.12 13.25
C GLN D 623 -28.50 -6.35 11.94
N SER D 624 -27.77 -6.51 10.84
CA SER D 624 -28.41 -6.71 9.55
C SER D 624 -29.15 -8.04 9.49
N VAL D 625 -28.55 -9.10 10.01
CA VAL D 625 -29.22 -10.40 10.01
C VAL D 625 -30.51 -10.33 10.82
N THR D 626 -30.50 -9.60 11.92
CA THR D 626 -31.72 -9.43 12.71
C THR D 626 -32.79 -8.67 11.92
N GLU D 627 -32.41 -7.61 11.21
CA GLU D 627 -33.36 -6.91 10.37
C GLU D 627 -33.84 -7.78 9.22
N LEU D 628 -32.92 -8.53 8.60
CA LEU D 628 -33.31 -9.35 7.45
C LEU D 628 -34.25 -10.47 7.87
N LYS D 629 -33.94 -11.17 8.96
CA LYS D 629 -34.79 -12.26 9.39
C LYS D 629 -36.12 -11.76 9.96
N ALA D 630 -36.15 -10.54 10.49
CA ALA D 630 -37.41 -10.00 10.99
C ALA D 630 -38.35 -9.71 9.83
N ASP D 631 -37.82 -9.25 8.70
CA ASP D 631 -38.65 -8.87 7.56
C ASP D 631 -38.85 -9.99 6.55
N PHE D 632 -37.93 -10.96 6.49
CA PHE D 632 -38.03 -12.08 5.55
C PHE D 632 -37.93 -13.39 6.32
N PRO D 633 -38.95 -13.73 7.11
CA PRO D 633 -38.82 -14.91 7.99
C PRO D 633 -38.64 -16.21 7.23
N ASP D 634 -39.12 -16.29 5.99
CA ASP D 634 -39.06 -17.52 5.22
C ASP D 634 -37.87 -17.57 4.26
N ASN D 635 -37.05 -16.52 4.23
CA ASN D 635 -35.83 -16.51 3.43
C ASN D 635 -34.65 -16.85 4.34
N ILE D 636 -33.96 -17.95 4.04
CA ILE D 636 -32.85 -18.38 4.87
C ILE D 636 -31.71 -17.38 4.75
N VAL D 637 -31.24 -16.89 5.90
CA VAL D 637 -30.07 -16.02 5.95
C VAL D 637 -28.98 -16.77 6.70
N ILE D 638 -27.87 -17.03 6.02
CA ILE D 638 -26.75 -17.79 6.58
C ILE D 638 -25.60 -16.85 6.84
N ALA D 639 -25.12 -16.82 8.08
CA ALA D 639 -24.00 -15.95 8.45
C ALA D 639 -22.69 -16.65 8.14
N SER D 640 -21.90 -16.04 7.25
CA SER D 640 -20.57 -16.55 6.93
C SER D 640 -19.54 -15.86 7.82
N ILE D 641 -18.75 -16.65 8.54
CA ILE D 641 -17.84 -16.13 9.54
C ILE D 641 -16.47 -16.76 9.38
N MET D 642 -15.44 -16.00 9.76
CA MET D 642 -14.06 -16.48 9.72
C MET D 642 -13.31 -15.99 10.94
N CYS D 643 -12.51 -16.88 11.52
CA CYS D 643 -11.54 -16.54 12.56
C CYS D 643 -10.22 -17.21 12.21
N SER D 644 -9.18 -16.89 12.98
CA SER D 644 -7.92 -17.61 12.87
C SER D 644 -8.08 -18.97 13.54
N TYR D 645 -6.98 -19.71 13.70
CA TYR D 645 -7.05 -21.00 14.39
C TYR D 645 -7.06 -20.75 15.90
N ASN D 646 -8.17 -20.19 16.37
CA ASN D 646 -8.32 -19.74 17.75
C ASN D 646 -9.67 -20.19 18.26
N LYS D 647 -9.69 -20.96 19.36
CA LYS D 647 -10.93 -21.53 19.85
C LYS D 647 -11.87 -20.46 20.40
N ASN D 648 -11.34 -19.56 21.23
CA ASN D 648 -12.17 -18.50 21.81
C ASN D 648 -12.80 -17.64 20.72
N ASP D 649 -12.01 -17.26 19.72
CA ASP D 649 -12.50 -16.37 18.68
C ASP D 649 -13.63 -17.00 17.89
N TRP D 650 -13.49 -18.29 17.55
CA TRP D 650 -14.50 -18.96 16.75
C TRP D 650 -15.82 -19.07 17.51
N MET D 651 -15.76 -19.47 18.78
CA MET D 651 -16.98 -19.59 19.58
C MET D 651 -17.61 -18.21 19.81
N GLU D 652 -16.79 -17.19 20.07
CA GLU D 652 -17.32 -15.85 20.24
C GLU D 652 -18.07 -15.40 18.99
N LEU D 653 -17.46 -15.56 17.81
CA LEU D 653 -18.08 -15.08 16.58
C LEU D 653 -19.31 -15.88 16.20
N SER D 654 -19.22 -17.22 16.30
CA SER D 654 -20.38 -18.06 15.99
C SER D 654 -21.54 -17.77 16.95
N ARG D 655 -21.23 -17.48 18.22
CA ARG D 655 -22.29 -17.16 19.18
C ARG D 655 -22.90 -15.80 18.88
N LYS D 656 -22.06 -14.82 18.51
CA LYS D 656 -22.60 -13.53 18.11
C LYS D 656 -23.53 -13.66 16.91
N ALA D 657 -23.14 -14.47 15.92
CA ALA D 657 -23.97 -14.63 14.72
C ALA D 657 -25.20 -15.47 14.99
N GLU D 658 -25.13 -16.39 15.96
CA GLU D 658 -26.33 -17.14 16.34
C GLU D 658 -27.34 -16.24 17.03
N ALA D 659 -26.88 -15.44 18.00
CA ALA D 659 -27.79 -14.57 18.75
C ALA D 659 -28.45 -13.53 17.85
N SER D 660 -27.80 -13.17 16.75
CA SER D 660 -28.38 -12.23 15.80
C SER D 660 -29.52 -12.85 15.00
N GLY D 661 -29.76 -14.15 15.13
CA GLY D 661 -30.85 -14.80 14.44
C GLY D 661 -30.51 -15.42 13.10
N ALA D 662 -29.25 -15.77 12.86
CA ALA D 662 -28.91 -16.50 11.65
C ALA D 662 -29.61 -17.86 11.65
N ASP D 663 -30.17 -18.23 10.49
CA ASP D 663 -30.71 -19.57 10.34
C ASP D 663 -29.60 -20.61 10.46
N ALA D 664 -28.43 -20.32 9.91
CA ALA D 664 -27.31 -21.24 9.93
C ALA D 664 -26.02 -20.45 9.87
N LEU D 665 -24.90 -21.16 9.96
CA LEU D 665 -23.58 -20.56 9.83
C LEU D 665 -22.82 -21.24 8.69
N GLU D 666 -21.99 -20.47 8.00
CA GLU D 666 -21.04 -21.01 7.03
C GLU D 666 -19.65 -20.61 7.48
N LEU D 667 -18.81 -21.61 7.74
CA LEU D 667 -17.46 -21.37 8.25
C LEU D 667 -16.51 -21.25 7.07
N ASN D 668 -15.99 -20.05 6.84
CA ASN D 668 -14.99 -19.83 5.81
C ASN D 668 -13.64 -20.31 6.31
N LEU D 669 -13.12 -21.37 5.69
CA LEU D 669 -11.88 -22.01 6.14
C LEU D 669 -10.68 -21.54 5.33
N SER D 670 -10.66 -20.28 4.91
CA SER D 670 -9.63 -19.75 4.05
C SER D 670 -8.61 -18.89 4.81
N SER D 671 -8.52 -19.12 6.12
CA SER D 671 -7.64 -18.25 6.95
C SER D 671 -6.24 -18.86 7.06
N PRO D 672 -5.16 -18.05 7.02
CA PRO D 672 -3.81 -18.57 7.23
C PRO D 672 -3.60 -19.02 8.66
N HIS D 673 -2.76 -20.05 8.83
CA HIS D 673 -2.38 -20.57 10.12
C HIS D 673 -0.89 -20.29 10.38
N GLY D 674 -0.34 -20.92 11.41
CA GLY D 674 0.99 -20.58 11.90
C GLY D 674 2.18 -20.89 11.01
N MET D 675 2.81 -22.05 11.26
CA MET D 675 4.13 -22.33 10.71
C MET D 675 4.07 -22.72 9.23
N GLY D 676 3.09 -23.54 8.84
CA GLY D 676 3.09 -24.12 7.52
C GLY D 676 3.45 -25.59 7.59
N GLU D 677 4.65 -25.87 8.09
CA GLU D 677 5.07 -27.21 8.52
C GLU D 677 5.39 -28.16 7.37
N ARG D 678 4.38 -28.84 6.83
CA ARG D 678 4.63 -30.06 6.06
C ARG D 678 4.01 -29.97 4.67
N GLY D 679 4.35 -28.92 3.91
CA GLY D 679 3.86 -28.74 2.55
C GLY D 679 2.39 -29.04 2.38
N MET D 680 1.61 -28.84 3.44
CA MET D 680 0.19 -29.19 3.47
C MET D 680 -0.68 -27.94 3.33
N GLY D 681 -0.13 -26.87 2.78
CA GLY D 681 -0.89 -25.66 2.55
C GLY D 681 -1.04 -24.79 3.77
N LEU D 682 -0.88 -23.48 3.59
CA LEU D 682 -0.92 -22.53 4.69
C LEU D 682 -2.34 -22.16 5.13
N ALA D 683 -3.36 -22.85 4.61
CA ALA D 683 -4.75 -22.49 4.88
C ALA D 683 -5.41 -23.52 5.79
N CYS D 684 -6.28 -23.04 6.68
CA CYS D 684 -6.99 -23.93 7.59
C CYS D 684 -7.84 -24.94 6.83
N GLY D 685 -8.42 -24.54 5.70
CA GLY D 685 -9.25 -25.44 4.93
C GLY D 685 -8.50 -26.53 4.20
N GLN D 686 -7.18 -26.45 4.17
CA GLN D 686 -6.38 -27.45 3.48
C GLN D 686 -5.88 -28.58 4.39
N ASP D 687 -6.25 -28.56 5.67
CA ASP D 687 -5.87 -29.58 6.62
C ASP D 687 -7.13 -30.17 7.26
N PRO D 688 -7.32 -31.49 7.23
CA PRO D 688 -8.49 -32.06 7.93
C PRO D 688 -8.43 -31.90 9.43
N GLU D 689 -7.23 -32.00 10.02
CA GLU D 689 -7.09 -31.80 11.46
C GLU D 689 -7.69 -30.48 11.91
N LEU D 690 -7.32 -29.39 11.24
CA LEU D 690 -7.77 -28.06 11.64
C LEU D 690 -9.25 -27.87 11.38
N VAL D 691 -9.79 -28.49 10.33
CA VAL D 691 -11.22 -28.33 10.01
C VAL D 691 -12.07 -29.00 11.09
N ARG D 692 -11.70 -30.21 11.50
CA ARG D 692 -12.45 -30.90 12.55
C ARG D 692 -12.35 -30.18 13.88
N ASN D 693 -11.18 -29.60 14.18
CA ASN D 693 -11.03 -28.85 15.43
C ASN D 693 -11.89 -27.60 15.40
N ILE D 694 -11.96 -26.91 14.25
CA ILE D 694 -12.80 -25.71 14.15
C ILE D 694 -14.27 -26.09 14.23
N CYS D 695 -14.69 -27.09 13.46
CA CYS D 695 -16.07 -27.53 13.50
C CYS D 695 -16.46 -28.03 14.90
N ARG D 696 -15.51 -28.57 15.66
CA ARG D 696 -15.82 -29.00 17.02
C ARG D 696 -16.05 -27.80 17.93
N TRP D 697 -15.24 -26.75 17.79
CA TRP D 697 -15.45 -25.54 18.58
C TRP D 697 -16.81 -24.93 18.31
N VAL D 698 -17.10 -24.66 17.03
CA VAL D 698 -18.37 -24.05 16.65
C VAL D 698 -19.55 -24.93 17.06
N ARG D 699 -19.38 -26.25 16.99
CA ARG D 699 -20.46 -27.14 17.42
C ARG D 699 -20.71 -27.01 18.92
N GLN D 700 -19.64 -26.88 19.70
CA GLN D 700 -19.82 -26.61 21.13
C GLN D 700 -20.50 -25.27 21.35
N ALA D 701 -20.17 -24.28 20.53
CA ALA D 701 -20.56 -22.90 20.83
C ALA D 701 -22.04 -22.65 20.57
N VAL D 702 -22.59 -23.21 19.50
CA VAL D 702 -23.92 -22.82 19.02
C VAL D 702 -24.80 -24.05 18.82
N GLN D 703 -26.11 -23.78 18.75
CA GLN D 703 -27.13 -24.79 18.55
C GLN D 703 -27.73 -24.78 17.14
N ILE D 704 -27.38 -23.79 16.32
CA ILE D 704 -27.95 -23.66 14.98
C ILE D 704 -27.13 -24.51 14.01
N PRO D 705 -27.69 -24.93 12.87
CA PRO D 705 -26.90 -25.67 11.90
C PRO D 705 -25.77 -24.81 11.37
N PHE D 706 -24.65 -25.46 11.05
CA PHE D 706 -23.57 -24.74 10.41
C PHE D 706 -22.94 -25.62 9.34
N PHE D 707 -22.26 -24.97 8.40
CA PHE D 707 -21.64 -25.63 7.27
C PHE D 707 -20.19 -25.18 7.15
N ALA D 708 -19.34 -26.09 6.70
CA ALA D 708 -17.94 -25.78 6.44
C ALA D 708 -17.77 -25.55 4.94
N LYS D 709 -17.37 -24.33 4.57
CA LYS D 709 -17.11 -24.02 3.16
C LYS D 709 -15.72 -24.53 2.81
N LEU D 710 -15.67 -25.56 1.97
CA LEU D 710 -14.42 -26.20 1.61
C LEU D 710 -13.74 -25.48 0.45
N THR D 711 -12.43 -25.60 0.39
CA THR D 711 -11.68 -25.04 -0.74
C THR D 711 -11.38 -26.13 -1.76
N PRO D 712 -11.41 -25.83 -3.06
CA PRO D 712 -11.05 -26.85 -4.05
C PRO D 712 -9.56 -27.12 -4.11
N ASN D 713 -8.73 -26.21 -3.59
CA ASN D 713 -7.27 -26.31 -3.67
C ASN D 713 -6.73 -27.27 -2.61
N VAL D 714 -7.17 -28.53 -2.71
CA VAL D 714 -6.70 -29.62 -1.87
C VAL D 714 -6.54 -30.86 -2.74
N THR D 715 -5.59 -31.71 -2.35
CA THR D 715 -5.42 -32.99 -3.04
C THR D 715 -6.67 -33.84 -2.93
N ASP D 716 -7.13 -34.06 -1.71
CA ASP D 716 -8.33 -34.85 -1.44
C ASP D 716 -9.31 -33.97 -0.67
N ILE D 717 -10.41 -33.59 -1.32
CA ILE D 717 -11.39 -32.74 -0.66
C ILE D 717 -12.39 -33.53 0.18
N VAL D 718 -12.61 -34.81 -0.12
CA VAL D 718 -13.43 -35.64 0.76
C VAL D 718 -12.77 -35.75 2.13
N SER D 719 -11.44 -35.79 2.15
CA SER D 719 -10.65 -35.75 3.38
C SER D 719 -11.12 -34.61 4.29
N ILE D 720 -11.37 -33.46 3.69
CA ILE D 720 -11.76 -32.30 4.48
C ILE D 720 -13.25 -32.37 4.81
N ALA D 721 -14.09 -32.73 3.84
CA ALA D 721 -15.52 -32.83 4.08
C ALA D 721 -15.81 -33.81 5.21
N ARG D 722 -15.08 -34.92 5.26
CA ARG D 722 -15.27 -35.89 6.32
C ARG D 722 -14.87 -35.32 7.67
N ALA D 723 -13.72 -34.63 7.73
CA ALA D 723 -13.28 -34.03 8.99
C ALA D 723 -14.27 -33.00 9.49
N ALA D 724 -14.94 -32.29 8.57
CA ALA D 724 -15.97 -31.35 8.99
C ALA D 724 -17.16 -32.09 9.59
N LYS D 725 -17.54 -33.22 8.99
CA LYS D 725 -18.63 -34.02 9.54
C LYS D 725 -18.26 -34.62 10.89
N GLU D 726 -17.00 -35.02 11.06
CA GLU D 726 -16.55 -35.52 12.34
C GLU D 726 -16.59 -34.43 13.40
N GLY D 727 -16.14 -33.22 13.04
CA GLY D 727 -16.17 -32.09 13.96
C GLY D 727 -17.55 -31.63 14.37
N GLY D 728 -18.58 -32.03 13.64
CA GLY D 728 -19.95 -31.72 14.02
C GLY D 728 -20.75 -30.93 12.98
N ALA D 729 -20.17 -30.62 11.82
CA ALA D 729 -20.86 -29.83 10.83
C ALA D 729 -22.10 -30.56 10.32
N ASP D 730 -23.14 -29.78 10.03
CA ASP D 730 -24.39 -30.30 9.51
C ASP D 730 -24.42 -30.33 7.98
N GLY D 731 -23.26 -30.20 7.36
CA GLY D 731 -23.15 -30.12 5.92
C GLY D 731 -21.95 -29.30 5.52
N VAL D 732 -21.66 -29.31 4.22
CA VAL D 732 -20.54 -28.55 3.68
C VAL D 732 -21.01 -27.77 2.48
N THR D 733 -20.27 -26.71 2.17
CA THR D 733 -20.45 -25.93 0.95
C THR D 733 -19.29 -26.24 0.02
N ALA D 734 -19.61 -26.71 -1.19
CA ALA D 734 -18.60 -27.11 -2.17
C ALA D 734 -18.84 -26.37 -3.47
N THR D 735 -17.91 -25.49 -3.85
CA THR D 735 -16.69 -25.08 -3.13
C THR D 735 -16.44 -23.59 -3.25
N ASN D 736 -15.35 -23.15 -2.62
CA ASN D 736 -14.86 -21.78 -2.78
C ASN D 736 -14.15 -21.66 -4.13
N THR D 737 -13.42 -20.57 -4.32
CA THR D 737 -12.77 -20.30 -5.59
C THR D 737 -11.50 -21.14 -5.75
N VAL D 738 -11.13 -21.35 -7.01
CA VAL D 738 -9.93 -22.10 -7.37
C VAL D 738 -8.75 -21.13 -7.40
N SER D 739 -7.66 -21.49 -6.72
CA SER D 739 -6.48 -20.63 -6.71
C SER D 739 -5.84 -20.60 -8.10
N GLY D 740 -5.64 -19.40 -8.62
CA GLY D 740 -5.09 -19.27 -9.95
C GLY D 740 -4.54 -17.88 -10.19
N LEU D 741 -4.13 -17.66 -11.44
CA LEU D 741 -3.52 -16.42 -11.89
C LEU D 741 -4.04 -16.15 -13.29
N MET D 742 -4.85 -15.10 -13.44
CA MET D 742 -5.63 -14.93 -14.67
C MET D 742 -4.72 -14.76 -15.88
N GLY D 743 -3.84 -13.78 -15.86
CA GLY D 743 -2.94 -13.58 -16.99
C GLY D 743 -2.03 -12.39 -16.76
N LEU D 744 -1.18 -12.14 -17.76
CA LEU D 744 -0.28 -11.00 -17.77
C LEU D 744 -0.43 -10.24 -19.07
N LYS D 745 -0.16 -8.93 -19.00
CA LYS D 745 -0.03 -8.15 -20.21
C LYS D 745 1.24 -8.55 -20.96
N ALA D 746 1.41 -8.01 -22.16
CA ALA D 746 2.57 -8.38 -22.97
C ALA D 746 3.86 -7.85 -22.36
N ASP D 747 3.79 -6.74 -21.62
CA ASP D 747 4.97 -6.26 -20.91
C ASP D 747 5.31 -7.09 -19.68
N GLY D 748 4.57 -8.16 -19.41
CA GLY D 748 4.79 -8.98 -18.24
C GLY D 748 4.06 -8.54 -16.99
N THR D 749 3.48 -7.34 -16.99
CA THR D 749 2.77 -6.88 -15.80
C THR D 749 1.41 -7.55 -15.70
N PRO D 750 0.97 -7.87 -14.49
CA PRO D 750 -0.23 -8.69 -14.31
C PRO D 750 -1.51 -7.85 -14.34
N TRP D 751 -2.62 -8.57 -14.29
CA TRP D 751 -3.95 -7.97 -14.14
C TRP D 751 -4.79 -8.90 -13.28
N PRO D 752 -5.27 -8.43 -12.11
CA PRO D 752 -5.24 -7.06 -11.59
C PRO D 752 -3.84 -6.59 -11.19
N ALA D 753 -3.57 -5.30 -11.36
CA ALA D 753 -2.28 -4.71 -11.04
C ALA D 753 -2.50 -3.61 -10.01
N VAL D 754 -2.03 -3.83 -8.78
CA VAL D 754 -2.26 -2.92 -7.67
C VAL D 754 -1.04 -2.02 -7.51
N GLY D 755 -1.28 -0.72 -7.39
CA GLY D 755 -0.22 0.22 -7.07
C GLY D 755 0.70 0.53 -8.24
N ALA D 756 1.62 1.47 -8.00
CA ALA D 756 2.56 1.87 -9.03
C ALA D 756 3.56 0.77 -9.34
N GLY D 757 3.82 -0.12 -8.38
CA GLY D 757 4.67 -1.26 -8.65
C GLY D 757 4.08 -2.31 -9.53
N LYS D 758 2.81 -2.17 -9.93
CA LYS D 758 2.09 -3.13 -10.74
C LYS D 758 2.16 -4.53 -10.14
N ARG D 759 1.99 -4.60 -8.82
CA ARG D 759 2.09 -5.85 -8.09
C ARG D 759 0.75 -6.56 -8.04
N THR D 760 0.78 -7.83 -7.66
CA THR D 760 -0.43 -8.63 -7.55
C THR D 760 -0.14 -9.83 -6.66
N THR D 761 -1.18 -10.62 -6.42
CA THR D 761 -1.06 -11.85 -5.66
C THR D 761 -2.01 -12.86 -6.28
N TYR D 762 -1.93 -14.11 -5.80
CA TYR D 762 -2.77 -15.17 -6.34
C TYR D 762 -4.22 -14.93 -5.97
N GLY D 763 -5.10 -14.94 -6.98
CA GLY D 763 -6.51 -14.70 -6.80
C GLY D 763 -7.31 -15.98 -6.82
N GLY D 764 -8.63 -15.81 -6.91
CA GLY D 764 -9.53 -16.94 -6.95
C GLY D 764 -10.42 -16.93 -8.17
N VAL D 765 -10.38 -17.99 -8.96
CA VAL D 765 -11.18 -18.07 -10.18
C VAL D 765 -12.59 -18.52 -9.82
N SER D 766 -13.58 -17.75 -10.24
CA SER D 766 -14.99 -18.09 -10.10
C SER D 766 -15.61 -18.22 -11.48
N GLY D 767 -16.91 -18.50 -11.53
CA GLY D 767 -17.60 -18.59 -12.79
C GLY D 767 -17.64 -19.99 -13.35
N THR D 768 -18.22 -20.10 -14.55
CA THR D 768 -18.46 -21.39 -15.17
C THR D 768 -17.19 -22.13 -15.55
N ALA D 769 -16.03 -21.45 -15.56
CA ALA D 769 -14.79 -22.14 -15.87
C ALA D 769 -14.42 -23.16 -14.79
N ILE D 770 -14.83 -22.92 -13.54
CA ILE D 770 -14.55 -23.85 -12.46
C ILE D 770 -15.72 -24.79 -12.18
N ARG D 771 -16.76 -24.74 -12.99
CA ARG D 771 -17.87 -25.68 -12.83
C ARG D 771 -17.42 -27.14 -12.91
N PRO D 772 -16.54 -27.56 -13.84
CA PRO D 772 -16.05 -28.95 -13.78
C PRO D 772 -15.38 -29.30 -12.47
N ILE D 773 -14.68 -28.34 -11.86
CA ILE D 773 -14.01 -28.62 -10.59
C ILE D 773 -15.02 -28.74 -9.47
N ALA D 774 -15.89 -27.74 -9.33
CA ALA D 774 -16.90 -27.77 -8.27
C ALA D 774 -17.82 -28.97 -8.42
N LEU D 775 -18.07 -29.39 -9.66
CA LEU D 775 -18.91 -30.56 -9.90
C LEU D 775 -18.20 -31.84 -9.48
N ARG D 776 -16.88 -31.93 -9.69
CA ARG D 776 -16.13 -33.06 -9.15
C ARG D 776 -16.21 -33.05 -7.63
N ALA D 777 -16.06 -31.87 -7.02
CA ALA D 777 -16.07 -31.79 -5.57
C ALA D 777 -17.40 -32.26 -4.99
N VAL D 778 -18.51 -31.88 -5.61
CA VAL D 778 -19.82 -32.21 -5.06
C VAL D 778 -20.12 -33.70 -5.23
N THR D 779 -19.96 -34.21 -6.45
CA THR D 779 -20.25 -35.63 -6.70
C THR D 779 -19.38 -36.55 -5.86
N THR D 780 -18.09 -36.23 -5.73
CA THR D 780 -17.20 -37.08 -4.95
C THR D 780 -17.54 -37.05 -3.46
N ILE D 781 -18.05 -35.94 -2.95
CA ILE D 781 -18.42 -35.87 -1.54
C ILE D 781 -19.77 -36.55 -1.32
N ALA D 782 -20.71 -36.38 -2.26
CA ALA D 782 -21.98 -37.08 -2.16
C ALA D 782 -21.78 -38.59 -2.18
N ARG D 783 -20.81 -39.06 -2.98
CA ARG D 783 -20.57 -40.50 -3.07
C ARG D 783 -19.96 -41.05 -1.80
N ALA D 784 -19.03 -40.31 -1.19
CA ALA D 784 -18.32 -40.81 -0.01
C ALA D 784 -19.11 -40.59 1.28
N LEU D 785 -19.96 -39.58 1.33
CA LEU D 785 -20.78 -39.29 2.50
C LEU D 785 -22.24 -39.22 2.08
N PRO D 786 -22.86 -40.37 1.77
CA PRO D 786 -24.24 -40.36 1.28
C PRO D 786 -25.23 -39.79 2.29
N GLY D 787 -25.85 -38.67 1.96
CA GLY D 787 -26.81 -38.03 2.82
C GLY D 787 -26.33 -36.76 3.47
N PHE D 788 -25.02 -36.57 3.57
CA PHE D 788 -24.45 -35.36 4.13
C PHE D 788 -24.88 -34.16 3.30
N PRO D 789 -25.59 -33.19 3.88
CA PRO D 789 -26.08 -32.04 3.07
C PRO D 789 -24.94 -31.30 2.40
N ILE D 790 -25.15 -30.95 1.13
CA ILE D 790 -24.16 -30.26 0.31
C ILE D 790 -24.78 -28.99 -0.25
N LEU D 791 -24.10 -27.86 -0.06
CA LEU D 791 -24.47 -26.58 -0.66
C LEU D 791 -23.53 -26.33 -1.84
N ALA D 792 -24.05 -26.49 -3.06
CA ALA D 792 -23.20 -26.42 -4.24
C ALA D 792 -22.82 -24.98 -4.56
N THR D 793 -21.61 -24.82 -5.10
CA THR D 793 -21.08 -23.50 -5.44
C THR D 793 -20.02 -23.64 -6.52
N GLY D 794 -20.17 -22.89 -7.60
CA GLY D 794 -19.16 -22.90 -8.65
C GLY D 794 -19.70 -22.92 -10.06
N GLY D 795 -19.86 -21.75 -10.66
CA GLY D 795 -20.30 -21.67 -12.04
C GLY D 795 -21.74 -22.04 -12.28
N ILE D 796 -22.58 -21.97 -11.26
CA ILE D 796 -24.01 -22.20 -11.45
C ILE D 796 -24.63 -20.93 -12.03
N ASP D 797 -25.18 -21.04 -13.25
CA ASP D 797 -25.70 -19.85 -13.91
C ASP D 797 -27.05 -20.06 -14.58
N SER D 798 -27.76 -21.15 -14.26
CA SER D 798 -29.05 -21.44 -14.89
C SER D 798 -29.75 -22.52 -14.09
N ALA D 799 -31.02 -22.76 -14.43
CA ALA D 799 -31.76 -23.88 -13.84
C ALA D 799 -31.18 -25.21 -14.29
N GLU D 800 -30.85 -25.32 -15.58
CA GLU D 800 -30.24 -26.55 -16.09
C GLU D 800 -28.94 -26.88 -15.36
N SER D 801 -28.04 -25.90 -15.25
CA SER D 801 -26.80 -26.13 -14.51
C SER D 801 -27.10 -26.47 -13.05
N GLY D 802 -28.03 -25.75 -12.42
CA GLY D 802 -28.39 -26.06 -11.05
C GLY D 802 -28.98 -27.44 -10.88
N LEU D 803 -29.71 -27.93 -11.88
CA LEU D 803 -30.21 -29.30 -11.85
C LEU D 803 -29.07 -30.30 -11.93
N GLN D 804 -27.98 -29.94 -12.63
CA GLN D 804 -26.81 -30.82 -12.66
C GLN D 804 -26.21 -30.98 -11.27
N PHE D 805 -26.05 -29.86 -10.55
CA PHE D 805 -25.53 -29.93 -9.20
C PHE D 805 -26.51 -30.61 -8.25
N LEU D 806 -27.82 -30.44 -8.48
CA LEU D 806 -28.80 -31.17 -7.68
C LEU D 806 -28.71 -32.67 -7.95
N HIS D 807 -28.71 -33.06 -9.24
CA HIS D 807 -28.51 -34.45 -9.63
C HIS D 807 -27.20 -35.03 -9.07
N SER D 808 -26.31 -34.18 -8.54
CA SER D 808 -24.98 -34.58 -8.11
C SER D 808 -24.88 -34.85 -6.61
N GLY D 809 -25.90 -34.54 -5.83
CA GLY D 809 -25.84 -34.72 -4.38
C GLY D 809 -25.97 -33.43 -3.58
N ALA D 810 -26.10 -32.27 -4.21
CA ALA D 810 -26.31 -31.01 -3.52
C ALA D 810 -27.79 -30.75 -3.35
N SER D 811 -28.14 -30.04 -2.27
CA SER D 811 -29.54 -29.72 -2.00
C SER D 811 -29.90 -28.29 -2.33
N VAL D 812 -28.97 -27.35 -2.20
CA VAL D 812 -29.20 -25.94 -2.50
C VAL D 812 -28.01 -25.43 -3.30
N LEU D 813 -28.21 -24.28 -3.95
CA LEU D 813 -27.30 -23.78 -4.97
C LEU D 813 -26.92 -22.34 -4.67
N GLN D 814 -25.65 -22.12 -4.31
CA GLN D 814 -25.13 -20.77 -4.12
C GLN D 814 -24.65 -20.22 -5.46
N VAL D 815 -24.83 -18.92 -5.66
CA VAL D 815 -24.60 -18.28 -6.95
C VAL D 815 -23.90 -16.94 -6.73
N CYS D 816 -22.86 -16.66 -7.51
CA CYS D 816 -22.23 -15.35 -7.46
C CYS D 816 -21.91 -14.79 -8.84
N SER D 817 -21.04 -15.48 -9.59
CA SER D 817 -20.57 -14.93 -10.86
C SER D 817 -21.73 -14.68 -11.84
N ALA D 818 -22.73 -15.57 -11.83
CA ALA D 818 -23.87 -15.41 -12.73
C ALA D 818 -24.63 -14.11 -12.45
N VAL D 819 -24.56 -13.61 -11.22
CA VAL D 819 -25.16 -12.32 -10.89
C VAL D 819 -24.22 -11.17 -11.24
N GLN D 820 -22.90 -11.38 -11.04
CA GLN D 820 -21.92 -10.38 -11.44
C GLN D 820 -22.02 -10.11 -12.93
N ASN D 821 -22.31 -11.13 -13.73
CA ASN D 821 -22.51 -11.01 -15.16
C ASN D 821 -23.89 -10.45 -15.53
N GLN D 822 -24.66 -10.00 -14.54
CA GLN D 822 -26.04 -9.62 -14.80
C GLN D 822 -26.60 -8.77 -13.67
N ASP D 823 -27.59 -9.30 -12.95
CA ASP D 823 -28.27 -8.59 -11.87
C ASP D 823 -29.05 -9.63 -11.08
N PHE D 824 -29.78 -9.16 -10.06
CA PHE D 824 -30.47 -10.04 -9.14
C PHE D 824 -31.67 -10.73 -9.78
N THR D 825 -32.20 -10.21 -10.88
CA THR D 825 -33.47 -10.73 -11.41
C THR D 825 -33.31 -12.01 -12.22
N VAL D 826 -32.10 -12.57 -12.32
CA VAL D 826 -31.96 -13.89 -12.94
C VAL D 826 -32.69 -14.96 -12.14
N ILE D 827 -33.08 -14.65 -10.90
CA ILE D 827 -33.73 -15.64 -10.04
C ILE D 827 -35.06 -16.08 -10.66
N GLN D 828 -35.76 -15.17 -11.33
CA GLN D 828 -37.03 -15.56 -11.93
C GLN D 828 -36.82 -16.50 -13.11
N ASP D 829 -35.65 -16.43 -13.76
CA ASP D 829 -35.34 -17.40 -14.79
C ASP D 829 -34.96 -18.75 -14.19
N TYR D 830 -34.25 -18.74 -13.05
CA TYR D 830 -33.85 -19.99 -12.42
C TYR D 830 -35.05 -20.72 -11.85
N CYS D 831 -36.02 -19.98 -11.33
CA CYS D 831 -37.20 -20.61 -10.73
C CYS D 831 -38.14 -21.15 -11.80
N THR D 832 -38.52 -20.32 -12.78
CA THR D 832 -39.35 -20.81 -13.88
C THR D 832 -38.66 -21.93 -14.63
N GLY D 833 -37.34 -21.84 -14.79
CA GLY D 833 -36.61 -22.89 -15.47
C GLY D 833 -36.60 -24.21 -14.71
N LEU D 834 -36.42 -24.13 -13.39
CA LEU D 834 -36.43 -25.37 -12.60
C LEU D 834 -37.83 -25.98 -12.56
N LYS D 835 -38.88 -25.14 -12.52
CA LYS D 835 -40.24 -25.64 -12.57
C LYS D 835 -40.51 -26.38 -13.87
N ALA D 836 -40.05 -25.82 -14.99
CA ALA D 836 -40.26 -26.45 -16.29
C ALA D 836 -39.54 -27.78 -16.38
N LEU D 837 -38.25 -27.80 -16.01
CA LEU D 837 -37.50 -29.05 -16.02
C LEU D 837 -38.18 -30.12 -15.19
N LEU D 838 -38.74 -29.74 -14.03
CA LEU D 838 -39.45 -30.70 -13.21
C LEU D 838 -40.79 -31.09 -13.83
N TYR D 839 -41.50 -30.12 -14.41
CA TYR D 839 -42.78 -30.43 -15.04
C TYR D 839 -42.61 -31.34 -16.24
N LEU D 840 -41.51 -31.19 -16.99
CA LEU D 840 -41.33 -31.96 -18.21
C LEU D 840 -40.99 -33.42 -17.90
N LYS D 841 -40.37 -33.69 -16.75
CA LYS D 841 -40.07 -35.07 -16.38
C LYS D 841 -41.31 -35.92 -16.22
N SER D 842 -42.48 -35.30 -16.07
CA SER D 842 -43.74 -36.01 -15.91
C SER D 842 -44.47 -36.22 -17.22
N ILE D 843 -43.89 -35.84 -18.35
CA ILE D 843 -44.54 -35.88 -19.66
C ILE D 843 -43.94 -37.02 -20.46
N GLU D 844 -44.77 -38.02 -20.79
CA GLU D 844 -44.31 -39.15 -21.59
C GLU D 844 -44.10 -38.78 -23.05
N GLU D 845 -44.77 -37.73 -23.52
CA GLU D 845 -44.66 -37.35 -24.93
C GLU D 845 -43.31 -36.69 -25.24
N LEU D 846 -42.67 -36.09 -24.25
CA LEU D 846 -41.45 -35.32 -24.47
C LEU D 846 -40.21 -35.99 -23.90
N GLN D 847 -40.22 -37.32 -23.77
CA GLN D 847 -39.07 -38.01 -23.21
C GLN D 847 -37.83 -37.85 -24.08
N GLY D 848 -38.01 -37.67 -25.38
CA GLY D 848 -36.89 -37.56 -26.30
C GLY D 848 -36.15 -36.23 -26.25
N TRP D 849 -36.68 -35.24 -25.55
CA TRP D 849 -35.97 -33.99 -25.35
C TRP D 849 -34.84 -34.18 -24.34
N ASP D 850 -33.92 -33.23 -24.33
CA ASP D 850 -32.93 -33.10 -23.26
C ASP D 850 -33.37 -31.89 -22.45
N GLY D 851 -34.04 -32.15 -21.33
CA GLY D 851 -34.62 -31.08 -20.55
C GLY D 851 -35.65 -30.31 -21.35
N GLN D 852 -35.30 -29.09 -21.75
CA GLN D 852 -36.20 -28.22 -22.50
C GLN D 852 -35.86 -28.14 -23.98
N SER D 853 -34.76 -28.76 -24.41
CA SER D 853 -34.35 -28.72 -25.81
C SER D 853 -34.94 -29.91 -26.56
N PRO D 854 -35.76 -29.71 -27.59
CA PRO D 854 -36.30 -30.85 -28.33
C PRO D 854 -35.24 -31.54 -29.15
N GLY D 855 -35.58 -32.74 -29.61
CA GLY D 855 -34.68 -33.51 -30.46
C GLY D 855 -34.30 -32.76 -31.72
N THR D 856 -33.00 -32.65 -31.97
CA THR D 856 -32.50 -31.94 -33.15
C THR D 856 -32.81 -32.73 -34.43
N GLU D 857 -33.63 -32.16 -35.30
CA GLU D 857 -33.90 -32.76 -36.61
C GLU D 857 -33.06 -32.09 -37.69
N SER D 858 -32.94 -32.78 -38.82
CA SER D 858 -32.11 -32.32 -39.92
C SER D 858 -32.49 -30.89 -40.32
N HIS D 859 -31.54 -29.98 -40.19
CA HIS D 859 -31.81 -28.56 -40.37
C HIS D 859 -30.62 -27.89 -41.04
N GLN D 860 -30.91 -26.83 -41.79
CA GLN D 860 -29.90 -25.90 -42.28
C GLN D 860 -30.44 -24.50 -42.08
N LYS D 861 -29.70 -23.66 -41.33
CA LYS D 861 -30.13 -22.30 -41.00
C LYS D 861 -31.38 -22.30 -40.14
N GLY D 862 -31.46 -23.23 -39.20
CA GLY D 862 -32.63 -23.35 -38.34
C GLY D 862 -33.91 -23.73 -39.05
N LYS D 863 -33.81 -24.24 -40.28
CA LYS D 863 -34.96 -24.61 -41.09
C LYS D 863 -34.88 -26.09 -41.45
N PRO D 864 -35.96 -26.84 -41.33
CA PRO D 864 -35.91 -28.28 -41.66
C PRO D 864 -35.49 -28.51 -43.10
N VAL D 865 -34.73 -29.58 -43.30
CA VAL D 865 -34.31 -30.04 -44.62
C VAL D 865 -35.44 -30.89 -45.21
N PRO D 866 -35.78 -30.74 -46.48
CA PRO D 866 -36.88 -31.53 -47.04
C PRO D 866 -36.54 -33.01 -47.07
N ARG D 867 -37.47 -33.84 -46.56
CA ARG D 867 -37.34 -35.29 -46.68
C ARG D 867 -38.04 -35.72 -47.97
N ILE D 868 -37.33 -35.53 -49.08
CA ILE D 868 -37.72 -36.07 -50.37
C ILE D 868 -36.75 -37.18 -50.71
N ALA D 869 -37.16 -38.06 -51.62
CA ALA D 869 -36.34 -39.24 -51.95
C ALA D 869 -35.13 -38.87 -52.81
N GLU D 870 -35.33 -38.02 -53.82
CA GLU D 870 -34.26 -37.69 -54.76
C GLU D 870 -33.16 -36.83 -54.15
N LEU D 871 -33.40 -36.22 -52.99
CA LEU D 871 -32.42 -35.34 -52.35
C LEU D 871 -31.44 -36.11 -51.49
N MET D 872 -31.87 -37.19 -50.88
CA MET D 872 -31.14 -37.77 -49.76
C MET D 872 -30.47 -39.08 -50.16
N GLY D 873 -29.21 -39.22 -49.77
CA GLY D 873 -28.35 -40.30 -50.21
C GLY D 873 -27.61 -40.02 -51.51
N LYS D 874 -27.74 -38.80 -52.06
CA LYS D 874 -27.33 -38.49 -53.43
C LYS D 874 -26.12 -37.57 -53.50
N LYS D 875 -25.50 -37.23 -52.36
CA LYS D 875 -24.35 -36.33 -52.29
C LYS D 875 -24.64 -34.98 -52.95
N LEU D 876 -25.34 -34.11 -52.22
CA LEU D 876 -25.68 -32.77 -52.72
C LEU D 876 -25.52 -31.79 -51.58
N PRO D 877 -24.32 -31.22 -51.41
CA PRO D 877 -24.15 -30.15 -50.42
C PRO D 877 -24.87 -28.89 -50.86
N ASN D 878 -24.93 -27.92 -49.95
CA ASN D 878 -25.70 -26.70 -50.17
C ASN D 878 -24.88 -25.58 -50.78
N PHE D 879 -24.12 -25.87 -51.84
CA PHE D 879 -23.35 -24.82 -52.50
C PHE D 879 -23.19 -25.14 -53.97
N GLY D 880 -22.93 -24.09 -54.75
CA GLY D 880 -22.60 -24.20 -56.14
C GLY D 880 -23.61 -24.97 -56.95
N PRO D 881 -23.14 -25.77 -57.91
CA PRO D 881 -24.08 -26.55 -58.74
C PRO D 881 -24.88 -27.55 -57.93
N TYR D 882 -24.32 -28.07 -56.83
CA TYR D 882 -25.07 -28.98 -55.99
C TYR D 882 -26.30 -28.30 -55.40
N LEU D 883 -26.18 -27.01 -55.08
CA LEU D 883 -27.33 -26.27 -54.57
C LEU D 883 -28.34 -25.97 -55.67
N GLU D 884 -27.86 -25.73 -56.89
CA GLU D 884 -28.77 -25.52 -58.01
C GLU D 884 -29.60 -26.77 -58.26
N GLN D 885 -28.95 -27.93 -58.30
CA GLN D 885 -29.67 -29.20 -58.39
C GLN D 885 -30.73 -29.35 -57.30
N ARG D 886 -30.30 -29.23 -56.04
CA ARG D 886 -31.19 -29.26 -54.89
C ARG D 886 -32.42 -28.40 -55.09
N LYS D 887 -32.23 -27.18 -55.57
CA LYS D 887 -33.37 -26.31 -55.85
C LYS D 887 -34.23 -26.88 -56.97
N LYS D 888 -33.63 -27.60 -57.92
CA LYS D 888 -34.44 -28.14 -59.01
C LYS D 888 -35.36 -29.25 -58.53
N ILE D 889 -34.83 -30.19 -57.73
CA ILE D 889 -35.66 -31.26 -57.20
C ILE D 889 -36.74 -30.68 -56.29
N ILE D 890 -36.41 -29.67 -55.49
CA ILE D 890 -37.40 -29.11 -54.57
C ILE D 890 -38.49 -28.34 -55.34
N ALA D 891 -38.12 -27.67 -56.43
CA ALA D 891 -39.14 -26.96 -57.21
C ALA D 891 -40.06 -27.92 -57.94
N GLU D 892 -39.57 -29.12 -58.27
CA GLU D 892 -40.40 -30.09 -58.99
C GLU D 892 -41.34 -30.83 -58.04
N GLU D 893 -40.87 -31.18 -56.84
CA GLU D 893 -41.77 -31.78 -55.87
C GLU D 893 -42.88 -30.84 -55.44
N LYS D 894 -42.68 -29.52 -55.58
CA LYS D 894 -43.74 -28.56 -55.31
C LYS D 894 -44.75 -28.47 -56.45
N MET D 895 -44.38 -28.90 -57.65
CA MET D 895 -45.35 -29.03 -58.73
C MET D 895 -46.10 -30.35 -58.65
N ARG D 896 -45.43 -31.41 -58.18
CA ARG D 896 -46.12 -32.68 -57.94
C ARG D 896 -47.08 -32.55 -56.76
N LEU D 897 -46.60 -31.99 -55.65
CA LEU D 897 -47.45 -31.79 -54.47
C LEU D 897 -48.64 -30.89 -54.77
N LYS D 898 -48.60 -30.16 -55.89
CA LYS D 898 -49.77 -29.36 -56.30
C LYS D 898 -50.95 -30.25 -56.65
N GLU D 899 -50.69 -31.47 -57.14
CA GLU D 899 -51.74 -32.43 -57.50
C GLU D 899 -51.90 -33.54 -56.47
N GLN D 900 -50.81 -34.20 -56.07
CA GLN D 900 -50.87 -35.12 -54.95
C GLN D 900 -51.06 -34.27 -53.70
N ASN D 901 -52.31 -33.87 -53.48
CA ASN D 901 -52.67 -32.65 -52.79
C ASN D 901 -53.32 -33.00 -51.45
N ALA D 902 -52.84 -32.37 -50.38
CA ALA D 902 -53.23 -32.83 -49.04
C ALA D 902 -53.06 -31.65 -48.08
N ALA D 903 -54.03 -30.75 -48.10
CA ALA D 903 -54.07 -29.72 -47.07
C ALA D 903 -54.96 -30.26 -45.96
N PHE D 904 -54.97 -31.56 -45.77
CA PHE D 904 -56.19 -32.00 -45.11
C PHE D 904 -56.09 -32.81 -43.81
N PRO D 905 -54.97 -33.40 -43.42
CA PRO D 905 -54.97 -34.10 -42.13
C PRO D 905 -54.21 -33.32 -41.06
N PRO D 906 -54.78 -32.21 -40.53
CA PRO D 906 -54.12 -31.55 -39.41
C PRO D 906 -54.31 -32.35 -38.13
N LEU D 907 -54.29 -31.68 -36.98
CA LEU D 907 -54.35 -32.37 -35.71
C LEU D 907 -55.23 -31.59 -34.76
N GLU D 908 -55.94 -32.31 -33.91
CA GLU D 908 -56.68 -31.69 -32.81
C GLU D 908 -55.70 -31.43 -31.67
N ARG D 909 -55.40 -30.15 -31.44
CA ARG D 909 -54.35 -29.77 -30.50
C ARG D 909 -54.83 -30.03 -29.08
N LYS D 910 -54.36 -31.12 -28.49
CA LYS D 910 -54.69 -31.49 -27.12
C LYS D 910 -53.42 -31.49 -26.30
N PRO D 911 -53.32 -30.67 -25.25
CA PRO D 911 -52.06 -30.55 -24.52
C PRO D 911 -51.68 -31.85 -23.84
N PHE D 912 -50.38 -32.06 -23.69
CA PHE D 912 -49.91 -33.23 -22.97
C PHE D 912 -50.30 -33.12 -21.50
N ILE D 913 -50.61 -34.26 -20.91
CA ILE D 913 -51.04 -34.33 -19.51
C ILE D 913 -49.96 -35.01 -18.71
N PRO D 914 -49.54 -34.45 -17.57
CA PRO D 914 -48.59 -35.16 -16.69
C PRO D 914 -49.08 -36.55 -16.33
N LYS D 915 -48.43 -37.58 -16.85
CA LYS D 915 -48.82 -38.96 -16.58
C LYS D 915 -48.07 -39.54 -15.37
N LYS D 916 -47.78 -38.70 -14.38
CA LYS D 916 -47.21 -39.07 -13.10
C LYS D 916 -47.13 -37.79 -12.25
N PRO D 917 -47.00 -37.90 -10.92
CA PRO D 917 -46.80 -36.68 -10.12
C PRO D 917 -45.47 -36.01 -10.46
N ILE D 918 -45.46 -34.69 -10.33
CA ILE D 918 -44.30 -33.91 -10.72
C ILE D 918 -43.20 -34.11 -9.67
N PRO D 919 -41.98 -34.45 -10.07
CA PRO D 919 -40.93 -34.70 -9.09
C PRO D 919 -40.62 -33.47 -8.24
N ALA D 920 -40.15 -33.72 -7.03
CA ALA D 920 -39.67 -32.67 -6.15
C ALA D 920 -38.15 -32.61 -6.18
N ILE D 921 -37.59 -31.55 -5.60
CA ILE D 921 -36.14 -31.43 -5.52
C ILE D 921 -35.55 -32.68 -4.89
N LYS D 922 -36.15 -33.12 -3.77
CA LYS D 922 -35.71 -34.34 -3.11
C LYS D 922 -35.77 -35.56 -4.02
N ASP D 923 -36.63 -35.54 -5.03
CA ASP D 923 -36.74 -36.67 -5.95
C ASP D 923 -35.66 -36.67 -7.03
N VAL D 924 -34.86 -35.60 -7.13
CA VAL D 924 -33.79 -35.55 -8.12
C VAL D 924 -32.41 -35.50 -7.49
N ILE D 925 -32.28 -35.14 -6.21
CA ILE D 925 -30.95 -35.06 -5.58
C ILE D 925 -30.28 -36.41 -5.65
N GLY D 926 -29.04 -36.43 -6.15
CA GLY D 926 -28.21 -37.62 -6.18
C GLY D 926 -28.50 -38.60 -7.29
N LYS D 927 -29.49 -38.35 -8.15
CA LYS D 927 -29.93 -39.33 -9.13
C LYS D 927 -28.87 -39.64 -10.19
N ALA D 928 -27.83 -38.83 -10.30
CA ALA D 928 -26.79 -39.05 -11.30
C ALA D 928 -25.59 -39.82 -10.78
N LEU D 929 -25.52 -40.05 -9.47
CA LEU D 929 -24.37 -40.75 -8.90
C LEU D 929 -24.34 -42.21 -9.29
N GLN D 930 -25.47 -42.79 -9.70
CA GLN D 930 -25.49 -44.17 -10.18
C GLN D 930 -24.63 -44.34 -11.42
N TYR D 931 -24.35 -43.27 -12.16
CA TYR D 931 -23.55 -43.34 -13.37
C TYR D 931 -22.06 -43.16 -13.11
N LEU D 932 -21.69 -42.64 -11.93
CA LEU D 932 -20.28 -42.42 -11.63
C LEU D 932 -19.63 -43.73 -11.19
N GLY D 933 -18.30 -43.73 -11.20
CA GLY D 933 -17.55 -44.89 -10.77
C GLY D 933 -16.10 -44.75 -11.15
N THR D 934 -15.36 -45.83 -10.93
CA THR D 934 -13.97 -45.88 -11.35
C THR D 934 -13.88 -46.15 -12.85
N PHE D 935 -12.66 -46.04 -13.38
CA PHE D 935 -12.44 -46.42 -14.77
C PHE D 935 -12.77 -47.89 -15.00
N GLY D 936 -12.35 -48.76 -14.07
CA GLY D 936 -12.56 -50.18 -14.24
C GLY D 936 -14.01 -50.57 -14.45
N GLU D 937 -14.93 -49.81 -13.87
CA GLU D 937 -16.34 -50.05 -14.08
C GLU D 937 -16.82 -49.63 -15.46
N LEU D 938 -15.98 -49.00 -16.27
CA LEU D 938 -16.36 -48.56 -17.60
C LEU D 938 -16.07 -49.65 -18.62
N SER D 939 -17.09 -49.96 -19.43
CA SER D 939 -16.92 -50.97 -20.46
C SER D 939 -16.00 -50.47 -21.57
N ASN D 940 -14.84 -51.11 -21.73
CA ASN D 940 -14.07 -50.98 -22.96
C ASN D 940 -14.52 -51.98 -24.01
N ILE D 941 -15.54 -52.77 -23.70
CA ILE D 941 -16.12 -53.71 -24.64
C ILE D 941 -17.12 -53.01 -25.56
N GLU D 942 -17.94 -52.12 -25.00
CA GLU D 942 -18.97 -51.42 -25.77
C GLU D 942 -18.39 -50.12 -26.29
N GLN D 943 -17.97 -50.13 -27.56
CA GLN D 943 -17.34 -48.99 -28.20
C GLN D 943 -18.33 -48.28 -29.12
N VAL D 944 -17.95 -47.08 -29.55
CA VAL D 944 -18.77 -46.25 -30.42
C VAL D 944 -17.90 -45.71 -31.55
N VAL D 945 -18.57 -45.23 -32.60
CA VAL D 945 -17.91 -44.53 -33.70
C VAL D 945 -18.76 -43.31 -34.05
N ALA D 946 -18.11 -42.33 -34.67
CA ALA D 946 -18.82 -41.16 -35.16
C ALA D 946 -19.53 -41.50 -36.46
N VAL D 947 -20.66 -40.84 -36.69
CA VAL D 947 -21.36 -40.92 -37.97
C VAL D 947 -22.02 -39.57 -38.21
N ILE D 948 -21.82 -39.03 -39.41
CA ILE D 948 -22.14 -37.63 -39.71
C ILE D 948 -23.43 -37.56 -40.49
N ASP D 949 -24.35 -36.71 -40.04
CA ASP D 949 -25.56 -36.39 -40.80
C ASP D 949 -25.19 -35.33 -41.82
N GLU D 950 -25.03 -35.75 -43.07
CA GLU D 950 -24.58 -34.84 -44.11
C GLU D 950 -25.64 -33.83 -44.52
N GLU D 951 -26.90 -34.03 -44.12
CA GLU D 951 -27.91 -33.01 -44.37
C GLU D 951 -27.75 -31.79 -43.47
N MET D 952 -27.07 -31.95 -42.33
CA MET D 952 -26.82 -30.84 -41.41
C MET D 952 -25.39 -30.35 -41.45
N CYS D 953 -24.54 -30.96 -42.28
CA CYS D 953 -23.16 -30.53 -42.38
C CYS D 953 -23.07 -29.20 -43.11
N ILE D 954 -22.13 -28.34 -42.68
CA ILE D 954 -21.89 -27.06 -43.32
C ILE D 954 -20.50 -27.00 -43.94
N ASN D 955 -19.87 -28.16 -44.15
CA ASN D 955 -18.74 -28.32 -45.07
C ASN D 955 -17.47 -27.64 -44.56
N CYS D 956 -17.33 -27.47 -43.25
CA CYS D 956 -16.18 -26.75 -42.71
C CYS D 956 -14.93 -27.61 -42.57
N GLY D 957 -15.06 -28.91 -42.33
CA GLY D 957 -13.91 -29.78 -42.26
C GLY D 957 -13.16 -29.76 -40.95
N LYS D 958 -13.70 -29.11 -39.91
CA LYS D 958 -13.03 -29.12 -38.60
C LYS D 958 -12.92 -30.54 -38.06
N CYS D 959 -13.95 -31.36 -38.26
CA CYS D 959 -13.86 -32.76 -37.86
C CYS D 959 -12.75 -33.47 -38.61
N TYR D 960 -12.62 -33.19 -39.90
CA TYR D 960 -11.52 -33.73 -40.70
C TYR D 960 -10.18 -33.32 -40.12
N MET D 961 -9.97 -32.04 -39.87
CA MET D 961 -8.67 -31.59 -39.35
C MET D 961 -8.42 -32.13 -37.95
N THR D 962 -9.47 -32.21 -37.13
CA THR D 962 -9.27 -32.66 -35.75
C THR D 962 -8.84 -34.12 -35.71
N CYS D 963 -9.52 -34.98 -36.47
CA CYS D 963 -9.10 -36.38 -36.51
C CYS D 963 -7.74 -36.55 -37.17
N ASN D 964 -7.35 -35.61 -38.05
CA ASN D 964 -6.05 -35.71 -38.70
C ASN D 964 -4.92 -35.38 -37.74
N ASP D 965 -4.99 -34.22 -37.10
CA ASP D 965 -3.91 -33.73 -36.26
C ASP D 965 -4.14 -33.97 -34.78
N SER D 966 -5.25 -34.61 -34.40
CA SER D 966 -5.49 -34.93 -33.00
C SER D 966 -6.22 -36.26 -32.84
N GLY D 967 -6.30 -37.07 -33.89
CA GLY D 967 -7.01 -38.33 -33.82
C GLY D 967 -6.37 -39.45 -34.61
N TYR D 968 -7.16 -40.10 -35.48
CA TYR D 968 -6.77 -41.38 -36.05
C TYR D 968 -6.90 -41.40 -37.56
N GLN D 969 -6.95 -40.23 -38.20
CA GLN D 969 -6.94 -40.11 -39.66
C GLN D 969 -8.05 -40.97 -40.27
N ALA D 970 -9.25 -40.86 -39.68
CA ALA D 970 -10.36 -41.78 -39.97
C ALA D 970 -11.48 -41.13 -40.77
N ILE D 971 -11.29 -39.89 -41.23
CA ILE D 971 -12.34 -39.13 -41.92
C ILE D 971 -11.87 -38.80 -43.32
N GLN D 972 -12.69 -39.15 -44.32
CA GLN D 972 -12.50 -38.69 -45.68
C GLN D 972 -13.25 -37.38 -45.89
N PHE D 973 -12.58 -36.42 -46.52
CA PHE D 973 -13.15 -35.11 -46.80
C PHE D 973 -13.17 -34.93 -48.31
N ASP D 974 -14.34 -35.07 -48.91
CA ASP D 974 -14.45 -35.04 -50.37
C ASP D 974 -13.97 -33.69 -50.90
N PRO D 975 -13.07 -33.69 -51.90
CA PRO D 975 -12.60 -32.40 -52.45
C PRO D 975 -13.62 -31.68 -53.32
N GLU D 976 -14.71 -32.34 -53.72
CA GLU D 976 -15.72 -31.70 -54.54
C GLU D 976 -16.91 -31.20 -53.74
N THR D 977 -17.38 -31.99 -52.78
CA THR D 977 -18.56 -31.66 -51.99
C THR D 977 -18.23 -31.10 -50.62
N HIS D 978 -16.96 -31.17 -50.20
CA HIS D 978 -16.57 -30.81 -48.84
C HIS D 978 -17.44 -31.51 -47.80
N LEU D 979 -17.86 -32.72 -48.13
CA LEU D 979 -18.66 -33.54 -47.24
C LEU D 979 -17.77 -34.56 -46.55
N PRO D 980 -17.80 -34.63 -45.23
CA PRO D 980 -16.98 -35.60 -44.51
C PRO D 980 -17.67 -36.96 -44.37
N THR D 981 -16.85 -37.99 -44.21
CA THR D 981 -17.33 -39.35 -44.02
C THR D 981 -16.41 -40.08 -43.06
N VAL D 982 -16.97 -40.65 -42.01
CA VAL D 982 -16.18 -41.41 -41.04
C VAL D 982 -15.95 -42.81 -41.59
N THR D 983 -14.68 -43.22 -41.66
CA THR D 983 -14.35 -44.57 -42.10
C THR D 983 -14.25 -45.49 -40.89
N ASP D 984 -14.02 -46.78 -41.16
CA ASP D 984 -14.02 -47.77 -40.09
C ASP D 984 -12.78 -47.73 -39.22
N THR D 985 -11.79 -46.88 -39.53
CA THR D 985 -10.64 -46.70 -38.65
C THR D 985 -10.98 -45.87 -37.42
N CYS D 986 -12.21 -45.36 -37.32
CA CYS D 986 -12.63 -44.57 -36.18
C CYS D 986 -12.53 -45.37 -34.89
N THR D 987 -12.14 -44.70 -33.80
CA THR D 987 -12.05 -45.31 -32.49
C THR D 987 -13.04 -44.72 -31.49
N GLY D 988 -13.90 -43.80 -31.93
CA GLY D 988 -14.87 -43.22 -31.03
C GLY D 988 -14.30 -42.25 -30.02
N CYS D 989 -13.14 -41.65 -30.31
CA CYS D 989 -12.54 -40.70 -29.38
C CYS D 989 -13.46 -39.53 -29.09
N THR D 990 -14.36 -39.21 -30.01
CA THR D 990 -15.46 -38.23 -29.90
C THR D 990 -14.94 -36.80 -30.09
N LEU D 991 -13.67 -36.62 -30.45
CA LEU D 991 -13.14 -35.27 -30.66
C LEU D 991 -13.90 -34.54 -31.77
N CYS D 992 -14.19 -35.24 -32.88
CA CYS D 992 -14.81 -34.58 -34.04
C CYS D 992 -16.18 -34.02 -33.68
N LEU D 993 -17.02 -34.83 -33.03
CA LEU D 993 -18.29 -34.32 -32.50
C LEU D 993 -18.06 -33.11 -31.61
N SER D 994 -16.99 -33.14 -30.82
CA SER D 994 -16.77 -32.09 -29.84
C SER D 994 -16.38 -30.76 -30.48
N VAL D 995 -15.95 -30.77 -31.74
CA VAL D 995 -15.55 -29.56 -32.44
C VAL D 995 -16.46 -29.22 -33.61
N CYS D 996 -17.51 -30.00 -33.84
CA CYS D 996 -18.44 -29.66 -34.92
C CYS D 996 -19.32 -28.49 -34.50
N PRO D 997 -19.45 -27.46 -35.33
CA PRO D 997 -20.26 -26.29 -34.94
C PRO D 997 -21.76 -26.51 -35.04
N ILE D 998 -22.21 -27.59 -35.66
CA ILE D 998 -23.63 -27.86 -35.84
C ILE D 998 -24.05 -28.85 -34.78
N ILE D 999 -24.95 -28.41 -33.89
CA ILE D 999 -25.40 -29.26 -32.79
C ILE D 999 -26.07 -30.50 -33.35
N ASP D 1000 -25.54 -31.67 -32.99
CA ASP D 1000 -26.10 -32.98 -33.35
C ASP D 1000 -25.93 -33.31 -34.83
N CYS D 1001 -24.94 -32.72 -35.49
CA CYS D 1001 -24.60 -33.17 -36.84
C CYS D 1001 -23.77 -34.44 -36.80
N ILE D 1002 -22.91 -34.58 -35.80
CA ILE D 1002 -22.12 -35.78 -35.56
C ILE D 1002 -22.70 -36.47 -34.34
N ARG D 1003 -23.12 -37.72 -34.51
CA ARG D 1003 -23.64 -38.52 -33.41
C ARG D 1003 -22.75 -39.73 -33.21
N MET D 1004 -22.46 -40.05 -31.95
CA MET D 1004 -21.76 -41.28 -31.62
C MET D 1004 -22.78 -42.42 -31.57
N VAL D 1005 -22.61 -43.40 -32.46
CA VAL D 1005 -23.45 -44.58 -32.45
C VAL D 1005 -22.60 -45.77 -32.06
N SER D 1006 -23.28 -46.86 -31.69
CA SER D 1006 -22.57 -48.04 -31.21
C SER D 1006 -21.83 -48.73 -32.35
N ARG D 1007 -20.58 -49.11 -32.08
CA ARG D 1007 -19.76 -49.73 -33.10
C ARG D 1007 -20.36 -51.07 -33.52
N THR D 1008 -20.58 -51.22 -34.83
CA THR D 1008 -21.03 -52.49 -35.37
C THR D 1008 -19.90 -53.40 -35.81
N THR D 1009 -18.73 -52.83 -36.08
CA THR D 1009 -17.59 -53.55 -36.64
C THR D 1009 -16.61 -53.90 -35.53
N PRO D 1010 -15.62 -54.78 -35.80
CA PRO D 1010 -14.71 -55.18 -34.72
C PRO D 1010 -13.76 -54.05 -34.35
N TYR D 1011 -13.72 -53.74 -33.05
CA TYR D 1011 -12.77 -52.76 -32.54
C TYR D 1011 -11.46 -53.48 -32.23
N GLU D 1012 -10.38 -53.03 -32.86
CA GLU D 1012 -9.03 -53.51 -32.57
C GLU D 1012 -8.20 -52.33 -32.13
N PRO D 1013 -7.64 -52.33 -30.93
CA PRO D 1013 -6.80 -51.20 -30.50
C PRO D 1013 -5.49 -51.19 -31.28
N LYS D 1014 -5.16 -50.02 -31.82
CA LYS D 1014 -4.00 -49.87 -32.72
C LYS D 1014 -2.74 -49.85 -31.87
N ARG D 1015 -2.04 -50.99 -31.82
CA ARG D 1015 -0.86 -51.12 -30.98
C ARG D 1015 0.42 -50.61 -31.62
N GLY D 1016 0.42 -50.36 -32.93
CA GLY D 1016 1.62 -49.89 -33.61
C GLY D 1016 2.54 -51.02 -34.03
N LEU D 1017 3.04 -51.76 -33.04
CA LEU D 1017 3.78 -53.00 -33.27
C LEU D 1017 3.20 -54.07 -32.38
N PRO D 1018 2.97 -55.29 -32.89
CA PRO D 1018 2.47 -56.40 -32.08
C PRO D 1018 3.39 -56.73 -30.90
FE1 SF4 E . 33.33 -4.78 30.92
FE2 SF4 E . 33.12 -2.12 30.29
FE3 SF4 E . 31.58 -3.96 29.00
FE4 SF4 E . 34.27 -3.86 28.54
S1 SF4 E . 32.73 -2.24 28.06
S2 SF4 E . 33.01 -5.73 28.90
S3 SF4 E . 35.04 -3.31 30.59
S4 SF4 E . 31.51 -3.44 31.21
FE1 SF4 F . 32.47 8.03 28.00
FE2 SF4 F . 32.96 8.76 25.43
FE3 SF4 F . 30.60 7.52 26.08
FE4 SF4 F . 32.91 6.11 26.12
S1 SF4 F . 31.93 7.05 24.30
S2 SF4 F . 31.29 6.09 27.70
S3 SF4 F . 34.39 7.70 26.84
S4 SF4 F . 31.32 9.56 26.79
FE1 SF4 G . 3.51 9.53 39.40
FE2 SF4 G . 4.88 11.83 38.84
FE3 SF4 G . 2.21 11.66 38.28
FE4 SF4 G . 4.02 10.22 36.82
S1 SF4 G . 3.85 12.49 36.93
S2 SF4 G . 2.05 9.47 37.66
S3 SF4 G . 5.56 9.70 38.41
S4 SF4 G . 3.18 11.57 40.34
FE1 SF4 H . -7.58 13.23 32.60
FE2 SF4 H . -6.35 15.32 33.85
FE3 SF4 H . -6.18 15.09 31.15
FE4 SF4 H . -4.86 13.30 32.75
S1 SF4 H . -4.47 15.54 32.58
S2 SF4 H . -6.11 12.82 30.91
S3 SF4 H . -6.32 13.12 34.48
S4 SF4 H . -8.06 15.45 32.37
PA FAD I . 36.92 -20.29 36.24
O1A FAD I . 35.76 -19.36 36.15
O2A FAD I . 37.35 -20.69 37.66
O5B FAD I . 36.66 -21.56 35.37
C5B FAD I . 37.31 -22.81 35.66
C4B FAD I . 36.38 -23.95 35.33
O4B FAD I . 37.15 -25.16 35.13
C3B FAD I . 35.35 -24.29 36.41
O3B FAD I . 34.14 -24.70 35.79
C2B FAD I . 36.02 -25.44 37.16
O2B FAD I . 35.09 -26.31 37.79
C1B FAD I . 36.70 -26.17 35.99
N9A FAD I . 37.83 -27.00 36.38
C8A FAD I . 38.63 -26.87 37.48
N7A FAD I . 39.58 -27.76 37.56
C5A FAD I . 39.41 -28.53 36.42
C6A FAD I . 40.10 -29.65 35.91
N6A FAD I . 41.15 -30.20 36.52
N1A FAD I . 39.65 -30.18 34.75
C2A FAD I . 38.60 -29.64 34.15
N3A FAD I . 37.87 -28.58 34.54
C4A FAD I . 38.33 -28.08 35.68
N1 FAD I . 35.33 -10.94 38.26
C2 FAD I . 34.71 -9.81 37.80
O2 FAD I . 35.04 -9.27 36.73
N3 FAD I . 33.69 -9.24 38.53
C4 FAD I . 33.20 -9.71 39.75
O4 FAD I . 32.28 -9.12 40.31
C4X FAD I . 33.86 -10.91 40.22
N5 FAD I . 33.45 -11.42 41.35
C5X FAD I . 34.09 -12.57 41.81
C6 FAD I . 33.68 -13.15 43.01
C7 FAD I . 34.29 -14.30 43.50
C7M FAD I . 33.82 -14.88 44.80
C8 FAD I . 35.33 -14.90 42.78
C8M FAD I . 36.00 -16.15 43.29
C9 FAD I . 35.74 -14.34 41.57
C9A FAD I . 35.13 -13.18 41.08
N10 FAD I . 35.53 -12.60 39.87
C10 FAD I . 34.91 -11.46 39.41
C1' FAD I . 36.60 -13.18 39.07
C2' FAD I . 36.07 -14.02 37.91
O2' FAD I . 35.07 -14.92 38.36
C3' FAD I . 37.24 -14.80 37.30
O3' FAD I . 38.20 -13.87 36.83
C4' FAD I . 36.82 -15.70 36.14
O4' FAD I . 35.49 -16.18 36.37
C5' FAD I . 37.76 -16.86 35.94
O5' FAD I . 37.53 -17.44 34.64
P FAD I . 38.22 -18.79 34.21
O1P FAD I . 37.38 -19.50 33.15
O2P FAD I . 39.63 -18.51 33.84
O3P FAD I . 38.19 -19.64 35.55
N1 TDR J . 20.57 25.20 3.11
C2 TDR J . 19.45 24.46 3.35
O2 TDR J . 19.05 24.20 4.47
N3 TDR J . 18.82 24.05 2.21
C4 TDR J . 19.19 24.29 0.90
O4 TDR J . 18.52 23.86 -0.04
C5 TDR J . 20.38 25.09 0.74
CM5 TDR J . 20.87 25.41 -0.64
C6 TDR J . 21.01 25.50 1.86
C9A FNR K . 21.32 21.41 4.21
N10 FNR K . 20.24 21.01 3.27
CAA FNR K . 20.40 21.18 1.85
N1 FNR K . 19.33 20.76 0.92
C2 FNR K . 19.50 20.93 -0.52
O2 FNR K . 18.47 20.55 -1.38
N3 FNR K . 20.72 21.49 -1.05
C4 FNR K . 21.76 21.88 -0.15
O4 FNR K . 22.95 22.43 -0.59
C4A FNR K . 21.54 21.70 1.37
N5 FNR K . 22.61 22.09 2.27
C5A FNR K . 22.44 21.92 3.74
C6 FNR K . 23.55 22.33 4.68
C7 FNR K . 23.42 22.19 6.07
C7M FNR K . 24.55 22.61 7.03
C8 FNR K . 22.20 21.62 6.60
C8M FNR K . 22.03 21.45 8.13
C9 FNR K . 21.16 21.24 5.72
C1' FNR K . 18.98 20.43 3.80
C2' FNR K . 19.08 18.90 3.82
O2' FNR K . 19.44 18.46 2.54
C3' FNR K . 17.74 18.24 4.19
O3' FNR K . 16.73 18.71 3.36
C4' FNR K . 17.36 18.55 5.64
O4' FNR K . 18.46 18.89 6.43
C5' FNR K . 16.71 17.29 6.19
O5' FNR K . 16.65 17.40 7.59
P FNR K . 17.79 16.57 8.44
O1P FNR K . 17.44 16.34 9.84
O2P FNR K . 19.10 17.22 8.49
O3P FNR K . 18.08 15.24 7.92
FE1 SF4 L . 14.06 16.18 43.51
FE2 SF4 L . 13.05 18.46 44.63
FE3 SF4 L . 11.57 17.06 42.83
FE4 SF4 L . 13.81 18.44 42.03
S1 SF4 L . 11.89 19.32 42.90
S2 SF4 L . 13.21 16.33 41.42
S3 SF4 L . 15.15 18.15 43.83
S4 SF4 L . 12.23 16.33 44.87
FE1 SF4 M . 20.75 23.56 52.60
FE2 SF4 M . 19.62 21.66 51.02
FE3 SF4 M . 19.61 24.28 50.22
FE4 SF4 M . 18.04 23.47 52.30
S1 SF4 M . 17.87 22.83 50.12
S2 SF4 M . 19.37 25.33 52.23
S3 SF4 M . 19.34 21.87 53.25
S4 SF4 M . 21.42 22.94 50.51
FE1 SF4 N . 34.87 23.77 12.82
FE2 SF4 N . 36.28 24.84 10.75
FE3 SF4 N . 33.73 23.96 10.33
FE4 SF4 N . 35.72 22.17 10.78
S1 SF4 N . 35.52 23.57 9.00
S2 SF4 N . 33.67 22.16 11.73
S3 SF4 N . 37.02 23.32 12.26
S4 SF4 N . 34.38 25.69 11.68
FE1 SF4 O . 34.74 20.25 22.41
FE2 SF4 O . 36.22 18.96 20.52
FE3 SF4 O . 35.10 17.55 22.58
FE4 SF4 O . 37.19 19.23 23.06
S1 SF4 O . 37.23 17.34 21.79
S2 SF4 O . 35.27 19.05 24.29
S3 SF4 O . 36.74 20.90 21.57
S4 SF4 O . 34.00 18.68 20.95
PA FAD P . 28.81 29.48 65.77
O1A FAD P . 28.81 29.28 64.30
O2A FAD P . 29.60 28.47 66.60
O5B FAD P . 29.32 30.93 66.08
C5B FAD P . 29.21 31.50 67.40
C4B FAD P . 29.90 32.84 67.39
O4B FAD P . 29.75 33.48 68.69
C3B FAD P . 31.40 32.81 67.09
O3B FAD P . 31.74 33.90 66.24
C2B FAD P . 32.02 32.94 68.49
O2B FAD P . 33.33 33.51 68.46
C1B FAD P . 31.03 33.89 69.14
N9A FAD P . 31.03 33.86 70.60
C8A FAD P . 31.42 32.82 71.42
N7A FAD P . 31.31 33.08 72.70
C5A FAD P . 30.82 34.37 72.73
C6A FAD P . 30.48 35.24 73.79
N6A FAD P . 30.60 34.91 75.08
N1A FAD P . 30.01 36.46 73.47
C2A FAD P . 29.90 36.80 72.19
N3A FAD P . 30.19 36.08 71.11
C4A FAD P . 30.64 34.86 71.45
N1 FAD P . 27.50 22.65 59.43
C2 FAD P . 27.04 22.38 58.17
O2 FAD P . 25.86 22.57 57.84
N3 FAD P . 27.92 21.86 57.23
C4 FAD P . 29.25 21.58 57.42
O4 FAD P . 29.93 21.12 56.51
C4X FAD P . 29.73 21.87 58.76
N5 FAD P . 30.99 21.64 59.03
C5X FAD P . 31.45 21.92 60.31
C6 FAD P . 32.78 21.68 60.62
C7 FAD P . 33.29 21.95 61.89
C7M FAD P . 34.74 21.66 62.18
C8 FAD P . 32.44 22.46 62.87
C8M FAD P . 32.96 22.76 64.26
C9 FAD P . 31.11 22.71 62.58
C9A FAD P . 30.60 22.44 61.30
N10 FAD P . 29.26 22.68 60.97
C10 FAD P . 28.79 22.41 59.71
C1' FAD P . 28.32 23.22 61.96
C2' FAD P . 28.10 24.73 61.83
O2' FAD P . 29.35 25.40 61.61
C3' FAD P . 27.46 25.25 63.11
O3' FAD P . 26.46 24.32 63.52
C4' FAD P . 26.82 26.63 62.97
O4' FAD P . 27.78 27.55 62.45
C5' FAD P . 26.27 27.13 64.28
O5' FAD P . 26.25 28.58 64.24
P FAD P . 25.93 29.42 65.53
O1P FAD P . 25.53 30.84 65.11
O2P FAD P . 24.92 28.70 66.35
O3P FAD P . 27.31 29.49 66.32
N1 FMN Q . -4.92 28.44 19.91
C2 FMN Q . -6.11 29.09 19.62
O2 FMN Q . -6.07 30.12 18.95
N3 FMN Q . -7.30 28.55 20.07
C4 FMN Q . -7.31 27.39 20.82
O4 FMN Q . -8.36 26.90 21.22
C4A FMN Q . -6.12 26.74 21.11
N5 FMN Q . -6.12 25.58 21.85
C5A FMN Q . -4.93 24.95 22.15
C6 FMN Q . -4.95 23.77 22.89
C7 FMN Q . -3.75 23.13 23.19
C7M FMN Q . -3.74 21.86 24.00
C8 FMN Q . -2.54 23.65 22.75
C8M FMN Q . -1.26 22.94 23.07
C9 FMN Q . -2.53 24.81 21.99
C9A FMN Q . -3.73 25.47 21.69
N10 FMN Q . -3.72 26.63 20.95
C10 FMN Q . -4.91 27.27 20.65
C1' FMN Q . -2.42 27.21 20.47
C2' FMN Q . -1.80 28.05 21.58
O2' FMN Q . -2.62 29.15 21.87
C3' FMN Q . -0.43 28.57 21.18
O3' FMN Q . -0.59 29.38 20.04
C4' FMN Q . 0.51 27.41 20.88
O4' FMN Q . 0.34 26.41 21.87
C5' FMN Q . 1.97 27.84 20.85
O5' FMN Q . 2.35 28.36 22.10
P FMN Q . 3.36 27.52 23.02
O1P FMN Q . 4.62 27.24 22.22
O2P FMN Q . 3.72 28.26 24.29
O3P FMN Q . 2.70 26.20 23.36
C02 XH5 R . -4.32 24.34 18.19
C05 XH5 R . -6.00 26.16 17.56
C07 XH5 R . -7.12 25.31 18.12
C08 XH5 R . -8.14 25.04 16.89
C09 XH5 R . -6.80 23.96 18.72
N01 XH5 R . -5.43 23.50 18.75
N04 XH5 R . -4.63 25.69 17.59
O03 XH5 R . -3.20 23.95 18.23
O06 XH5 R . -6.26 27.22 17.09
FE1 SF4 S . -10.41 -9.53 -51.48
FE2 SF4 S . -11.68 -11.43 -49.97
FE3 SF4 S . -9.23 -10.47 -49.20
FE4 SF4 S . -9.45 -12.08 -51.40
S1 SF4 S . -9.90 -12.65 -49.24
S2 SF4 S . -8.24 -10.15 -51.23
S3 SF4 S . -11.45 -11.42 -52.23
S4 SF4 S . -11.17 -9.29 -49.35
FE1 SF4 T . -15.95 -18.70 -43.85
FE2 SF4 T . -14.53 -20.97 -43.32
FE3 SF4 T . -13.86 -18.64 -42.07
FE4 SF4 T . -13.37 -18.93 -44.73
S1 SF4 T . -12.43 -20.12 -43.03
S2 SF4 T . -14.29 -17.12 -43.71
S3 SF4 T . -15.17 -20.19 -45.37
S4 SF4 T . -15.81 -19.80 -41.86
FE1 SF4 U . -21.24 2.05 -21.40
FE2 SF4 U . -22.35 -0.44 -21.20
FE3 SF4 U . -21.40 0.81 -18.96
FE4 SF4 U . -19.64 -0.09 -20.88
S1 SF4 U . -21.04 -1.35 -19.57
S2 SF4 U . -19.59 1.92 -19.83
S3 SF4 U . -20.86 0.29 -22.77
S4 SF4 U . -23.14 1.47 -20.26
FE1 SF4 V . -16.53 1.51 -8.78
FE2 SF4 V . -18.92 0.19 -8.88
FE3 SF4 V . -16.61 -1.20 -8.46
FE4 SF4 V . -17.12 -0.08 -10.90
S1 SF4 V . -18.29 -1.74 -9.89
S2 SF4 V . -15.15 -0.01 -9.75
S3 SF4 V . -18.19 1.83 -10.30
S4 SF4 V . -17.54 0.36 -7.09
PA FAD W . -5.72 1.19 -63.35
O1A FAD W . -6.13 1.16 -61.93
O2A FAD W . -6.66 2.00 -64.25
O5B FAD W . -4.22 1.68 -63.51
C5B FAD W . -3.72 2.18 -64.78
C4B FAD W . -2.67 3.24 -64.57
O4B FAD W . -1.96 3.47 -65.81
C3B FAD W . -3.18 4.59 -64.10
O3B FAD W . -2.26 5.16 -63.17
C2B FAD W . -3.23 5.40 -65.40
O2B FAD W . -3.13 6.80 -65.18
C1B FAD W . -1.99 4.86 -66.09
N9A FAD W . -1.95 5.06 -67.54
C8A FAD W . -3.00 5.34 -68.37
N7A FAD W . -2.68 5.47 -69.63
C5A FAD W . -1.31 5.27 -69.64
C6A FAD W . -0.35 5.28 -70.66
N6A FAD W . -0.63 5.50 -71.95
N1A FAD W . 0.93 5.03 -70.33
C2A FAD W . 1.24 4.79 -69.05
N3A FAD W . 0.42 4.77 -68.00
C4A FAD W . -0.85 5.01 -68.35
N1 FAD W . -12.56 -2.48 -57.87
C2 FAD W . -12.76 -3.08 -56.67
O2 FAD W . -12.25 -4.18 -56.39
N3 FAD W . -13.55 -2.46 -55.71
C4 FAD W . -14.18 -1.23 -55.85
O4 FAD W . -14.85 -0.77 -54.93
C4X FAD W . -13.97 -0.60 -57.14
N5 FAD W . -14.52 0.56 -57.36
C5X FAD W . -14.31 1.15 -58.60
C6 FAD W . -14.90 2.40 -58.86
C7 FAD W . -14.71 3.03 -60.08
C7M FAD W . -15.36 4.37 -60.31
C8 FAD W . -13.93 2.43 -61.06
C8M FAD W . -13.71 3.10 -62.40
C9 FAD W . -13.33 1.20 -60.81
C9A FAD W . -13.53 0.56 -59.59
N10 FAD W . -12.94 -0.69 -59.30
C10 FAD W . -13.13 -1.30 -58.09
C1' FAD W . -12.11 -1.37 -60.31
C2' FAD W . -10.62 -1.27 -60.03
O2' FAD W . -10.26 0.08 -59.71
C3' FAD W . -9.84 -1.74 -61.25
O3' FAD W . -10.34 -3.03 -61.61
C4' FAD W . -8.33 -1.83 -61.03
O4' FAD W . -7.90 -0.67 -60.32
C5' FAD W . -7.56 -1.95 -62.33
O5' FAD W . -6.15 -1.79 -62.07
P FAD W . -5.12 -1.57 -63.23
O1P FAD W . -3.74 -1.22 -62.67
O2P FAD W . -5.14 -2.72 -64.16
O3P FAD W . -5.70 -0.28 -63.95
N1 FMN X . -0.72 -35.96 -20.56
C2 FMN X . 0.21 -36.97 -20.37
O2 FMN X . 1.16 -36.78 -19.62
N3 FMN X . 0.07 -38.17 -21.04
C4 FMN X . -1.01 -38.38 -21.87
O4 FMN X . -1.16 -39.44 -22.47
C4A FMN X . -1.95 -37.37 -22.05
N5 FMN X . -3.02 -37.55 -22.88
C5A FMN X . -3.95 -36.56 -23.07
C6 FMN X . -5.03 -36.78 -23.91
C7 FMN X . -5.98 -35.77 -24.11
C7M FMN X . -7.15 -36.00 -25.03
C8 FMN X . -5.84 -34.55 -23.45
C8M FMN X . -6.85 -33.46 -23.65
C9 FMN X . -4.76 -34.34 -22.60
C9A FMN X . -3.81 -35.34 -22.41
N10 FMN X . -2.72 -35.14 -21.57
C10 FMN X . -1.81 -36.15 -21.38
C1' FMN X . -2.56 -33.84 -20.85
C2' FMN X . -1.79 -32.87 -21.76
O2' FMN X . -0.49 -33.37 -22.02
C3' FMN X . -1.67 -31.48 -21.17
O3' FMN X . -0.90 -31.52 -19.99
C4' FMN X . -3.03 -30.88 -20.88
O4' FMN X . -3.95 -31.27 -21.89
C5' FMN X . -2.96 -29.37 -20.85
O5' FMN X . -2.62 -28.95 -22.16
P FMN X . -3.62 -28.00 -22.98
O1P FMN X . -2.84 -27.17 -23.99
O2P FMN X . -4.36 -27.07 -22.07
O3P FMN X . -4.60 -28.91 -23.67
C02 XH5 Y . -4.74 -37.06 -19.19
C05 XH5 Y . -2.46 -37.89 -18.40
C07 XH5 Y . -2.82 -39.30 -18.85
C08 XH5 Y . -2.70 -40.28 -17.57
C09 XH5 Y . -4.19 -39.56 -19.48
N01 XH5 Y . -5.10 -38.45 -19.64
N04 XH5 Y . -3.40 -36.79 -18.56
O03 XH5 Y . -5.52 -36.17 -19.33
O06 XH5 Y . -1.40 -37.69 -17.91
FE1 SF4 Z . -30.24 -5.00 -27.81
FE2 SF4 Z . -32.28 -5.26 -26.02
FE3 SF4 Z . -29.80 -4.50 -25.15
FE4 SF4 Z . -30.23 -7.06 -26.03
S1 SF4 Z . -31.17 -6.07 -24.21
S2 SF4 Z . -28.48 -5.72 -26.56
S3 SF4 Z . -31.74 -6.71 -27.70
S4 SF4 Z . -31.17 -3.34 -26.55
FE1 SF4 AA . -42.49 -7.33 -31.90
FE2 SF4 AA . -39.94 -6.69 -31.13
FE3 SF4 AA . -41.16 -8.90 -30.10
FE4 SF4 AA . -42.01 -6.42 -29.38
S1 SF4 AA . -39.98 -7.35 -28.95
S2 SF4 AA . -43.32 -8.19 -29.97
S3 SF4 AA . -41.71 -5.27 -31.32
S4 SF4 AA . -40.60 -8.53 -32.28
FE1 SF4 BA . -14.23 -38.67 -34.80
FE2 SF4 BA . -13.51 -41.30 -34.95
FE3 SF4 BA . -12.35 -39.69 -33.09
FE4 SF4 BA . -11.76 -39.35 -35.72
S1 SF4 BA . -11.29 -41.18 -34.45
S2 SF4 BA . -12.25 -37.72 -34.22
S3 SF4 BA . -13.77 -39.85 -36.69
S4 SF4 BA . -14.54 -40.28 -33.21
FE1 SF4 CA . -19.51 -30.79 -38.49
FE2 SF4 CA . -17.51 -31.91 -39.98
FE3 SF4 CA . -18.03 -29.24 -40.19
FE4 SF4 CA . -19.81 -31.05 -41.19
S1 SF4 CA . -17.67 -30.70 -41.89
S2 SF4 CA . -20.29 -29.21 -39.94
S3 SF4 CA . -19.63 -32.73 -39.66
S4 SF4 CA . -17.28 -30.35 -38.34
PA FAD DA . -57.85 -7.54 -38.59
O1A FAD DA . -56.62 -8.38 -38.52
O2A FAD DA . -58.21 -7.10 -40.00
O5B FAD DA . -59.09 -8.25 -37.94
C5B FAD DA . -60.43 -7.94 -38.37
C4B FAD DA . -61.30 -9.15 -38.14
O4B FAD DA . -62.68 -8.74 -37.96
C3B FAD DA . -61.31 -10.18 -39.28
O3B FAD DA . -61.38 -11.49 -38.75
C2B FAD DA . -62.56 -9.80 -40.06
O2B FAD DA . -63.12 -10.91 -40.75
C1B FAD DA . -63.49 -9.37 -38.93
N9A FAD DA . -64.55 -8.45 -39.33
C8A FAD DA . -64.48 -7.48 -40.30
N7A FAD DA . -65.58 -6.80 -40.44
C5A FAD DA . -66.45 -7.36 -39.52
C6A FAD DA . -67.78 -7.08 -39.18
N6A FAD DA . -68.52 -6.12 -39.75
N1A FAD DA . -68.36 -7.83 -38.20
C2A FAD DA . -67.62 -8.78 -37.62
N3A FAD DA . -66.36 -9.14 -37.85
C4A FAD DA . -65.82 -8.38 -38.82
N1 FAD DA . -48.34 -6.53 -39.51
C2 FAD DA . -47.13 -6.84 -38.98
O2 FAD DA . -46.83 -6.51 -37.83
N3 FAD DA . -46.20 -7.54 -39.73
C4 FAD DA . -46.37 -7.99 -41.03
O4 FAD DA . -45.47 -8.60 -41.59
C4X FAD DA . -47.66 -7.65 -41.60
N5 FAD DA . -47.91 -8.03 -42.82
C5X FAD DA . -49.15 -7.71 -43.35
C6 FAD DA . -49.43 -8.11 -44.66
C7 FAD DA . -50.66 -7.81 -45.25
C7M FAD DA . -50.94 -8.26 -46.66
C8 FAD DA . -51.63 -7.10 -44.52
C8M FAD DA . -52.96 -6.76 -45.12
C9 FAD DA . -51.34 -6.70 -43.21
C9A FAD DA . -50.12 -7.00 -42.63
N10 FAD DA . -49.81 -6.62 -41.31
C10 FAD DA . -48.59 -6.91 -40.76
C1' FAD DA . -50.77 -5.87 -40.50
C2' FAD DA . -51.57 -6.73 -39.54
O2' FAD DA . -52.16 -7.83 -40.24
C3' FAD DA . -52.66 -5.88 -38.90
O3' FAD DA . -52.05 -4.85 -38.15
C4' FAD DA . -53.63 -6.65 -38.00
O4' FAD DA . -53.97 -7.89 -38.61
C5' FAD DA . -54.87 -5.84 -37.70
O5' FAD DA . -55.50 -6.36 -36.52
P FAD DA . -57.03 -6.14 -36.24
O1P FAD DA . -57.58 -7.29 -35.40
O2P FAD DA . -57.23 -4.79 -35.70
O3P FAD DA . -57.66 -6.25 -37.70
N1 TDR EA . -12.29 -14.34 -2.13
C2 TDR EA . -12.67 -15.60 -2.49
O2 TDR EA . -12.72 -15.99 -3.63
N3 TDR EA . -12.99 -16.39 -1.43
C4 TDR EA . -12.96 -16.06 -0.08
O4 TDR EA . -13.28 -16.88 0.76
C5 TDR EA . -12.54 -14.70 0.21
CM5 TDR EA . -12.48 -14.26 1.63
C6 TDR EA . -12.23 -13.91 -0.83
C9A FNR FA . -16.05 -14.55 -3.47
N10 FNR FA . -16.28 -15.79 -2.70
CAA FNR FA . -16.27 -15.77 -1.26
N1 FNR FA . -16.51 -17.01 -0.49
C2 FNR FA . -16.50 -16.99 0.96
O2 FNR FA . -16.71 -18.17 1.66
N3 FNR FA . -16.29 -15.75 1.66
C4 FNR FA . -16.06 -14.55 0.92
O4 FNR FA . -15.84 -13.33 1.53
C4A FNR FA . -16.06 -14.61 -0.61
N5 FNR FA . -15.85 -13.38 -1.36
C5A FNR FA . -15.85 -13.41 -2.84
C6 FNR FA . -15.63 -12.13 -3.62
C7 FNR FA . -15.64 -12.15 -5.03
C7M FNR FA . -15.40 -10.85 -5.82
C8 FNR FA . -15.85 -13.38 -5.73
C8M FNR FA . -15.87 -13.41 -7.28
C9 FNR FA . -16.06 -14.57 -5.00
C1' FNR FA . -16.51 -17.06 -3.43
C2' FNR FA . -18.00 -17.17 -3.83
O2' FNR FA . -18.78 -17.16 -2.68
C3' FNR FA . -18.21 -18.50 -4.56
O3' FNR FA . -17.86 -19.51 -3.67
C4' FNR FA . -17.34 -18.55 -5.81
O4' FNR FA . -17.38 -17.32 -6.47
C5' FNR FA . -17.82 -19.66 -6.75
O5' FNR FA . -19.16 -19.45 -7.13
P FNR FA . -19.44 -18.65 -8.57
O1P FNR FA . -19.05 -17.24 -8.59
O2P FNR FA . -20.85 -18.63 -8.99
O3P FNR FA . -18.71 -19.23 -9.69
#